data_9K6Z
#
_entry.id   9K6Z
#
_cell.length_a   1.00
_cell.length_b   1.00
_cell.length_c   1.00
_cell.angle_alpha   90.00
_cell.angle_beta   90.00
_cell.angle_gamma   90.00
#
_symmetry.space_group_name_H-M   'P 1'
#
loop_
_entity.id
_entity.type
_entity.pdbx_description
1 polymer 'Spike glycoprotein'
2 non-polymer 2-acetamido-2-deoxy-beta-D-glucopyranose
3 non-polymer 'LINOLEIC ACID'
#
_entity_poly.entity_id   1
_entity_poly.type   'polypeptide(L)'
_entity_poly.pdbx_seq_one_letter_code
;MFVFLVLLPLVSSQCVNLTTRTQLPPAYTNSSTRGVYYPDKVFRSSVLHLTQDLFLPFFSNVTWFHAIHVSGTNGIKRFD
NPVLPFNDGVYFASTEKSNIIRGWIFGTTLDSKTQSLLIVNNATNVVIKVCEFQFCNDPFLGVYYHRNNKSWMESEFRVY
SSANNCTFEYVSQPFLMDLEGKQGNFKNLREFVFKNIDGYFKIYSKHTPINLVRDLPPGFSALEPLVDLPIGINITRFQT
LLALHRSYLTPGDSSSGWTAGAAAYYVGYLQPRTFLLKYNENGTITDAVDCSLDPLSETKCTLKSFTVEKGIYQTSNFRV
QPTESIVRFPNITNLCPFGEVFNATTFASVYAWNRKRISNCVADYSVLYNSTSFSTFKCYGVSPTKLNDLCFTNVYADSF
VVRGDEVRQIAPGQTGKIADYNYKLPDDFTGCVIAWNSNNLDSKVGGNYNYLYRLFRKSNLKPFERDISTEIYQAGSTPC
NGVEGFNCYFPLQSYGFHPTNGVGYQPYRVVVLSFELLNAPATVCGPKKSTNLIKNKCVNFNFNGLTGTGVLTESNKKFL
PFQQFGRDIADTTDAVRDPQTLEILDITPCSFGGVSVITPGTNASNQVAVLYQDVNCTEVPVAIHANQLTPTWRVYSTGS
NVFQTRAGCLIGAEHVNNSYECDIPIGAGICASYQTQTNSRSVASQSIIAYTMSLGAENSVAYSNNSIAIPTNFTISVTT
EILPVSMTKTSVDCTMYICGDSTECSNLLLQYGSFCTQLNRALTGIAVEQDKNTQEVFAQVKQIYKTPQIKDFGGFNFSQ
ILPDPSKPSKRSFIEDLLFNKVTLADAGFIKQYGDCLGDIAARDLICAQKFNGLTVLPPLLTDEMIAQYTSALLAGTITS
GWTFGAGAALQIPFAMQMAYRFNGIGVTQNVLYENQKLIANQFNSAIGKIQDSLSSTASALGKLQDVVNQNAQALNTLVK
QLSSNFGAISSVLNDILSRLDPPEAEVQIDRLITGRLQSLQTYVTQQLIRAAEIRASANLAATKMSECVLGQSKRVDFCG
KGYHLMSFPQSAPHGVVFLHVTYVPAQEKNFTTAPAICHDGKAHFPREGVFVSNGTHWFVTQRNFYEPQIITTDNTFVSG
NCDVVIGIVNNTVYDPLQPELDSFKEELDKYFKNHTSPDVDLSDISGINASVVNIQKEIDRLNEVAKNLNESLIDLQELG
KYEQYIKGSGSGYIPEAPRDGQAYVRKDGEWVLLSTFLGHHHHHHHH
;
_entity_poly.pdbx_strand_id   A,B,C
#
loop_
_chem_comp.id
_chem_comp.type
_chem_comp.name
_chem_comp.formula
EIC non-polymer 'LINOLEIC ACID' 'C18 H32 O2'
NAG D-saccharide, beta linking 2-acetamido-2-deoxy-beta-D-glucopyranose 'C8 H15 N O6'
#
# COMPACT_ATOMS: atom_id res chain seq x y z
N GLN A 14 31.51 52.68 -39.35
CA GLN A 14 31.77 54.03 -38.87
C GLN A 14 32.52 53.99 -37.54
N CYS A 15 32.25 52.96 -36.75
CA CYS A 15 32.91 52.79 -35.47
C CYS A 15 34.38 52.44 -35.67
N VAL A 16 35.22 52.94 -34.77
CA VAL A 16 36.66 52.76 -34.84
C VAL A 16 37.15 52.19 -33.51
N ASN A 17 38.03 51.19 -33.59
CA ASN A 17 38.58 50.57 -32.39
C ASN A 17 39.37 51.60 -31.60
N LEU A 18 39.15 51.60 -30.28
CA LEU A 18 39.86 52.54 -29.41
C LEU A 18 41.22 51.97 -29.02
N THR A 19 42.17 52.88 -28.77
CA THR A 19 43.55 52.53 -28.51
C THR A 19 43.94 52.99 -27.11
N THR A 20 45.19 52.67 -26.74
CA THR A 20 45.78 53.08 -25.46
C THR A 20 44.97 52.56 -24.27
N ARG A 21 44.93 51.23 -24.14
CA ARG A 21 44.32 50.56 -23.01
C ARG A 21 45.36 49.71 -22.31
N THR A 22 45.46 49.85 -20.99
CA THR A 22 46.41 49.06 -20.22
C THR A 22 45.97 47.61 -20.14
N GLN A 23 46.95 46.72 -20.07
CA GLN A 23 46.71 45.28 -20.11
C GLN A 23 47.04 44.65 -18.77
N LEU A 24 46.08 43.93 -18.19
CA LEU A 24 46.25 43.21 -16.95
C LEU A 24 45.11 42.21 -16.76
N PRO A 25 45.40 40.99 -16.30
CA PRO A 25 44.33 40.02 -16.11
C PRO A 25 43.38 40.49 -15.02
N PRO A 26 42.10 40.14 -15.11
CA PRO A 26 41.11 40.63 -14.15
C PRO A 26 41.17 39.86 -12.84
N ALA A 27 40.33 40.28 -11.90
CA ALA A 27 40.27 39.68 -10.58
C ALA A 27 39.05 38.75 -10.48
N TYR A 28 38.84 38.20 -9.30
CA TYR A 28 37.75 37.28 -9.04
C TYR A 28 37.06 37.63 -7.73
N THR A 29 35.77 37.33 -7.66
CA THR A 29 34.96 37.66 -6.50
C THR A 29 33.90 36.58 -6.32
N ASN A 30 33.40 36.45 -5.10
CA ASN A 30 32.38 35.45 -4.77
C ASN A 30 31.08 36.16 -4.40
N SER A 31 30.01 35.82 -5.11
CA SER A 31 28.69 36.34 -4.79
C SER A 31 28.12 35.58 -3.60
N SER A 32 27.92 36.28 -2.49
CA SER A 32 27.56 35.64 -1.23
C SER A 32 26.21 34.93 -1.31
N THR A 33 25.13 35.69 -1.49
CA THR A 33 23.78 35.12 -1.52
C THR A 33 22.96 35.79 -2.61
N ARG A 34 23.55 35.93 -3.79
CA ARG A 34 22.90 36.59 -4.92
C ARG A 34 22.30 35.56 -5.86
N GLY A 35 21.43 36.04 -6.74
CA GLY A 35 20.92 35.23 -7.84
C GLY A 35 19.66 34.47 -7.58
N VAL A 36 18.89 34.80 -6.54
CA VAL A 36 17.64 34.13 -6.23
C VAL A 36 16.49 34.93 -6.85
N TYR A 37 15.63 34.24 -7.60
CA TYR A 37 14.54 34.88 -8.31
C TYR A 37 13.28 34.04 -8.16
N TYR A 38 12.13 34.69 -8.36
CA TYR A 38 10.85 34.01 -8.24
C TYR A 38 10.71 32.93 -9.32
N PRO A 39 10.21 31.75 -8.98
CA PRO A 39 10.18 30.66 -9.95
C PRO A 39 8.94 30.68 -10.86
N ASP A 40 7.84 31.26 -10.38
CA ASP A 40 6.60 31.27 -11.15
C ASP A 40 5.80 32.52 -10.77
N LYS A 41 4.52 32.52 -11.14
CA LYS A 41 3.66 33.67 -10.89
C LYS A 41 2.47 33.29 -10.01
N VAL A 42 2.72 32.54 -8.94
CA VAL A 42 1.68 32.11 -8.02
C VAL A 42 2.00 32.66 -6.64
N PHE A 43 1.05 33.34 -6.03
CA PHE A 43 1.25 33.92 -4.72
C PHE A 43 1.34 32.83 -3.66
N ARG A 44 2.24 33.03 -2.69
CA ARG A 44 2.42 32.11 -1.57
C ARG A 44 2.81 32.93 -0.35
N SER A 45 2.67 32.32 0.83
CA SER A 45 3.00 33.04 2.06
C SER A 45 3.24 32.04 3.18
N SER A 46 4.24 32.34 4.02
CA SER A 46 4.52 31.58 5.24
C SER A 46 4.66 30.08 4.97
N VAL A 47 5.38 29.75 3.90
CA VAL A 47 5.59 28.36 3.51
C VAL A 47 7.05 28.17 3.14
N LEU A 48 7.49 26.91 3.19
CA LEU A 48 8.85 26.52 2.83
C LEU A 48 8.75 25.66 1.58
N HIS A 49 8.79 26.32 0.42
CA HIS A 49 8.66 25.64 -0.85
C HIS A 49 10.02 25.17 -1.35
N LEU A 50 10.10 23.89 -1.71
CA LEU A 50 11.31 23.30 -2.28
C LEU A 50 11.10 23.10 -3.77
N THR A 51 11.87 23.81 -4.58
CA THR A 51 11.73 23.77 -6.02
C THR A 51 13.10 23.65 -6.67
N GLN A 52 13.12 23.10 -7.89
CA GLN A 52 14.34 22.90 -8.65
C GLN A 52 14.21 23.61 -9.99
N ASP A 53 15.21 24.39 -10.33
CA ASP A 53 15.25 25.15 -11.58
C ASP A 53 16.68 25.63 -11.80
N LEU A 54 16.88 26.49 -12.79
CA LEU A 54 18.18 27.10 -13.01
C LEU A 54 18.44 28.17 -11.94
N PHE A 55 19.62 28.12 -11.33
CA PHE A 55 19.96 29.04 -10.26
C PHE A 55 21.45 29.31 -10.28
N LEU A 56 21.86 30.32 -9.52
CA LEU A 56 23.28 30.65 -9.37
C LEU A 56 23.77 30.07 -8.06
N PRO A 57 24.69 29.11 -8.06
CA PRO A 57 25.15 28.52 -6.80
C PRO A 57 25.82 29.56 -5.92
N PHE A 58 25.61 29.41 -4.61
CA PHE A 58 26.24 30.32 -3.65
C PHE A 58 27.76 30.15 -3.67
N PHE A 59 28.46 31.27 -3.46
CA PHE A 59 29.91 31.29 -3.39
C PHE A 59 30.54 30.73 -4.67
N SER A 60 29.97 31.07 -5.81
CA SER A 60 30.52 30.68 -7.10
C SER A 60 31.50 31.74 -7.59
N ASN A 61 32.48 31.30 -8.37
CA ASN A 61 33.45 32.22 -8.95
C ASN A 61 32.74 33.21 -9.86
N VAL A 62 33.04 34.50 -9.67
CA VAL A 62 32.42 35.57 -10.45
C VAL A 62 33.53 36.49 -10.93
N THR A 63 33.63 36.66 -12.24
CA THR A 63 34.61 37.59 -12.80
C THR A 63 34.18 39.02 -12.52
N TRP A 64 35.17 39.89 -12.32
CA TRP A 64 34.94 41.28 -11.95
C TRP A 64 35.58 42.17 -13.02
N PHE A 65 34.76 42.88 -13.77
CA PHE A 65 35.21 43.84 -14.76
C PHE A 65 34.97 45.25 -14.25
N HIS A 66 35.65 46.22 -14.87
CA HIS A 66 35.51 47.60 -14.46
C HIS A 66 35.89 48.52 -15.60
N ALA A 67 35.34 49.73 -15.57
CA ALA A 67 35.70 50.81 -16.48
C ALA A 67 36.08 52.02 -15.63
N ILE A 68 37.35 52.44 -15.72
CA ILE A 68 37.87 53.48 -14.86
C ILE A 68 38.99 54.21 -15.60
N HIS A 69 39.24 55.45 -15.19
CA HIS A 69 40.27 56.30 -15.76
C HIS A 69 41.53 56.27 -14.89
N VAL A 70 42.62 56.76 -15.45
CA VAL A 70 43.91 56.76 -14.77
C VAL A 70 43.85 57.60 -13.49
N GLY A 75 48.31 55.26 -15.48
CA GLY A 75 48.29 54.22 -16.50
C GLY A 75 47.48 53.01 -16.11
N ILE A 76 46.21 53.25 -15.75
CA ILE A 76 45.30 52.17 -15.35
C ILE A 76 43.97 52.32 -16.06
N LYS A 77 43.94 53.13 -17.12
CA LYS A 77 42.71 53.34 -17.87
C LYS A 77 42.35 52.08 -18.66
N ARG A 78 41.10 51.65 -18.55
CA ARG A 78 40.64 50.45 -19.24
C ARG A 78 39.11 50.47 -19.35
N PHE A 79 38.60 49.62 -20.23
CA PHE A 79 37.17 49.44 -20.41
C PHE A 79 36.70 48.04 -20.07
N ASP A 80 37.35 47.01 -20.62
CA ASP A 80 37.03 45.61 -20.32
C ASP A 80 35.57 45.28 -20.68
N ASN A 81 35.30 45.31 -21.99
CA ASN A 81 34.02 44.88 -22.55
C ASN A 81 34.28 43.78 -23.57
N PRO A 82 34.69 42.59 -23.11
CA PRO A 82 34.98 41.51 -24.05
C PRO A 82 33.76 40.68 -24.39
N VAL A 83 33.93 39.63 -25.17
CA VAL A 83 32.84 38.75 -25.57
C VAL A 83 32.83 37.58 -24.60
N LEU A 84 32.11 37.74 -23.49
CA LEU A 84 31.98 36.67 -22.52
C LEU A 84 31.10 35.56 -23.09
N PRO A 85 31.43 34.30 -22.81
CA PRO A 85 30.55 33.20 -23.25
C PRO A 85 29.24 33.21 -22.49
N PHE A 86 28.20 32.68 -23.13
CA PHE A 86 26.86 32.56 -22.56
C PHE A 86 26.56 31.07 -22.41
N ASN A 87 26.39 30.63 -21.17
CA ASN A 87 26.18 29.22 -20.87
C ASN A 87 24.82 29.05 -20.19
N ASP A 88 23.81 28.70 -20.99
CA ASP A 88 22.46 28.38 -20.52
C ASP A 88 22.00 29.30 -19.40
N GLY A 89 22.17 30.60 -19.62
CA GLY A 89 21.72 31.58 -18.65
C GLY A 89 22.85 32.13 -17.80
N VAL A 90 22.91 33.45 -17.68
CA VAL A 90 23.96 34.12 -16.92
C VAL A 90 23.32 35.08 -15.92
N TYR A 91 24.10 35.43 -14.89
CA TYR A 91 23.70 36.39 -13.89
C TYR A 91 24.56 37.64 -14.04
N PHE A 92 23.91 38.79 -14.21
CA PHE A 92 24.59 40.05 -14.44
C PHE A 92 24.18 41.04 -13.35
N ALA A 93 25.17 41.69 -12.75
CA ALA A 93 24.93 42.66 -11.69
C ALA A 93 25.86 43.84 -11.90
N SER A 94 25.30 44.99 -12.25
CA SER A 94 26.06 46.19 -12.55
C SER A 94 25.80 47.24 -11.49
N THR A 95 26.88 47.76 -10.91
CA THR A 95 26.82 48.85 -9.94
C THR A 95 27.59 50.05 -10.51
N GLU A 96 26.98 51.23 -10.41
CA GLU A 96 27.58 52.45 -10.94
C GLU A 96 26.81 53.63 -10.38
N LYS A 97 27.23 54.83 -10.77
CA LYS A 97 26.54 56.06 -10.39
C LYS A 97 26.37 57.06 -11.52
N SER A 98 26.93 56.81 -12.70
CA SER A 98 26.88 57.76 -13.80
C SER A 98 26.14 57.22 -15.02
N ASN A 99 25.36 56.16 -14.85
CA ASN A 99 24.60 55.54 -15.94
C ASN A 99 25.53 55.15 -17.10
N ILE A 100 26.75 54.71 -16.76
CA ILE A 100 27.69 54.30 -17.80
C ILE A 100 27.19 53.05 -18.52
N ILE A 101 26.68 52.08 -17.78
CA ILE A 101 26.19 50.84 -18.38
C ILE A 101 24.92 51.13 -19.15
N ARG A 102 24.87 50.68 -20.41
CA ARG A 102 23.72 50.93 -21.27
C ARG A 102 22.96 49.65 -21.58
N GLY A 103 23.61 48.64 -22.13
CA GLY A 103 22.90 47.44 -22.52
C GLY A 103 23.85 46.35 -22.97
N TRP A 104 23.28 45.34 -23.62
CA TRP A 104 24.02 44.16 -24.02
C TRP A 104 23.60 43.74 -25.42
N ILE A 105 24.45 42.94 -26.07
CA ILE A 105 24.15 42.33 -27.35
C ILE A 105 24.37 40.84 -27.23
N PHE A 106 23.47 40.06 -27.82
CA PHE A 106 23.52 38.61 -27.74
C PHE A 106 23.50 38.02 -29.15
N GLY A 107 24.18 36.90 -29.31
CA GLY A 107 24.21 36.23 -30.61
C GLY A 107 25.18 35.07 -30.60
N THR A 108 25.34 34.49 -31.78
CA THR A 108 26.28 33.39 -31.97
C THR A 108 27.64 33.90 -32.45
N THR A 109 27.66 34.53 -33.62
CA THR A 109 28.89 35.06 -34.20
C THR A 109 28.90 36.57 -34.37
N LEU A 110 27.73 37.22 -34.36
CA LEU A 110 27.62 38.68 -34.40
C LEU A 110 28.33 39.26 -35.61
N ASP A 111 28.19 38.61 -36.76
CA ASP A 111 28.88 39.05 -37.97
C ASP A 111 27.95 39.00 -39.18
N SER A 112 26.69 39.35 -38.97
CA SER A 112 25.67 39.52 -40.01
C SER A 112 25.29 38.21 -40.70
N LYS A 113 25.93 37.09 -40.35
CA LYS A 113 25.54 35.82 -40.93
C LYS A 113 24.27 35.28 -40.29
N THR A 114 24.02 35.62 -39.03
CA THR A 114 22.86 35.15 -38.29
C THR A 114 22.17 36.35 -37.64
N GLN A 115 21.21 36.06 -36.77
CA GLN A 115 20.48 37.10 -36.07
C GLN A 115 21.10 37.35 -34.70
N SER A 116 20.88 38.56 -34.18
CA SER A 116 21.44 38.96 -32.89
C SER A 116 20.48 39.92 -32.22
N LEU A 117 20.39 39.81 -30.90
CA LEU A 117 19.47 40.62 -30.10
C LEU A 117 20.23 41.81 -29.52
N LEU A 118 19.68 43.01 -29.69
CA LEU A 118 20.29 44.24 -29.20
C LEU A 118 19.37 44.89 -28.19
N ILE A 119 19.91 45.22 -27.03
CA ILE A 119 19.18 45.93 -25.98
C ILE A 119 19.98 47.17 -25.61
N VAL A 120 19.42 48.35 -25.84
CA VAL A 120 20.14 49.59 -25.57
C VAL A 120 19.12 50.72 -25.44
N ASN A 121 19.40 51.64 -24.53
CA ASN A 121 18.67 52.90 -24.43
C ASN A 121 19.64 54.03 -24.74
N ASN A 122 19.36 54.78 -25.81
CA ASN A 122 20.29 55.82 -26.20
C ASN A 122 20.42 56.88 -25.12
N ALA A 123 19.40 57.72 -24.98
CA ALA A 123 19.22 58.55 -23.81
C ALA A 123 17.77 58.71 -23.40
N THR A 124 16.81 58.35 -24.26
CA THR A 124 15.41 58.72 -24.08
C THR A 124 14.44 57.55 -24.16
N ASN A 125 14.85 56.40 -24.68
CA ASN A 125 13.94 55.28 -24.82
C ASN A 125 14.75 54.00 -25.04
N VAL A 126 14.38 52.94 -24.31
CA VAL A 126 15.07 51.67 -24.46
C VAL A 126 14.64 51.01 -25.77
N VAL A 127 15.60 50.53 -26.53
CA VAL A 127 15.37 49.97 -27.86
C VAL A 127 15.71 48.48 -27.82
N ILE A 128 14.76 47.64 -28.22
CA ILE A 128 14.98 46.20 -28.33
C ILE A 128 14.72 45.81 -29.78
N LYS A 129 15.74 45.26 -30.44
CA LYS A 129 15.63 44.88 -31.84
C LYS A 129 16.27 43.52 -32.05
N VAL A 130 15.72 42.76 -32.99
CA VAL A 130 16.30 41.51 -33.46
C VAL A 130 16.50 41.65 -34.95
N CYS A 131 17.72 41.41 -35.42
CA CYS A 131 18.07 41.67 -36.80
C CYS A 131 19.38 40.95 -37.12
N GLU A 132 19.82 41.08 -38.37
CA GLU A 132 21.11 40.55 -38.80
C GLU A 132 22.17 41.65 -38.74
N PHE A 133 22.44 42.11 -37.53
CA PHE A 133 23.34 43.23 -37.33
C PHE A 133 24.77 42.87 -37.70
N GLN A 134 25.52 43.87 -38.15
CA GLN A 134 26.94 43.76 -38.43
C GLN A 134 27.67 44.67 -37.44
N PHE A 135 28.10 44.07 -36.32
CA PHE A 135 28.79 44.82 -35.29
C PHE A 135 30.26 45.01 -35.66
N CYS A 136 30.93 45.89 -34.92
CA CYS A 136 32.37 46.05 -35.01
C CYS A 136 33.01 45.49 -33.75
N ASN A 137 34.35 45.58 -33.70
CA ASN A 137 35.08 44.95 -32.60
C ASN A 137 34.92 45.70 -31.29
N ASP A 138 34.68 47.01 -31.34
CA ASP A 138 34.58 47.85 -30.15
C ASP A 138 33.29 48.66 -30.19
N PRO A 139 32.18 48.07 -29.77
CA PRO A 139 30.93 48.83 -29.72
C PRO A 139 30.84 49.68 -28.46
N PHE A 140 30.39 50.93 -28.64
CA PHE A 140 30.26 51.85 -27.53
C PHE A 140 29.32 52.98 -27.93
N LEU A 141 29.08 53.88 -26.99
CA LEU A 141 28.31 55.10 -27.21
C LEU A 141 29.06 56.28 -26.63
N GLY A 142 28.90 57.44 -27.24
CA GLY A 142 29.63 58.63 -26.85
C GLY A 142 28.82 59.59 -26.01
N VAL A 143 29.51 60.34 -25.17
CA VAL A 143 28.93 61.43 -24.41
C VAL A 143 29.86 62.64 -24.54
N TYR A 144 29.30 63.80 -24.86
CA TYR A 144 30.08 65.01 -25.03
C TYR A 144 29.75 66.00 -23.93
N TYR A 145 30.78 66.45 -23.22
CA TYR A 145 30.62 67.39 -22.11
C TYR A 145 30.94 68.78 -22.63
N HIS A 146 29.90 69.54 -22.97
CA HIS A 146 30.08 70.93 -23.38
C HIS A 146 30.36 71.79 -22.15
N ARG A 147 31.43 72.56 -22.20
CA ARG A 147 31.87 73.32 -21.03
C ARG A 147 31.18 74.67 -20.88
N ASN A 148 30.79 75.30 -22.00
CA ASN A 148 30.19 76.63 -21.91
C ASN A 148 28.87 76.59 -21.13
N ASN A 149 28.04 75.58 -21.39
CA ASN A 149 26.78 75.43 -20.68
C ASN A 149 26.84 74.25 -19.71
N SER A 151 26.14 70.20 -19.33
CA SER A 151 25.32 69.70 -20.42
C SER A 151 26.02 68.56 -21.16
N TRP A 152 25.33 67.42 -21.26
CA TRP A 152 25.88 66.23 -21.91
C TRP A 152 24.92 65.81 -23.02
N MET A 153 25.43 65.76 -24.25
CA MET A 153 24.58 65.54 -25.42
C MET A 153 24.39 64.07 -25.78
N GLU A 154 25.33 63.20 -25.40
CA GLU A 154 25.26 61.77 -25.69
C GLU A 154 25.17 61.52 -27.21
N SER A 155 26.25 61.89 -27.88
CA SER A 155 26.36 61.70 -29.32
C SER A 155 27.00 60.35 -29.62
N GLU A 156 27.38 60.13 -30.89
CA GLU A 156 28.22 59.01 -31.31
C GLU A 156 27.55 57.65 -31.00
N PHE A 157 26.44 57.41 -31.70
CA PHE A 157 25.75 56.11 -31.64
C PHE A 157 26.30 55.24 -32.75
N ARG A 158 27.41 54.55 -32.47
CA ARG A 158 28.12 53.75 -33.47
C ARG A 158 28.35 52.33 -32.97
N VAL A 159 27.29 51.70 -32.45
CA VAL A 159 27.43 50.33 -31.96
C VAL A 159 27.56 49.35 -33.13
N TYR A 160 26.74 49.49 -34.15
CA TYR A 160 26.74 48.56 -35.28
C TYR A 160 27.00 49.33 -36.58
N SER A 161 26.93 48.60 -37.70
CA SER A 161 27.30 49.16 -39.00
C SER A 161 26.26 48.98 -40.09
N SER A 162 25.28 48.11 -39.92
CA SER A 162 24.31 47.87 -40.99
C SER A 162 23.01 47.35 -40.40
N ALA A 163 21.95 47.45 -41.19
CA ALA A 163 20.62 46.98 -40.82
C ALA A 163 20.17 45.89 -41.79
N ASN A 164 19.13 45.18 -41.40
CA ASN A 164 18.66 44.01 -42.15
C ASN A 164 17.15 43.87 -41.95
N ASN A 165 16.65 42.65 -42.19
CA ASN A 165 15.21 42.39 -42.18
C ASN A 165 14.53 42.89 -40.90
N CYS A 166 15.15 42.65 -39.74
CA CYS A 166 14.68 43.17 -38.46
C CYS A 166 13.25 42.70 -38.15
N THR A 167 13.14 41.39 -37.92
CA THR A 167 11.84 40.77 -37.67
C THR A 167 11.16 41.36 -36.44
N PHE A 168 11.88 41.43 -35.32
CA PHE A 168 11.34 41.91 -34.06
C PHE A 168 11.73 43.36 -33.84
N GLU A 169 10.87 44.08 -33.11
CA GLU A 169 11.09 45.50 -32.90
C GLU A 169 10.26 45.97 -31.71
N TYR A 170 10.85 46.82 -30.87
CA TYR A 170 10.13 47.39 -29.73
C TYR A 170 10.90 48.61 -29.24
N VAL A 171 10.21 49.73 -29.12
CA VAL A 171 10.77 50.97 -28.58
C VAL A 171 9.80 51.53 -27.55
N SER A 172 10.30 51.84 -26.36
CA SER A 172 9.45 52.34 -25.30
C SER A 172 9.16 53.83 -25.50
N GLN A 173 8.31 54.37 -24.63
CA GLN A 173 7.95 55.77 -24.70
C GLN A 173 9.14 56.65 -24.30
N PRO A 174 9.27 57.82 -24.91
CA PRO A 174 10.42 58.69 -24.62
C PRO A 174 10.45 59.14 -23.17
N PHE A 175 11.65 59.23 -22.61
CA PHE A 175 11.88 59.76 -21.28
C PHE A 175 13.22 60.50 -21.27
N LEU A 176 13.71 60.84 -20.08
CA LEU A 176 15.00 61.49 -19.92
C LEU A 176 15.64 61.02 -18.64
N MET A 177 16.96 61.20 -18.55
CA MET A 177 17.70 60.77 -17.37
C MET A 177 18.96 61.62 -17.23
N ASP A 178 19.45 61.72 -15.99
CA ASP A 178 20.67 62.44 -15.71
C ASP A 178 21.88 61.69 -16.28
N LEU A 179 22.94 62.44 -16.56
CA LEU A 179 24.09 61.89 -17.26
C LEU A 179 25.43 62.07 -16.54
N GLU A 180 25.48 62.85 -15.46
CA GLU A 180 26.74 63.06 -14.74
C GLU A 180 26.81 62.28 -13.45
N GLY A 181 25.91 62.57 -12.51
CA GLY A 181 25.77 61.83 -11.26
C GLY A 181 27.06 61.39 -10.57
N LYS A 182 28.05 62.26 -10.51
CA LYS A 182 29.33 61.90 -9.92
C LYS A 182 29.59 62.66 -8.63
N GLY A 184 30.44 60.00 -4.06
CA GLY A 184 31.72 59.36 -4.32
C GLY A 184 31.66 57.85 -4.25
N ASN A 185 30.52 57.32 -3.82
CA ASN A 185 30.30 55.89 -3.70
C ASN A 185 29.15 55.46 -4.60
N PHE A 186 29.19 54.20 -5.02
CA PHE A 186 28.16 53.65 -5.90
C PHE A 186 26.82 53.60 -5.19
N LYS A 187 25.75 53.82 -5.97
CA LYS A 187 24.42 54.00 -5.40
C LYS A 187 23.30 53.22 -6.07
N ASN A 188 23.61 52.35 -7.03
CA ASN A 188 22.55 51.70 -7.81
C ASN A 188 22.47 50.20 -7.58
N LEU A 189 23.55 49.47 -7.86
CA LEU A 189 23.58 48.00 -7.76
C LEU A 189 22.38 47.38 -8.49
N ARG A 190 22.40 47.54 -9.81
CA ARG A 190 21.34 47.03 -10.67
C ARG A 190 21.68 45.60 -11.10
N GLU A 191 20.80 44.66 -10.78
CA GLU A 191 21.02 43.24 -11.05
C GLU A 191 20.09 42.77 -12.16
N PHE A 192 20.55 41.77 -12.91
CA PHE A 192 19.77 41.19 -14.00
C PHE A 192 20.06 39.71 -14.12
N VAL A 193 19.06 38.95 -14.57
CA VAL A 193 19.19 37.53 -14.83
C VAL A 193 18.57 37.24 -16.19
N PHE A 194 19.36 36.63 -17.08
CA PHE A 194 18.92 36.31 -18.43
C PHE A 194 18.80 34.80 -18.59
N LYS A 195 17.67 34.36 -19.11
CA LYS A 195 17.44 32.94 -19.39
C LYS A 195 16.87 32.80 -20.79
N ASN A 196 17.44 31.88 -21.57
CA ASN A 196 17.01 31.62 -22.94
C ASN A 196 16.58 30.16 -23.02
N ILE A 197 15.28 29.91 -22.91
CA ILE A 197 14.74 28.55 -22.89
C ILE A 197 13.52 28.49 -23.79
N ASP A 198 13.40 27.39 -24.53
CA ASP A 198 12.31 27.09 -25.46
C ASP A 198 11.87 28.29 -26.29
N GLY A 199 12.84 29.04 -26.81
CA GLY A 199 12.54 30.14 -27.71
C GLY A 199 12.17 31.44 -27.04
N TYR A 200 12.12 31.50 -25.72
CA TYR A 200 11.80 32.72 -24.99
C TYR A 200 13.07 33.27 -24.36
N PHE A 201 13.06 34.57 -24.06
CA PHE A 201 14.19 35.26 -23.45
C PHE A 201 13.68 35.94 -22.18
N LYS A 202 13.69 35.19 -21.08
CA LYS A 202 13.23 35.71 -19.80
C LYS A 202 14.26 36.65 -19.20
N ILE A 203 13.77 37.74 -18.60
CA ILE A 203 14.63 38.75 -17.98
C ILE A 203 14.08 39.06 -16.59
N TYR A 204 14.96 39.05 -15.59
CA TYR A 204 14.62 39.37 -14.21
C TYR A 204 15.47 40.55 -13.75
N SER A 205 14.84 41.50 -13.06
CA SER A 205 15.52 42.73 -12.68
C SER A 205 15.24 43.07 -11.23
N LYS A 206 16.17 43.79 -10.62
CA LYS A 206 16.04 44.28 -9.26
C LYS A 206 16.90 45.53 -9.10
N HIS A 207 16.44 46.45 -8.25
CA HIS A 207 17.11 47.73 -8.07
C HIS A 207 17.16 48.04 -6.57
N THR A 208 18.33 47.91 -5.97
CA THR A 208 18.51 48.14 -4.53
C THR A 208 19.58 49.21 -4.30
N PRO A 209 19.24 50.38 -3.75
CA PRO A 209 20.25 51.39 -3.49
C PRO A 209 21.26 50.93 -2.45
N ILE A 210 22.51 51.36 -2.64
CA ILE A 210 23.62 51.00 -1.77
C ILE A 210 24.55 52.20 -1.63
N ASN A 211 25.59 52.03 -0.80
CA ASN A 211 26.61 53.06 -0.64
C ASN A 211 28.02 52.48 -0.54
N LEU A 212 28.24 51.24 -0.96
CA LEU A 212 29.56 50.63 -0.87
C LEU A 212 30.52 51.29 -1.85
N VAL A 213 31.79 51.31 -1.50
CA VAL A 213 32.78 52.11 -2.21
C VAL A 213 33.25 51.46 -3.50
N ARG A 214 33.87 50.27 -3.43
CA ARG A 214 34.45 49.68 -4.63
C ARG A 214 34.38 48.16 -4.63
N ASP A 215 33.40 47.57 -3.97
CA ASP A 215 33.29 46.10 -3.89
C ASP A 215 31.87 45.70 -4.28
N LEU A 216 31.56 44.42 -4.09
CA LEU A 216 30.20 43.92 -4.25
C LEU A 216 29.56 43.76 -2.89
N PRO A 217 28.42 44.41 -2.62
CA PRO A 217 27.81 44.33 -1.29
C PRO A 217 27.16 42.98 -1.06
N PRO A 218 27.64 42.20 -0.10
CA PRO A 218 26.97 40.92 0.21
C PRO A 218 25.60 41.16 0.80
N GLY A 219 24.71 40.21 0.53
CA GLY A 219 23.35 40.30 1.03
C GLY A 219 22.44 39.37 0.25
N PHE A 220 21.15 39.48 0.56
CA PHE A 220 20.12 38.68 -0.07
C PHE A 220 19.18 39.58 -0.86
N SER A 221 19.01 39.28 -2.14
CA SER A 221 18.14 40.05 -3.01
C SER A 221 17.30 39.09 -3.85
N ALA A 222 15.99 39.36 -3.91
CA ALA A 222 15.06 38.56 -4.69
C ALA A 222 14.68 39.34 -5.94
N LEU A 223 14.81 38.70 -7.10
CA LEU A 223 14.56 39.34 -8.38
C LEU A 223 13.19 38.95 -8.90
N GLU A 224 12.46 39.93 -9.44
CA GLU A 224 11.12 39.74 -9.97
C GLU A 224 11.13 39.74 -11.50
N PRO A 225 10.23 39.00 -12.13
CA PRO A 225 10.19 38.98 -13.60
C PRO A 225 9.90 40.36 -14.17
N LEU A 226 10.51 40.65 -15.32
CA LEU A 226 10.33 41.92 -16.00
C LEU A 226 9.63 41.77 -17.34
N VAL A 227 10.17 40.98 -18.26
CA VAL A 227 9.64 40.82 -19.61
C VAL A 227 9.92 39.40 -20.09
N ASP A 228 9.11 38.95 -21.05
CA ASP A 228 9.24 37.63 -21.67
C ASP A 228 9.11 37.81 -23.18
N LEU A 229 10.22 37.97 -23.87
CA LEU A 229 10.26 38.21 -25.30
C LEU A 229 10.27 36.89 -26.06
N PRO A 230 9.35 36.69 -27.00
CA PRO A 230 9.45 35.52 -27.88
C PRO A 230 10.53 35.73 -28.93
N ILE A 231 11.79 35.68 -28.49
CA ILE A 231 12.90 36.06 -29.36
C ILE A 231 13.08 35.02 -30.46
N GLY A 232 13.13 33.75 -30.09
CA GLY A 232 13.22 32.67 -31.07
C GLY A 232 14.51 32.63 -31.86
N ILE A 233 15.65 32.80 -31.20
CA ILE A 233 16.96 32.67 -31.83
C ILE A 233 17.86 31.82 -30.93
N ASN A 234 19.10 31.65 -31.38
CA ASN A 234 20.10 30.82 -30.72
C ASN A 234 21.21 31.71 -30.20
N ILE A 235 21.55 31.57 -28.92
CA ILE A 235 22.48 32.47 -28.25
C ILE A 235 23.60 31.65 -27.63
N THR A 236 24.86 32.05 -27.89
CA THR A 236 26.00 31.37 -27.31
C THR A 236 27.00 32.36 -26.71
N ARG A 237 27.05 33.58 -27.24
CA ARG A 237 28.00 34.59 -26.80
C ARG A 237 27.27 35.92 -26.60
N PHE A 238 27.84 36.76 -25.74
CA PHE A 238 27.23 38.06 -25.47
C PHE A 238 28.31 39.06 -25.05
N GLN A 239 27.96 40.34 -25.17
CA GLN A 239 28.85 41.44 -24.83
C GLN A 239 28.15 42.45 -23.95
N THR A 240 28.79 43.59 -23.71
CA THR A 240 28.16 44.69 -22.98
C THR A 240 28.59 46.01 -23.60
N LEU A 241 27.67 46.97 -23.59
CA LEU A 241 27.92 48.29 -24.16
C LEU A 241 28.21 49.28 -23.06
N LEU A 242 29.28 50.05 -23.22
CA LEU A 242 29.66 51.09 -22.28
C LEU A 242 29.57 52.45 -22.96
N ALA A 243 29.43 53.48 -22.14
CA ALA A 243 29.38 54.86 -22.63
C ALA A 243 30.61 55.61 -22.14
N LEU A 244 31.30 56.27 -23.06
CA LEU A 244 32.47 57.07 -22.75
C LEU A 244 32.17 58.54 -22.98
N HIS A 245 32.68 59.40 -22.10
CA HIS A 245 32.47 60.84 -22.21
C HIS A 245 33.81 61.53 -22.44
N ARG A 246 33.87 62.34 -23.48
CA ARG A 246 35.05 63.12 -23.81
C ARG A 246 34.64 64.57 -24.05
N SER A 247 35.44 65.51 -23.54
CA SER A 247 35.19 66.93 -23.76
C SER A 247 36.31 67.61 -24.51
N TYR A 248 37.52 67.62 -23.97
CA TYR A 248 38.64 68.30 -24.62
C TYR A 248 39.96 67.57 -24.52
N LEU A 249 40.01 66.37 -23.95
CA LEU A 249 41.28 65.66 -23.76
C LEU A 249 41.76 65.13 -25.10
N THR A 250 42.62 65.90 -25.77
CA THR A 250 43.23 65.56 -27.06
C THR A 250 42.26 64.89 -28.04
N SER A 254 39.49 57.63 -31.88
CA SER A 254 40.41 56.53 -31.59
C SER A 254 41.08 56.70 -30.24
N SER A 255 41.64 57.89 -30.01
CA SER A 255 42.33 58.19 -28.76
C SER A 255 41.99 59.59 -28.26
N SER A 256 40.78 60.05 -28.53
CA SER A 256 40.37 61.41 -28.18
C SER A 256 39.86 61.51 -26.75
N GLY A 257 40.65 61.02 -25.79
CA GLY A 257 40.32 61.16 -24.38
C GLY A 257 39.00 60.53 -23.98
N TRP A 258 38.82 59.25 -24.30
CA TRP A 258 37.55 58.58 -24.01
C TRP A 258 37.44 58.21 -22.54
N THR A 259 37.62 59.19 -21.66
CA THR A 259 37.67 58.91 -20.23
C THR A 259 36.33 58.35 -19.73
N ALA A 260 36.42 57.44 -18.77
CA ALA A 260 35.26 56.83 -18.13
C ALA A 260 35.22 57.24 -16.67
N GLY A 261 34.04 57.59 -16.18
CA GLY A 261 33.90 58.07 -14.82
C GLY A 261 34.08 57.00 -13.77
N ALA A 262 33.12 56.09 -13.66
CA ALA A 262 33.19 54.99 -12.71
C ALA A 262 32.13 53.94 -13.03
N ALA A 263 32.54 52.69 -13.19
CA ALA A 263 31.61 51.61 -13.47
C ALA A 263 32.26 50.27 -13.20
N ALA A 264 31.45 49.30 -12.82
CA ALA A 264 31.92 47.94 -12.61
C ALA A 264 30.72 47.00 -12.73
N TYR A 265 30.99 45.77 -13.17
CA TYR A 265 29.94 44.78 -13.28
C TYR A 265 30.53 43.40 -13.06
N TYR A 266 29.67 42.46 -12.65
CA TYR A 266 30.08 41.13 -12.25
C TYR A 266 29.23 40.10 -12.97
N VAL A 267 29.87 39.03 -13.44
CA VAL A 267 29.23 38.03 -14.28
C VAL A 267 29.31 36.67 -13.60
N GLY A 268 28.18 35.99 -13.48
CA GLY A 268 28.14 34.63 -12.98
C GLY A 268 27.31 33.76 -13.90
N TYR A 269 27.54 32.45 -13.79
CA TYR A 269 26.93 31.48 -14.69
C TYR A 269 25.98 30.57 -13.91
N LEU A 270 24.76 30.45 -14.41
CA LEU A 270 23.74 29.64 -13.76
C LEU A 270 24.04 28.15 -13.94
N GLN A 271 23.60 27.37 -12.96
CA GLN A 271 23.72 25.92 -12.98
C GLN A 271 22.44 25.31 -12.46
N PRO A 272 22.09 24.09 -12.87
CA PRO A 272 20.91 23.43 -12.32
C PRO A 272 21.17 23.01 -10.87
N ARG A 273 20.35 23.52 -9.96
CA ARG A 273 20.51 23.28 -8.53
C ARG A 273 19.14 23.16 -7.88
N THR A 274 19.15 22.80 -6.61
CA THR A 274 17.94 22.70 -5.81
C THR A 274 18.03 23.67 -4.65
N PHE A 275 16.98 24.47 -4.45
CA PHE A 275 16.95 25.49 -3.42
C PHE A 275 15.75 25.28 -2.52
N LEU A 276 15.82 25.88 -1.33
CA LEU A 276 14.72 25.83 -0.35
C LEU A 276 14.30 27.27 -0.07
N LEU A 277 13.41 27.79 -0.91
CA LEU A 277 12.96 29.17 -0.75
C LEU A 277 12.03 29.30 0.45
N LYS A 278 12.11 30.43 1.13
CA LYS A 278 11.24 30.74 2.26
C LYS A 278 10.40 31.96 1.92
N TYR A 279 9.08 31.82 2.07
CA TYR A 279 8.15 32.90 1.76
C TYR A 279 7.69 33.57 3.05
N ASN A 280 7.73 34.89 3.06
CA ASN A 280 7.37 35.65 4.25
C ASN A 280 5.86 35.69 4.43
N GLU A 281 5.42 36.33 5.52
CA GLU A 281 3.99 36.52 5.74
C GLU A 281 3.36 37.39 4.66
N ASN A 282 4.07 38.44 4.24
CA ASN A 282 3.57 39.30 3.18
C ASN A 282 3.46 38.55 1.87
N GLY A 283 4.40 37.66 1.60
CA GLY A 283 4.43 36.92 0.35
C GLY A 283 5.69 37.18 -0.45
N THR A 284 6.79 37.46 0.25
CA THR A 284 8.07 37.80 -0.38
C THR A 284 9.13 36.81 0.07
N ILE A 285 10.05 36.50 -0.84
CA ILE A 285 11.15 35.59 -0.56
C ILE A 285 12.23 36.34 0.22
N THR A 286 12.59 35.82 1.39
CA THR A 286 13.60 36.46 2.23
C THR A 286 14.80 35.58 2.53
N ASP A 287 14.72 34.27 2.34
CA ASP A 287 15.85 33.39 2.64
C ASP A 287 15.83 32.19 1.70
N ALA A 288 17.02 31.66 1.45
CA ALA A 288 17.17 30.48 0.59
C ALA A 288 18.32 29.64 1.11
N VAL A 289 18.28 28.35 0.81
CA VAL A 289 19.29 27.40 1.24
C VAL A 289 19.67 26.53 0.05
N ASP A 290 20.97 26.43 -0.23
CA ASP A 290 21.46 25.58 -1.31
C ASP A 290 21.58 24.14 -0.81
N CYS A 291 21.01 23.21 -1.57
CA CYS A 291 21.07 21.81 -1.18
C CYS A 291 22.38 21.14 -1.57
N SER A 292 23.27 21.83 -2.28
CA SER A 292 24.52 21.24 -2.74
C SER A 292 25.73 22.09 -2.41
N LEU A 293 25.66 22.89 -1.34
CA LEU A 293 26.79 23.73 -0.96
C LEU A 293 27.73 23.02 0.01
N ASP A 294 27.21 22.58 1.15
CA ASP A 294 28.01 21.93 2.18
C ASP A 294 27.09 21.00 2.97
N PRO A 295 27.67 20.05 3.74
CA PRO A 295 26.83 19.05 4.43
C PRO A 295 25.73 19.64 5.31
N LEU A 296 26.04 20.75 6.00
CA LEU A 296 25.05 21.37 6.87
C LEU A 296 23.84 21.83 6.07
N SER A 297 24.09 22.47 4.92
CA SER A 297 22.99 22.90 4.07
C SER A 297 22.26 21.72 3.46
N GLU A 298 22.96 20.63 3.18
CA GLU A 298 22.30 19.43 2.66
C GLU A 298 21.34 18.85 3.70
N THR A 299 21.76 18.78 4.95
CA THR A 299 20.85 18.28 5.98
C THR A 299 19.73 19.28 6.27
N LYS A 300 19.99 20.57 6.07
CA LYS A 300 18.91 21.55 6.16
C LYS A 300 17.85 21.29 5.09
N CYS A 301 18.30 21.02 3.85
CA CYS A 301 17.36 20.70 2.79
C CYS A 301 16.60 19.41 3.09
N THR A 302 17.30 18.40 3.60
CA THR A 302 16.65 17.13 3.90
C THR A 302 15.60 17.29 5.00
N LEU A 303 15.92 18.05 6.04
CA LEU A 303 14.98 18.28 7.13
C LEU A 303 13.85 19.23 6.75
N LYS A 304 14.03 20.03 5.70
CA LYS A 304 13.05 21.03 5.29
C LYS A 304 12.77 22.03 6.40
N SER A 305 13.84 22.59 6.94
CA SER A 305 13.75 23.59 7.99
C SER A 305 15.06 24.36 8.04
N PHE A 306 15.04 25.50 8.74
CA PHE A 306 16.21 26.36 8.85
C PHE A 306 16.92 26.21 10.19
N THR A 307 16.39 25.42 11.10
CA THR A 307 17.00 25.20 12.41
C THR A 307 17.19 23.71 12.63
N VAL A 308 18.40 23.32 13.01
CA VAL A 308 18.76 21.92 13.22
C VAL A 308 19.23 21.75 14.66
N GLU A 309 18.67 20.77 15.35
CA GLU A 309 19.09 20.43 16.71
C GLU A 309 20.25 19.45 16.64
N LYS A 310 20.66 18.92 17.79
CA LYS A 310 21.74 17.94 17.82
C LYS A 310 21.25 16.60 17.28
N GLY A 311 22.20 15.79 16.82
CA GLY A 311 21.86 14.47 16.33
C GLY A 311 22.92 13.96 15.37
N ILE A 312 22.65 12.78 14.83
CA ILE A 312 23.56 12.13 13.90
C ILE A 312 23.21 12.46 12.45
N TYR A 313 21.92 12.49 12.12
CA TYR A 313 21.41 13.04 10.87
C TYR A 313 22.05 12.36 9.65
N GLN A 314 21.72 11.08 9.49
CA GLN A 314 22.21 10.32 8.35
C GLN A 314 21.64 10.91 7.06
N THR A 315 22.48 11.59 6.29
CA THR A 315 22.04 12.29 5.09
C THR A 315 22.10 11.36 3.88
N SER A 316 21.80 11.92 2.70
CA SER A 316 21.77 11.13 1.48
C SER A 316 23.15 10.59 1.12
N ASN A 317 23.16 9.44 0.46
CA ASN A 317 24.41 8.84 0.03
C ASN A 317 25.12 9.76 -0.97
N PHE A 318 26.45 9.82 -0.85
CA PHE A 318 27.24 10.67 -1.72
C PHE A 318 27.29 10.10 -3.14
N ARG A 319 27.54 10.99 -4.10
CA ARG A 319 27.57 10.65 -5.52
C ARG A 319 28.81 11.23 -6.16
N VAL A 320 29.15 10.71 -7.33
CA VAL A 320 30.29 11.17 -8.13
C VAL A 320 29.78 11.60 -9.49
N GLN A 321 30.21 12.77 -9.94
CA GLN A 321 29.75 13.33 -11.21
C GLN A 321 30.46 12.66 -12.38
N PRO A 322 29.72 12.13 -13.36
CA PRO A 322 30.32 11.57 -14.58
C PRO A 322 30.64 12.67 -15.61
N THR A 323 31.83 13.26 -15.45
CA THR A 323 32.20 14.45 -16.22
C THR A 323 32.39 14.18 -17.71
N GLU A 324 32.52 12.93 -18.14
CA GLU A 324 32.80 12.61 -19.53
C GLU A 324 31.73 11.68 -20.09
N SER A 325 31.81 11.45 -21.41
CA SER A 325 30.87 10.59 -22.10
C SER A 325 31.54 10.00 -23.33
N ILE A 326 31.18 8.76 -23.65
CA ILE A 326 31.73 8.06 -24.80
C ILE A 326 30.59 7.44 -25.60
N VAL A 327 30.85 7.19 -26.88
CA VAL A 327 29.92 6.52 -27.77
C VAL A 327 30.68 5.42 -28.50
N ARG A 328 30.13 4.20 -28.48
CA ARG A 328 30.79 3.05 -29.08
C ARG A 328 29.80 2.35 -30.01
N PHE A 329 30.12 2.34 -31.31
CA PHE A 329 29.29 1.73 -32.33
C PHE A 329 30.13 0.81 -33.19
N PRO A 330 29.52 -0.22 -33.78
CA PRO A 330 30.28 -1.15 -34.64
C PRO A 330 30.80 -0.47 -35.89
N ASN A 331 31.78 -1.11 -36.50
CA ASN A 331 32.45 -0.59 -37.69
C ASN A 331 31.57 -0.82 -38.91
N ILE A 332 30.66 0.12 -39.16
CA ILE A 332 29.81 0.09 -40.35
C ILE A 332 30.00 1.39 -41.10
N THR A 333 30.25 1.29 -42.41
CA THR A 333 30.53 2.46 -43.24
C THR A 333 29.53 2.63 -44.37
N ASN A 334 29.24 1.58 -45.13
CA ASN A 334 28.37 1.69 -46.29
C ASN A 334 26.93 1.95 -45.87
N LEU A 335 26.25 2.80 -46.64
CA LEU A 335 24.88 3.17 -46.34
C LEU A 335 23.92 2.05 -46.73
N CYS A 336 22.72 2.11 -46.16
CA CYS A 336 21.71 1.09 -46.42
C CYS A 336 21.12 1.28 -47.82
N PRO A 337 20.74 0.19 -48.50
CA PRO A 337 20.16 0.33 -49.84
C PRO A 337 18.76 0.90 -49.83
N PHE A 338 18.64 2.21 -49.54
CA PHE A 338 17.33 2.85 -49.61
C PHE A 338 16.79 2.86 -51.03
N GLY A 339 17.66 3.11 -52.01
CA GLY A 339 17.22 3.15 -53.39
C GLY A 339 16.71 1.82 -53.90
N GLU A 340 17.31 0.72 -53.44
CA GLU A 340 16.89 -0.59 -53.91
C GLU A 340 15.45 -0.90 -53.54
N VAL A 341 15.05 -0.57 -52.32
CA VAL A 341 13.73 -0.96 -51.82
C VAL A 341 12.69 0.14 -52.02
N PHE A 342 13.03 1.40 -51.70
CA PHE A 342 12.06 2.48 -51.82
C PHE A 342 11.86 2.88 -53.29
N ASN A 343 12.91 2.82 -54.09
CA ASN A 343 12.86 3.24 -55.48
C ASN A 343 12.81 2.06 -56.45
N ALA A 344 12.26 0.93 -56.01
CA ALA A 344 12.13 -0.23 -56.88
C ALA A 344 11.11 0.04 -57.98
N THR A 345 11.41 -0.42 -59.19
CA THR A 345 10.50 -0.21 -60.31
C THR A 345 9.19 -0.97 -60.12
N THR A 346 9.26 -2.19 -59.61
CA THR A 346 8.10 -3.04 -59.44
C THR A 346 7.91 -3.40 -57.98
N PHE A 347 6.65 -3.55 -57.58
CA PHE A 347 6.28 -3.96 -56.25
C PHE A 347 5.35 -5.16 -56.33
N ALA A 348 5.57 -6.12 -55.44
CA ALA A 348 4.78 -7.35 -55.48
C ALA A 348 3.36 -7.10 -54.99
N SER A 349 2.45 -7.99 -55.38
CA SER A 349 1.07 -7.89 -54.97
C SER A 349 0.93 -8.04 -53.46
N VAL A 350 -0.22 -7.64 -52.95
CA VAL A 350 -0.42 -7.60 -51.50
C VAL A 350 -0.43 -9.01 -50.91
N TYR A 351 -1.14 -9.95 -51.56
CA TYR A 351 -1.28 -11.28 -50.98
C TYR A 351 0.06 -12.02 -50.95
N ALA A 352 0.86 -11.90 -52.00
CA ALA A 352 2.19 -12.50 -52.05
C ALA A 352 3.26 -11.45 -51.74
N TRP A 353 3.23 -10.94 -50.52
CA TRP A 353 4.14 -9.87 -50.13
C TRP A 353 5.57 -10.37 -50.10
N ASN A 354 6.51 -9.45 -50.32
CA ASN A 354 7.92 -9.75 -50.48
C ASN A 354 8.69 -9.30 -49.25
N ARG A 355 9.52 -10.19 -48.72
CA ARG A 355 10.32 -9.93 -47.53
C ARG A 355 11.79 -9.88 -47.90
N LYS A 356 12.51 -8.88 -47.38
CA LYS A 356 13.92 -8.68 -47.71
C LYS A 356 14.69 -8.44 -46.42
N ARG A 357 15.81 -9.14 -46.27
CA ARG A 357 16.63 -9.01 -45.08
C ARG A 357 17.60 -7.83 -45.22
N ILE A 358 17.76 -7.08 -44.14
CA ILE A 358 18.64 -5.91 -44.11
C ILE A 358 19.74 -6.16 -43.09
N SER A 359 20.99 -5.98 -43.51
CA SER A 359 22.12 -6.16 -42.62
C SER A 359 23.29 -5.33 -43.15
N ASN A 360 24.22 -5.03 -42.23
CA ASN A 360 25.42 -4.23 -42.53
C ASN A 360 25.04 -2.91 -43.19
N CYS A 361 24.31 -2.10 -42.43
CA CYS A 361 23.74 -0.86 -42.94
C CYS A 361 24.09 0.29 -42.01
N VAL A 362 23.96 1.50 -42.54
CA VAL A 362 23.99 2.73 -41.76
C VAL A 362 22.62 3.39 -41.97
N ALA A 363 21.73 3.21 -40.99
CA ALA A 363 20.33 3.61 -41.15
C ALA A 363 20.23 5.13 -41.03
N ASP A 364 20.65 5.81 -42.09
CA ASP A 364 20.54 7.27 -42.20
C ASP A 364 19.48 7.57 -43.24
N TYR A 365 18.30 7.96 -42.79
CA TYR A 365 17.18 8.27 -43.68
C TYR A 365 17.20 9.71 -44.16
N SER A 366 18.20 10.50 -43.77
CA SER A 366 18.25 11.90 -44.16
C SER A 366 18.38 12.08 -45.67
N VAL A 367 18.82 11.05 -46.39
CA VAL A 367 18.89 11.14 -47.85
C VAL A 367 17.55 10.95 -48.53
N LEU A 368 16.50 10.68 -47.76
CA LEU A 368 15.16 10.50 -48.30
C LEU A 368 14.34 11.79 -48.29
N TYR A 369 14.87 12.86 -47.69
CA TYR A 369 14.08 14.08 -47.54
C TYR A 369 13.79 14.76 -48.88
N ASN A 370 14.63 14.56 -49.88
CA ASN A 370 14.43 15.19 -51.18
C ASN A 370 13.76 14.28 -52.21
N SER A 371 13.76 12.97 -51.99
CA SER A 371 13.29 12.04 -53.02
C SER A 371 11.78 11.84 -52.95
N THR A 372 11.28 11.36 -51.82
CA THR A 372 9.88 10.97 -51.68
C THR A 372 9.26 11.63 -50.46
N SER A 373 7.94 11.74 -50.48
CA SER A 373 7.17 12.25 -49.35
C SER A 373 6.18 11.18 -48.89
N PHE A 374 6.21 10.88 -47.60
CA PHE A 374 5.38 9.83 -47.02
C PHE A 374 4.06 10.42 -46.53
N SER A 375 2.95 9.81 -46.95
CA SER A 375 1.64 10.20 -46.46
C SER A 375 1.28 9.53 -45.15
N THR A 376 2.10 8.60 -44.66
CA THR A 376 1.84 7.90 -43.42
C THR A 376 3.15 7.35 -42.88
N PHE A 377 3.44 7.61 -41.60
CA PHE A 377 4.65 7.11 -40.96
C PHE A 377 4.36 7.00 -39.48
N LYS A 378 4.10 5.78 -39.01
CA LYS A 378 3.76 5.52 -37.61
C LYS A 378 4.69 4.45 -37.07
N CYS A 379 5.36 4.76 -35.95
CA CYS A 379 6.23 3.82 -35.27
C CYS A 379 5.58 3.39 -33.96
N TYR A 380 5.74 2.12 -33.61
CA TYR A 380 5.03 1.53 -32.49
C TYR A 380 5.93 1.22 -31.29
N GLY A 381 7.04 0.52 -31.50
CA GLY A 381 7.90 0.13 -30.41
C GLY A 381 8.96 1.13 -30.00
N VAL A 382 9.11 2.24 -30.71
CA VAL A 382 10.17 3.19 -30.45
C VAL A 382 9.70 4.58 -30.87
N SER A 383 10.06 5.59 -30.06
CA SER A 383 9.73 6.96 -30.42
C SER A 383 10.52 7.38 -31.66
N PRO A 384 9.87 8.05 -32.62
CA PRO A 384 10.59 8.42 -33.85
C PRO A 384 11.77 9.35 -33.63
N THR A 385 11.74 10.19 -32.59
CA THR A 385 12.85 11.09 -32.34
C THR A 385 14.11 10.32 -31.95
N LYS A 386 13.94 9.24 -31.17
CA LYS A 386 15.06 8.43 -30.72
C LYS A 386 15.46 7.36 -31.71
N LEU A 387 15.11 7.52 -32.99
CA LEU A 387 15.44 6.53 -34.00
C LEU A 387 16.86 6.65 -34.52
N ASN A 388 17.61 7.65 -34.09
CA ASN A 388 18.97 7.85 -34.55
C ASN A 388 20.03 7.38 -33.57
N ASP A 389 19.67 7.14 -32.31
CA ASP A 389 20.63 6.80 -31.26
C ASP A 389 20.53 5.34 -30.84
N LEU A 390 20.06 4.47 -31.74
CA LEU A 390 19.85 3.06 -31.41
C LEU A 390 20.49 2.19 -32.48
N CYS A 391 20.91 0.99 -32.08
CA CYS A 391 21.44 0.00 -33.01
C CYS A 391 20.46 -1.15 -33.11
N PHE A 392 20.05 -1.47 -34.33
CA PHE A 392 18.98 -2.43 -34.58
C PHE A 392 19.55 -3.81 -34.87
N THR A 393 18.76 -4.84 -34.54
CA THR A 393 19.27 -6.21 -34.55
C THR A 393 18.97 -6.94 -35.85
N ASN A 394 17.70 -7.10 -36.19
CA ASN A 394 17.26 -8.04 -37.23
C ASN A 394 16.28 -7.38 -38.18
N VAL A 395 16.64 -6.22 -38.71
CA VAL A 395 15.72 -5.44 -39.53
C VAL A 395 15.30 -6.24 -40.75
N TYR A 396 13.99 -6.34 -40.96
CA TYR A 396 13.40 -6.94 -42.14
C TYR A 396 12.49 -5.91 -42.80
N ALA A 397 12.29 -6.06 -44.11
CA ALA A 397 11.47 -5.11 -44.87
C ALA A 397 10.45 -5.86 -45.70
N ASP A 398 9.19 -5.45 -45.59
CA ASP A 398 8.09 -6.00 -46.38
C ASP A 398 7.50 -4.90 -47.25
N SER A 399 7.07 -5.25 -48.45
CA SER A 399 6.59 -4.27 -49.41
C SER A 399 5.47 -4.86 -50.25
N PHE A 400 4.46 -4.03 -50.53
CA PHE A 400 3.35 -4.42 -51.40
C PHE A 400 2.63 -3.14 -51.85
N VAL A 401 1.51 -3.33 -52.54
CA VAL A 401 0.70 -2.24 -53.07
C VAL A 401 -0.75 -2.50 -52.70
N VAL A 402 -1.41 -1.49 -52.13
CA VAL A 402 -2.80 -1.62 -51.70
C VAL A 402 -3.58 -0.40 -52.18
N ARG A 403 -4.88 -0.42 -51.93
CA ARG A 403 -5.77 0.67 -52.30
C ARG A 403 -5.49 1.89 -51.45
N GLY A 404 -5.96 3.05 -51.92
CA GLY A 404 -5.66 4.31 -51.24
C GLY A 404 -6.21 4.37 -49.82
N ASP A 405 -7.43 3.89 -49.62
CA ASP A 405 -8.10 4.03 -48.34
C ASP A 405 -7.86 2.84 -47.41
N GLU A 406 -7.04 1.88 -47.82
CA GLU A 406 -6.79 0.68 -47.03
C GLU A 406 -5.47 0.73 -46.27
N VAL A 407 -4.77 1.86 -46.31
CA VAL A 407 -3.56 2.01 -45.52
C VAL A 407 -3.86 1.98 -44.03
N ARG A 408 -5.10 2.27 -43.65
CA ARG A 408 -5.45 2.25 -42.23
C ARG A 408 -5.43 0.84 -41.67
N GLN A 409 -5.65 -0.17 -42.50
CA GLN A 409 -5.68 -1.55 -42.02
C GLN A 409 -4.31 -2.11 -41.70
N ILE A 410 -3.24 -1.42 -42.08
CA ILE A 410 -1.88 -1.90 -41.79
C ILE A 410 -1.54 -1.35 -40.41
N ALA A 411 -2.00 -2.07 -39.39
CA ALA A 411 -1.78 -1.72 -37.99
C ALA A 411 -2.19 -2.90 -37.12
N PRO A 412 -1.60 -3.06 -35.95
CA PRO A 412 -2.03 -4.14 -35.06
C PRO A 412 -3.45 -3.93 -34.58
N GLY A 413 -4.15 -5.04 -34.35
CA GLY A 413 -5.50 -5.00 -33.85
C GLY A 413 -6.49 -4.33 -34.76
N GLN A 414 -6.46 -4.67 -36.05
CA GLN A 414 -7.35 -4.09 -37.04
C GLN A 414 -7.99 -5.20 -37.87
N THR A 415 -9.21 -4.95 -38.32
CA THR A 415 -9.97 -5.92 -39.11
C THR A 415 -10.18 -5.39 -40.53
N GLY A 416 -10.72 -6.25 -41.37
CA GLY A 416 -10.89 -5.99 -42.78
C GLY A 416 -10.32 -7.10 -43.63
N LYS A 417 -10.60 -7.01 -44.93
CA LYS A 417 -10.15 -8.07 -45.83
C LYS A 417 -8.63 -8.13 -45.90
N ILE A 418 -7.97 -6.97 -45.93
CA ILE A 418 -6.51 -6.95 -46.00
C ILE A 418 -5.91 -7.56 -44.73
N ALA A 419 -6.47 -7.21 -43.57
CA ALA A 419 -5.94 -7.68 -42.29
C ALA A 419 -6.51 -9.03 -41.88
N ASP A 420 -7.20 -9.73 -42.77
CA ASP A 420 -7.73 -11.05 -42.49
C ASP A 420 -7.30 -12.10 -43.49
N TYR A 421 -7.23 -11.75 -44.77
CA TYR A 421 -6.92 -12.72 -45.81
C TYR A 421 -5.63 -12.41 -46.56
N ASN A 422 -5.03 -11.24 -46.37
CA ASN A 422 -3.87 -10.85 -47.16
C ASN A 422 -2.62 -10.65 -46.32
N TYR A 423 -2.67 -9.85 -45.27
CA TYR A 423 -1.47 -9.53 -44.51
C TYR A 423 -1.87 -9.11 -43.10
N LYS A 424 -1.37 -9.80 -42.10
CA LYS A 424 -1.71 -9.55 -40.71
C LYS A 424 -0.45 -9.28 -39.90
N LEU A 425 -0.50 -8.23 -39.05
CA LEU A 425 0.57 -7.85 -38.15
C LEU A 425 0.31 -8.41 -36.75
N PRO A 426 1.36 -8.75 -36.02
CA PRO A 426 1.18 -9.30 -34.67
C PRO A 426 0.69 -8.24 -33.69
N ASP A 427 0.08 -8.70 -32.62
CA ASP A 427 -0.42 -7.78 -31.59
C ASP A 427 0.73 -7.04 -30.91
N ASP A 428 1.82 -7.75 -30.61
CA ASP A 428 3.00 -7.15 -30.01
C ASP A 428 4.01 -6.91 -31.14
N PHE A 429 3.97 -5.72 -31.71
CA PHE A 429 4.77 -5.36 -32.87
C PHE A 429 5.68 -4.18 -32.55
N THR A 430 6.93 -4.29 -32.98
CA THR A 430 7.90 -3.20 -32.84
C THR A 430 8.44 -2.87 -34.22
N GLY A 431 8.27 -1.63 -34.63
CA GLY A 431 8.69 -1.19 -35.94
C GLY A 431 7.89 0.01 -36.38
N CYS A 432 8.00 0.32 -37.67
CA CYS A 432 7.32 1.46 -38.26
C CYS A 432 6.63 1.05 -39.56
N VAL A 433 5.53 1.74 -39.86
CA VAL A 433 4.76 1.49 -41.07
C VAL A 433 4.82 2.75 -41.92
N ILE A 434 5.25 2.60 -43.17
CA ILE A 434 5.47 3.71 -44.08
C ILE A 434 4.65 3.48 -45.34
N ALA A 435 3.91 4.50 -45.76
CA ALA A 435 3.14 4.45 -46.99
C ALA A 435 3.18 5.81 -47.68
N TRP A 436 3.08 5.78 -49.01
CA TRP A 436 3.08 7.00 -49.79
C TRP A 436 2.38 6.73 -51.12
N ASN A 437 1.74 7.77 -51.63
CA ASN A 437 1.00 7.64 -52.89
C ASN A 437 1.95 7.35 -54.03
N SER A 438 1.51 6.48 -54.95
CA SER A 438 2.31 6.08 -56.10
C SER A 438 1.45 6.05 -57.35
N ASN A 439 0.55 7.03 -57.49
CA ASN A 439 -0.35 7.06 -58.62
C ASN A 439 0.38 7.33 -59.93
N ASN A 440 1.50 8.06 -59.88
CA ASN A 440 2.23 8.37 -61.11
C ASN A 440 2.91 7.15 -61.70
N LEU A 441 3.34 6.22 -60.86
CA LEU A 441 4.12 5.07 -61.30
C LEU A 441 3.31 3.80 -61.48
N ASP A 442 2.22 3.63 -60.73
CA ASP A 442 1.49 2.37 -60.71
C ASP A 442 0.12 2.47 -61.39
N SER A 443 -0.06 3.45 -62.27
CA SER A 443 -1.33 3.62 -62.97
C SER A 443 -1.08 3.84 -64.45
N LYS A 444 -2.01 3.33 -65.26
CA LYS A 444 -1.95 3.48 -66.71
C LYS A 444 -3.33 3.87 -67.23
N VAL A 445 -3.33 4.49 -68.42
CA VAL A 445 -4.58 4.99 -69.00
C VAL A 445 -5.55 3.85 -69.27
N GLY A 446 -5.03 2.71 -69.73
CA GLY A 446 -5.86 1.57 -70.01
C GLY A 446 -6.25 0.72 -68.82
N GLY A 447 -5.82 1.11 -67.62
CA GLY A 447 -6.14 0.34 -66.43
C GLY A 447 -5.07 -0.66 -66.08
N ASN A 448 -4.50 -0.53 -64.88
CA ASN A 448 -3.46 -1.43 -64.41
C ASN A 448 -4.09 -2.57 -63.64
N TYR A 449 -3.93 -3.79 -64.14
CA TYR A 449 -4.56 -4.97 -63.55
C TYR A 449 -3.54 -5.99 -63.07
N ASN A 450 -2.31 -5.58 -62.80
CA ASN A 450 -1.28 -6.51 -62.37
C ASN A 450 -1.44 -6.91 -60.90
N TYR A 451 -1.91 -6.00 -60.06
CA TYR A 451 -1.96 -6.24 -58.62
C TYR A 451 -3.25 -6.94 -58.24
N LEU A 452 -3.13 -7.97 -57.40
CA LEU A 452 -4.26 -8.79 -56.99
C LEU A 452 -4.32 -8.90 -55.48
N TYR A 453 -5.51 -9.18 -54.97
CA TYR A 453 -5.72 -9.42 -53.55
C TYR A 453 -6.65 -10.61 -53.37
N ARG A 454 -6.62 -11.18 -52.17
CA ARG A 454 -7.47 -12.31 -51.85
C ARG A 454 -8.80 -11.82 -51.29
N LEU A 455 -9.88 -12.50 -51.68
CA LEU A 455 -11.23 -12.13 -51.26
C LEU A 455 -11.90 -13.16 -50.36
N PHE A 456 -11.54 -14.43 -50.47
CA PHE A 456 -12.16 -15.49 -49.68
C PHE A 456 -11.10 -16.35 -49.02
N ARG A 457 -11.44 -16.87 -47.84
CA ARG A 457 -10.58 -17.81 -47.14
C ARG A 457 -11.43 -18.57 -46.13
N LYS A 458 -10.95 -19.75 -45.74
CA LYS A 458 -11.67 -20.58 -44.79
C LYS A 458 -11.45 -20.13 -43.35
N SER A 459 -10.44 -19.32 -43.09
CA SER A 459 -10.17 -18.83 -41.75
C SER A 459 -9.24 -17.63 -41.83
N ASN A 460 -9.07 -16.96 -40.70
CA ASN A 460 -8.17 -15.81 -40.63
C ASN A 460 -6.72 -16.26 -40.73
N LEU A 461 -5.83 -15.29 -40.87
CA LEU A 461 -4.40 -15.54 -41.04
C LEU A 461 -3.67 -15.24 -39.74
N LYS A 462 -2.80 -16.16 -39.33
CA LYS A 462 -1.92 -15.90 -38.20
C LYS A 462 -0.92 -14.80 -38.56
N PRO A 463 -0.37 -14.10 -37.56
CA PRO A 463 0.50 -12.97 -37.87
C PRO A 463 1.70 -13.39 -38.71
N PHE A 464 2.05 -12.53 -39.67
CA PHE A 464 3.23 -12.72 -40.53
C PHE A 464 3.16 -14.05 -41.27
N GLU A 465 2.01 -14.31 -41.90
CA GLU A 465 1.80 -15.52 -42.67
C GLU A 465 1.53 -15.18 -44.12
N ARG A 466 1.94 -16.08 -45.02
CA ARG A 466 1.79 -15.91 -46.45
C ARG A 466 0.99 -17.08 -47.02
N ASP A 467 0.12 -16.79 -47.98
CA ASP A 467 -0.71 -17.82 -48.61
C ASP A 467 -0.85 -17.48 -50.08
N ILE A 468 -0.42 -18.40 -50.94
CA ILE A 468 -0.50 -18.22 -52.39
C ILE A 468 -1.31 -19.33 -53.06
N SER A 469 -2.04 -20.13 -52.29
CA SER A 469 -2.87 -21.17 -52.88
C SER A 469 -4.01 -20.55 -53.67
N THR A 470 -4.30 -21.13 -54.84
CA THR A 470 -5.32 -20.62 -55.73
C THR A 470 -6.48 -21.60 -55.89
N GLU A 471 -6.72 -22.43 -54.87
CA GLU A 471 -7.80 -23.40 -54.93
C GLU A 471 -9.15 -22.69 -54.93
N ILE A 472 -10.11 -23.30 -55.62
CA ILE A 472 -11.43 -22.69 -55.77
C ILE A 472 -12.15 -22.68 -54.43
N TYR A 473 -12.68 -21.52 -54.06
CA TYR A 473 -13.37 -21.37 -52.78
C TYR A 473 -14.83 -21.78 -52.92
N GLN A 474 -15.32 -22.55 -51.96
CA GLN A 474 -16.68 -23.04 -51.94
C GLN A 474 -17.50 -22.19 -50.97
N ALA A 475 -18.60 -21.62 -51.48
CA ALA A 475 -19.43 -20.74 -50.66
C ALA A 475 -20.59 -21.49 -50.00
N GLY A 476 -21.15 -22.49 -50.66
CA GLY A 476 -22.25 -23.26 -50.15
C GLY A 476 -21.81 -24.60 -49.59
N SER A 477 -22.74 -25.57 -49.63
CA SER A 477 -22.45 -26.92 -49.17
C SER A 477 -22.19 -27.90 -50.30
N THR A 478 -22.65 -27.59 -51.51
CA THR A 478 -22.42 -28.46 -52.65
C THR A 478 -20.94 -28.47 -53.01
N PRO A 479 -20.32 -29.63 -53.21
CA PRO A 479 -18.90 -29.66 -53.57
C PRO A 479 -18.66 -28.97 -54.91
N CYS A 480 -17.53 -28.27 -54.99
CA CYS A 480 -17.19 -27.50 -56.19
C CYS A 480 -16.49 -28.35 -57.24
N ASN A 481 -15.57 -29.22 -56.83
CA ASN A 481 -14.85 -30.11 -57.73
C ASN A 481 -14.12 -29.34 -58.83
N GLY A 482 -13.55 -28.19 -58.47
CA GLY A 482 -12.74 -27.42 -59.38
C GLY A 482 -13.52 -26.57 -60.36
N VAL A 483 -14.78 -26.96 -60.61
CA VAL A 483 -15.61 -26.22 -61.56
C VAL A 483 -16.09 -24.93 -60.92
N GLU A 484 -15.91 -23.81 -61.64
CA GLU A 484 -16.38 -22.51 -61.16
C GLU A 484 -17.86 -22.39 -61.47
N GLY A 485 -18.66 -22.90 -60.55
CA GLY A 485 -20.10 -22.95 -60.68
C GLY A 485 -20.81 -21.81 -59.98
N PHE A 486 -22.04 -22.08 -59.55
CA PHE A 486 -22.86 -21.05 -58.92
C PHE A 486 -22.26 -20.60 -57.60
N ASN A 487 -21.93 -21.54 -56.72
CA ASN A 487 -21.38 -21.23 -55.42
C ASN A 487 -19.85 -21.31 -55.37
N CYS A 488 -19.20 -21.45 -56.52
CA CYS A 488 -17.75 -21.54 -56.60
C CYS A 488 -17.20 -20.22 -57.11
N TYR A 489 -16.18 -19.71 -56.43
CA TYR A 489 -15.59 -18.41 -56.75
C TYR A 489 -14.08 -18.52 -56.81
N PHE A 490 -13.48 -17.72 -57.68
CA PHE A 490 -12.03 -17.60 -57.70
C PHE A 490 -11.57 -16.90 -56.43
N PRO A 491 -10.64 -17.50 -55.67
CA PRO A 491 -10.29 -16.93 -54.36
C PRO A 491 -9.76 -15.51 -54.41
N LEU A 492 -9.00 -15.16 -55.45
CA LEU A 492 -8.37 -13.86 -55.53
C LEU A 492 -8.93 -13.04 -56.69
N GLN A 493 -9.05 -11.74 -56.49
CA GLN A 493 -9.58 -10.81 -57.47
C GLN A 493 -8.49 -9.86 -57.92
N SER A 494 -8.85 -8.98 -58.85
CA SER A 494 -7.90 -8.05 -59.44
C SER A 494 -8.22 -6.61 -59.05
N TYR A 495 -7.18 -5.79 -58.99
CA TYR A 495 -7.33 -4.37 -58.73
C TYR A 495 -7.44 -3.61 -60.05
N GLY A 496 -8.21 -2.54 -60.03
CA GLY A 496 -8.31 -1.68 -61.19
C GLY A 496 -7.86 -0.26 -60.89
N PHE A 497 -6.73 0.15 -61.43
CA PHE A 497 -6.15 1.45 -61.17
C PHE A 497 -6.15 2.27 -62.45
N HIS A 498 -6.71 3.47 -62.36
CA HIS A 498 -6.74 4.42 -63.46
C HIS A 498 -6.23 5.76 -62.97
N PRO A 499 -5.63 6.57 -63.86
CA PRO A 499 -5.18 7.89 -63.44
C PRO A 499 -6.31 8.82 -63.05
N THR A 500 -7.55 8.51 -63.45
CA THR A 500 -8.70 9.38 -63.20
C THR A 500 -9.53 8.94 -62.01
N ASN A 501 -9.11 7.93 -61.27
CA ASN A 501 -9.88 7.51 -60.10
C ASN A 501 -9.67 8.49 -58.96
N GLY A 502 -10.55 8.41 -57.96
CA GLY A 502 -10.45 9.25 -56.79
C GLY A 502 -9.26 8.88 -55.92
N VAL A 503 -9.00 9.74 -54.93
CA VAL A 503 -7.85 9.52 -54.06
C VAL A 503 -8.01 8.28 -53.20
N GLY A 504 -9.24 7.81 -53.01
CA GLY A 504 -9.47 6.58 -52.27
C GLY A 504 -9.25 5.31 -53.06
N TYR A 505 -8.90 5.44 -54.35
CA TYR A 505 -8.62 4.29 -55.19
C TYR A 505 -7.28 4.35 -55.89
N GLN A 506 -6.55 5.45 -55.78
CA GLN A 506 -5.21 5.51 -56.34
C GLN A 506 -4.29 4.57 -55.56
N PRO A 507 -3.36 3.90 -56.24
CA PRO A 507 -2.52 2.91 -55.56
C PRO A 507 -1.59 3.56 -54.55
N TYR A 508 -1.34 2.84 -53.46
CA TYR A 508 -0.45 3.28 -52.40
C TYR A 508 0.61 2.22 -52.17
N ARG A 509 1.88 2.61 -52.22
CA ARG A 509 2.98 1.72 -51.92
C ARG A 509 3.23 1.72 -50.41
N VAL A 510 3.49 0.54 -49.86
CA VAL A 510 3.62 0.36 -48.42
C VAL A 510 4.91 -0.38 -48.12
N VAL A 511 5.67 0.13 -47.15
CA VAL A 511 6.87 -0.53 -46.67
C VAL A 511 6.75 -0.64 -45.15
N VAL A 512 6.96 -1.85 -44.63
CA VAL A 512 6.87 -2.12 -43.21
C VAL A 512 8.21 -2.66 -42.72
N LEU A 513 8.73 -2.06 -41.65
CA LEU A 513 9.99 -2.47 -41.06
C LEU A 513 9.72 -3.06 -39.68
N SER A 514 10.32 -4.22 -39.42
CA SER A 514 10.23 -4.86 -38.12
C SER A 514 11.63 -5.20 -37.63
N PHE A 515 11.88 -4.96 -36.34
CA PHE A 515 13.22 -5.18 -35.81
C PHE A 515 13.14 -5.37 -34.30
N GLU A 516 14.23 -5.90 -33.75
CA GLU A 516 14.43 -5.99 -32.32
C GLU A 516 15.49 -4.97 -31.91
N LEU A 517 15.32 -4.38 -30.73
CA LEU A 517 16.09 -3.21 -30.36
C LEU A 517 17.36 -3.55 -29.59
N LEU A 518 17.22 -4.20 -28.43
CA LEU A 518 18.36 -4.40 -27.54
C LEU A 518 18.89 -5.82 -27.56
N ASN A 519 18.01 -6.82 -27.49
CA ASN A 519 18.46 -8.20 -27.42
C ASN A 519 19.22 -8.60 -28.68
N ALA A 520 20.22 -9.48 -28.49
CA ALA A 520 21.06 -10.05 -29.55
C ALA A 520 21.99 -9.00 -30.14
N PRO A 521 23.12 -9.42 -30.73
CA PRO A 521 24.02 -8.46 -31.36
C PRO A 521 23.34 -7.71 -32.50
N ALA A 522 23.74 -6.46 -32.68
CA ALA A 522 23.15 -5.57 -33.66
C ALA A 522 24.10 -5.34 -34.82
N THR A 523 23.53 -5.02 -35.99
CA THR A 523 24.31 -4.78 -37.19
C THR A 523 23.93 -3.52 -37.95
N VAL A 524 22.77 -2.92 -37.69
CA VAL A 524 22.29 -1.76 -38.43
C VAL A 524 22.03 -0.63 -37.44
N CYS A 525 22.73 0.48 -37.61
CA CYS A 525 22.43 1.71 -36.88
C CYS A 525 23.02 2.92 -37.58
N GLY A 526 22.48 4.09 -37.21
CA GLY A 526 22.63 5.29 -37.99
C GLY A 526 23.81 6.13 -37.56
N PRO A 527 23.74 7.42 -37.89
CA PRO A 527 24.89 8.34 -37.81
C PRO A 527 25.24 8.83 -36.41
N LYS A 528 25.99 8.02 -35.68
CA LYS A 528 26.60 8.43 -34.42
C LYS A 528 28.08 8.11 -34.48
N LYS A 529 28.92 9.14 -34.31
CA LYS A 529 30.35 8.95 -34.38
C LYS A 529 30.86 8.28 -33.11
N SER A 530 31.82 7.38 -33.27
CA SER A 530 32.36 6.60 -32.17
C SER A 530 33.63 7.22 -31.63
N THR A 531 33.73 7.32 -30.30
CA THR A 531 34.89 7.86 -29.63
C THR A 531 35.69 6.72 -28.98
N ASN A 532 36.91 7.05 -28.58
CA ASN A 532 37.78 6.07 -27.96
C ASN A 532 37.24 5.65 -26.60
N LEU A 533 37.44 4.38 -26.26
CA LEU A 533 36.96 3.85 -24.99
C LEU A 533 37.77 4.43 -23.83
N ILE A 534 37.07 4.79 -22.75
CA ILE A 534 37.69 5.30 -21.53
C ILE A 534 37.36 4.33 -20.41
N LYS A 535 38.37 3.93 -19.65
CA LYS A 535 38.22 2.93 -18.61
C LYS A 535 38.52 3.52 -17.24
N ASN A 536 37.86 2.97 -16.23
CA ASN A 536 38.14 3.26 -14.81
C ASN A 536 37.82 4.72 -14.46
N LYS A 537 36.71 5.22 -14.97
CA LYS A 537 36.17 6.49 -14.51
C LYS A 537 34.70 6.59 -14.94
N CYS A 538 33.99 7.51 -14.30
CA CYS A 538 32.57 7.67 -14.57
C CYS A 538 32.34 8.36 -15.90
N VAL A 539 31.54 7.74 -16.77
CA VAL A 539 31.29 8.25 -18.11
C VAL A 539 29.85 7.93 -18.50
N ASN A 540 29.21 8.88 -19.21
CA ASN A 540 27.89 8.65 -19.77
C ASN A 540 28.06 7.83 -21.05
N PHE A 541 28.16 6.53 -20.89
CA PHE A 541 28.44 5.65 -22.01
C PHE A 541 27.22 5.50 -22.90
N ASN A 542 27.46 5.02 -24.12
CA ASN A 542 26.41 4.73 -25.10
C ASN A 542 26.89 3.54 -25.93
N PHE A 543 26.50 2.34 -25.51
CA PHE A 543 26.93 1.11 -26.17
C PHE A 543 25.76 0.57 -26.98
N ASN A 544 25.78 0.85 -28.29
CA ASN A 544 24.73 0.40 -29.21
C ASN A 544 23.35 0.86 -28.76
N GLY A 545 23.28 2.08 -28.24
CA GLY A 545 22.02 2.67 -27.82
C GLY A 545 21.67 2.49 -26.36
N LEU A 546 22.43 1.70 -25.61
CA LEU A 546 22.16 1.48 -24.19
C LEU A 546 22.92 2.54 -23.39
N THR A 547 22.20 3.55 -22.93
CA THR A 547 22.79 4.67 -22.22
C THR A 547 22.63 4.51 -20.72
N GLY A 548 23.66 4.88 -19.99
CA GLY A 548 23.62 4.81 -18.54
C GLY A 548 24.70 5.67 -17.92
N THR A 549 25.25 5.19 -16.81
CA THR A 549 26.33 5.89 -16.11
C THR A 549 27.03 4.89 -15.20
N GLY A 550 28.33 4.74 -15.37
CA GLY A 550 29.07 3.78 -14.58
C GLY A 550 30.54 3.82 -14.89
N VAL A 551 31.27 2.90 -14.27
CA VAL A 551 32.72 2.80 -14.41
C VAL A 551 33.04 1.45 -15.05
N LEU A 552 33.76 1.49 -16.16
CA LEU A 552 34.12 0.29 -16.89
C LEU A 552 35.41 -0.31 -16.34
N THR A 553 35.54 -1.63 -16.50
CA THR A 553 36.71 -2.34 -16.02
C THR A 553 36.81 -3.66 -16.77
N GLU A 554 37.98 -4.29 -16.68
CA GLU A 554 38.19 -5.59 -17.28
C GLU A 554 37.32 -6.65 -16.61
N SER A 555 36.91 -7.65 -17.39
CA SER A 555 36.03 -8.70 -16.92
C SER A 555 36.62 -10.06 -17.26
N ASN A 556 36.52 -11.00 -16.33
CA ASN A 556 37.03 -12.35 -16.57
C ASN A 556 36.03 -13.21 -17.32
N LYS A 557 34.74 -12.90 -17.22
CA LYS A 557 33.72 -13.71 -17.87
C LYS A 557 33.78 -13.56 -19.38
N LYS A 558 33.42 -14.64 -20.08
CA LYS A 558 33.42 -14.66 -21.54
C LYS A 558 32.04 -15.10 -22.03
N PHE A 559 31.45 -14.28 -22.89
CA PHE A 559 30.10 -14.53 -23.36
C PHE A 559 30.09 -15.61 -24.44
N LEU A 560 28.92 -16.20 -24.64
CA LEU A 560 28.70 -17.09 -25.76
C LEU A 560 28.63 -16.29 -27.05
N PRO A 561 28.83 -16.94 -28.20
CA PRO A 561 28.85 -16.19 -29.47
C PRO A 561 27.58 -15.40 -29.75
N PHE A 562 26.41 -15.88 -29.32
CA PHE A 562 25.16 -15.21 -29.62
C PHE A 562 24.72 -14.22 -28.54
N GLN A 563 25.54 -14.01 -27.51
CA GLN A 563 25.19 -13.11 -26.41
C GLN A 563 25.95 -11.80 -26.56
N GLN A 564 25.31 -10.72 -26.10
CA GLN A 564 25.91 -9.38 -26.16
C GLN A 564 26.17 -8.79 -24.78
N PHE A 565 25.17 -8.75 -23.91
CA PHE A 565 25.37 -8.23 -22.56
C PHE A 565 24.55 -9.07 -21.57
N GLY A 566 25.01 -9.07 -20.33
CA GLY A 566 24.41 -9.86 -19.27
C GLY A 566 23.75 -9.00 -18.21
N ARG A 567 22.93 -9.66 -17.39
CA ARG A 567 22.17 -9.00 -16.35
C ARG A 567 22.39 -9.72 -15.02
N ASP A 568 22.35 -8.93 -13.94
CA ASP A 568 22.55 -9.46 -12.60
C ASP A 568 21.20 -9.81 -11.98
N ILE A 569 21.19 -10.04 -10.67
CA ILE A 569 19.94 -10.38 -9.97
C ILE A 569 18.97 -9.22 -10.04
N ALA A 570 19.48 -7.98 -9.98
CA ALA A 570 18.63 -6.81 -10.10
C ALA A 570 18.15 -6.56 -11.51
N ASP A 571 18.44 -7.48 -12.45
CA ASP A 571 18.00 -7.39 -13.84
C ASP A 571 18.52 -6.13 -14.54
N THR A 572 19.69 -5.63 -14.11
CA THR A 572 20.32 -4.49 -14.75
C THR A 572 21.59 -4.95 -15.46
N THR A 573 22.00 -4.15 -16.45
CA THR A 573 23.16 -4.49 -17.28
C THR A 573 24.42 -4.20 -16.49
N ASP A 574 25.15 -5.25 -16.12
CA ASP A 574 26.42 -5.13 -15.43
C ASP A 574 27.62 -5.42 -16.32
N ALA A 575 27.47 -6.31 -17.30
CA ALA A 575 28.55 -6.69 -18.20
C ALA A 575 28.07 -6.55 -19.63
N VAL A 576 28.94 -5.99 -20.49
CA VAL A 576 28.65 -5.77 -21.90
C VAL A 576 29.85 -6.21 -22.71
N ARG A 577 29.62 -6.44 -24.00
CA ARG A 577 30.67 -6.78 -24.95
C ARG A 577 30.85 -5.61 -25.92
N ASP A 578 32.06 -5.09 -26.01
CA ASP A 578 32.33 -3.95 -26.87
C ASP A 578 32.16 -4.35 -28.34
N PRO A 579 31.51 -3.53 -29.15
CA PRO A 579 31.28 -3.91 -30.56
C PRO A 579 32.52 -3.77 -31.43
N GLN A 580 33.31 -2.72 -31.20
CA GLN A 580 34.51 -2.51 -32.02
C GLN A 580 35.56 -3.56 -31.74
N THR A 581 35.85 -3.81 -30.46
CA THR A 581 36.81 -4.82 -30.04
C THR A 581 36.07 -5.88 -29.25
N LEU A 582 36.24 -7.15 -29.65
CA LEU A 582 35.47 -8.24 -29.06
C LEU A 582 36.02 -8.51 -27.65
N GLU A 583 35.63 -7.63 -26.72
CA GLU A 583 36.12 -7.66 -25.36
C GLU A 583 34.94 -7.52 -24.40
N ILE A 584 35.11 -8.03 -23.18
CA ILE A 584 34.07 -8.00 -22.16
C ILE A 584 34.43 -6.96 -21.12
N LEU A 585 33.47 -6.09 -20.79
CA LEU A 585 33.66 -5.03 -19.81
C LEU A 585 32.54 -5.08 -18.79
N ASP A 586 32.86 -4.66 -17.57
CA ASP A 586 31.91 -4.68 -16.46
C ASP A 586 31.56 -3.25 -16.05
N ILE A 587 30.29 -3.04 -15.72
CA ILE A 587 29.77 -1.73 -15.37
C ILE A 587 29.36 -1.75 -13.90
N THR A 588 29.80 -0.74 -13.15
CA THR A 588 29.45 -0.60 -11.75
C THR A 588 29.01 0.83 -11.46
N PRO A 589 28.08 1.02 -10.54
CA PRO A 589 27.63 2.38 -10.22
C PRO A 589 28.74 3.19 -9.57
N CYS A 590 28.65 4.51 -9.75
CA CYS A 590 29.69 5.42 -9.26
C CYS A 590 29.49 5.82 -7.81
N SER A 591 28.31 5.60 -7.24
CA SER A 591 28.00 6.02 -5.88
C SER A 591 27.91 4.79 -4.99
N PHE A 592 28.72 4.76 -3.94
CA PHE A 592 28.75 3.61 -3.03
C PHE A 592 29.30 4.08 -1.70
N GLY A 593 28.46 4.10 -0.67
CA GLY A 593 28.87 4.51 0.66
C GLY A 593 27.91 5.51 1.28
N GLY A 594 27.84 5.49 2.61
CA GLY A 594 26.95 6.36 3.35
C GLY A 594 27.71 7.44 4.09
N VAL A 595 27.11 8.62 4.17
CA VAL A 595 27.71 9.77 4.84
C VAL A 595 26.71 10.35 5.83
N SER A 596 27.17 10.66 7.04
CA SER A 596 26.35 11.25 8.08
C SER A 596 27.00 12.52 8.58
N VAL A 597 26.17 13.47 9.01
CA VAL A 597 26.61 14.81 9.38
C VAL A 597 26.34 15.00 10.87
N ILE A 598 27.42 15.13 11.66
CA ILE A 598 27.32 15.35 13.10
C ILE A 598 27.43 16.85 13.36
N THR A 599 26.52 17.38 14.16
CA THR A 599 26.51 18.81 14.40
C THR A 599 25.82 19.13 15.72
N PRO A 600 26.30 20.12 16.47
CA PRO A 600 25.47 20.67 17.55
C PRO A 600 24.36 21.53 16.97
N GLY A 601 23.53 22.12 17.82
CA GLY A 601 22.45 22.95 17.33
C GLY A 601 22.98 24.10 16.49
N THR A 602 22.30 24.38 15.38
CA THR A 602 22.65 25.54 14.57
C THR A 602 22.47 26.84 15.34
N ASN A 603 21.69 26.81 16.42
CA ASN A 603 21.65 27.94 17.34
C ASN A 603 23.00 28.15 18.00
N ALA A 604 23.70 27.06 18.33
CA ALA A 604 24.98 27.18 19.00
C ALA A 604 26.08 27.63 18.04
N SER A 605 26.36 26.82 17.01
CA SER A 605 27.45 27.14 16.10
C SER A 605 27.18 26.46 14.76
N ASN A 606 27.95 26.87 13.75
CA ASN A 606 27.81 26.37 12.39
C ASN A 606 28.83 25.30 12.04
N GLN A 607 29.73 24.94 12.95
CA GLN A 607 30.71 23.91 12.66
C GLN A 607 30.06 22.53 12.65
N VAL A 608 30.53 21.66 11.76
CA VAL A 608 30.01 20.31 11.63
C VAL A 608 31.16 19.33 11.50
N ALA A 609 30.88 18.08 11.81
CA ALA A 609 31.81 16.98 11.59
C ALA A 609 31.13 15.91 10.74
N VAL A 610 31.88 15.33 9.82
CA VAL A 610 31.34 14.42 8.82
C VAL A 610 31.91 13.03 9.07
N LEU A 611 31.03 12.03 9.09
CA LEU A 611 31.42 10.63 9.28
C LEU A 611 31.13 9.85 8.01
N TYR A 612 32.16 9.21 7.47
CA TYR A 612 32.03 8.34 6.30
C TYR A 612 31.98 6.91 6.78
N GLN A 613 30.91 6.19 6.42
CA GLN A 613 30.63 4.91 7.05
C GLN A 613 31.60 3.82 6.62
N ASP A 614 31.92 3.76 5.34
CA ASP A 614 32.70 2.65 4.79
C ASP A 614 33.84 3.15 3.92
N VAL A 615 34.52 4.21 4.35
CA VAL A 615 35.60 4.80 3.59
C VAL A 615 36.75 5.15 4.53
N ASN A 616 37.95 4.69 4.20
CA ASN A 616 39.14 5.10 4.94
C ASN A 616 39.53 6.52 4.56
N CYS A 617 40.06 7.25 5.54
CA CYS A 617 40.38 8.66 5.31
C CYS A 617 41.46 8.84 4.26
N THR A 618 42.34 7.85 4.09
CA THR A 618 43.34 7.93 3.02
C THR A 618 42.68 7.91 1.65
N GLU A 619 41.69 7.04 1.46
CA GLU A 619 40.99 6.90 0.19
C GLU A 619 39.82 7.85 0.04
N VAL A 620 39.69 8.84 0.93
CA VAL A 620 38.62 9.82 0.80
C VAL A 620 38.64 10.53 -0.56
N PRO A 621 39.80 11.01 -1.06
CA PRO A 621 39.79 11.60 -2.41
C PRO A 621 39.29 10.65 -3.48
N VAL A 622 39.58 9.35 -3.35
CA VAL A 622 39.04 8.37 -4.29
C VAL A 622 37.53 8.26 -4.14
N ALA A 623 37.04 8.33 -2.90
CA ALA A 623 35.59 8.25 -2.67
C ALA A 623 34.89 9.50 -3.19
N ILE A 624 35.22 10.66 -2.64
CA ILE A 624 34.63 11.91 -3.12
C ILE A 624 35.59 12.61 -4.08
N PRO A 631 34.94 23.34 -2.48
CA PRO A 631 35.78 24.10 -1.55
C PRO A 631 35.52 23.72 -0.10
N THR A 632 34.30 23.98 0.38
CA THR A 632 33.95 23.58 1.74
C THR A 632 33.98 22.06 1.89
N TRP A 633 33.49 21.33 0.88
CA TRP A 633 33.53 19.87 0.95
C TRP A 633 34.96 19.37 0.95
N ARG A 634 35.83 19.97 0.14
CA ARG A 634 37.24 19.58 0.15
C ARG A 634 37.88 19.86 1.51
N VAL A 635 37.54 21.01 2.11
CA VAL A 635 38.05 21.33 3.43
C VAL A 635 37.60 20.29 4.45
N TYR A 636 36.33 19.90 4.37
CA TYR A 636 35.80 18.81 5.19
C TYR A 636 36.25 17.44 4.71
N SER A 637 37.08 17.38 3.66
CA SER A 637 37.67 16.13 3.20
C SER A 637 39.17 16.07 3.39
N THR A 638 39.84 17.22 3.52
CA THR A 638 41.27 17.25 3.72
C THR A 638 41.62 16.72 5.12
N GLY A 639 42.91 16.47 5.32
CA GLY A 639 43.38 15.91 6.56
C GLY A 639 43.46 16.89 7.71
N SER A 640 44.47 16.72 8.56
CA SER A 640 44.77 17.52 9.75
C SER A 640 43.78 17.28 10.88
N ASN A 641 42.66 16.61 10.63
CA ASN A 641 41.75 16.24 11.71
C ASN A 641 41.18 14.84 11.52
N VAL A 642 41.75 14.01 10.65
CA VAL A 642 41.20 12.68 10.40
C VAL A 642 41.37 11.83 11.65
N PHE A 643 40.44 10.89 11.83
CA PHE A 643 40.43 10.04 13.01
C PHE A 643 39.71 8.75 12.62
N GLN A 644 40.48 7.69 12.36
CA GLN A 644 39.89 6.42 11.98
C GLN A 644 39.19 5.79 13.17
N THR A 645 37.96 5.34 12.95
CA THR A 645 37.15 4.68 13.97
C THR A 645 36.81 3.27 13.50
N ARG A 646 36.07 2.55 14.34
CA ARG A 646 35.62 1.20 14.00
C ARG A 646 34.43 1.20 13.05
N ALA A 647 33.85 2.37 12.77
CA ALA A 647 32.73 2.50 11.85
C ALA A 647 33.00 3.53 10.78
N GLY A 648 34.18 3.47 10.18
CA GLY A 648 34.58 4.44 9.18
C GLY A 648 35.30 5.63 9.80
N CYS A 649 36.06 6.33 8.97
CA CYS A 649 36.88 7.42 9.48
C CYS A 649 36.06 8.70 9.60
N LEU A 650 36.47 9.55 10.54
CA LEU A 650 35.77 10.78 10.88
C LEU A 650 36.64 11.98 10.55
N ILE A 651 36.05 12.98 9.90
CA ILE A 651 36.76 14.19 9.49
C ILE A 651 36.08 15.39 10.10
N GLY A 652 36.85 16.26 10.73
CA GLY A 652 36.33 17.49 11.32
C GLY A 652 36.28 17.52 12.83
N ALA A 653 36.70 16.44 13.50
CA ALA A 653 36.68 16.38 14.96
C ALA A 653 38.07 16.04 15.47
N GLU A 654 38.32 16.41 16.71
CA GLU A 654 39.61 16.21 17.36
C GLU A 654 39.51 15.10 18.40
N HIS A 655 40.42 14.14 18.31
CA HIS A 655 40.44 13.04 19.28
C HIS A 655 40.86 13.56 20.65
N VAL A 656 40.21 13.03 21.69
CA VAL A 656 40.48 13.41 23.07
C VAL A 656 40.68 12.15 23.90
N ASN A 657 41.74 12.12 24.70
CA ASN A 657 42.06 10.93 25.48
C ASN A 657 41.04 10.69 26.58
N ASN A 658 40.56 11.75 27.22
CA ASN A 658 39.67 11.59 28.37
C ASN A 658 38.34 10.99 27.94
N SER A 659 37.62 10.43 28.91
CA SER A 659 36.36 9.74 28.68
C SER A 659 35.29 10.32 29.58
N TYR A 660 34.20 10.79 28.98
CA TYR A 660 33.03 11.28 29.69
C TYR A 660 31.79 10.57 29.16
N GLU A 661 30.64 10.92 29.71
CA GLU A 661 29.39 10.33 29.27
C GLU A 661 29.07 10.75 27.84
N CYS A 662 28.31 9.91 27.15
CA CYS A 662 28.01 10.15 25.74
C CYS A 662 27.03 11.29 25.57
N ASP A 663 27.23 12.07 24.51
CA ASP A 663 26.31 13.13 24.11
C ASP A 663 25.66 12.84 22.77
N ILE A 664 26.45 12.59 21.74
CA ILE A 664 25.93 12.22 20.41
C ILE A 664 26.56 10.89 20.01
N PRO A 665 25.78 9.82 19.92
CA PRO A 665 26.37 8.50 19.61
C PRO A 665 26.82 8.36 18.17
N ILE A 666 28.13 8.39 17.94
CA ILE A 666 28.65 8.14 16.61
C ILE A 666 28.48 6.68 16.23
N GLY A 667 28.79 5.78 17.16
CA GLY A 667 28.68 4.35 16.92
C GLY A 667 30.00 3.64 17.21
N ALA A 668 29.87 2.36 17.58
CA ALA A 668 31.03 1.51 17.87
C ALA A 668 31.92 2.11 18.97
N GLY A 669 31.28 2.68 19.99
CA GLY A 669 32.01 3.17 21.14
C GLY A 669 32.63 4.55 20.99
N ILE A 670 32.13 5.37 20.09
CA ILE A 670 32.64 6.72 19.87
C ILE A 670 31.49 7.70 20.04
N CYS A 671 31.75 8.80 20.75
CA CYS A 671 30.77 9.85 20.99
C CYS A 671 31.38 11.21 20.66
N ALA A 672 30.58 12.07 20.05
CA ALA A 672 31.00 13.41 19.67
C ALA A 672 30.24 14.43 20.49
N SER A 673 30.93 15.48 20.94
CA SER A 673 30.32 16.47 21.80
C SER A 673 31.04 17.81 21.62
N TYR A 674 30.38 18.86 22.10
CA TYR A 674 30.87 20.22 22.02
C TYR A 674 31.51 20.60 23.35
N GLN A 675 32.80 20.95 23.32
CA GLN A 675 33.53 21.29 24.52
C GLN A 675 34.41 22.50 24.27
N THR A 676 34.79 23.18 25.35
CA THR A 676 35.65 24.34 25.30
C THR A 676 37.09 23.88 25.46
N GLN A 677 37.76 23.60 24.34
CA GLN A 677 39.16 23.17 24.35
C GLN A 677 40.04 24.41 24.23
N THR A 678 40.26 25.06 25.37
CA THR A 678 41.06 26.28 25.41
C THR A 678 42.54 25.99 25.12
N ALA A 684 38.26 31.01 25.12
CA ALA A 684 37.06 30.18 25.27
C ALA A 684 36.64 29.61 23.93
N SER A 685 37.61 29.12 23.16
CA SER A 685 37.32 28.53 21.86
C SER A 685 36.53 27.24 22.01
N GLN A 686 35.65 26.98 21.04
CA GLN A 686 34.82 25.79 21.01
C GLN A 686 35.20 24.92 19.82
N SER A 687 35.20 23.61 20.03
CA SER A 687 35.53 22.66 18.97
C SER A 687 34.84 21.34 19.24
N ILE A 688 34.48 20.65 18.17
CA ILE A 688 33.84 19.34 18.28
C ILE A 688 34.92 18.30 18.54
N ILE A 689 34.74 17.51 19.59
CA ILE A 689 35.71 16.50 19.98
C ILE A 689 35.04 15.13 19.93
N ALA A 690 35.86 14.11 19.70
CA ALA A 690 35.41 12.72 19.68
C ALA A 690 36.22 11.93 20.70
N TYR A 691 35.53 11.16 21.53
CA TYR A 691 36.18 10.41 22.61
C TYR A 691 35.51 9.06 22.75
N THR A 692 36.21 8.15 23.42
CA THR A 692 35.63 6.85 23.73
C THR A 692 34.58 6.99 24.82
N MET A 693 33.66 6.03 24.88
CA MET A 693 32.58 6.08 25.84
C MET A 693 33.09 5.79 27.25
N SER A 694 32.36 6.30 28.24
CA SER A 694 32.70 6.10 29.64
C SER A 694 31.63 5.19 30.25
N LEU A 695 32.04 3.99 30.67
CA LEU A 695 31.08 3.03 31.22
C LEU A 695 30.63 3.44 32.62
N GLY A 696 31.56 3.86 33.47
CA GLY A 696 31.22 4.23 34.83
C GLY A 696 32.47 4.31 35.67
N ALA A 697 32.26 4.60 36.95
CA ALA A 697 33.34 4.71 37.90
C ALA A 697 33.87 3.34 38.26
N GLU A 698 35.18 3.15 38.14
CA GLU A 698 35.79 1.89 38.52
C GLU A 698 35.75 1.72 40.03
N ASN A 699 35.59 0.46 40.48
CA ASN A 699 35.48 0.19 41.90
C ASN A 699 35.89 -1.25 42.17
N SER A 700 36.21 -1.53 43.43
CA SER A 700 36.49 -2.88 43.89
C SER A 700 35.89 -3.06 45.27
N VAL A 701 35.64 -4.31 45.63
CA VAL A 701 35.03 -4.65 46.91
C VAL A 701 36.09 -5.38 47.74
N ALA A 702 36.33 -4.87 48.96
CA ALA A 702 37.30 -5.49 49.84
C ALA A 702 36.74 -6.79 50.39
N TYR A 703 36.88 -7.87 49.64
CA TYR A 703 36.27 -9.15 49.96
C TYR A 703 37.28 -10.05 50.65
N SER A 704 36.91 -10.55 51.82
CA SER A 704 37.66 -11.57 52.54
C SER A 704 36.77 -12.80 52.70
N ASN A 705 37.23 -13.78 53.46
CA ASN A 705 36.44 -14.96 53.72
C ASN A 705 35.92 -15.05 55.14
N ASN A 706 36.19 -14.03 55.97
CA ASN A 706 35.60 -13.94 57.30
C ASN A 706 35.22 -12.50 57.66
N SER A 707 34.91 -11.68 56.65
CA SER A 707 34.61 -10.27 56.86
C SER A 707 33.25 -9.92 56.29
N ILE A 708 32.49 -9.12 57.03
CA ILE A 708 31.16 -8.69 56.64
C ILE A 708 31.01 -7.20 56.93
N ALA A 709 30.20 -6.53 56.11
CA ALA A 709 29.89 -5.12 56.29
C ALA A 709 28.41 -4.96 56.61
N ILE A 710 28.11 -4.12 57.60
CA ILE A 710 26.74 -3.93 58.07
C ILE A 710 26.40 -2.45 58.13
N PRO A 711 25.29 -2.01 57.56
CA PRO A 711 24.92 -0.60 57.64
C PRO A 711 24.58 -0.18 59.06
N THR A 712 24.80 1.10 59.35
CA THR A 712 24.49 1.66 60.65
C THR A 712 23.45 2.77 60.60
N ASN A 713 22.98 3.15 59.42
CA ASN A 713 22.04 4.23 59.27
C ASN A 713 21.22 3.99 58.01
N PHE A 714 20.14 4.76 57.88
CA PHE A 714 19.22 4.63 56.75
C PHE A 714 18.89 6.00 56.20
N THR A 715 18.51 6.03 54.93
CA THR A 715 18.11 7.24 54.24
C THR A 715 16.85 6.97 53.44
N ILE A 716 15.82 7.78 53.66
CA ILE A 716 14.57 7.68 52.91
C ILE A 716 14.72 8.45 51.61
N SER A 717 14.34 7.83 50.51
CA SER A 717 14.47 8.42 49.18
C SER A 717 13.16 8.30 48.42
N VAL A 718 12.91 9.25 47.54
CA VAL A 718 11.72 9.27 46.71
C VAL A 718 12.13 9.50 45.26
N THR A 719 11.48 8.77 44.35
CA THR A 719 11.77 8.85 42.93
C THR A 719 10.48 9.00 42.15
N THR A 720 10.61 9.42 40.89
CA THR A 720 9.47 9.65 40.01
C THR A 720 9.57 8.75 38.79
N GLU A 721 8.46 8.08 38.46
CA GLU A 721 8.34 7.27 37.26
C GLU A 721 7.16 7.77 36.44
N ILE A 722 7.38 8.02 35.15
CA ILE A 722 6.37 8.58 34.27
C ILE A 722 6.10 7.57 33.16
N LEU A 723 4.82 7.23 32.98
CA LEU A 723 4.41 6.25 31.97
C LEU A 723 3.21 6.80 31.20
N PRO A 724 3.23 6.72 29.87
CA PRO A 724 2.03 7.10 29.10
C PRO A 724 0.89 6.14 29.37
N VAL A 725 -0.33 6.68 29.27
CA VAL A 725 -1.54 5.91 29.52
C VAL A 725 -2.42 5.85 28.28
N SER A 726 -2.55 6.96 27.55
CA SER A 726 -3.40 7.00 26.39
C SER A 726 -2.87 8.03 25.41
N MET A 727 -3.38 7.98 24.18
CA MET A 727 -3.03 8.91 23.12
C MET A 727 -4.28 9.59 22.61
N THR A 728 -4.09 10.57 21.73
CA THR A 728 -5.22 11.34 21.21
C THR A 728 -6.06 10.49 20.28
N LYS A 729 -7.38 10.55 20.47
CA LYS A 729 -8.33 9.85 19.62
C LYS A 729 -8.65 10.70 18.41
N THR A 730 -8.69 10.08 17.24
CA THR A 730 -8.91 10.78 15.98
C THR A 730 -9.92 10.03 15.13
N SER A 731 -10.57 10.76 14.23
CA SER A 731 -11.44 10.18 13.22
C SER A 731 -11.19 10.88 11.90
N VAL A 732 -11.40 10.15 10.80
CA VAL A 732 -11.10 10.62 9.46
C VAL A 732 -12.34 10.48 8.59
N ASP A 733 -12.70 11.56 7.90
CA ASP A 733 -13.78 11.55 6.91
C ASP A 733 -13.13 11.38 5.54
N CYS A 734 -13.18 10.16 5.01
CA CYS A 734 -12.43 9.84 3.80
C CYS A 734 -12.92 10.64 2.60
N THR A 735 -14.25 10.75 2.43
CA THR A 735 -14.77 11.44 1.26
C THR A 735 -14.39 12.92 1.26
N MET A 736 -14.47 13.58 2.43
CA MET A 736 -14.09 14.98 2.52
C MET A 736 -12.60 15.17 2.29
N TYR A 737 -11.78 14.28 2.85
CA TYR A 737 -10.33 14.38 2.67
C TYR A 737 -9.92 14.14 1.23
N ILE A 738 -10.66 13.31 0.50
CA ILE A 738 -10.26 12.95 -0.86
C ILE A 738 -10.84 13.93 -1.86
N CYS A 739 -12.16 13.97 -2.01
CA CYS A 739 -12.72 14.76 -3.10
C CYS A 739 -12.88 16.22 -2.73
N GLY A 740 -13.81 16.51 -1.81
CA GLY A 740 -13.99 17.86 -1.31
C GLY A 740 -15.05 18.64 -2.06
N ASP A 741 -16.26 18.72 -1.51
CA ASP A 741 -17.35 19.52 -2.05
C ASP A 741 -17.48 19.37 -3.57
N SER A 742 -17.26 18.16 -4.07
CA SER A 742 -17.23 17.91 -5.51
C SER A 742 -18.22 16.80 -5.85
N THR A 743 -19.27 17.17 -6.59
CA THR A 743 -20.20 16.17 -7.11
C THR A 743 -19.56 15.34 -8.21
N GLU A 744 -18.66 15.94 -8.99
CA GLU A 744 -17.94 15.18 -10.00
C GLU A 744 -17.12 14.07 -9.37
N CYS A 745 -16.43 14.36 -8.28
CA CYS A 745 -15.81 13.34 -7.46
C CYS A 745 -16.86 12.78 -6.50
N SER A 746 -16.44 11.90 -5.59
CA SER A 746 -17.34 11.27 -4.62
C SER A 746 -18.40 10.43 -5.32
N ASN A 747 -18.32 10.35 -6.64
CA ASN A 747 -19.10 9.40 -7.43
C ASN A 747 -18.25 8.21 -7.86
N LEU A 748 -16.94 8.38 -7.95
CA LEU A 748 -16.01 7.30 -8.19
C LEU A 748 -15.46 6.69 -6.92
N LEU A 749 -15.87 7.22 -5.75
CA LEU A 749 -15.48 6.66 -4.47
C LEU A 749 -16.44 5.58 -3.97
N LEU A 750 -17.49 5.27 -4.76
CA LEU A 750 -18.38 4.18 -4.39
C LEU A 750 -17.68 2.84 -4.41
N GLN A 751 -16.60 2.72 -5.19
CA GLN A 751 -15.82 1.48 -5.22
C GLN A 751 -14.94 1.33 -3.98
N TYR A 752 -14.44 2.44 -3.45
CA TYR A 752 -13.52 2.43 -2.31
C TYR A 752 -14.20 2.75 -0.99
N GLY A 753 -15.53 2.90 -1.00
CA GLY A 753 -16.25 3.06 0.26
C GLY A 753 -16.01 1.92 1.24
N SER A 754 -15.76 0.71 0.73
CA SER A 754 -15.43 -0.40 1.62
C SER A 754 -14.12 -0.16 2.36
N PHE A 755 -13.10 0.33 1.64
CA PHE A 755 -11.85 0.70 2.29
C PHE A 755 -12.07 1.81 3.31
N CYS A 756 -12.91 2.80 2.96
CA CYS A 756 -13.21 3.88 3.89
C CYS A 756 -13.84 3.32 5.18
N THR A 757 -14.78 2.39 5.03
CA THR A 757 -15.41 1.77 6.20
C THR A 757 -14.38 1.00 7.03
N GLN A 758 -13.45 0.32 6.37
CA GLN A 758 -12.41 -0.41 7.09
C GLN A 758 -11.56 0.55 7.92
N LEU A 759 -11.14 1.67 7.33
CA LEU A 759 -10.35 2.64 8.07
C LEU A 759 -11.13 3.19 9.26
N ASN A 760 -12.40 3.53 9.06
CA ASN A 760 -13.20 4.07 10.15
C ASN A 760 -13.37 3.06 11.27
N ARG A 761 -13.56 1.78 10.93
CA ARG A 761 -13.68 0.74 11.94
C ARG A 761 -12.39 0.61 12.75
N ALA A 762 -11.24 0.64 12.08
CA ALA A 762 -9.96 0.55 12.79
C ALA A 762 -9.79 1.74 13.74
N LEU A 763 -10.12 2.94 13.27
CA LEU A 763 -9.95 4.12 14.12
C LEU A 763 -10.89 4.07 15.32
N THR A 764 -12.13 3.63 15.13
CA THR A 764 -13.05 3.51 16.26
C THR A 764 -12.54 2.47 17.27
N GLY A 765 -12.00 1.36 16.78
CA GLY A 765 -11.40 0.39 17.70
C GLY A 765 -10.28 0.99 18.51
N ILE A 766 -9.42 1.77 17.86
CA ILE A 766 -8.33 2.42 18.58
C ILE A 766 -8.88 3.36 19.65
N ALA A 767 -9.91 4.13 19.32
CA ALA A 767 -10.45 5.08 20.29
C ALA A 767 -11.06 4.37 21.50
N VAL A 768 -11.83 3.31 21.26
CA VAL A 768 -12.42 2.61 22.40
C VAL A 768 -11.33 1.93 23.23
N GLU A 769 -10.26 1.46 22.59
CA GLU A 769 -9.14 0.92 23.35
C GLU A 769 -8.50 1.98 24.24
N GLN A 770 -8.37 3.21 23.71
CA GLN A 770 -7.81 4.29 24.53
C GLN A 770 -8.68 4.58 25.74
N ASP A 771 -10.00 4.62 25.53
CA ASP A 771 -10.90 4.85 26.65
C ASP A 771 -10.80 3.73 27.68
N LYS A 772 -10.69 2.48 27.20
CA LYS A 772 -10.54 1.35 28.11
C LYS A 772 -9.25 1.45 28.92
N ASN A 773 -8.15 1.85 28.28
CA ASN A 773 -6.88 2.02 29.00
C ASN A 773 -7.01 3.08 30.08
N THR A 774 -7.60 4.23 29.73
CA THR A 774 -7.74 5.31 30.71
C THR A 774 -8.59 4.86 31.89
N GLN A 775 -9.69 4.14 31.62
CA GLN A 775 -10.51 3.63 32.71
C GLN A 775 -9.74 2.63 33.56
N GLU A 776 -9.02 1.71 32.92
CA GLU A 776 -8.39 0.61 33.65
C GLU A 776 -7.27 1.10 34.56
N VAL A 777 -6.50 2.10 34.12
CA VAL A 777 -5.34 2.51 34.89
C VAL A 777 -5.75 3.11 36.24
N PHE A 778 -6.70 4.03 36.22
CA PHE A 778 -6.99 4.85 37.40
C PHE A 778 -8.20 4.39 38.20
N ALA A 779 -9.11 3.61 37.62
CA ALA A 779 -10.34 3.21 38.29
C ALA A 779 -10.23 1.82 38.91
N GLN A 780 -9.06 1.48 39.45
CA GLN A 780 -8.87 0.16 40.06
C GLN A 780 -9.82 -0.05 41.23
N VAL A 781 -9.92 0.93 42.12
CA VAL A 781 -10.80 0.84 43.28
C VAL A 781 -12.04 1.67 43.01
N LYS A 782 -13.18 1.20 43.52
CA LYS A 782 -14.48 1.82 43.24
C LYS A 782 -14.93 2.76 44.34
N GLN A 783 -14.92 2.30 45.59
CA GLN A 783 -15.33 3.16 46.70
C GLN A 783 -14.41 4.38 46.78
N ILE A 784 -15.02 5.55 46.86
CA ILE A 784 -14.29 6.82 46.88
C ILE A 784 -14.22 7.30 48.32
N TYR A 785 -13.00 7.52 48.81
CA TYR A 785 -12.75 7.87 50.20
C TYR A 785 -12.40 9.34 50.30
N LYS A 786 -13.11 10.05 51.17
CA LYS A 786 -12.85 11.47 51.41
C LYS A 786 -11.62 11.63 52.28
N THR A 787 -10.82 12.65 51.97
CA THR A 787 -9.60 12.90 52.73
C THR A 787 -9.95 13.27 54.16
N PRO A 788 -9.16 12.83 55.14
CA PRO A 788 -9.45 13.17 56.54
C PRO A 788 -9.21 14.64 56.81
N GLN A 789 -9.88 15.14 57.84
CA GLN A 789 -9.72 16.54 58.22
C GLN A 789 -8.47 16.75 59.06
N ILE A 790 -8.40 16.10 60.22
CA ILE A 790 -7.23 16.20 61.08
C ILE A 790 -6.11 15.33 60.51
N LYS A 791 -4.91 15.90 60.40
CA LYS A 791 -3.79 15.16 59.82
C LYS A 791 -3.15 14.24 60.86
N ASP A 792 -2.57 14.85 61.90
CA ASP A 792 -1.98 14.15 63.06
C ASP A 792 -1.32 12.82 62.69
N PHE A 793 -0.52 12.86 61.63
CA PHE A 793 0.11 11.66 61.09
C PHE A 793 1.46 11.34 61.74
N GLY A 794 1.69 11.85 62.95
CA GLY A 794 2.94 11.58 63.64
C GLY A 794 4.11 12.42 63.20
N GLY A 795 3.91 13.36 62.27
CA GLY A 795 4.99 14.21 61.82
C GLY A 795 5.02 14.37 60.31
N PHE A 796 4.59 13.34 59.58
CA PHE A 796 4.58 13.41 58.13
C PHE A 796 3.64 14.52 57.66
N ASN A 797 4.11 15.33 56.72
CA ASN A 797 3.34 16.45 56.18
C ASN A 797 2.99 16.13 54.73
N PHE A 798 1.73 15.79 54.50
CA PHE A 798 1.24 15.43 53.17
C PHE A 798 0.58 16.59 52.45
N SER A 799 1.03 17.82 52.72
CA SER A 799 0.37 18.99 52.16
C SER A 799 0.51 19.04 50.64
N GLN A 800 1.68 18.66 50.12
CA GLN A 800 1.93 18.82 48.69
C GLN A 800 1.07 17.89 47.85
N ILE A 801 0.89 16.64 48.28
CA ILE A 801 0.22 15.66 47.43
C ILE A 801 -1.29 15.60 47.69
N LEU A 802 -1.75 15.97 48.88
CA LEU A 802 -3.17 15.99 49.14
C LEU A 802 -3.83 17.14 48.37
N PRO A 803 -5.06 16.96 47.91
CA PRO A 803 -5.71 18.01 47.12
C PRO A 803 -5.95 19.28 47.93
N ASP A 804 -5.84 20.41 47.25
CA ASP A 804 -6.08 21.71 47.87
C ASP A 804 -7.43 22.25 47.39
N PRO A 805 -8.42 22.37 48.27
CA PRO A 805 -9.75 22.82 47.85
C PRO A 805 -9.88 24.31 47.58
N SER A 806 -8.76 25.05 47.52
CA SER A 806 -8.79 26.48 47.26
C SER A 806 -8.45 26.81 45.82
N LYS A 807 -8.81 25.95 44.88
CA LYS A 807 -8.49 26.13 43.48
C LYS A 807 -9.49 25.32 42.65
N PRO A 808 -9.67 25.67 41.38
CA PRO A 808 -10.55 24.87 40.52
C PRO A 808 -9.99 23.47 40.30
N SER A 809 -10.89 22.52 40.11
CA SER A 809 -10.63 21.11 39.83
C SER A 809 -10.06 20.36 41.04
N LYS A 810 -9.77 21.04 42.14
CA LYS A 810 -9.30 20.42 43.37
C LYS A 810 -8.09 19.51 43.11
N ARG A 811 -7.14 20.04 42.34
CA ARG A 811 -5.94 19.29 41.99
C ARG A 811 -4.78 19.74 42.85
N SER A 812 -3.81 18.83 43.05
CA SER A 812 -2.73 19.04 43.98
C SER A 812 -1.67 19.98 43.40
N PHE A 813 -0.74 20.38 44.28
CA PHE A 813 0.36 21.26 43.86
C PHE A 813 1.24 20.59 42.82
N ILE A 814 1.66 19.35 43.10
CA ILE A 814 2.49 18.61 42.14
C ILE A 814 1.72 18.40 40.85
N GLU A 815 0.42 18.10 40.95
CA GLU A 815 -0.39 17.95 39.76
C GLU A 815 -0.45 19.26 38.96
N ASP A 816 -0.54 20.39 39.65
CA ASP A 816 -0.51 21.68 38.98
C ASP A 816 0.79 21.87 38.22
N LEU A 817 1.92 21.58 38.87
CA LEU A 817 3.20 21.75 38.20
C LEU A 817 3.31 20.83 36.99
N LEU A 818 2.89 19.57 37.13
CA LEU A 818 2.95 18.63 36.01
C LEU A 818 2.08 19.08 34.86
N PHE A 819 0.86 19.56 35.17
CA PHE A 819 -0.03 20.03 34.12
C PHE A 819 0.54 21.25 33.40
N ASN A 820 1.24 22.12 34.14
CA ASN A 820 1.85 23.27 33.51
C ASN A 820 3.08 22.90 32.69
N LYS A 821 3.76 21.81 33.06
CA LYS A 821 4.98 21.43 32.34
C LYS A 821 4.68 20.99 30.91
N VAL A 822 3.59 20.23 30.70
CA VAL A 822 3.26 19.68 29.40
C VAL A 822 2.44 20.71 28.63
N THR A 823 2.96 21.16 27.49
CA THR A 823 2.27 22.12 26.64
C THR A 823 1.40 21.35 25.65
N LEU A 824 0.16 21.13 26.04
CA LEU A 824 -0.79 20.40 25.20
C LEU A 824 -1.11 21.19 23.94
N ILE A 830 -11.33 23.85 21.92
CA ILE A 830 -12.61 23.97 21.24
C ILE A 830 -12.52 25.01 20.13
N LYS A 831 -13.15 24.71 18.99
CA LYS A 831 -13.13 25.58 17.83
C LYS A 831 -14.56 25.75 17.31
N GLN A 832 -14.71 26.64 16.34
CA GLN A 832 -16.01 26.93 15.75
C GLN A 832 -15.81 27.42 14.32
N TYR A 833 -16.91 27.41 13.56
CA TYR A 833 -16.85 27.85 12.17
C TYR A 833 -16.49 29.32 12.07
N GLY A 834 -17.07 30.15 12.94
CA GLY A 834 -16.74 31.57 12.90
C GLY A 834 -15.28 31.84 13.22
N ASP A 835 -14.72 31.11 14.17
CA ASP A 835 -13.32 31.30 14.54
C ASP A 835 -12.40 30.96 13.37
N CYS A 836 -12.65 29.84 12.69
CA CYS A 836 -11.80 29.47 11.56
C CYS A 836 -12.02 30.38 10.36
N LEU A 837 -13.24 30.86 10.16
CA LEU A 837 -13.51 31.76 9.03
C LEU A 837 -12.84 33.11 9.24
N GLY A 838 -13.01 33.70 10.42
CA GLY A 838 -12.44 35.02 10.67
C GLY A 838 -10.92 35.00 10.75
N ASP A 839 -10.36 33.98 11.39
CA ASP A 839 -8.92 33.89 11.60
C ASP A 839 -8.31 33.37 10.31
N ILE A 840 -7.72 34.28 9.52
CA ILE A 840 -7.07 33.93 8.27
C ILE A 840 -5.59 34.30 8.29
N ALA A 841 -5.24 35.45 8.88
CA ALA A 841 -3.86 35.91 8.87
C ALA A 841 -2.94 34.93 9.58
N ALA A 842 -3.35 34.41 10.73
CA ALA A 842 -2.56 33.44 11.47
C ALA A 842 -2.93 32.05 10.97
N ARG A 843 -2.07 31.47 10.13
CA ARG A 843 -2.38 30.19 9.52
C ARG A 843 -2.27 29.05 10.55
N ASP A 844 -3.23 29.00 11.48
CA ASP A 844 -3.24 27.93 12.46
C ASP A 844 -3.51 26.59 11.79
N LEU A 845 -2.79 25.56 12.22
CA LEU A 845 -2.90 24.25 11.58
C LEU A 845 -4.19 23.53 11.94
N ILE A 846 -4.80 23.86 13.08
CA ILE A 846 -6.00 23.15 13.52
C ILE A 846 -7.15 23.39 12.54
N CYS A 847 -7.37 24.63 12.15
CA CYS A 847 -8.43 24.93 11.19
C CYS A 847 -8.15 24.28 9.84
N ALA A 848 -6.90 24.34 9.38
CA ALA A 848 -6.56 23.77 8.08
C ALA A 848 -6.77 22.27 8.05
N GLN A 849 -6.43 21.57 9.15
CA GLN A 849 -6.65 20.14 9.19
C GLN A 849 -8.11 19.79 9.45
N LYS A 850 -8.87 20.69 10.09
CA LYS A 850 -10.29 20.44 10.30
C LYS A 850 -11.09 20.65 9.03
N PHE A 851 -10.58 21.46 8.11
CA PHE A 851 -11.26 21.68 6.84
C PHE A 851 -11.13 20.49 5.89
N ASN A 852 -10.33 19.49 6.24
CA ASN A 852 -10.12 18.32 5.39
C ASN A 852 -10.58 17.02 6.05
N GLY A 853 -11.60 17.11 6.90
CA GLY A 853 -12.18 15.91 7.47
C GLY A 853 -11.34 15.21 8.51
N LEU A 854 -10.42 15.90 9.16
CA LEU A 854 -9.59 15.34 10.21
C LEU A 854 -10.03 15.95 11.54
N THR A 855 -10.72 15.16 12.35
CA THR A 855 -11.27 15.63 13.62
C THR A 855 -10.63 14.87 14.78
N VAL A 856 -10.54 15.55 15.92
CA VAL A 856 -9.97 14.97 17.14
C VAL A 856 -11.07 14.93 18.19
N LEU A 857 -11.35 13.74 18.69
CA LEU A 857 -12.40 13.56 19.67
C LEU A 857 -11.88 13.76 21.10
N PRO A 858 -12.72 14.25 22.00
CA PRO A 858 -12.28 14.43 23.39
C PRO A 858 -12.30 13.13 24.15
N PRO A 859 -11.48 12.98 25.18
CA PRO A 859 -11.53 11.76 25.99
C PRO A 859 -12.82 11.68 26.80
N LEU A 860 -13.23 10.44 27.08
CA LEU A 860 -14.45 10.23 27.86
C LEU A 860 -14.29 10.76 29.28
N LEU A 861 -13.15 10.50 29.91
CA LEU A 861 -12.88 10.94 31.27
C LEU A 861 -12.05 12.21 31.23
N THR A 862 -12.58 13.29 31.82
CA THR A 862 -11.86 14.55 31.87
C THR A 862 -10.84 14.53 33.00
N ASP A 863 -10.04 15.60 33.07
CA ASP A 863 -8.96 15.65 34.05
C ASP A 863 -9.48 15.74 35.48
N GLU A 864 -10.65 16.35 35.67
CA GLU A 864 -11.20 16.50 37.02
C GLU A 864 -11.49 15.16 37.65
N MET A 865 -12.07 14.22 36.89
CA MET A 865 -12.36 12.91 37.46
C MET A 865 -11.09 12.10 37.69
N ILE A 866 -10.07 12.28 36.86
CA ILE A 866 -8.79 11.63 37.12
C ILE A 866 -8.20 12.15 38.43
N ALA A 867 -8.29 13.46 38.66
CA ALA A 867 -7.83 14.04 39.91
C ALA A 867 -8.64 13.51 41.09
N GLN A 868 -9.95 13.36 40.91
CA GLN A 868 -10.79 12.81 41.97
C GLN A 868 -10.38 11.39 42.32
N TYR A 869 -10.15 10.56 41.31
CA TYR A 869 -9.72 9.19 41.54
C TYR A 869 -8.37 9.14 42.25
N THR A 870 -7.43 10.00 41.82
CA THR A 870 -6.13 10.04 42.47
C THR A 870 -6.25 10.45 43.93
N SER A 871 -7.08 11.45 44.21
CA SER A 871 -7.29 11.88 45.60
C SER A 871 -7.90 10.77 46.42
N ALA A 872 -8.87 10.05 45.86
CA ALA A 872 -9.48 8.93 46.58
C ALA A 872 -8.46 7.84 46.89
N LEU A 873 -7.63 7.50 45.92
CA LEU A 873 -6.60 6.49 46.15
C LEU A 873 -5.62 6.94 47.22
N LEU A 874 -5.20 8.20 47.18
CA LEU A 874 -4.25 8.71 48.17
C LEU A 874 -4.86 8.68 49.57
N ALA A 875 -6.11 9.14 49.69
CA ALA A 875 -6.77 9.14 51.00
C ALA A 875 -6.92 7.73 51.53
N GLY A 876 -7.31 6.79 50.67
CA GLY A 876 -7.45 5.42 51.12
C GLY A 876 -6.14 4.82 51.58
N THR A 877 -5.08 5.00 50.78
CA THR A 877 -3.79 4.41 51.12
C THR A 877 -3.12 5.11 52.30
N ILE A 878 -3.56 6.32 52.64
CA ILE A 878 -3.01 6.99 53.81
C ILE A 878 -3.77 6.64 55.08
N THR A 879 -5.11 6.62 55.02
CA THR A 879 -5.92 6.38 56.21
C THR A 879 -6.21 4.91 56.47
N SER A 880 -5.87 4.01 55.55
CA SER A 880 -6.21 2.61 55.74
C SER A 880 -5.10 1.65 55.33
N GLY A 881 -3.92 2.16 54.97
CA GLY A 881 -2.86 1.26 54.54
C GLY A 881 -3.25 0.54 53.26
N TRP A 882 -2.78 -0.70 53.12
CA TRP A 882 -3.08 -1.51 51.95
C TRP A 882 -4.28 -2.44 52.16
N THR A 883 -4.94 -2.36 53.33
CA THR A 883 -6.07 -3.23 53.58
C THR A 883 -7.29 -2.83 52.76
N PHE A 884 -7.36 -1.58 52.32
CA PHE A 884 -8.49 -1.15 51.51
C PHE A 884 -8.46 -1.71 50.11
N GLY A 885 -7.32 -2.25 49.67
CA GLY A 885 -7.28 -2.91 48.37
C GLY A 885 -8.12 -4.18 48.34
N ALA A 886 -8.17 -4.91 49.46
CA ALA A 886 -8.93 -6.14 49.57
C ALA A 886 -10.03 -5.95 50.60
N GLY A 887 -11.27 -5.85 50.13
CA GLY A 887 -12.39 -5.67 51.03
C GLY A 887 -12.56 -4.22 51.47
N ALA A 888 -13.28 -4.06 52.57
CA ALA A 888 -13.54 -2.72 53.10
C ALA A 888 -12.33 -2.18 53.83
N ALA A 889 -12.22 -0.85 53.85
CA ALA A 889 -11.08 -0.19 54.48
C ALA A 889 -11.17 -0.28 56.00
N LEU A 890 -10.00 -0.38 56.62
CA LEU A 890 -9.88 -0.43 58.08
C LEU A 890 -8.89 0.64 58.51
N GLN A 891 -9.34 1.53 59.40
CA GLN A 891 -8.48 2.63 59.83
C GLN A 891 -7.32 2.11 60.68
N ILE A 892 -6.13 2.64 60.42
CA ILE A 892 -4.91 2.27 61.13
C ILE A 892 -4.09 3.53 61.36
N PRO A 893 -3.53 3.75 62.55
CA PRO A 893 -2.62 4.88 62.74
C PRO A 893 -1.41 4.75 61.83
N PHE A 894 -0.93 5.89 61.33
CA PHE A 894 0.13 5.87 60.32
C PHE A 894 1.44 5.32 60.86
N ALA A 895 1.74 5.56 62.14
CA ALA A 895 2.96 5.01 62.71
C ALA A 895 2.94 3.49 62.70
N MET A 896 1.79 2.89 63.01
CA MET A 896 1.67 1.44 62.94
C MET A 896 1.83 0.95 61.52
N GLN A 897 1.32 1.70 60.55
CA GLN A 897 1.48 1.31 59.15
C GLN A 897 2.95 1.34 58.74
N MET A 898 3.68 2.38 59.15
CA MET A 898 5.10 2.44 58.82
C MET A 898 5.87 1.33 59.52
N ALA A 899 5.48 0.98 60.74
CA ALA A 899 6.08 -0.17 61.40
C ALA A 899 5.82 -1.46 60.64
N TYR A 900 4.60 -1.60 60.09
CA TYR A 900 4.29 -2.77 59.27
C TYR A 900 5.19 -2.82 58.05
N ARG A 901 5.39 -1.68 57.37
CA ARG A 901 6.27 -1.66 56.21
C ARG A 901 7.70 -2.03 56.59
N PHE A 902 8.19 -1.47 57.71
CA PHE A 902 9.55 -1.77 58.14
C PHE A 902 9.71 -3.24 58.46
N ASN A 903 8.72 -3.84 59.13
CA ASN A 903 8.74 -5.28 59.35
C ASN A 903 8.71 -6.03 58.03
N GLY A 904 8.03 -5.49 57.03
CA GLY A 904 7.99 -6.12 55.72
C GLY A 904 9.33 -6.13 55.02
N ILE A 905 10.12 -5.08 55.18
CA ILE A 905 11.41 -5.02 54.48
C ILE A 905 12.51 -5.63 55.32
N GLY A 906 12.13 -6.40 56.35
CA GLY A 906 13.11 -7.17 57.09
C GLY A 906 13.81 -6.44 58.21
N VAL A 907 13.28 -5.30 58.64
CA VAL A 907 13.85 -4.54 59.75
C VAL A 907 12.85 -4.53 60.89
N THR A 908 13.34 -4.78 62.10
CA THR A 908 12.46 -4.86 63.27
C THR A 908 11.75 -3.54 63.48
N GLN A 909 10.48 -3.62 63.91
CA GLN A 909 9.61 -2.45 63.97
C GLN A 909 10.08 -1.41 64.97
N ASN A 910 10.87 -1.81 65.98
CA ASN A 910 11.24 -0.88 67.03
C ASN A 910 12.13 0.24 66.51
N VAL A 911 12.94 -0.03 65.48
CA VAL A 911 13.87 0.97 64.98
C VAL A 911 13.12 2.16 64.39
N LEU A 912 11.90 1.95 63.89
CA LEU A 912 11.10 3.06 63.41
C LEU A 912 10.68 3.96 64.57
N TYR A 913 10.25 3.36 65.67
CA TYR A 913 9.84 4.16 66.82
C TYR A 913 11.02 4.83 67.51
N GLU A 914 12.22 4.26 67.36
CA GLU A 914 13.39 4.89 67.97
C GLU A 914 13.79 6.17 67.25
N ASN A 915 13.51 6.29 65.96
CA ASN A 915 14.00 7.39 65.12
C ASN A 915 12.89 7.97 64.27
N GLN A 916 11.72 8.21 64.89
CA GLN A 916 10.57 8.67 64.11
C GLN A 916 10.75 10.09 63.59
N LYS A 917 11.29 10.98 64.42
CA LYS A 917 11.46 12.37 64.01
C LYS A 917 12.40 12.49 62.82
N LEU A 918 13.50 11.73 62.84
CA LEU A 918 14.43 11.75 61.72
C LEU A 918 13.76 11.27 60.44
N ILE A 919 12.95 10.22 60.54
CA ILE A 919 12.27 9.69 59.36
C ILE A 919 11.30 10.73 58.80
N ALA A 920 10.54 11.38 59.68
CA ALA A 920 9.61 12.41 59.21
C ALA A 920 10.35 13.56 58.54
N ASN A 921 11.45 14.01 59.14
CA ASN A 921 12.23 15.10 58.56
C ASN A 921 12.79 14.71 57.20
N GLN A 922 13.32 13.49 57.09
CA GLN A 922 13.87 13.03 55.82
C GLN A 922 12.79 12.96 54.74
N PHE A 923 11.62 12.45 55.09
CA PHE A 923 10.53 12.35 54.13
C PHE A 923 10.11 13.74 53.64
N ASN A 924 9.94 14.68 54.58
CA ASN A 924 9.54 16.03 54.19
C ASN A 924 10.60 16.69 53.32
N SER A 925 11.87 16.53 53.68
CA SER A 925 12.95 17.12 52.88
C SER A 925 12.99 16.54 51.49
N ALA A 926 12.80 15.22 51.37
CA ALA A 926 12.81 14.59 50.06
C ALA A 926 11.64 15.06 49.20
N ILE A 927 10.46 15.21 49.80
CA ILE A 927 9.31 15.69 49.04
C ILE A 927 9.56 17.10 48.55
N GLY A 928 10.07 17.96 49.43
CA GLY A 928 10.40 19.32 49.00
C GLY A 928 11.46 19.35 47.91
N LYS A 929 12.45 18.47 48.01
CA LYS A 929 13.52 18.42 47.01
C LYS A 929 12.96 18.02 45.64
N ILE A 930 12.09 17.02 45.59
CA ILE A 930 11.55 16.62 44.29
C ILE A 930 10.60 17.68 43.76
N GLN A 931 9.89 18.39 44.64
CA GLN A 931 9.06 19.50 44.17
C GLN A 931 9.91 20.59 43.54
N ASP A 932 11.02 20.93 44.17
CA ASP A 932 11.93 21.94 43.61
C ASP A 932 12.54 21.46 42.30
N SER A 933 12.89 20.16 42.22
CA SER A 933 13.45 19.63 40.98
C SER A 933 12.44 19.69 39.84
N LEU A 934 11.18 19.36 40.12
CA LEU A 934 10.14 19.49 39.11
C LEU A 934 9.95 20.94 38.69
N SER A 935 9.99 21.87 39.66
CA SER A 935 9.83 23.28 39.32
C SER A 935 10.98 23.79 38.47
N SER A 936 12.20 23.28 38.70
CA SER A 936 13.38 23.77 37.99
C SER A 936 13.63 23.03 36.69
N THR A 937 13.81 21.72 36.77
CA THR A 937 14.17 20.92 35.58
C THR A 937 12.93 20.75 34.70
N ALA A 938 12.93 21.44 33.55
CA ALA A 938 11.80 21.36 32.65
C ALA A 938 11.79 20.06 31.85
N SER A 939 12.97 19.57 31.46
CA SER A 939 13.09 18.38 30.61
C SER A 939 12.99 17.12 31.47
N ALA A 940 11.82 16.94 32.06
CA ALA A 940 11.52 15.76 32.87
C ALA A 940 10.38 14.94 32.32
N LEU A 941 9.34 15.57 31.79
CA LEU A 941 8.19 14.87 31.21
C LEU A 941 8.38 14.71 29.70
N GLY A 942 9.46 14.01 29.34
CA GLY A 942 9.78 13.84 27.93
C GLY A 942 8.79 12.95 27.20
N LYS A 943 8.29 11.91 27.86
CA LYS A 943 7.52 10.89 27.16
C LYS A 943 6.16 11.43 26.70
N LEU A 944 5.45 12.13 27.58
CA LEU A 944 4.14 12.65 27.22
C LEU A 944 4.23 13.69 26.10
N GLN A 945 5.21 14.59 26.21
CA GLN A 945 5.43 15.57 25.15
C GLN A 945 5.81 14.87 23.85
N ASP A 946 6.61 13.83 23.92
CA ASP A 946 6.96 13.07 22.72
C ASP A 946 5.73 12.46 22.08
N VAL A 947 4.83 11.92 22.89
CA VAL A 947 3.62 11.30 22.36
C VAL A 947 2.75 12.33 21.65
N VAL A 948 2.51 13.48 22.30
CA VAL A 948 1.63 14.48 21.70
C VAL A 948 2.28 15.07 20.46
N ASN A 949 3.60 15.28 20.48
CA ASN A 949 4.29 15.78 19.30
C ASN A 949 4.24 14.78 18.16
N GLN A 950 4.35 13.48 18.47
CA GLN A 950 4.26 12.46 17.43
C GLN A 950 2.89 12.48 16.77
N ASN A 951 1.82 12.57 17.57
CA ASN A 951 0.49 12.60 17.00
C ASN A 951 0.28 13.86 16.14
N ALA A 952 0.73 15.00 16.65
CA ALA A 952 0.60 16.24 15.88
C ALA A 952 1.37 16.17 14.58
N GLN A 953 2.59 15.61 14.62
CA GLN A 953 3.40 15.49 13.40
C GLN A 953 2.74 14.55 12.40
N ALA A 954 2.16 13.45 12.87
CA ALA A 954 1.46 12.54 11.97
C ALA A 954 0.30 13.24 11.28
N LEU A 955 -0.50 13.99 12.05
CA LEU A 955 -1.62 14.71 11.44
C LEU A 955 -1.13 15.77 10.45
N ASN A 956 -0.07 16.49 10.81
CA ASN A 956 0.44 17.55 9.94
C ASN A 956 0.98 16.99 8.64
N THR A 957 1.70 15.86 8.70
CA THR A 957 2.21 15.27 7.46
C THR A 957 1.09 14.66 6.64
N LEU A 958 0.04 14.14 7.28
CA LEU A 958 -1.12 13.68 6.53
C LEU A 958 -1.78 14.83 5.77
N VAL A 959 -1.85 16.00 6.40
CA VAL A 959 -2.38 17.17 5.70
C VAL A 959 -1.45 17.56 4.56
N LYS A 960 -0.13 17.58 4.81
CA LYS A 960 0.83 18.00 3.80
C LYS A 960 0.87 17.08 2.59
N GLN A 961 0.48 15.81 2.75
CA GLN A 961 0.53 14.89 1.62
C GLN A 961 -0.36 15.31 0.45
N LEU A 962 -1.33 16.19 0.69
CA LEU A 962 -2.28 16.59 -0.35
C LEU A 962 -1.64 17.39 -1.47
N SER A 963 -0.41 17.87 -1.30
CA SER A 963 0.21 18.77 -2.27
C SER A 963 0.96 18.04 -3.37
N SER A 964 0.89 16.71 -3.42
CA SER A 964 1.62 15.92 -4.40
C SER A 964 0.65 15.29 -5.38
N ASN A 965 0.96 15.38 -6.67
CA ASN A 965 0.18 14.75 -7.72
C ASN A 965 0.81 13.41 -8.06
N PHE A 966 0.05 12.33 -7.89
CA PHE A 966 0.58 10.98 -8.09
C PHE A 966 0.60 10.66 -9.58
N GLY A 967 1.44 11.40 -10.30
CA GLY A 967 1.56 11.23 -11.73
C GLY A 967 0.50 11.93 -12.55
N ALA A 968 -0.42 12.66 -11.92
CA ALA A 968 -1.46 13.38 -12.63
C ALA A 968 -0.89 14.69 -13.20
N ILE A 969 -1.76 15.47 -13.83
CA ILE A 969 -1.32 16.76 -14.38
C ILE A 969 -1.37 17.86 -13.34
N SER A 970 -2.13 17.69 -12.27
CA SER A 970 -2.23 18.69 -11.22
C SER A 970 -2.71 18.02 -9.94
N SER A 971 -2.55 18.73 -8.82
CA SER A 971 -2.90 18.20 -7.51
C SER A 971 -4.21 18.76 -6.98
N VAL A 972 -4.99 19.44 -7.80
CA VAL A 972 -6.28 19.99 -7.41
C VAL A 972 -7.35 19.50 -8.38
N LEU A 973 -8.45 19.00 -7.83
CA LEU A 973 -9.52 18.47 -8.66
C LEU A 973 -10.19 19.56 -9.48
N ASN A 974 -10.29 20.78 -8.94
CA ASN A 974 -10.99 21.84 -9.64
C ASN A 974 -10.29 22.19 -10.95
N ASP A 975 -8.96 22.27 -10.94
CA ASP A 975 -8.22 22.60 -12.15
C ASP A 975 -8.39 21.50 -13.21
N ILE A 976 -8.30 20.24 -12.79
CA ILE A 976 -8.46 19.14 -13.73
C ILE A 976 -9.86 19.15 -14.34
N LEU A 977 -10.88 19.35 -13.49
CA LEU A 977 -12.25 19.34 -13.99
C LEU A 977 -12.52 20.53 -14.92
N SER A 978 -11.89 21.67 -14.66
CA SER A 978 -12.06 22.82 -15.53
C SER A 978 -11.35 22.64 -16.87
N ARG A 979 -10.17 22.02 -16.86
CA ARG A 979 -9.35 21.94 -18.06
C ARG A 979 -9.65 20.75 -18.95
N LEU A 980 -10.42 19.76 -18.48
CA LEU A 980 -10.54 18.51 -19.21
C LEU A 980 -11.98 18.03 -19.24
N ASP A 981 -12.30 17.25 -20.27
CA ASP A 981 -13.58 16.60 -20.38
C ASP A 981 -13.68 15.46 -19.37
N PRO A 982 -14.90 15.09 -18.97
CA PRO A 982 -15.08 14.03 -17.96
C PRO A 982 -14.36 12.74 -18.32
N PRO A 983 -14.63 12.14 -19.49
CA PRO A 983 -14.12 10.77 -19.71
C PRO A 983 -12.62 10.65 -19.66
N GLU A 984 -11.89 11.67 -20.07
CA GLU A 984 -10.43 11.61 -20.02
C GLU A 984 -9.88 12.06 -18.67
N ALA A 985 -10.56 13.00 -18.01
CA ALA A 985 -10.12 13.45 -16.69
C ALA A 985 -10.36 12.40 -15.61
N GLU A 986 -11.24 11.43 -15.88
CA GLU A 986 -11.46 10.36 -14.91
C GLU A 986 -10.18 9.59 -14.60
N VAL A 987 -9.25 9.54 -15.56
CA VAL A 987 -7.98 8.85 -15.32
C VAL A 987 -7.19 9.55 -14.22
N GLN A 988 -7.04 10.87 -14.34
CA GLN A 988 -6.31 11.63 -13.31
C GLN A 988 -7.05 11.58 -11.98
N ILE A 989 -8.39 11.63 -12.02
CA ILE A 989 -9.15 11.53 -10.78
C ILE A 989 -8.89 10.20 -10.10
N ASP A 990 -8.85 9.11 -10.88
CA ASP A 990 -8.58 7.79 -10.31
C ASP A 990 -7.17 7.71 -9.73
N ARG A 991 -6.20 8.29 -10.42
CA ARG A 991 -4.84 8.29 -9.90
C ARG A 991 -4.75 9.01 -8.56
N LEU A 992 -5.38 10.19 -8.46
CA LEU A 992 -5.38 10.92 -7.20
C LEU A 992 -6.10 10.14 -6.11
N ILE A 993 -7.22 9.49 -6.46
CA ILE A 993 -7.96 8.71 -5.49
C ILE A 993 -7.09 7.59 -4.93
N THR A 994 -6.41 6.87 -5.81
CA THR A 994 -5.54 5.78 -5.37
C THR A 994 -4.43 6.29 -4.45
N GLY A 995 -3.79 7.40 -4.84
CA GLY A 995 -2.72 7.93 -4.01
C GLY A 995 -3.19 8.33 -2.62
N ARG A 996 -4.32 9.05 -2.56
CA ARG A 996 -4.80 9.51 -1.26
C ARG A 996 -5.30 8.35 -0.40
N LEU A 997 -5.91 7.33 -1.02
CA LEU A 997 -6.27 6.13 -0.25
C LEU A 997 -5.03 5.46 0.33
N GLN A 998 -3.95 5.39 -0.46
CA GLN A 998 -2.71 4.80 0.06
C GLN A 998 -2.18 5.60 1.25
N SER A 999 -2.21 6.93 1.14
CA SER A 999 -1.75 7.76 2.25
C SER A 999 -2.58 7.51 3.51
N LEU A 1000 -3.90 7.45 3.36
CA LEU A 1000 -4.75 7.20 4.52
C LEU A 1000 -4.47 5.84 5.14
N GLN A 1001 -4.27 4.82 4.30
CA GLN A 1001 -3.98 3.48 4.82
C GLN A 1001 -2.68 3.46 5.59
N THR A 1002 -1.64 4.14 5.06
CA THR A 1002 -0.37 4.20 5.78
C THR A 1002 -0.53 4.88 7.13
N TYR A 1003 -1.26 5.99 7.16
CA TYR A 1003 -1.47 6.69 8.43
C TYR A 1003 -2.19 5.79 9.43
N VAL A 1004 -3.21 5.07 8.98
CA VAL A 1004 -3.96 4.20 9.87
C VAL A 1004 -3.06 3.09 10.43
N THR A 1005 -2.22 2.51 9.59
CA THR A 1005 -1.34 1.44 10.06
C THR A 1005 -0.36 1.96 11.11
N GLN A 1006 0.24 3.12 10.88
CA GLN A 1006 1.16 3.68 11.88
C GLN A 1006 0.43 3.98 13.18
N GLN A 1007 -0.80 4.47 13.09
CA GLN A 1007 -1.59 4.71 14.29
C GLN A 1007 -1.84 3.41 15.06
N LEU A 1008 -2.12 2.32 14.33
CA LEU A 1008 -2.31 1.03 14.99
C LEU A 1008 -1.06 0.60 15.74
N ILE A 1009 0.11 0.77 15.12
CA ILE A 1009 1.37 0.41 15.79
C ILE A 1009 1.52 1.20 17.08
N ARG A 1010 1.35 2.51 17.00
CA ARG A 1010 1.53 3.35 18.17
C ARG A 1010 0.52 3.01 19.26
N ALA A 1011 -0.71 2.68 18.85
CA ALA A 1011 -1.73 2.29 19.83
C ALA A 1011 -1.35 1.01 20.55
N ALA A 1012 -0.78 0.05 19.81
CA ALA A 1012 -0.33 -1.18 20.47
C ALA A 1012 0.76 -0.89 21.50
N GLU A 1013 1.74 -0.06 21.13
CA GLU A 1013 2.79 0.27 22.09
C GLU A 1013 2.24 0.98 23.31
N ILE A 1014 1.31 1.92 23.11
CA ILE A 1014 0.73 2.64 24.24
C ILE A 1014 -0.08 1.70 25.11
N ARG A 1015 -0.75 0.71 24.50
CA ARG A 1015 -1.49 -0.28 25.30
C ARG A 1015 -0.55 -1.08 26.18
N ALA A 1016 0.61 -1.47 25.63
CA ALA A 1016 1.59 -2.18 26.46
C ALA A 1016 2.04 -1.32 27.64
N SER A 1017 2.33 -0.04 27.38
CA SER A 1017 2.73 0.85 28.46
C SER A 1017 1.63 1.02 29.49
N ALA A 1018 0.38 1.11 29.05
CA ALA A 1018 -0.75 1.26 29.96
C ALA A 1018 -0.92 0.02 30.82
N ASN A 1019 -0.73 -1.17 30.25
CA ASN A 1019 -0.80 -2.39 31.04
C ASN A 1019 0.29 -2.41 32.11
N LEU A 1020 1.50 -2.00 31.74
CA LEU A 1020 2.56 -1.91 32.74
C LEU A 1020 2.20 -0.94 33.86
N ALA A 1021 1.65 0.22 33.49
CA ALA A 1021 1.26 1.19 34.50
C ALA A 1021 0.16 0.64 35.40
N ALA A 1022 -0.79 -0.10 34.83
CA ALA A 1022 -1.88 -0.67 35.61
C ALA A 1022 -1.36 -1.68 36.62
N THR A 1023 -0.46 -2.56 36.20
CA THR A 1023 0.07 -3.54 37.15
C THR A 1023 0.95 -2.87 38.21
N LYS A 1024 1.67 -1.81 37.83
CA LYS A 1024 2.44 -1.06 38.82
C LYS A 1024 1.52 -0.41 39.85
N MET A 1025 0.40 0.15 39.41
CA MET A 1025 -0.57 0.71 40.34
C MET A 1025 -1.15 -0.37 41.25
N SER A 1026 -1.45 -1.54 40.69
CA SER A 1026 -2.02 -2.62 41.49
C SER A 1026 -1.06 -3.08 42.56
N GLU A 1027 0.23 -3.19 42.23
CA GLU A 1027 1.19 -3.77 43.16
C GLU A 1027 1.81 -2.73 44.10
N CYS A 1028 2.50 -1.74 43.54
CA CYS A 1028 3.29 -0.83 44.37
C CYS A 1028 2.41 0.09 45.21
N VAL A 1029 1.25 0.49 44.70
CA VAL A 1029 0.43 1.48 45.40
C VAL A 1029 -0.57 0.83 46.35
N LEU A 1030 -1.27 -0.21 45.88
CA LEU A 1030 -2.26 -0.89 46.71
C LEU A 1030 -1.62 -1.93 47.64
N GLY A 1031 -0.31 -2.11 47.57
CA GLY A 1031 0.36 -3.06 48.43
C GLY A 1031 1.86 -2.79 48.45
N GLN A 1032 2.59 -3.69 49.08
CA GLN A 1032 4.04 -3.61 49.16
C GLN A 1032 4.64 -4.75 48.35
N SER A 1033 5.55 -4.41 47.44
CA SER A 1033 6.11 -5.39 46.51
C SER A 1033 7.51 -5.79 46.97
N LYS A 1034 7.76 -7.10 46.99
CA LYS A 1034 9.07 -7.63 47.34
C LYS A 1034 9.98 -7.80 46.13
N ARG A 1035 9.48 -7.52 44.93
CA ARG A 1035 10.34 -7.56 43.75
C ARG A 1035 11.36 -6.43 43.80
N VAL A 1036 12.58 -6.73 43.41
CA VAL A 1036 13.65 -5.74 43.39
C VAL A 1036 13.50 -4.85 42.18
N ASP A 1037 13.64 -3.54 42.38
CA ASP A 1037 13.68 -2.50 41.35
C ASP A 1037 12.36 -2.30 40.64
N PHE A 1038 11.30 -3.04 41.00
CA PHE A 1038 10.02 -2.85 40.34
C PHE A 1038 9.40 -1.51 40.70
N CYS A 1039 9.49 -1.10 41.96
CA CYS A 1039 8.92 0.15 42.43
C CYS A 1039 10.03 1.09 42.91
N GLY A 1040 11.10 1.19 42.14
CA GLY A 1040 12.18 2.11 42.45
C GLY A 1040 13.36 1.41 43.10
N LYS A 1041 14.53 2.03 42.94
CA LYS A 1041 15.74 1.48 43.54
C LYS A 1041 15.67 1.53 45.06
N GLY A 1042 16.15 0.48 45.69
CA GLY A 1042 16.07 0.36 47.13
C GLY A 1042 14.93 -0.54 47.56
N TYR A 1043 14.70 -0.57 48.87
CA TYR A 1043 13.64 -1.39 49.45
C TYR A 1043 12.35 -0.58 49.51
N HIS A 1044 11.31 -1.08 48.86
CA HIS A 1044 10.08 -0.32 48.69
C HIS A 1044 9.31 -0.20 49.99
N LEU A 1045 8.84 1.01 50.30
CA LEU A 1045 8.05 1.26 51.50
C LEU A 1045 6.63 1.70 51.17
N MET A 1046 6.46 2.78 50.40
CA MET A 1046 5.14 3.30 50.05
C MET A 1046 5.12 3.66 48.58
N SER A 1047 4.02 4.28 48.15
CA SER A 1047 3.87 4.74 46.78
C SER A 1047 2.69 5.69 46.71
N PHE A 1048 2.90 6.85 46.12
CA PHE A 1048 1.85 7.87 46.00
C PHE A 1048 1.65 8.23 44.54
N PRO A 1049 0.48 7.96 43.96
CA PRO A 1049 0.26 8.31 42.55
C PRO A 1049 -0.20 9.74 42.37
N GLN A 1050 0.20 10.33 41.26
CA GLN A 1050 -0.23 11.66 40.86
C GLN A 1050 -0.61 11.62 39.39
N SER A 1051 -1.61 12.43 39.02
CA SER A 1051 -2.15 12.40 37.67
C SER A 1051 -1.50 13.47 36.81
N ALA A 1052 -1.03 13.07 35.63
CA ALA A 1052 -0.45 13.95 34.64
C ALA A 1052 -1.17 13.75 33.31
N PRO A 1053 -1.19 14.76 32.44
CA PRO A 1053 -1.95 14.64 31.19
C PRO A 1053 -1.43 13.50 30.32
N HIS A 1054 -2.34 12.61 29.92
CA HIS A 1054 -2.01 11.46 29.07
C HIS A 1054 -0.95 10.58 29.71
N GLY A 1055 -1.02 10.38 31.02
CA GLY A 1055 -0.04 9.57 31.70
C GLY A 1055 -0.28 9.54 33.19
N VAL A 1056 0.75 9.07 33.90
CA VAL A 1056 0.69 8.96 35.35
C VAL A 1056 2.12 9.00 35.87
N VAL A 1057 2.30 9.63 37.03
CA VAL A 1057 3.60 9.74 37.68
C VAL A 1057 3.50 9.14 39.08
N PHE A 1058 4.44 8.26 39.41
CA PHE A 1058 4.48 7.58 40.70
C PHE A 1058 5.58 8.17 41.56
N LEU A 1059 5.30 8.30 42.86
CA LEU A 1059 6.29 8.70 43.85
C LEU A 1059 6.64 7.46 44.66
N HIS A 1060 7.79 6.86 44.38
CA HIS A 1060 8.21 5.63 45.03
C HIS A 1060 9.06 5.98 46.25
N VAL A 1061 8.45 5.96 47.43
CA VAL A 1061 9.19 6.15 48.67
C VAL A 1061 9.91 4.84 48.99
N THR A 1062 11.22 4.92 49.16
CA THR A 1062 12.05 3.74 49.28
C THR A 1062 13.01 3.87 50.45
N TYR A 1063 13.53 2.72 50.88
CA TYR A 1063 14.48 2.63 51.97
C TYR A 1063 15.86 2.35 51.40
N VAL A 1064 16.85 3.14 51.84
CA VAL A 1064 18.22 3.02 51.36
C VAL A 1064 19.16 2.97 52.56
N PRO A 1065 19.99 1.94 52.70
CA PRO A 1065 20.91 1.89 53.84
C PRO A 1065 22.06 2.89 53.67
N ALA A 1066 22.38 3.58 54.76
CA ALA A 1066 23.40 4.61 54.79
C ALA A 1066 24.74 3.99 55.20
N GLN A 1067 25.70 4.83 55.60
CA GLN A 1067 27.07 4.45 55.93
C GLN A 1067 27.17 3.18 56.77
N GLU A 1068 28.20 2.39 56.53
CA GLU A 1068 28.34 1.06 57.10
C GLU A 1068 29.65 0.95 57.88
N LYS A 1069 29.93 -0.27 58.35
CA LYS A 1069 31.13 -0.56 59.13
C LYS A 1069 31.61 -1.95 58.79
N ASN A 1070 32.90 -2.20 59.06
CA ASN A 1070 33.51 -3.51 58.79
C ASN A 1070 33.53 -4.34 60.05
N PHE A 1071 33.09 -5.59 59.92
CA PHE A 1071 33.00 -6.50 61.07
C PHE A 1071 33.53 -7.87 60.67
N THR A 1072 33.91 -8.65 61.69
CA THR A 1072 34.38 -10.01 61.50
C THR A 1072 33.26 -10.97 61.91
N THR A 1073 33.01 -11.97 61.07
CA THR A 1073 31.87 -12.86 61.24
C THR A 1073 32.31 -14.32 61.19
N ALA A 1074 31.48 -15.17 61.77
CA ALA A 1074 31.66 -16.61 61.74
C ALA A 1074 30.32 -17.27 61.42
N PRO A 1075 30.33 -18.43 60.77
CA PRO A 1075 29.05 -19.10 60.50
C PRO A 1075 28.34 -19.60 61.73
N ALA A 1076 29.05 -20.24 62.65
CA ALA A 1076 28.44 -20.85 63.83
C ALA A 1076 29.32 -20.64 65.04
N ILE A 1077 28.74 -20.87 66.22
CA ILE A 1077 29.42 -20.73 67.49
C ILE A 1077 29.35 -22.06 68.23
N CYS A 1078 30.50 -22.54 68.69
CA CYS A 1078 30.58 -23.81 69.43
C CYS A 1078 30.75 -23.49 70.90
N HIS A 1079 29.65 -23.61 71.66
CA HIS A 1079 29.72 -23.33 73.09
C HIS A 1079 30.26 -24.53 73.87
N ASP A 1080 29.54 -25.65 73.82
CA ASP A 1080 29.94 -26.86 74.54
C ASP A 1080 29.61 -28.06 73.65
N GLY A 1081 30.53 -28.37 72.73
CA GLY A 1081 30.39 -29.53 71.87
C GLY A 1081 29.16 -29.50 70.98
N LYS A 1082 28.49 -28.35 70.89
CA LYS A 1082 27.26 -28.20 70.13
C LYS A 1082 27.34 -26.95 69.28
N ALA A 1083 26.97 -27.08 68.00
CA ALA A 1083 26.94 -25.94 67.10
C ALA A 1083 25.68 -25.11 67.33
N HIS A 1084 25.83 -23.79 67.23
CA HIS A 1084 24.73 -22.85 67.39
C HIS A 1084 24.63 -21.97 66.16
N PHE A 1085 23.40 -21.74 65.70
CA PHE A 1085 23.17 -20.93 64.52
C PHE A 1085 22.17 -19.82 64.82
N PRO A 1086 22.36 -18.64 64.26
CA PRO A 1086 21.44 -17.53 64.56
C PRO A 1086 20.06 -17.78 63.98
N ARG A 1087 19.04 -17.37 64.73
CA ARG A 1087 17.67 -17.58 64.29
C ARG A 1087 17.34 -16.73 63.07
N GLU A 1088 17.71 -15.45 63.11
CA GLU A 1088 17.41 -14.53 62.03
C GLU A 1088 18.59 -13.66 61.58
N GLY A 1089 19.59 -13.46 62.41
CA GLY A 1089 20.67 -12.54 62.12
C GLY A 1089 21.95 -13.21 61.69
N VAL A 1090 23.06 -12.52 61.96
CA VAL A 1090 24.39 -13.00 61.60
C VAL A 1090 25.33 -12.71 62.76
N PHE A 1091 26.16 -13.69 63.12
CA PHE A 1091 27.13 -13.51 64.19
C PHE A 1091 28.20 -12.52 63.76
N VAL A 1092 28.21 -11.34 64.38
CA VAL A 1092 29.20 -10.31 64.10
C VAL A 1092 30.02 -10.07 65.35
N SER A 1093 31.33 -9.92 65.19
CA SER A 1093 32.25 -9.74 66.29
C SER A 1093 33.00 -8.43 66.13
N ASN A 1094 32.98 -7.61 67.17
CA ASN A 1094 33.84 -6.43 67.24
C ASN A 1094 35.20 -6.88 67.76
N GLY A 1095 36.02 -5.93 68.20
CA GLY A 1095 37.37 -6.20 68.66
C GLY A 1095 37.55 -7.45 69.51
N THR A 1096 36.83 -7.56 70.62
CA THR A 1096 37.04 -8.67 71.56
C THR A 1096 35.73 -9.21 72.11
N HIS A 1097 34.65 -9.17 71.32
CA HIS A 1097 33.37 -9.67 71.79
C HIS A 1097 32.58 -10.22 70.60
N TRP A 1098 31.58 -11.04 70.92
CA TRP A 1098 30.71 -11.65 69.92
C TRP A 1098 29.27 -11.22 70.18
N PHE A 1099 28.59 -10.82 69.11
CA PHE A 1099 27.19 -10.38 69.19
C PHE A 1099 26.43 -10.98 68.02
N VAL A 1100 25.12 -10.71 67.99
CA VAL A 1100 24.26 -11.11 66.89
C VAL A 1100 23.40 -9.91 66.52
N THR A 1101 23.32 -9.61 65.22
CA THR A 1101 22.62 -8.43 64.72
C THR A 1101 21.75 -8.82 63.53
N GLN A 1102 20.71 -8.03 63.31
CA GLN A 1102 19.86 -8.23 62.14
C GLN A 1102 20.63 -7.87 60.87
N ARG A 1103 20.11 -8.33 59.74
CA ARG A 1103 20.85 -8.24 58.48
C ARG A 1103 21.05 -6.79 58.04
N ASN A 1104 20.01 -5.98 58.11
CA ASN A 1104 20.01 -4.66 57.48
C ASN A 1104 20.20 -3.52 58.47
N PHE A 1105 20.54 -3.82 59.72
CA PHE A 1105 20.77 -2.78 60.70
C PHE A 1105 21.74 -3.28 61.75
N TYR A 1106 22.38 -2.35 62.45
CA TYR A 1106 23.34 -2.68 63.51
C TYR A 1106 22.63 -2.58 64.85
N GLU A 1107 22.17 -3.73 65.35
CA GLU A 1107 21.49 -3.82 66.64
C GLU A 1107 22.18 -4.91 67.45
N PRO A 1108 23.30 -4.58 68.09
CA PRO A 1108 24.06 -5.61 68.83
C PRO A 1108 23.23 -6.23 69.95
N GLN A 1109 23.42 -7.52 70.15
CA GLN A 1109 22.71 -8.27 71.17
C GLN A 1109 23.65 -9.32 71.74
N ILE A 1110 23.38 -9.72 72.97
CA ILE A 1110 24.18 -10.77 73.60
C ILE A 1110 23.66 -12.13 73.16
N ILE A 1111 24.57 -13.10 73.07
CA ILE A 1111 24.22 -14.41 72.56
C ILE A 1111 23.53 -15.21 73.67
N THR A 1112 22.27 -15.54 73.45
CA THR A 1112 21.49 -16.32 74.40
C THR A 1112 20.97 -17.57 73.72
N THR A 1113 20.39 -18.46 74.53
CA THR A 1113 19.74 -19.65 73.98
C THR A 1113 18.45 -19.34 73.25
N ASP A 1114 17.93 -18.12 73.40
CA ASP A 1114 16.71 -17.71 72.71
C ASP A 1114 16.96 -17.08 71.36
N ASN A 1115 18.22 -16.78 71.02
CA ASN A 1115 18.57 -16.25 69.70
C ASN A 1115 19.14 -17.31 68.77
N THR A 1116 19.52 -18.48 69.30
CA THR A 1116 20.13 -19.53 68.50
C THR A 1116 19.41 -20.84 68.74
N PHE A 1117 19.51 -21.72 67.75
CA PHE A 1117 18.98 -23.08 67.86
C PHE A 1117 20.14 -24.06 67.66
N VAL A 1118 20.14 -25.13 68.46
CA VAL A 1118 21.25 -26.08 68.43
C VAL A 1118 21.01 -27.11 67.33
N SER A 1119 22.10 -27.58 66.74
CA SER A 1119 22.04 -28.57 65.67
C SER A 1119 23.44 -29.11 65.42
N GLY A 1120 23.57 -30.44 65.36
CA GLY A 1120 24.81 -31.05 64.96
C GLY A 1120 25.90 -31.00 66.02
N ASN A 1121 27.13 -31.09 65.55
CA ASN A 1121 28.32 -31.09 66.40
C ASN A 1121 29.28 -29.99 65.95
N CYS A 1122 30.48 -29.98 66.52
CA CYS A 1122 31.44 -28.90 66.34
C CYS A 1122 32.59 -29.29 65.42
N ASP A 1123 32.32 -30.08 64.38
CA ASP A 1123 33.38 -30.43 63.43
C ASP A 1123 32.92 -30.27 61.99
N VAL A 1124 31.62 -30.39 61.74
CA VAL A 1124 31.12 -30.40 60.36
C VAL A 1124 31.25 -29.02 59.73
N VAL A 1125 30.89 -27.96 60.47
CA VAL A 1125 30.94 -26.61 59.93
C VAL A 1125 32.39 -26.18 59.74
N ILE A 1126 32.66 -25.49 58.64
CA ILE A 1126 34.03 -25.17 58.27
C ILE A 1126 34.63 -24.14 59.22
N GLY A 1127 33.89 -23.07 59.51
CA GLY A 1127 34.46 -21.95 60.23
C GLY A 1127 33.89 -21.69 61.60
N ILE A 1128 33.63 -22.75 62.37
CA ILE A 1128 33.11 -22.56 63.71
C ILE A 1128 34.19 -21.97 64.62
N VAL A 1129 33.76 -21.18 65.60
CA VAL A 1129 34.65 -20.56 66.57
C VAL A 1129 34.11 -20.83 67.96
N ASN A 1130 35.00 -20.72 68.95
CA ASN A 1130 34.65 -20.97 70.34
C ASN A 1130 34.21 -19.68 71.02
N ASN A 1131 33.15 -19.78 71.83
CA ASN A 1131 32.67 -18.66 72.61
C ASN A 1131 31.76 -19.21 73.72
N THR A 1132 31.05 -18.32 74.40
CA THR A 1132 30.15 -18.68 75.47
C THR A 1132 28.72 -18.25 75.12
N VAL A 1133 27.76 -19.03 75.58
CA VAL A 1133 26.35 -18.79 75.32
C VAL A 1133 25.65 -18.53 76.65
N TYR A 1134 24.93 -17.42 76.74
CA TYR A 1134 24.28 -17.02 77.98
C TYR A 1134 22.96 -17.79 78.12
N ASP A 1135 22.71 -18.34 79.30
CA ASP A 1135 21.47 -19.04 79.58
C ASP A 1135 20.61 -18.18 80.48
N PRO A 1136 19.44 -17.71 80.01
CA PRO A 1136 18.65 -16.78 80.84
C PRO A 1136 17.72 -17.49 81.82
N LEU A 1137 17.94 -18.78 82.05
CA LEU A 1137 17.15 -19.55 83.00
C LEU A 1137 17.97 -20.13 84.13
N GLN A 1138 19.22 -20.53 83.88
CA GLN A 1138 20.02 -21.16 84.93
C GLN A 1138 20.25 -20.29 86.15
N PRO A 1139 20.58 -19.00 86.03
CA PRO A 1139 20.83 -18.20 87.25
C PRO A 1139 19.63 -18.13 88.19
N GLU A 1140 18.42 -18.21 87.67
CA GLU A 1140 17.23 -18.15 88.51
C GLU A 1140 16.97 -19.50 89.18
N GLN B 14 9.54 -39.99 -60.45
CA GLN B 14 10.78 -40.77 -60.53
C GLN B 14 10.92 -41.69 -59.32
N CYS B 15 10.42 -41.23 -58.18
CA CYS B 15 10.48 -42.04 -56.96
C CYS B 15 9.46 -43.16 -57.00
N VAL B 16 9.85 -44.32 -56.46
CA VAL B 16 9.01 -45.51 -56.46
C VAL B 16 8.90 -46.02 -55.03
N ASN B 17 7.68 -46.41 -54.64
CA ASN B 17 7.45 -46.91 -53.29
C ASN B 17 8.21 -48.20 -53.07
N LEU B 18 8.86 -48.31 -51.91
CA LEU B 18 9.62 -49.50 -51.56
C LEU B 18 8.70 -50.57 -50.99
N THR B 19 9.05 -51.83 -51.24
CA THR B 19 8.24 -52.97 -50.87
C THR B 19 8.99 -53.85 -49.87
N THR B 20 8.31 -54.89 -49.40
CA THR B 20 8.88 -55.89 -48.49
C THR B 20 9.38 -55.26 -47.19
N ARG B 21 8.44 -54.70 -46.44
CA ARG B 21 8.70 -54.17 -45.10
C ARG B 21 7.85 -54.91 -44.08
N THR B 22 8.48 -55.33 -42.99
CA THR B 22 7.77 -56.04 -41.94
C THR B 22 6.83 -55.11 -41.18
N GLN B 23 5.73 -55.66 -40.69
CA GLN B 23 4.67 -54.90 -40.05
C GLN B 23 4.61 -55.24 -38.56
N LEU B 24 4.71 -54.21 -37.71
CA LEU B 24 4.60 -54.37 -36.26
C LEU B 24 4.42 -53.00 -35.62
N PRO B 25 3.56 -52.87 -34.61
CA PRO B 25 3.40 -51.60 -33.94
C PRO B 25 4.67 -51.19 -33.23
N PRO B 26 4.94 -49.90 -33.11
CA PRO B 26 6.19 -49.44 -32.51
C PRO B 26 6.15 -49.54 -30.98
N ALA B 27 7.23 -49.09 -30.36
CA ALA B 27 7.38 -49.11 -28.91
C ALA B 27 7.30 -47.69 -28.36
N TYR B 28 7.43 -47.57 -27.04
CA TYR B 28 7.33 -46.30 -26.35
C TYR B 28 8.47 -46.16 -25.36
N THR B 29 8.93 -44.93 -25.18
CA THR B 29 10.07 -44.64 -24.32
C THR B 29 9.82 -43.30 -23.63
N ASN B 30 10.49 -43.09 -22.50
CA ASN B 30 10.34 -41.87 -21.72
C ASN B 30 11.68 -41.12 -21.70
N SER B 31 11.65 -39.87 -22.15
CA SER B 31 12.82 -39.01 -22.09
C SER B 31 12.95 -38.44 -20.69
N SER B 32 14.04 -38.78 -20.00
CA SER B 32 14.19 -38.45 -18.59
C SER B 32 14.21 -36.95 -18.34
N THR B 33 15.26 -36.27 -18.80
CA THR B 33 15.40 -34.84 -18.57
C THR B 33 15.88 -34.15 -19.84
N ARG B 34 15.30 -34.50 -20.98
CA ARG B 34 15.67 -33.92 -22.26
C ARG B 34 14.76 -32.74 -22.60
N GLY B 35 15.15 -32.00 -23.63
CA GLY B 35 14.30 -30.97 -24.19
C GLY B 35 14.38 -29.60 -23.55
N VAL B 36 15.48 -29.28 -22.86
CA VAL B 36 15.67 -27.98 -22.23
C VAL B 36 16.52 -27.12 -23.16
N TYR B 37 16.06 -25.90 -23.43
CA TYR B 37 16.74 -25.00 -24.35
C TYR B 37 16.74 -23.59 -23.78
N TYR B 38 17.67 -22.78 -24.27
CA TYR B 38 17.80 -21.41 -23.81
C TYR B 38 16.57 -20.60 -24.20
N PRO B 39 16.03 -19.77 -23.30
CA PRO B 39 14.80 -19.04 -23.62
C PRO B 39 15.03 -17.76 -24.41
N ASP B 40 16.19 -17.13 -24.25
CA ASP B 40 16.48 -15.87 -24.93
C ASP B 40 17.98 -15.78 -25.18
N LYS B 41 18.45 -14.59 -25.51
CA LYS B 41 19.84 -14.34 -25.86
C LYS B 41 20.49 -13.35 -24.91
N VAL B 42 20.27 -13.53 -23.62
CA VAL B 42 20.82 -12.65 -22.58
C VAL B 42 21.66 -13.50 -21.64
N PHE B 43 22.90 -13.06 -21.41
CA PHE B 43 23.80 -13.77 -20.53
C PHE B 43 23.33 -13.69 -19.08
N ARG B 44 23.40 -14.82 -18.39
CA ARG B 44 23.06 -14.89 -16.96
C ARG B 44 24.03 -15.86 -16.30
N SER B 45 24.14 -15.75 -14.98
CA SER B 45 25.07 -16.61 -14.26
C SER B 45 24.69 -16.67 -12.78
N SER B 46 24.80 -17.87 -12.21
CA SER B 46 24.62 -18.09 -10.77
C SER B 46 23.29 -17.52 -10.27
N VAL B 47 22.23 -17.73 -11.04
CA VAL B 47 20.92 -17.24 -10.70
C VAL B 47 19.90 -18.35 -10.92
N LEU B 48 18.74 -18.20 -10.29
CA LEU B 48 17.63 -19.14 -10.42
C LEU B 48 16.48 -18.40 -11.10
N HIS B 49 16.48 -18.44 -12.44
CA HIS B 49 15.47 -17.76 -13.23
C HIS B 49 14.29 -18.68 -13.48
N LEU B 50 13.10 -18.19 -13.18
CA LEU B 50 11.85 -18.92 -13.40
C LEU B 50 11.13 -18.29 -14.58
N THR B 51 11.11 -18.99 -15.71
CA THR B 51 10.49 -18.49 -16.92
C THR B 51 9.53 -19.53 -17.47
N GLN B 52 8.54 -19.05 -18.24
CA GLN B 52 7.51 -19.90 -18.82
C GLN B 52 7.54 -19.77 -20.33
N ASP B 53 7.51 -20.90 -21.02
CA ASP B 53 7.53 -20.94 -22.48
C ASP B 53 7.14 -22.36 -22.89
N LEU B 54 7.29 -22.65 -24.18
CA LEU B 54 7.04 -24.01 -24.68
C LEU B 54 8.18 -24.92 -24.28
N PHE B 55 7.84 -26.09 -23.74
CA PHE B 55 8.85 -27.03 -23.28
C PHE B 55 8.33 -28.46 -23.45
N LEU B 56 9.25 -29.41 -23.33
CA LEU B 56 8.89 -30.83 -23.34
C LEU B 56 8.80 -31.33 -21.91
N PRO B 57 7.63 -31.76 -21.45
CA PRO B 57 7.52 -32.22 -20.05
C PRO B 57 8.40 -33.44 -19.79
N PHE B 58 8.91 -33.51 -18.58
CA PHE B 58 9.73 -34.64 -18.19
C PHE B 58 8.90 -35.93 -18.14
N PHE B 59 9.52 -37.04 -18.50
CA PHE B 59 8.90 -38.36 -18.47
C PHE B 59 7.63 -38.39 -19.31
N SER B 60 7.68 -37.75 -20.48
CA SER B 60 6.56 -37.76 -21.41
C SER B 60 6.69 -38.92 -22.38
N ASN B 61 5.54 -39.40 -22.86
CA ASN B 61 5.55 -40.48 -23.83
C ASN B 61 6.27 -40.05 -25.10
N VAL B 62 7.19 -40.89 -25.56
CA VAL B 62 7.98 -40.61 -26.76
C VAL B 62 7.98 -41.85 -27.62
N THR B 63 7.49 -41.72 -28.86
CA THR B 63 7.52 -42.84 -29.78
C THR B 63 8.94 -43.11 -30.24
N TRP B 64 9.24 -44.39 -30.48
CA TRP B 64 10.59 -44.83 -30.83
C TRP B 64 10.53 -45.54 -32.18
N PHE B 65 10.97 -44.86 -33.22
CA PHE B 65 11.11 -45.43 -34.54
C PHE B 65 12.54 -45.91 -34.74
N HIS B 66 12.75 -46.74 -35.76
CA HIS B 66 14.07 -47.26 -36.04
C HIS B 66 14.13 -47.75 -37.48
N ALA B 67 15.33 -47.67 -38.05
CA ALA B 67 15.61 -48.25 -39.36
C ALA B 67 16.74 -49.26 -39.19
N ILE B 68 16.47 -50.52 -39.54
CA ILE B 68 17.40 -51.61 -39.31
C ILE B 68 17.17 -52.70 -40.34
N HIS B 69 18.19 -53.52 -40.54
CA HIS B 69 18.15 -54.64 -41.48
C HIS B 69 17.89 -55.94 -40.72
N VAL B 70 17.54 -56.98 -41.48
CA VAL B 70 17.23 -58.28 -40.90
C VAL B 70 18.43 -58.87 -40.17
N GLY B 75 13.72 -61.36 -40.87
CA GLY B 75 12.48 -60.69 -41.26
C GLY B 75 12.10 -59.57 -40.32
N ILE B 76 13.02 -58.64 -40.09
CA ILE B 76 12.78 -57.50 -39.21
C ILE B 76 13.21 -56.21 -39.89
N LYS B 77 13.38 -56.26 -41.21
CA LYS B 77 13.80 -55.08 -41.95
C LYS B 77 12.66 -54.06 -42.03
N ARG B 78 12.95 -52.82 -41.68
CA ARG B 78 11.94 -51.77 -41.71
C ARG B 78 12.63 -50.41 -41.76
N PHE B 79 11.85 -49.39 -42.14
CA PHE B 79 12.35 -48.03 -42.21
C PHE B 79 11.62 -47.08 -41.28
N ASP B 80 10.28 -47.12 -41.27
CA ASP B 80 9.46 -46.34 -40.34
C ASP B 80 9.72 -44.82 -40.50
N ASN B 81 9.29 -44.31 -41.65
CA ASN B 81 9.30 -42.88 -41.93
C ASN B 81 7.88 -42.42 -42.28
N PRO B 82 6.98 -42.39 -41.30
CA PRO B 82 5.59 -42.01 -41.59
C PRO B 82 5.36 -40.50 -41.45
N VAL B 83 4.12 -40.07 -41.63
CA VAL B 83 3.75 -38.66 -41.52
C VAL B 83 3.26 -38.44 -40.09
N LEU B 84 4.18 -38.10 -39.20
CA LEU B 84 3.79 -37.78 -37.84
C LEU B 84 3.09 -36.43 -37.80
N PRO B 85 2.14 -36.23 -36.88
CA PRO B 85 1.54 -34.91 -36.72
C PRO B 85 2.49 -33.94 -36.06
N PHE B 86 2.26 -32.65 -36.31
CA PHE B 86 3.06 -31.56 -35.76
C PHE B 86 2.14 -30.69 -34.92
N ASN B 87 2.32 -30.74 -33.60
CA ASN B 87 1.46 -30.03 -32.66
C ASN B 87 2.27 -28.94 -31.98
N ASP B 88 2.18 -27.72 -32.50
CA ASP B 88 2.79 -26.51 -31.96
C ASP B 88 4.20 -26.77 -31.42
N GLY B 89 5.01 -27.42 -32.24
CA GLY B 89 6.39 -27.68 -31.89
C GLY B 89 6.65 -29.10 -31.44
N VAL B 90 7.71 -29.71 -31.97
CA VAL B 90 8.05 -31.09 -31.67
C VAL B 90 9.51 -31.16 -31.23
N TYR B 91 9.84 -32.26 -30.55
CA TYR B 91 11.19 -32.54 -30.10
C TYR B 91 11.72 -33.74 -30.86
N PHE B 92 12.89 -33.58 -31.48
CA PHE B 92 13.50 -34.62 -32.30
C PHE B 92 14.91 -34.89 -31.81
N ALA B 93 15.21 -36.17 -31.60
CA ALA B 93 16.54 -36.60 -31.15
C ALA B 93 16.93 -37.83 -31.97
N SER B 94 17.98 -37.69 -32.76
CA SER B 94 18.44 -38.76 -33.65
C SER B 94 19.79 -39.27 -33.18
N THR B 95 19.88 -40.58 -32.97
CA THR B 95 21.12 -41.25 -32.61
C THR B 95 21.47 -42.28 -33.67
N GLU B 96 22.69 -42.22 -34.19
CA GLU B 96 23.13 -43.12 -35.24
C GLU B 96 24.64 -43.04 -35.33
N LYS B 97 25.21 -43.82 -36.24
CA LYS B 97 26.64 -43.79 -36.51
C LYS B 97 27.00 -43.79 -37.99
N SER B 98 26.05 -43.96 -38.89
CA SER B 98 26.31 -44.04 -40.32
C SER B 98 25.71 -42.88 -41.10
N ASN B 99 25.33 -41.80 -40.40
CA ASN B 99 24.76 -40.60 -41.03
C ASN B 99 23.54 -40.95 -41.88
N ILE B 100 22.72 -41.88 -41.38
CA ILE B 100 21.52 -42.27 -42.11
C ILE B 100 20.50 -41.14 -42.12
N ILE B 101 20.31 -40.49 -40.99
CA ILE B 101 19.34 -39.38 -40.90
C ILE B 101 19.87 -38.21 -41.71
N ARG B 102 19.03 -37.67 -42.59
CA ARG B 102 19.39 -36.53 -43.42
C ARG B 102 18.59 -35.28 -43.10
N GLY B 103 17.27 -35.35 -43.13
CA GLY B 103 16.48 -34.16 -42.91
C GLY B 103 15.01 -34.48 -42.82
N TRP B 104 14.20 -33.43 -42.92
CA TRP B 104 12.76 -33.53 -42.72
C TRP B 104 12.05 -32.67 -43.76
N ILE B 105 10.74 -32.84 -43.85
CA ILE B 105 9.87 -32.01 -44.67
C ILE B 105 8.66 -31.62 -43.84
N PHE B 106 8.21 -30.38 -43.99
CA PHE B 106 7.10 -29.86 -43.21
C PHE B 106 6.06 -29.25 -44.14
N GLY B 107 4.80 -29.30 -43.72
CA GLY B 107 3.75 -28.71 -44.51
C GLY B 107 2.39 -29.13 -43.98
N THR B 108 1.37 -28.78 -44.76
CA THR B 108 -0.02 -29.11 -44.41
C THR B 108 -0.46 -30.41 -45.07
N THR B 109 -0.44 -30.45 -46.42
CA THR B 109 -0.89 -31.61 -47.16
C THR B 109 0.19 -32.24 -48.03
N LEU B 110 1.26 -31.52 -48.35
CA LEU B 110 2.39 -32.06 -49.10
C LEU B 110 1.96 -32.61 -50.46
N ASP B 111 1.06 -31.89 -51.13
CA ASP B 111 0.55 -32.38 -52.41
C ASP B 111 0.47 -31.26 -53.44
N SER B 112 1.44 -30.34 -53.45
CA SER B 112 1.61 -29.28 -54.43
C SER B 112 0.50 -28.24 -54.39
N LYS B 113 -0.52 -28.41 -53.54
CA LYS B 113 -1.54 -27.39 -53.41
C LYS B 113 -1.04 -26.21 -52.58
N THR B 114 -0.16 -26.46 -51.63
CA THR B 114 0.38 -25.41 -50.76
C THR B 114 1.90 -25.44 -50.76
N GLN B 115 2.51 -24.68 -49.87
CA GLN B 115 3.96 -24.64 -49.76
C GLN B 115 4.45 -25.61 -48.69
N SER B 116 5.71 -25.99 -48.79
CA SER B 116 6.31 -26.93 -47.86
C SER B 116 7.78 -26.61 -47.69
N LEU B 117 8.29 -26.78 -46.47
CA LEU B 117 9.68 -26.52 -46.16
C LEU B 117 10.47 -27.81 -46.25
N LEU B 118 11.59 -27.77 -46.96
CA LEU B 118 12.45 -28.93 -47.16
C LEU B 118 13.83 -28.64 -46.61
N ILE B 119 14.32 -29.52 -45.74
CA ILE B 119 15.66 -29.42 -45.17
C ILE B 119 16.36 -30.74 -45.45
N VAL B 120 17.45 -30.68 -46.21
CA VAL B 120 18.18 -31.90 -46.56
C VAL B 120 19.59 -31.50 -47.00
N ASN B 121 20.56 -32.34 -46.66
CA ASN B 121 21.91 -32.23 -47.17
C ASN B 121 22.20 -33.47 -48.00
N ASN B 122 22.45 -33.28 -49.30
CA ASN B 122 22.67 -34.44 -50.14
C ASN B 122 23.90 -35.22 -49.71
N ALA B 123 25.08 -34.68 -49.98
CA ALA B 123 26.32 -35.11 -49.34
C ALA B 123 27.27 -33.97 -49.06
N THR B 124 27.08 -32.80 -49.66
CA THR B 124 28.09 -31.76 -49.68
C THR B 124 27.61 -30.40 -49.20
N ASN B 125 26.30 -30.19 -49.07
CA ASN B 125 25.78 -28.91 -48.62
C ASN B 125 24.31 -29.07 -48.23
N VAL B 126 23.95 -28.51 -47.08
CA VAL B 126 22.56 -28.57 -46.63
C VAL B 126 21.72 -27.62 -47.45
N VAL B 127 20.56 -28.10 -47.91
CA VAL B 127 19.67 -27.35 -48.78
C VAL B 127 18.39 -27.04 -48.01
N ILE B 128 18.02 -25.77 -47.95
CA ILE B 128 16.78 -25.32 -47.35
C ILE B 128 15.96 -24.63 -48.42
N LYS B 129 14.75 -25.13 -48.67
CA LYS B 129 13.89 -24.58 -49.71
C LYS B 129 12.45 -24.55 -49.23
N VAL B 130 11.78 -23.44 -49.52
CA VAL B 130 10.33 -23.31 -49.33
C VAL B 130 9.72 -23.15 -50.70
N CYS B 131 8.83 -24.06 -51.07
CA CYS B 131 8.36 -24.12 -52.44
C CYS B 131 7.14 -25.02 -52.51
N GLU B 132 6.47 -25.01 -53.66
CA GLU B 132 5.29 -25.85 -53.86
C GLU B 132 5.72 -27.22 -54.38
N PHE B 133 6.41 -27.95 -53.52
CA PHE B 133 6.92 -29.26 -53.90
C PHE B 133 5.79 -30.28 -54.02
N GLN B 134 6.01 -31.26 -54.90
CA GLN B 134 5.11 -32.39 -55.07
C GLN B 134 5.88 -33.64 -54.63
N PHE B 135 5.71 -34.01 -53.37
CA PHE B 135 6.39 -35.19 -52.84
C PHE B 135 5.65 -36.46 -53.26
N CYS B 136 6.28 -37.60 -52.99
CA CYS B 136 5.65 -38.89 -53.18
C CYS B 136 5.49 -39.59 -51.83
N ASN B 137 4.99 -40.82 -51.88
CA ASN B 137 4.65 -41.53 -50.64
C ASN B 137 5.88 -41.98 -49.87
N ASP B 138 6.98 -42.27 -50.57
CA ASP B 138 8.20 -42.79 -49.94
C ASP B 138 9.40 -41.97 -50.36
N PRO B 139 9.67 -40.86 -49.68
CA PRO B 139 10.87 -40.06 -50.00
C PRO B 139 12.09 -40.66 -49.33
N PHE B 140 13.18 -40.77 -50.09
CA PHE B 140 14.43 -41.32 -49.56
C PHE B 140 15.57 -40.90 -50.48
N LEU B 141 16.79 -41.13 -50.01
CA LEU B 141 17.99 -40.91 -50.78
C LEU B 141 18.81 -42.19 -50.82
N GLY B 142 19.45 -42.46 -51.96
CA GLY B 142 20.17 -43.69 -52.17
C GLY B 142 21.66 -43.56 -51.91
N VAL B 143 22.29 -44.68 -51.56
CA VAL B 143 23.74 -44.77 -51.43
C VAL B 143 24.18 -46.05 -52.13
N TYR B 144 25.23 -45.95 -52.93
CA TYR B 144 25.74 -47.10 -53.67
C TYR B 144 27.13 -47.47 -53.15
N TYR B 145 27.30 -48.73 -52.77
CA TYR B 145 28.57 -49.25 -52.26
C TYR B 145 29.28 -49.96 -53.39
N HIS B 146 30.26 -49.29 -53.99
CA HIS B 146 31.08 -49.91 -55.02
C HIS B 146 32.14 -50.78 -54.37
N ARG B 147 32.24 -52.03 -54.82
CA ARG B 147 33.12 -53.01 -54.20
C ARG B 147 34.54 -52.96 -54.73
N ASN B 148 34.73 -52.62 -56.01
CA ASN B 148 36.08 -52.62 -56.57
C ASN B 148 36.98 -51.60 -55.89
N ASN B 149 36.45 -50.41 -55.62
CA ASN B 149 37.21 -49.38 -54.93
C ASN B 149 36.62 -49.09 -53.56
N SER B 151 34.13 -46.81 -51.30
CA SER B 151 33.70 -45.67 -52.09
C SER B 151 32.18 -45.64 -52.22
N TRP B 152 31.56 -44.71 -51.50
CA TRP B 152 30.11 -44.56 -51.49
C TRP B 152 29.77 -43.23 -52.15
N MET B 153 28.86 -43.27 -53.14
CA MET B 153 28.61 -42.12 -53.99
C MET B 153 27.35 -41.34 -53.65
N GLU B 154 26.39 -41.95 -52.95
CA GLU B 154 25.16 -41.29 -52.54
C GLU B 154 24.39 -40.77 -53.76
N SER B 155 23.90 -41.72 -54.55
CA SER B 155 23.13 -41.42 -55.74
C SER B 155 21.63 -41.40 -55.40
N GLU B 156 20.78 -41.35 -56.44
CA GLU B 156 19.34 -41.52 -56.31
C GLU B 156 18.72 -40.46 -55.40
N PHE B 157 18.78 -39.22 -55.86
CA PHE B 157 18.12 -38.10 -55.16
C PHE B 157 16.71 -37.97 -55.73
N ARG B 158 15.76 -38.68 -55.13
CA ARG B 158 14.38 -38.75 -55.63
C ARG B 158 13.39 -38.50 -54.50
N VAL B 159 13.61 -37.43 -53.72
CA VAL B 159 12.71 -37.12 -52.63
C VAL B 159 11.36 -36.61 -53.16
N TYR B 160 11.39 -35.69 -54.12
CA TYR B 160 10.19 -35.09 -54.66
C TYR B 160 10.12 -35.33 -56.18
N SER B 161 9.12 -34.70 -56.82
CA SER B 161 8.85 -34.96 -58.22
C SER B 161 8.72 -33.70 -59.09
N SER B 162 8.59 -32.52 -58.50
CA SER B 162 8.40 -31.32 -59.30
C SER B 162 8.81 -30.10 -58.50
N ALA B 163 9.04 -29.00 -59.21
CA ALA B 163 9.40 -27.72 -58.63
C ALA B 163 8.40 -26.66 -59.04
N ASN B 164 8.45 -25.52 -58.36
CA ASN B 164 7.47 -24.45 -58.57
C ASN B 164 8.14 -23.12 -58.26
N ASN B 165 7.32 -22.10 -57.97
CA ASN B 165 7.79 -20.75 -57.68
C ASN B 165 9.05 -20.72 -56.80
N CYS B 166 9.02 -21.44 -55.67
CA CYS B 166 10.20 -21.62 -54.82
C CYS B 166 10.73 -20.27 -54.32
N THR B 167 9.93 -19.63 -53.47
CA THR B 167 10.24 -18.28 -53.00
C THR B 167 11.54 -18.25 -52.21
N PHE B 168 11.67 -19.10 -51.19
CA PHE B 168 12.82 -19.07 -50.31
C PHE B 168 13.87 -20.08 -50.78
N GLU B 169 15.13 -19.77 -50.51
CA GLU B 169 16.24 -20.60 -50.97
C GLU B 169 17.48 -20.29 -50.17
N TYR B 170 18.21 -21.34 -49.78
CA TYR B 170 19.47 -21.18 -49.06
C TYR B 170 20.28 -22.46 -49.19
N VAL B 171 21.53 -22.34 -49.63
CA VAL B 171 22.44 -23.47 -49.77
C VAL B 171 23.77 -23.10 -49.12
N SER B 172 24.26 -23.97 -48.24
CA SER B 172 25.50 -23.72 -47.53
C SER B 172 26.71 -24.02 -48.43
N GLN B 173 27.89 -23.68 -47.92
CA GLN B 173 29.12 -23.89 -48.66
C GLN B 173 29.43 -25.38 -48.77
N PRO B 174 30.03 -25.81 -49.88
CA PRO B 174 30.31 -27.24 -50.07
C PRO B 174 31.27 -27.78 -49.02
N PHE B 175 31.05 -29.05 -48.65
CA PHE B 175 31.90 -29.76 -47.71
C PHE B 175 31.85 -31.24 -48.03
N LEU B 176 32.60 -32.04 -47.28
CA LEU B 176 32.62 -33.48 -47.41
C LEU B 176 32.35 -34.12 -46.05
N MET B 177 31.90 -35.37 -46.09
CA MET B 177 31.56 -36.09 -44.87
C MET B 177 31.64 -37.59 -45.12
N ASP B 178 31.96 -38.34 -44.07
CA ASP B 178 32.07 -39.79 -44.16
C ASP B 178 30.69 -40.41 -44.34
N LEU B 179 30.67 -41.62 -44.90
CA LEU B 179 29.42 -42.27 -45.25
C LEU B 179 29.24 -43.67 -44.69
N GLU B 180 30.30 -44.34 -44.22
CA GLU B 180 30.17 -45.70 -43.71
C GLU B 180 30.08 -45.74 -42.19
N GLY B 181 31.12 -45.28 -41.50
CA GLY B 181 31.14 -45.16 -40.05
C GLY B 181 30.50 -46.29 -39.26
N LYS B 182 30.74 -47.53 -39.66
CA LYS B 182 30.12 -48.67 -38.99
C LYS B 182 31.15 -49.49 -38.22
N GLY B 184 30.50 -50.45 -32.95
CA GLY B 184 29.30 -51.26 -32.85
C GLY B 184 28.19 -50.60 -32.06
N ASN B 185 28.52 -49.47 -31.44
CA ASN B 185 27.57 -48.69 -30.64
C ASN B 185 27.41 -47.30 -31.23
N PHE B 186 26.25 -46.70 -30.98
CA PHE B 186 25.96 -45.36 -31.48
C PHE B 186 26.88 -44.33 -30.82
N LYS B 187 27.19 -43.27 -31.57
CA LYS B 187 28.22 -42.34 -31.15
C LYS B 187 27.87 -40.87 -31.30
N ASN B 188 26.66 -40.51 -31.75
CA ASN B 188 26.36 -39.12 -32.07
C ASN B 188 25.31 -38.51 -31.17
N LEU B 189 24.10 -39.07 -31.12
CA LEU B 189 22.98 -38.54 -30.33
C LEU B 189 22.78 -37.05 -30.62
N ARG B 190 22.33 -36.77 -31.84
CA ARG B 190 22.04 -35.40 -32.25
C ARG B 190 20.59 -35.07 -31.96
N GLU B 191 20.36 -33.97 -31.23
CA GLU B 191 19.03 -33.55 -30.83
C GLU B 191 18.64 -32.26 -31.54
N PHE B 192 17.35 -32.11 -31.81
CA PHE B 192 16.81 -30.93 -32.48
C PHE B 192 15.48 -30.56 -31.86
N VAL B 193 15.16 -29.26 -31.90
CA VAL B 193 13.87 -28.75 -31.45
C VAL B 193 13.37 -27.76 -32.49
N PHE B 194 12.15 -27.97 -32.96
CA PHE B 194 11.55 -27.13 -33.99
C PHE B 194 10.36 -26.38 -33.38
N LYS B 195 10.29 -25.07 -33.64
CA LYS B 195 9.20 -24.24 -33.18
C LYS B 195 8.75 -23.34 -34.32
N ASN B 196 7.44 -23.20 -34.47
CA ASN B 196 6.84 -22.38 -35.53
C ASN B 196 5.88 -21.40 -34.88
N ILE B 197 6.34 -20.17 -34.65
CA ILE B 197 5.56 -19.16 -33.97
C ILE B 197 5.69 -17.84 -34.71
N ASP B 198 4.58 -17.12 -34.82
CA ASP B 198 4.46 -15.80 -35.47
C ASP B 198 5.25 -15.71 -36.77
N GLY B 199 5.17 -16.75 -37.60
CA GLY B 199 5.78 -16.71 -38.92
C GLY B 199 7.24 -17.07 -38.98
N TYR B 200 7.88 -17.33 -37.85
CA TYR B 200 9.28 -17.74 -37.84
C TYR B 200 9.38 -19.24 -37.60
N PHE B 201 10.56 -19.78 -37.90
CA PHE B 201 10.83 -21.21 -37.73
C PHE B 201 12.14 -21.32 -36.94
N LYS B 202 12.03 -21.33 -35.62
CA LYS B 202 13.20 -21.43 -34.76
C LYS B 202 13.66 -22.88 -34.68
N ILE B 203 14.98 -23.08 -34.71
CA ILE B 203 15.58 -24.41 -34.64
C ILE B 203 16.66 -24.38 -33.56
N TYR B 204 16.63 -25.37 -32.68
CA TYR B 204 17.63 -25.53 -31.63
C TYR B 204 18.31 -26.88 -31.80
N SER B 205 19.63 -26.91 -31.66
CA SER B 205 20.40 -28.12 -31.91
C SER B 205 21.46 -28.30 -30.83
N LYS B 206 21.85 -29.56 -30.63
CA LYS B 206 22.90 -29.92 -29.68
C LYS B 206 23.52 -31.24 -30.14
N HIS B 207 24.82 -31.38 -29.91
CA HIS B 207 25.58 -32.55 -30.37
C HIS B 207 26.46 -33.05 -29.23
N THR B 208 26.07 -34.14 -28.60
CA THR B 208 26.81 -34.72 -27.47
C THR B 208 27.19 -36.16 -27.78
N PRO B 209 28.48 -36.47 -27.92
CA PRO B 209 28.88 -37.85 -28.20
C PRO B 209 28.52 -38.79 -27.05
N ILE B 210 28.15 -40.02 -27.41
CA ILE B 210 27.75 -41.05 -26.46
C ILE B 210 28.31 -42.39 -26.93
N ASN B 211 28.05 -43.43 -26.13
CA ASN B 211 28.48 -44.78 -26.49
C ASN B 211 27.43 -45.85 -26.14
N LEU B 212 26.19 -45.47 -25.87
CA LEU B 212 25.17 -46.45 -25.49
C LEU B 212 24.77 -47.29 -26.70
N VAL B 213 24.31 -48.50 -26.43
CA VAL B 213 24.15 -49.52 -27.48
C VAL B 213 22.87 -49.35 -28.29
N ARG B 214 21.70 -49.46 -27.65
CA ARG B 214 20.47 -49.50 -28.43
C ARG B 214 19.29 -48.83 -27.73
N ASP B 215 19.54 -47.78 -26.95
CA ASP B 215 18.46 -47.11 -26.21
C ASP B 215 18.66 -45.61 -26.29
N LEU B 216 17.90 -44.87 -25.48
CA LEU B 216 18.06 -43.43 -25.33
C LEU B 216 18.81 -43.14 -24.04
N PRO B 217 19.93 -42.44 -24.08
CA PRO B 217 20.71 -42.20 -22.86
C PRO B 217 20.07 -41.15 -21.98
N PRO B 218 19.63 -41.51 -20.77
CA PRO B 218 19.08 -40.51 -19.86
C PRO B 218 20.16 -39.53 -19.42
N GLY B 219 19.75 -38.29 -19.20
CA GLY B 219 20.66 -37.26 -18.78
C GLY B 219 20.05 -35.89 -18.99
N PHE B 220 20.89 -34.87 -18.83
CA PHE B 220 20.49 -33.48 -18.98
C PHE B 220 21.31 -32.84 -20.09
N SER B 221 20.61 -32.20 -21.03
CA SER B 221 21.27 -31.53 -22.14
C SER B 221 20.56 -30.20 -22.40
N ALA B 222 21.35 -29.15 -22.60
CA ALA B 222 20.83 -27.82 -22.90
C ALA B 222 21.05 -27.52 -24.37
N LEU B 223 19.99 -27.06 -25.04
CA LEU B 223 20.02 -26.79 -26.46
C LEU B 223 20.20 -25.30 -26.71
N GLU B 224 20.96 -24.96 -27.74
CA GLU B 224 21.25 -23.58 -28.09
C GLU B 224 20.61 -23.21 -29.43
N PRO B 225 20.22 -21.96 -29.62
CA PRO B 225 19.61 -21.56 -30.89
C PRO B 225 20.57 -21.72 -32.06
N LEU B 226 20.01 -22.10 -33.20
CA LEU B 226 20.79 -22.32 -34.41
C LEU B 226 20.46 -21.33 -35.51
N VAL B 227 19.19 -21.26 -35.93
CA VAL B 227 18.75 -20.37 -37.00
C VAL B 227 17.33 -19.91 -36.71
N ASP B 228 16.94 -18.82 -37.37
CA ASP B 228 15.58 -18.26 -37.29
C ASP B 228 15.17 -17.87 -38.71
N LEU B 229 14.52 -18.80 -39.41
CA LEU B 229 14.12 -18.57 -40.79
C LEU B 229 12.76 -17.90 -40.84
N PRO B 230 12.63 -16.74 -41.47
CA PRO B 230 11.28 -16.15 -41.65
C PRO B 230 10.50 -16.91 -42.69
N ILE B 231 10.08 -18.12 -42.35
CA ILE B 231 9.53 -19.04 -43.34
C ILE B 231 8.17 -18.55 -43.81
N GLY B 232 7.30 -18.18 -42.88
CA GLY B 232 5.99 -17.65 -43.20
C GLY B 232 5.04 -18.60 -43.89
N ILE B 233 4.92 -19.83 -43.39
CA ILE B 233 3.96 -20.80 -43.90
C ILE B 233 3.22 -21.42 -42.71
N ASN B 234 2.33 -22.36 -43.02
CA ASN B 234 1.51 -23.05 -42.04
C ASN B 234 1.92 -24.52 -42.03
N ILE B 235 2.18 -25.05 -40.84
CA ILE B 235 2.72 -26.40 -40.69
C ILE B 235 1.82 -27.19 -39.76
N THR B 236 1.45 -28.40 -40.19
CA THR B 236 0.61 -29.27 -39.36
C THR B 236 1.16 -30.69 -39.31
N ARG B 237 1.88 -31.11 -40.36
CA ARG B 237 2.41 -32.46 -40.47
C ARG B 237 3.85 -32.41 -40.93
N PHE B 238 4.61 -33.45 -40.58
CA PHE B 238 6.03 -33.48 -40.92
C PHE B 238 6.49 -34.91 -41.06
N GLN B 239 7.59 -35.09 -41.81
CA GLN B 239 8.17 -36.40 -42.07
C GLN B 239 9.66 -36.38 -41.77
N THR B 240 10.36 -37.45 -42.16
CA THR B 240 11.81 -37.50 -42.02
C THR B 240 12.39 -38.29 -43.19
N LEU B 241 13.55 -37.86 -43.67
CA LEU B 241 14.20 -38.47 -44.82
C LEU B 241 15.32 -39.39 -44.35
N LEU B 242 15.38 -40.59 -44.89
CA LEU B 242 16.41 -41.57 -44.57
C LEU B 242 17.22 -41.88 -45.80
N ALA B 243 18.48 -42.26 -45.59
CA ALA B 243 19.37 -42.67 -46.67
C ALA B 243 19.58 -44.18 -46.59
N LEU B 244 19.35 -44.87 -47.71
CA LEU B 244 19.52 -46.30 -47.79
C LEU B 244 20.65 -46.63 -48.76
N HIS B 245 21.39 -47.69 -48.44
CA HIS B 245 22.54 -48.10 -49.24
C HIS B 245 22.31 -49.50 -49.80
N ARG B 246 22.53 -49.65 -51.10
CA ARG B 246 22.43 -50.94 -51.78
C ARG B 246 23.66 -51.12 -52.67
N SER B 247 24.22 -52.33 -52.66
CA SER B 247 25.37 -52.63 -53.51
C SER B 247 25.08 -53.73 -54.52
N TYR B 248 24.74 -54.93 -54.07
CA TYR B 248 24.48 -56.03 -55.00
C TYR B 248 23.32 -56.92 -54.59
N LEU B 249 22.60 -56.62 -53.52
CA LEU B 249 21.54 -57.51 -53.05
C LEU B 249 20.34 -57.39 -53.98
N THR B 250 20.23 -58.35 -54.90
CA THR B 250 19.13 -58.45 -55.87
C THR B 250 18.72 -57.10 -56.47
N SER B 254 12.75 -50.90 -56.44
CA SER B 254 11.62 -51.17 -55.55
C SER B 254 12.03 -52.09 -54.41
N SER B 255 12.75 -53.16 -54.76
CA SER B 255 13.20 -54.14 -53.78
C SER B 255 14.65 -54.52 -54.01
N SER B 256 15.48 -53.57 -54.45
CA SER B 256 16.86 -53.84 -54.82
C SER B 256 17.80 -53.80 -53.62
N GLY B 257 17.48 -54.54 -52.57
CA GLY B 257 18.36 -54.66 -51.42
C GLY B 257 18.65 -53.35 -50.72
N TRP B 258 17.61 -52.59 -50.41
CA TRP B 258 17.79 -51.27 -49.82
C TRP B 258 18.14 -51.37 -48.34
N THR B 259 19.17 -52.12 -48.00
CA THR B 259 19.49 -52.40 -46.61
C THR B 259 19.91 -51.12 -45.87
N ALA B 260 19.58 -51.08 -44.59
CA ALA B 260 19.93 -49.96 -43.72
C ALA B 260 20.89 -50.46 -42.64
N GLY B 261 21.93 -49.66 -42.37
CA GLY B 261 22.92 -50.05 -41.40
C GLY B 261 22.43 -50.01 -39.97
N ALA B 262 22.19 -48.81 -39.44
CA ALA B 262 21.69 -48.64 -38.09
C ALA B 262 21.19 -47.22 -37.88
N ALA B 263 19.94 -47.07 -37.43
CA ALA B 263 19.37 -45.75 -37.22
C ALA B 263 18.20 -45.85 -36.26
N ALA B 264 18.00 -44.81 -35.47
CA ALA B 264 16.86 -44.71 -34.57
C ALA B 264 16.66 -43.25 -34.21
N TYR B 265 15.40 -42.88 -33.99
CA TYR B 265 15.08 -41.51 -33.61
C TYR B 265 13.83 -41.50 -32.75
N TYR B 266 13.68 -40.42 -31.99
CA TYR B 266 12.63 -40.31 -30.98
C TYR B 266 11.93 -38.96 -31.14
N VAL B 267 10.61 -38.98 -31.00
CA VAL B 267 9.77 -37.81 -31.24
C VAL B 267 8.96 -37.50 -29.99
N GLY B 268 9.05 -36.25 -29.52
CA GLY B 268 8.22 -35.80 -28.43
C GLY B 268 7.54 -34.50 -28.80
N TYR B 269 6.46 -34.20 -28.09
CA TYR B 269 5.61 -33.06 -28.40
C TYR B 269 5.69 -32.04 -27.27
N LEU B 270 5.97 -30.79 -27.65
CA LEU B 270 6.08 -29.71 -26.67
C LEU B 270 4.70 -29.34 -26.11
N GLN B 271 4.70 -28.88 -24.87
CA GLN B 271 3.50 -28.41 -24.19
C GLN B 271 3.84 -27.16 -23.40
N PRO B 272 2.86 -26.28 -23.18
CA PRO B 272 3.12 -25.10 -22.35
C PRO B 272 3.30 -25.46 -20.89
N ARG B 273 4.52 -25.29 -20.37
CA ARG B 273 4.84 -25.64 -19.00
C ARG B 273 5.66 -24.53 -18.37
N THR B 274 5.93 -24.67 -17.08
CA THR B 274 6.75 -23.73 -16.33
C THR B 274 7.95 -24.48 -15.76
N PHE B 275 9.15 -23.92 -15.98
CA PHE B 275 10.38 -24.55 -15.55
C PHE B 275 11.15 -23.60 -14.65
N LEU B 276 12.01 -24.17 -13.81
CA LEU B 276 12.88 -23.42 -12.91
C LEU B 276 14.32 -23.67 -13.35
N LEU B 277 14.78 -22.87 -14.32
CA LEU B 277 16.11 -23.05 -14.86
C LEU B 277 17.17 -22.56 -13.87
N LYS B 278 18.31 -23.25 -13.85
CA LYS B 278 19.43 -22.89 -13.00
C LYS B 278 20.65 -22.62 -13.88
N TYR B 279 21.27 -21.46 -13.69
CA TYR B 279 22.42 -21.05 -14.48
C TYR B 279 23.69 -21.25 -13.67
N ASN B 280 24.69 -21.86 -14.28
CA ASN B 280 25.96 -22.11 -13.61
C ASN B 280 26.75 -20.80 -13.49
N GLU B 281 27.91 -20.88 -12.84
CA GLU B 281 28.77 -19.71 -12.73
C GLU B 281 29.28 -19.26 -14.08
N ASN B 282 29.64 -20.20 -14.95
CA ASN B 282 30.12 -19.86 -16.29
C ASN B 282 29.04 -19.16 -17.09
N GLY B 283 27.78 -19.55 -16.91
CA GLY B 283 26.69 -18.99 -17.67
C GLY B 283 25.93 -20.03 -18.46
N THR B 284 25.94 -21.27 -17.99
CA THR B 284 25.33 -22.39 -18.68
C THR B 284 24.23 -23.00 -17.82
N ILE B 285 23.21 -23.52 -18.48
CA ILE B 285 22.10 -24.19 -17.80
C ILE B 285 22.51 -25.62 -17.51
N THR B 286 22.44 -26.01 -16.23
CA THR B 286 22.81 -27.36 -15.82
C THR B 286 21.69 -28.15 -15.16
N ASP B 287 20.65 -27.49 -14.67
CA ASP B 287 19.56 -28.20 -14.00
C ASP B 287 18.24 -27.48 -14.25
N ALA B 288 17.15 -28.24 -14.23
CA ALA B 288 15.83 -27.69 -14.41
C ALA B 288 14.85 -28.47 -13.55
N VAL B 289 13.73 -27.82 -13.22
CA VAL B 289 12.69 -28.42 -12.39
C VAL B 289 11.34 -28.12 -13.02
N ASP B 290 10.52 -29.15 -13.20
CA ASP B 290 9.18 -29.00 -13.75
C ASP B 290 8.21 -28.66 -12.63
N CYS B 291 7.44 -27.60 -12.82
CA CYS B 291 6.48 -27.18 -11.81
C CYS B 291 5.19 -28.00 -11.84
N SER B 292 5.03 -28.90 -12.81
CA SER B 292 3.80 -29.69 -12.92
C SER B 292 4.09 -31.18 -13.05
N LEU B 293 5.21 -31.65 -12.50
CA LEU B 293 5.55 -33.07 -12.62
C LEU B 293 4.99 -33.88 -11.45
N ASP B 294 5.28 -33.46 -10.23
CA ASP B 294 4.79 -34.14 -9.03
C ASP B 294 4.78 -33.13 -7.90
N PRO B 295 4.10 -33.46 -6.76
CA PRO B 295 4.01 -32.49 -5.67
C PRO B 295 5.35 -31.96 -5.18
N LEU B 296 6.35 -32.83 -5.10
CA LEU B 296 7.67 -32.42 -4.63
C LEU B 296 8.26 -31.36 -5.55
N SER B 297 8.16 -31.59 -6.87
CA SER B 297 8.64 -30.58 -7.81
C SER B 297 7.81 -29.31 -7.75
N GLU B 298 6.51 -29.43 -7.46
CA GLU B 298 5.68 -28.24 -7.33
C GLU B 298 6.12 -27.38 -6.14
N THR B 299 6.38 -28.00 -5.00
CA THR B 299 6.84 -27.21 -3.86
C THR B 299 8.28 -26.74 -4.05
N LYS B 300 9.07 -27.46 -4.84
CA LYS B 300 10.39 -26.95 -5.25
C LYS B 300 10.24 -25.66 -6.03
N CYS B 301 9.31 -25.64 -6.99
CA CYS B 301 9.05 -24.42 -7.75
C CYS B 301 8.54 -23.30 -6.85
N THR B 302 7.64 -23.63 -5.92
CA THR B 302 7.10 -22.61 -5.02
C THR B 302 8.18 -22.01 -4.14
N LEU B 303 9.09 -22.84 -3.62
CA LEU B 303 10.15 -22.35 -2.75
C LEU B 303 11.26 -21.66 -3.53
N LYS B 304 11.35 -21.88 -4.84
CA LYS B 304 12.41 -21.31 -5.68
C LYS B 304 13.79 -21.74 -5.19
N SER B 305 13.95 -23.06 -4.99
CA SER B 305 15.22 -23.63 -4.58
C SER B 305 15.21 -25.11 -4.91
N PHE B 306 16.41 -25.69 -4.91
CA PHE B 306 16.57 -27.11 -5.22
C PHE B 306 16.72 -27.97 -3.97
N THR B 307 16.62 -27.39 -2.78
CA THR B 307 16.74 -28.13 -1.53
C THR B 307 15.54 -27.79 -0.64
N VAL B 308 14.88 -28.82 -0.14
CA VAL B 308 13.71 -28.67 0.72
C VAL B 308 13.99 -29.38 2.04
N GLU B 309 13.75 -28.67 3.15
CA GLU B 309 13.91 -29.25 4.48
C GLU B 309 12.58 -29.87 4.91
N LYS B 310 12.51 -30.32 6.16
CA LYS B 310 11.25 -30.85 6.69
C LYS B 310 10.23 -29.74 6.85
N GLY B 311 8.96 -30.12 6.80
CA GLY B 311 7.89 -29.16 7.01
C GLY B 311 6.61 -29.65 6.38
N ILE B 312 5.58 -28.80 6.49
CA ILE B 312 4.27 -29.13 5.96
C ILE B 312 4.10 -28.57 4.54
N TYR B 313 4.57 -27.35 4.28
CA TYR B 313 4.70 -26.80 2.93
C TYR B 313 3.37 -26.81 2.19
N GLN B 314 2.44 -25.98 2.69
CA GLN B 314 1.16 -25.82 2.02
C GLN B 314 1.33 -25.22 0.64
N THR B 315 1.15 -26.03 -0.40
CA THR B 315 1.40 -25.60 -1.77
C THR B 315 0.12 -25.00 -2.37
N SER B 316 0.18 -24.72 -3.66
CA SER B 316 -0.94 -24.09 -4.35
C SER B 316 -2.14 -25.03 -4.41
N ASN B 317 -3.33 -24.43 -4.41
CA ASN B 317 -4.56 -25.21 -4.49
C ASN B 317 -4.62 -25.97 -5.82
N PHE B 318 -5.15 -27.18 -5.77
CA PHE B 318 -5.26 -28.01 -6.96
C PHE B 318 -6.33 -27.47 -7.91
N ARG B 319 -6.18 -27.83 -9.19
CA ARG B 319 -7.10 -27.40 -10.23
C ARG B 319 -7.53 -28.59 -11.08
N VAL B 320 -8.54 -28.38 -11.89
CA VAL B 320 -9.05 -29.39 -12.82
C VAL B 320 -9.03 -28.79 -14.22
N GLN B 321 -8.51 -29.55 -15.18
CA GLN B 321 -8.37 -29.07 -16.55
C GLN B 321 -9.70 -29.16 -17.29
N PRO B 322 -10.18 -28.06 -17.88
CA PRO B 322 -11.40 -28.08 -18.72
C PRO B 322 -11.11 -28.53 -20.14
N THR B 323 -11.11 -29.85 -20.33
CA THR B 323 -10.69 -30.45 -21.60
C THR B 323 -11.61 -30.13 -22.77
N GLU B 324 -12.84 -29.70 -22.53
CA GLU B 324 -13.81 -29.48 -23.59
C GLU B 324 -14.27 -28.04 -23.62
N SER B 325 -15.02 -27.68 -24.65
CA SER B 325 -15.54 -26.34 -24.81
C SER B 325 -16.84 -26.39 -25.60
N ILE B 326 -17.74 -25.45 -25.29
CA ILE B 326 -19.04 -25.37 -25.96
C ILE B 326 -19.29 -23.93 -26.39
N VAL B 327 -20.18 -23.78 -27.38
CA VAL B 327 -20.65 -22.49 -27.85
C VAL B 327 -22.16 -22.55 -27.94
N ARG B 328 -22.84 -21.56 -27.38
CA ARG B 328 -24.30 -21.54 -27.33
C ARG B 328 -24.80 -20.18 -27.77
N PHE B 329 -25.47 -20.13 -28.92
CA PHE B 329 -26.02 -18.91 -29.49
C PHE B 329 -27.49 -19.12 -29.80
N PRO B 330 -28.29 -18.05 -29.80
CA PRO B 330 -29.72 -18.18 -30.09
C PRO B 330 -29.96 -18.60 -31.53
N ASN B 331 -31.21 -18.95 -31.81
CA ASN B 331 -31.62 -19.47 -33.11
C ASN B 331 -31.90 -18.31 -34.05
N ILE B 332 -30.85 -17.81 -34.70
CA ILE B 332 -30.95 -16.78 -35.72
C ILE B 332 -30.32 -17.31 -37.00
N THR B 333 -31.06 -17.23 -38.10
CA THR B 333 -30.62 -17.78 -39.37
C THR B 333 -30.50 -16.74 -40.46
N ASN B 334 -31.51 -15.89 -40.63
CA ASN B 334 -31.50 -14.91 -41.72
C ASN B 334 -30.43 -13.85 -41.50
N LEU B 335 -29.76 -13.47 -42.57
CA LEU B 335 -28.70 -12.48 -42.49
C LEU B 335 -29.28 -11.09 -42.23
N CYS B 336 -28.41 -10.18 -41.81
CA CYS B 336 -28.87 -8.84 -41.48
C CYS B 336 -29.03 -8.01 -42.76
N PRO B 337 -30.04 -7.13 -42.81
CA PRO B 337 -30.23 -6.32 -44.03
C PRO B 337 -29.16 -5.27 -44.21
N PHE B 338 -27.97 -5.68 -44.64
CA PHE B 338 -26.92 -4.72 -44.96
C PHE B 338 -27.27 -3.90 -46.18
N GLY B 339 -27.93 -4.52 -47.17
CA GLY B 339 -28.26 -3.81 -48.38
C GLY B 339 -29.23 -2.67 -48.16
N GLU B 340 -30.19 -2.86 -47.25
CA GLU B 340 -31.20 -1.83 -47.01
C GLU B 340 -30.57 -0.57 -46.45
N VAL B 341 -29.64 -0.70 -45.50
CA VAL B 341 -29.09 0.47 -44.82
C VAL B 341 -27.88 1.03 -45.56
N PHE B 342 -26.98 0.17 -46.03
CA PHE B 342 -25.77 0.66 -46.70
C PHE B 342 -26.04 1.06 -48.14
N ASN B 343 -26.79 0.22 -48.87
CA ASN B 343 -27.03 0.44 -50.30
C ASN B 343 -28.31 1.22 -50.56
N ALA B 344 -28.74 2.06 -49.61
CA ALA B 344 -29.92 2.88 -49.82
C ALA B 344 -29.66 3.91 -50.91
N THR B 345 -30.64 4.10 -51.79
CA THR B 345 -30.49 5.07 -52.87
C THR B 345 -30.39 6.49 -52.32
N THR B 346 -31.20 6.81 -51.31
CA THR B 346 -31.24 8.14 -50.73
C THR B 346 -30.78 8.11 -49.29
N PHE B 347 -30.17 9.20 -48.85
CA PHE B 347 -29.73 9.37 -47.47
C PHE B 347 -30.28 10.69 -46.94
N ALA B 348 -30.71 10.67 -45.69
CA ALA B 348 -31.32 11.85 -45.09
C ALA B 348 -30.27 12.92 -44.80
N SER B 349 -30.75 14.16 -44.66
CA SER B 349 -29.87 15.26 -44.34
C SER B 349 -29.28 15.09 -42.93
N VAL B 350 -28.20 15.82 -42.66
CA VAL B 350 -27.46 15.62 -41.43
C VAL B 350 -28.27 16.07 -40.22
N TYR B 351 -28.96 17.20 -40.32
CA TYR B 351 -29.68 17.73 -39.16
C TYR B 351 -30.85 16.83 -38.77
N ALA B 352 -31.59 16.32 -39.75
CA ALA B 352 -32.69 15.39 -39.51
C ALA B 352 -32.24 13.95 -39.78
N TRP B 353 -31.31 13.47 -38.97
CA TRP B 353 -30.76 12.14 -39.17
C TRP B 353 -31.83 11.07 -38.91
N ASN B 354 -31.70 9.96 -39.62
CA ASN B 354 -32.69 8.89 -39.61
C ASN B 354 -32.17 7.72 -38.77
N ARG B 355 -32.97 7.30 -37.80
CA ARG B 355 -32.62 6.22 -36.89
C ARG B 355 -33.43 4.98 -37.23
N LYS B 356 -32.77 3.84 -37.35
CA LYS B 356 -33.39 2.59 -37.74
C LYS B 356 -33.05 1.50 -36.75
N ARG B 357 -34.06 0.79 -36.26
CA ARG B 357 -33.84 -0.31 -35.32
C ARG B 357 -33.52 -1.59 -36.07
N ILE B 358 -32.53 -2.33 -35.58
CA ILE B 358 -32.09 -3.57 -36.19
C ILE B 358 -32.23 -4.69 -35.15
N SER B 359 -32.86 -5.78 -35.55
CA SER B 359 -33.06 -6.91 -34.67
C SER B 359 -33.23 -8.18 -35.51
N ASN B 360 -33.06 -9.33 -34.85
CA ASN B 360 -33.16 -10.64 -35.49
C ASN B 360 -32.22 -10.73 -36.69
N CYS B 361 -30.93 -10.62 -36.40
CA CYS B 361 -29.91 -10.50 -37.44
C CYS B 361 -28.78 -11.48 -37.17
N VAL B 362 -28.04 -11.79 -38.23
CA VAL B 362 -26.74 -12.45 -38.14
C VAL B 362 -25.73 -11.44 -38.66
N ALA B 363 -25.03 -10.77 -37.74
CA ALA B 363 -24.14 -9.66 -38.09
C ALA B 363 -22.86 -10.21 -38.72
N ASP B 364 -22.98 -10.64 -39.96
CA ASP B 364 -21.86 -11.14 -40.75
C ASP B 364 -21.54 -10.10 -41.82
N TYR B 365 -20.47 -9.35 -41.62
CA TYR B 365 -20.06 -8.32 -42.56
C TYR B 365 -19.11 -8.83 -43.62
N SER B 366 -18.85 -10.14 -43.65
CA SER B 366 -17.95 -10.69 -44.66
C SER B 366 -18.50 -10.51 -46.08
N VAL B 367 -19.80 -10.31 -46.23
CA VAL B 367 -20.39 -10.07 -47.55
C VAL B 367 -20.13 -8.65 -48.05
N LEU B 368 -19.60 -7.78 -47.20
CA LEU B 368 -19.37 -6.39 -47.56
C LEU B 368 -17.99 -6.14 -48.15
N TYR B 369 -17.10 -7.13 -48.13
CA TYR B 369 -15.72 -6.91 -48.56
C TYR B 369 -15.61 -6.65 -50.05
N ASN B 370 -16.58 -7.08 -50.85
CA ASN B 370 -16.54 -6.85 -52.28
C ASN B 370 -17.40 -5.69 -52.73
N SER B 371 -18.28 -5.17 -51.87
CA SER B 371 -19.23 -4.15 -52.27
C SER B 371 -18.68 -2.74 -52.07
N THR B 372 -18.31 -2.40 -50.84
CA THR B 372 -17.93 -1.03 -50.48
C THR B 372 -16.60 -1.02 -49.75
N SER B 373 -15.84 0.04 -49.96
CA SER B 373 -14.59 0.27 -49.24
C SER B 373 -14.76 1.47 -48.32
N PHE B 374 -14.47 1.27 -47.03
CA PHE B 374 -14.70 2.28 -46.01
C PHE B 374 -13.43 3.08 -45.77
N SER B 375 -13.54 4.41 -45.85
CA SER B 375 -12.42 5.29 -45.57
C SER B 375 -12.22 5.53 -44.08
N THR B 376 -13.18 5.16 -43.24
CA THR B 376 -13.06 5.35 -41.80
C THR B 376 -13.90 4.30 -41.08
N PHE B 377 -13.26 3.55 -40.18
CA PHE B 377 -13.96 2.56 -39.38
C PHE B 377 -13.31 2.54 -38.01
N LYS B 378 -13.96 3.17 -37.03
CA LYS B 378 -13.42 3.29 -35.69
C LYS B 378 -14.45 2.78 -34.68
N CYS B 379 -14.03 1.84 -33.83
CA CYS B 379 -14.87 1.29 -32.78
C CYS B 379 -14.33 1.72 -31.43
N TYR B 380 -15.23 1.97 -30.48
CA TYR B 380 -14.87 2.58 -29.21
C TYR B 380 -14.99 1.61 -28.04
N GLY B 381 -16.16 1.02 -27.83
CA GLY B 381 -16.37 0.16 -26.69
C GLY B 381 -15.96 -1.27 -26.85
N VAL B 382 -15.58 -1.69 -28.06
CA VAL B 382 -15.29 -3.09 -28.33
C VAL B 382 -14.16 -3.15 -29.36
N SER B 383 -13.25 -4.10 -29.16
CA SER B 383 -12.16 -4.28 -30.12
C SER B 383 -12.70 -4.78 -31.45
N PRO B 384 -12.22 -4.25 -32.57
CA PRO B 384 -12.70 -4.73 -33.88
C PRO B 384 -12.42 -6.20 -34.12
N THR B 385 -11.32 -6.74 -33.60
CA THR B 385 -11.00 -8.14 -33.82
C THR B 385 -11.99 -9.06 -33.13
N LYS B 386 -12.46 -8.67 -31.95
CA LYS B 386 -13.39 -9.49 -31.17
C LYS B 386 -14.85 -9.23 -31.53
N LEU B 387 -15.11 -8.73 -32.74
CA LEU B 387 -16.48 -8.41 -33.15
C LEU B 387 -17.24 -9.62 -33.68
N ASN B 388 -16.59 -10.77 -33.79
CA ASN B 388 -17.24 -11.95 -34.36
C ASN B 388 -17.68 -12.96 -33.30
N ASP B 389 -17.20 -12.83 -32.07
CA ASP B 389 -17.52 -13.77 -31.00
C ASP B 389 -18.44 -13.16 -29.95
N LEU B 390 -19.32 -12.24 -30.36
CA LEU B 390 -20.17 -11.52 -29.42
C LEU B 390 -21.60 -11.51 -29.91
N CYS B 391 -22.52 -11.32 -28.96
CA CYS B 391 -23.93 -11.11 -29.23
C CYS B 391 -24.32 -9.73 -28.72
N PHE B 392 -25.00 -8.96 -29.57
CA PHE B 392 -25.36 -7.58 -29.27
C PHE B 392 -26.83 -7.48 -28.90
N THR B 393 -27.15 -6.52 -28.05
CA THR B 393 -28.46 -6.45 -27.40
C THR B 393 -29.45 -5.55 -28.15
N ASN B 394 -29.13 -4.27 -28.28
CA ASN B 394 -30.08 -3.25 -28.69
C ASN B 394 -29.49 -2.34 -29.76
N VAL B 395 -28.93 -2.95 -30.81
CA VAL B 395 -28.25 -2.17 -31.83
C VAL B 395 -29.20 -1.18 -32.50
N TYR B 396 -28.63 -0.07 -32.96
CA TYR B 396 -29.36 0.93 -33.73
C TYR B 396 -28.46 1.45 -34.83
N ALA B 397 -29.06 1.88 -35.93
CA ALA B 397 -28.33 2.39 -37.08
C ALA B 397 -28.78 3.80 -37.40
N ASP B 398 -27.81 4.71 -37.50
CA ASP B 398 -28.06 6.11 -37.85
C ASP B 398 -27.26 6.45 -39.09
N SER B 399 -27.85 7.24 -39.99
CA SER B 399 -27.22 7.54 -41.26
C SER B 399 -27.57 8.95 -41.70
N PHE B 400 -26.60 9.63 -42.32
CA PHE B 400 -26.81 10.95 -42.87
C PHE B 400 -25.68 11.23 -43.86
N VAL B 401 -25.59 12.47 -44.33
CA VAL B 401 -24.58 12.88 -45.30
C VAL B 401 -23.91 14.16 -44.78
N VAL B 402 -22.58 14.16 -44.76
CA VAL B 402 -21.80 15.32 -44.35
C VAL B 402 -20.73 15.58 -45.41
N ARG B 403 -19.95 16.64 -45.18
CA ARG B 403 -18.87 16.99 -46.09
C ARG B 403 -17.70 16.04 -45.93
N GLY B 404 -16.71 16.19 -46.81
CA GLY B 404 -15.55 15.32 -46.77
C GLY B 404 -14.70 15.50 -45.53
N ASP B 405 -14.53 16.74 -45.08
CA ASP B 405 -13.60 17.05 -44.00
C ASP B 405 -14.29 17.19 -42.64
N GLU B 406 -15.60 17.00 -42.55
CA GLU B 406 -16.30 17.03 -41.27
C GLU B 406 -16.60 15.64 -40.72
N VAL B 407 -16.02 14.60 -41.31
CA VAL B 407 -16.17 13.26 -40.74
C VAL B 407 -15.46 13.18 -39.40
N ARG B 408 -14.40 13.96 -39.21
CA ARG B 408 -13.65 13.94 -37.95
C ARG B 408 -14.50 14.39 -36.77
N GLN B 409 -15.59 15.11 -37.01
CA GLN B 409 -16.44 15.59 -35.93
C GLN B 409 -17.41 14.54 -35.43
N ILE B 410 -17.54 13.41 -36.12
CA ILE B 410 -18.43 12.32 -35.67
C ILE B 410 -17.58 11.45 -34.76
N ALA B 411 -17.47 11.88 -33.50
CA ALA B 411 -16.69 11.20 -32.48
C ALA B 411 -16.98 11.84 -31.13
N PRO B 412 -16.93 11.08 -30.03
CA PRO B 412 -17.17 11.68 -28.72
C PRO B 412 -16.09 12.69 -28.37
N GLY B 413 -16.49 13.70 -27.61
CA GLY B 413 -15.55 14.73 -27.15
C GLY B 413 -14.96 15.55 -28.27
N GLN B 414 -15.79 16.00 -29.21
CA GLN B 414 -15.34 16.80 -30.34
C GLN B 414 -16.26 18.01 -30.49
N THR B 415 -15.72 19.06 -31.10
CA THR B 415 -16.45 20.31 -31.30
C THR B 415 -16.47 20.70 -32.77
N GLY B 416 -17.39 21.59 -33.10
CA GLY B 416 -17.60 22.03 -34.46
C GLY B 416 -19.05 22.29 -34.72
N LYS B 417 -19.41 22.72 -35.94
CA LYS B 417 -20.82 22.94 -36.24
C LYS B 417 -21.60 21.64 -36.22
N ILE B 418 -21.03 20.56 -36.76
CA ILE B 418 -21.71 19.27 -36.76
C ILE B 418 -21.88 18.75 -35.33
N ALA B 419 -20.85 18.90 -34.51
CA ALA B 419 -20.89 18.37 -33.14
C ALA B 419 -21.60 19.29 -32.17
N ASP B 420 -22.13 20.42 -32.62
CA ASP B 420 -22.84 21.34 -31.75
C ASP B 420 -24.29 21.56 -32.16
N TYR B 421 -24.57 21.62 -33.46
CA TYR B 421 -25.89 22.01 -33.93
C TYR B 421 -26.62 20.93 -34.72
N ASN B 422 -25.95 19.84 -35.11
CA ASN B 422 -26.56 18.85 -35.97
C ASN B 422 -26.65 17.47 -35.34
N TYR B 423 -25.55 16.96 -34.78
CA TYR B 423 -25.53 15.58 -34.29
C TYR B 423 -24.40 15.44 -33.29
N LYS B 424 -24.73 15.16 -32.04
CA LYS B 424 -23.76 15.04 -30.97
C LYS B 424 -23.77 13.61 -30.43
N LEU B 425 -22.56 13.05 -30.18
CA LEU B 425 -22.41 11.73 -29.61
C LEU B 425 -22.15 11.81 -28.11
N PRO B 426 -22.64 10.83 -27.35
CA PRO B 426 -22.41 10.86 -25.90
C PRO B 426 -20.95 10.65 -25.56
N ASP B 427 -20.57 11.16 -24.37
CA ASP B 427 -19.20 10.99 -23.91
C ASP B 427 -18.86 9.52 -23.69
N ASP B 428 -19.79 8.76 -23.11
CA ASP B 428 -19.62 7.32 -22.91
C ASP B 428 -20.33 6.61 -24.07
N PHE B 429 -19.56 6.22 -25.07
CA PHE B 429 -20.09 5.65 -26.30
C PHE B 429 -19.51 4.26 -26.51
N THR B 430 -20.38 3.33 -26.90
CA THR B 430 -19.97 1.98 -27.29
C THR B 430 -20.58 1.68 -28.66
N GLY B 431 -19.72 1.43 -29.63
CA GLY B 431 -20.17 1.22 -30.99
C GLY B 431 -19.07 1.59 -31.96
N CYS B 432 -19.45 1.66 -33.24
CA CYS B 432 -18.51 1.94 -34.31
C CYS B 432 -19.06 3.02 -35.23
N VAL B 433 -18.15 3.79 -35.82
CA VAL B 433 -18.50 4.86 -36.76
C VAL B 433 -17.90 4.49 -38.12
N ILE B 434 -18.76 4.38 -39.13
CA ILE B 434 -18.36 3.94 -40.46
C ILE B 434 -18.72 5.04 -41.45
N ALA B 435 -17.77 5.41 -42.31
CA ALA B 435 -18.00 6.38 -43.35
C ALA B 435 -17.23 5.97 -44.60
N TRP B 436 -17.75 6.36 -45.76
CA TRP B 436 -17.13 6.03 -47.03
C TRP B 436 -17.52 7.08 -48.06
N ASN B 437 -16.58 7.40 -48.95
CA ASN B 437 -16.82 8.41 -49.96
C ASN B 437 -17.96 7.99 -50.88
N SER B 438 -18.79 8.95 -51.26
CA SER B 438 -19.96 8.69 -52.10
C SER B 438 -20.11 9.77 -53.16
N ASN B 439 -18.98 10.18 -53.74
CA ASN B 439 -19.02 11.26 -54.73
C ASN B 439 -19.74 10.84 -56.00
N ASN B 440 -19.77 9.54 -56.31
CA ASN B 440 -20.39 9.10 -57.55
C ASN B 440 -21.91 9.17 -57.50
N LEU B 441 -22.49 8.96 -56.32
CA LEU B 441 -23.95 8.85 -56.19
C LEU B 441 -24.61 10.12 -55.69
N ASP B 442 -23.91 10.96 -54.93
CA ASP B 442 -24.50 12.11 -54.26
C ASP B 442 -24.12 13.43 -54.90
N SER B 443 -23.63 13.42 -56.14
CA SER B 443 -23.20 14.64 -56.81
C SER B 443 -23.77 14.68 -58.22
N LYS B 444 -23.98 15.90 -58.72
CA LYS B 444 -24.49 16.12 -60.07
C LYS B 444 -23.76 17.29 -60.70
N VAL B 445 -23.78 17.34 -62.03
CA VAL B 445 -23.08 18.39 -62.75
C VAL B 445 -23.66 19.76 -62.42
N GLY B 446 -24.98 19.83 -62.25
CA GLY B 446 -25.63 21.09 -61.93
C GLY B 446 -25.60 21.47 -60.47
N GLY B 447 -24.97 20.65 -59.62
CA GLY B 447 -24.90 20.95 -58.21
C GLY B 447 -26.03 20.31 -57.42
N ASN B 448 -25.69 19.44 -56.48
CA ASN B 448 -26.67 18.77 -55.64
C ASN B 448 -26.95 19.64 -54.42
N TYR B 449 -28.19 20.10 -54.28
CA TYR B 449 -28.58 20.96 -53.17
C TYR B 449 -29.66 20.32 -52.30
N ASN B 450 -29.70 18.99 -52.24
CA ASN B 450 -30.75 18.32 -51.48
C ASN B 450 -30.41 18.20 -50.00
N TYR B 451 -29.16 18.45 -49.62
CA TYR B 451 -28.74 18.26 -48.24
C TYR B 451 -28.52 19.59 -47.54
N LEU B 452 -29.03 19.68 -46.31
CA LEU B 452 -28.99 20.92 -45.55
C LEU B 452 -28.42 20.64 -44.16
N TYR B 453 -27.80 21.67 -43.57
CA TYR B 453 -27.28 21.59 -42.22
C TYR B 453 -27.64 22.86 -41.48
N ARG B 454 -27.64 22.78 -40.15
CA ARG B 454 -27.96 23.92 -39.31
C ARG B 454 -26.71 24.73 -39.04
N LEU B 455 -26.86 26.06 -39.05
CA LEU B 455 -25.76 26.98 -38.84
C LEU B 455 -25.86 27.79 -37.56
N PHE B 456 -27.05 28.01 -37.04
CA PHE B 456 -27.25 28.84 -35.86
C PHE B 456 -28.16 28.14 -34.87
N ARG B 457 -27.86 28.30 -33.58
CA ARG B 457 -28.71 27.78 -32.53
C ARG B 457 -28.44 28.57 -31.26
N LYS B 458 -29.42 28.52 -30.35
CA LYS B 458 -29.31 29.26 -29.08
C LYS B 458 -28.46 28.52 -28.05
N SER B 459 -28.18 27.24 -28.25
CA SER B 459 -27.39 26.47 -27.31
C SER B 459 -26.89 25.21 -28.01
N ASN B 460 -26.00 24.49 -27.32
CA ASN B 460 -25.50 23.24 -27.84
C ASN B 460 -26.59 22.18 -27.81
N LEU B 461 -26.25 20.99 -28.30
CA LEU B 461 -27.18 19.87 -28.38
C LEU B 461 -26.77 18.78 -27.40
N LYS B 462 -27.75 18.27 -26.66
CA LYS B 462 -27.51 17.12 -25.80
C LYS B 462 -27.30 15.87 -26.66
N PRO B 463 -26.62 14.85 -26.12
CA PRO B 463 -26.31 13.67 -26.93
C PRO B 463 -27.56 13.01 -27.47
N PHE B 464 -27.47 12.54 -28.72
CA PHE B 464 -28.53 11.80 -29.39
C PHE B 464 -29.85 12.58 -29.40
N GLU B 465 -29.76 13.84 -29.82
CA GLU B 465 -30.92 14.71 -29.89
C GLU B 465 -31.14 15.15 -31.33
N ARG B 466 -32.38 15.56 -31.62
CA ARG B 466 -32.76 16.01 -32.95
C ARG B 466 -33.53 17.32 -32.84
N ASP B 467 -33.41 18.16 -33.85
CA ASP B 467 -34.11 19.45 -33.87
C ASP B 467 -34.38 19.83 -35.30
N ILE B 468 -35.67 19.90 -35.67
CA ILE B 468 -36.08 20.24 -37.02
C ILE B 468 -36.85 21.56 -37.06
N SER B 469 -36.76 22.35 -36.00
CA SER B 469 -37.40 23.66 -36.00
C SER B 469 -36.71 24.58 -37.01
N THR B 470 -37.52 25.35 -37.75
CA THR B 470 -37.02 26.26 -38.77
C THR B 470 -37.28 27.71 -38.42
N GLU B 471 -37.40 28.02 -37.13
CA GLU B 471 -37.68 29.38 -36.71
C GLU B 471 -36.51 30.31 -37.03
N ILE B 472 -36.84 31.58 -37.27
CA ILE B 472 -35.83 32.55 -37.67
C ILE B 472 -34.90 32.84 -36.50
N TYR B 473 -33.60 32.74 -36.76
CA TYR B 473 -32.60 32.98 -35.73
C TYR B 473 -32.32 34.47 -35.62
N GLN B 474 -32.27 34.97 -34.38
CA GLN B 474 -32.01 36.38 -34.11
C GLN B 474 -30.57 36.53 -33.64
N ALA B 475 -29.78 37.32 -34.36
CA ALA B 475 -28.38 37.50 -34.04
C ALA B 475 -28.12 38.67 -33.11
N GLY B 476 -28.93 39.72 -33.18
CA GLY B 476 -28.79 40.88 -32.33
C GLY B 476 -29.80 40.91 -31.22
N SER B 477 -30.13 42.12 -30.76
CA SER B 477 -31.12 42.32 -29.71
C SER B 477 -32.47 42.76 -30.25
N THR B 478 -32.52 43.31 -31.46
CA THR B 478 -33.78 43.73 -32.05
C THR B 478 -34.63 42.51 -32.37
N PRO B 479 -35.90 42.48 -31.98
CA PRO B 479 -36.75 41.33 -32.32
C PRO B 479 -36.91 41.18 -33.83
N CYS B 480 -36.96 39.93 -34.28
CA CYS B 480 -37.03 39.63 -35.71
C CYS B 480 -38.47 39.62 -36.22
N ASN B 481 -39.40 39.08 -35.44
CA ASN B 481 -40.82 39.02 -35.80
C ASN B 481 -41.04 38.32 -37.14
N GLY B 482 -40.28 37.26 -37.38
CA GLY B 482 -40.46 36.44 -38.56
C GLY B 482 -39.82 37.01 -39.82
N VAL B 483 -39.62 38.32 -39.86
CA VAL B 483 -39.04 38.95 -41.03
C VAL B 483 -37.56 38.64 -41.10
N GLU B 484 -37.09 38.23 -42.29
CA GLU B 484 -35.67 37.95 -42.50
C GLU B 484 -34.96 39.27 -42.83
N GLY B 485 -34.60 39.99 -41.78
CA GLY B 485 -33.98 41.29 -41.91
C GLY B 485 -32.47 41.25 -41.81
N PHE B 486 -31.90 42.32 -41.27
CA PHE B 486 -30.45 42.44 -41.16
C PHE B 486 -29.88 41.38 -40.23
N ASN B 487 -30.30 41.41 -38.97
CA ASN B 487 -29.79 40.47 -37.96
C ASN B 487 -30.55 39.15 -37.95
N CYS B 488 -31.52 38.97 -38.83
CA CYS B 488 -32.30 37.75 -38.91
C CYS B 488 -31.72 36.85 -40.00
N TYR B 489 -31.54 35.57 -39.68
CA TYR B 489 -30.94 34.62 -40.60
C TYR B 489 -31.77 33.34 -40.63
N PHE B 490 -31.73 32.65 -41.76
CA PHE B 490 -32.33 31.34 -41.85
C PHE B 490 -31.46 30.34 -41.12
N PRO B 491 -32.00 29.60 -40.15
CA PRO B 491 -31.15 28.74 -39.31
C PRO B 491 -30.38 27.67 -40.08
N LEU B 492 -30.96 27.11 -41.14
CA LEU B 492 -30.35 26.01 -41.87
C LEU B 492 -29.89 26.47 -43.25
N GLN B 493 -28.66 26.12 -43.60
CA GLN B 493 -28.06 26.47 -44.87
C GLN B 493 -28.00 25.24 -45.77
N SER B 494 -27.63 25.48 -47.03
CA SER B 494 -27.61 24.42 -48.03
C SER B 494 -26.18 24.01 -48.36
N TYR B 495 -26.03 22.73 -48.72
CA TYR B 495 -24.76 22.19 -49.17
C TYR B 495 -24.64 22.34 -50.68
N GLY B 496 -23.41 22.51 -51.14
CA GLY B 496 -23.15 22.54 -52.57
C GLY B 496 -22.15 21.48 -52.99
N PHE B 497 -22.63 20.48 -53.72
CA PHE B 497 -21.81 19.35 -54.15
C PHE B 497 -21.65 19.37 -55.65
N HIS B 498 -20.41 19.29 -56.12
CA HIS B 498 -20.08 19.22 -57.53
C HIS B 498 -19.12 18.06 -57.76
N PRO B 499 -19.18 17.42 -58.94
CA PRO B 499 -18.25 16.32 -59.21
C PRO B 499 -16.80 16.76 -59.29
N THR B 500 -16.54 18.05 -59.54
CA THR B 500 -15.19 18.56 -59.70
C THR B 500 -14.67 19.28 -58.46
N ASN B 501 -15.37 19.18 -57.34
CA ASN B 501 -14.91 19.81 -56.11
C ASN B 501 -13.68 19.10 -55.56
N GLY B 502 -13.02 19.75 -54.62
CA GLY B 502 -11.90 19.12 -53.94
C GLY B 502 -12.34 17.95 -53.10
N VAL B 503 -11.37 17.13 -52.71
CA VAL B 503 -11.69 15.92 -51.95
C VAL B 503 -12.26 16.25 -50.58
N GLY B 504 -11.98 17.44 -50.05
CA GLY B 504 -12.56 17.84 -48.78
C GLY B 504 -13.99 18.31 -48.86
N TYR B 505 -14.53 18.45 -50.07
CA TYR B 505 -15.89 18.92 -50.27
C TYR B 505 -16.79 17.88 -50.93
N GLN B 506 -16.27 16.72 -51.29
CA GLN B 506 -17.11 15.66 -51.82
C GLN B 506 -18.00 15.11 -50.71
N PRO B 507 -19.23 14.70 -51.04
CA PRO B 507 -20.13 14.18 -50.02
C PRO B 507 -19.64 12.87 -49.44
N TYR B 508 -19.89 12.68 -48.15
CA TYR B 508 -19.49 11.47 -47.43
C TYR B 508 -20.70 10.89 -46.73
N ARG B 509 -20.95 9.60 -46.96
CA ARG B 509 -22.04 8.90 -46.30
C ARG B 509 -21.54 8.31 -44.99
N VAL B 510 -22.32 8.49 -43.92
CA VAL B 510 -21.91 8.12 -42.58
C VAL B 510 -22.95 7.17 -42.00
N VAL B 511 -22.49 6.07 -41.41
CA VAL B 511 -23.33 5.12 -40.71
C VAL B 511 -22.73 4.89 -39.32
N VAL B 512 -23.55 5.07 -38.28
CA VAL B 512 -23.12 4.94 -36.90
C VAL B 512 -23.97 3.86 -36.24
N LEU B 513 -23.31 2.93 -35.55
CA LEU B 513 -23.99 1.86 -34.84
C LEU B 513 -23.73 1.99 -33.35
N SER B 514 -24.79 1.92 -32.55
CA SER B 514 -24.69 1.96 -31.10
C SER B 514 -25.40 0.75 -30.52
N PHE B 515 -24.78 0.11 -29.53
CA PHE B 515 -25.35 -1.09 -28.96
C PHE B 515 -24.87 -1.28 -27.53
N GLU B 516 -25.56 -2.16 -26.82
CA GLU B 516 -25.13 -2.65 -25.52
C GLU B 516 -24.68 -4.10 -25.67
N LEU B 517 -23.60 -4.46 -24.98
CA LEU B 517 -22.92 -5.72 -25.26
C LEU B 517 -23.45 -6.89 -24.42
N LEU B 518 -23.38 -6.78 -23.10
CA LEU B 518 -23.68 -7.92 -22.24
C LEU B 518 -25.05 -7.83 -21.58
N ASN B 519 -25.40 -6.68 -21.02
CA ASN B 519 -26.66 -6.56 -20.28
C ASN B 519 -27.85 -6.80 -21.19
N ALA B 520 -28.89 -7.42 -20.61
CA ALA B 520 -30.18 -7.67 -21.23
C ALA B 520 -30.07 -8.76 -22.32
N PRO B 521 -31.18 -9.44 -22.64
CA PRO B 521 -31.13 -10.45 -23.71
C PRO B 521 -30.73 -9.83 -25.04
N ALA B 522 -30.01 -10.62 -25.84
CA ALA B 522 -29.47 -10.18 -27.11
C ALA B 522 -30.26 -10.78 -28.28
N THR B 523 -30.23 -10.07 -29.40
CA THR B 523 -30.92 -10.51 -30.62
C THR B 523 -30.04 -10.55 -31.85
N VAL B 524 -28.98 -9.75 -31.93
CA VAL B 524 -28.07 -9.74 -33.06
C VAL B 524 -26.79 -10.45 -32.65
N CYS B 525 -26.48 -11.55 -33.34
CA CYS B 525 -25.33 -12.37 -32.97
C CYS B 525 -24.47 -12.64 -34.19
N GLY B 526 -23.18 -12.80 -33.95
CA GLY B 526 -22.22 -13.02 -35.01
C GLY B 526 -22.22 -14.46 -35.49
N PRO B 527 -21.38 -14.72 -36.50
CA PRO B 527 -21.33 -16.06 -37.13
C PRO B 527 -20.48 -17.06 -36.36
N LYS B 528 -21.09 -17.64 -35.33
CA LYS B 528 -20.47 -18.72 -34.56
C LYS B 528 -21.47 -19.87 -34.46
N LYS B 529 -21.01 -21.08 -34.79
CA LYS B 529 -21.89 -22.24 -34.76
C LYS B 529 -22.10 -22.72 -33.34
N SER B 530 -23.35 -23.11 -33.04
CA SER B 530 -23.71 -23.56 -31.70
C SER B 530 -23.55 -25.07 -31.59
N THR B 531 -23.02 -25.51 -30.44
CA THR B 531 -22.83 -26.92 -30.15
C THR B 531 -23.78 -27.36 -29.04
N ASN B 532 -23.85 -28.67 -28.84
CA ASN B 532 -24.74 -29.23 -27.82
C ASN B 532 -24.25 -28.85 -26.42
N LEU B 533 -25.21 -28.63 -25.52
CA LEU B 533 -24.88 -28.26 -24.15
C LEU B 533 -24.32 -29.47 -23.40
N ILE B 534 -23.25 -29.24 -22.64
CA ILE B 534 -22.61 -30.26 -21.84
C ILE B 534 -22.76 -29.87 -20.38
N LYS B 535 -23.19 -30.82 -19.55
CA LYS B 535 -23.49 -30.56 -18.15
C LYS B 535 -22.58 -31.37 -17.24
N ASN B 536 -22.28 -30.80 -16.06
CA ASN B 536 -21.60 -31.51 -14.98
C ASN B 536 -20.17 -31.88 -15.35
N LYS B 537 -19.48 -30.99 -16.06
CA LYS B 537 -18.05 -31.13 -16.27
C LYS B 537 -17.47 -29.79 -16.68
N CYS B 538 -16.15 -29.67 -16.54
CA CYS B 538 -15.48 -28.40 -16.84
C CYS B 538 -15.39 -28.19 -18.34
N VAL B 539 -15.83 -27.02 -18.79
CA VAL B 539 -15.88 -26.69 -20.22
C VAL B 539 -15.62 -25.20 -20.39
N ASN B 540 -14.90 -24.84 -21.45
CA ASN B 540 -14.70 -23.44 -21.83
C ASN B 540 -15.94 -22.98 -22.58
N PHE B 541 -16.96 -22.62 -21.81
CA PHE B 541 -18.24 -22.24 -22.41
C PHE B 541 -18.15 -20.87 -23.06
N ASN B 542 -19.15 -20.58 -23.90
CA ASN B 542 -19.27 -19.28 -24.56
C ASN B 542 -20.77 -19.02 -24.73
N PHE B 543 -21.33 -18.30 -23.77
CA PHE B 543 -22.77 -18.01 -23.75
C PHE B 543 -22.98 -16.56 -24.19
N ASN B 544 -23.30 -16.39 -25.48
CA ASN B 544 -23.56 -15.08 -26.07
C ASN B 544 -22.39 -14.12 -25.87
N GLY B 545 -21.17 -14.65 -26.00
CA GLY B 545 -19.98 -13.83 -25.90
C GLY B 545 -19.34 -13.77 -24.53
N LEU B 546 -19.98 -14.33 -23.50
CA LEU B 546 -19.41 -14.35 -22.15
C LEU B 546 -18.62 -15.63 -21.99
N THR B 547 -17.30 -15.52 -22.05
CA THR B 547 -16.41 -16.67 -22.03
C THR B 547 -15.85 -16.86 -20.63
N GLY B 548 -15.87 -18.09 -20.15
CA GLY B 548 -15.35 -18.41 -18.84
C GLY B 548 -14.93 -19.86 -18.75
N THR B 549 -15.05 -20.42 -17.54
CA THR B 549 -14.70 -21.81 -17.30
C THR B 549 -15.37 -22.26 -16.01
N GLY B 550 -16.14 -23.34 -16.08
CA GLY B 550 -16.83 -23.81 -14.90
C GLY B 550 -17.63 -25.06 -15.20
N VAL B 551 -18.41 -25.47 -14.21
CA VAL B 551 -19.23 -26.68 -14.29
C VAL B 551 -20.69 -26.27 -14.24
N LEU B 552 -21.46 -26.66 -15.25
CA LEU B 552 -22.86 -26.30 -15.32
C LEU B 552 -23.73 -27.29 -14.53
N THR B 553 -24.87 -26.79 -14.06
CA THR B 553 -25.78 -27.62 -13.28
C THR B 553 -27.16 -27.00 -13.32
N GLU B 554 -28.15 -27.79 -12.94
CA GLU B 554 -29.53 -27.29 -12.84
C GLU B 554 -29.66 -26.27 -11.73
N SER B 555 -30.54 -25.30 -11.95
CA SER B 555 -30.78 -24.22 -10.99
C SER B 555 -32.26 -24.15 -10.65
N ASN B 556 -32.57 -24.01 -9.36
CA ASN B 556 -33.95 -23.87 -8.93
C ASN B 556 -34.50 -22.48 -9.19
N LYS B 557 -33.64 -21.47 -9.17
CA LYS B 557 -34.09 -20.09 -9.34
C LYS B 557 -34.60 -19.84 -10.75
N LYS B 558 -35.51 -18.88 -10.87
CA LYS B 558 -36.07 -18.49 -12.14
C LYS B 558 -35.88 -16.99 -12.36
N PHE B 559 -35.49 -16.62 -13.57
CA PHE B 559 -35.23 -15.23 -13.89
C PHE B 559 -36.52 -14.52 -14.30
N LEU B 560 -36.51 -13.21 -14.14
CA LEU B 560 -37.59 -12.38 -14.64
C LEU B 560 -37.52 -12.33 -16.17
N PRO B 561 -38.63 -11.97 -16.83
CA PRO B 561 -38.62 -11.97 -18.31
C PRO B 561 -37.56 -11.07 -18.92
N PHE B 562 -37.16 -9.99 -18.26
CA PHE B 562 -36.21 -9.04 -18.82
C PHE B 562 -34.78 -9.26 -18.33
N GLN B 563 -34.50 -10.36 -17.65
CA GLN B 563 -33.18 -10.65 -17.13
C GLN B 563 -32.56 -11.83 -17.86
N GLN B 564 -31.23 -11.80 -17.96
CA GLN B 564 -30.47 -12.84 -18.66
C GLN B 564 -29.60 -13.67 -17.72
N PHE B 565 -28.72 -13.03 -16.95
CA PHE B 565 -27.84 -13.74 -16.04
C PHE B 565 -27.70 -12.94 -14.74
N GLY B 566 -27.34 -13.66 -13.68
CA GLY B 566 -27.22 -13.05 -12.37
C GLY B 566 -25.81 -13.03 -11.83
N ARG B 567 -25.57 -12.21 -10.81
CA ARG B 567 -24.25 -12.05 -10.22
C ARG B 567 -24.34 -12.24 -8.71
N ASP B 568 -23.26 -12.77 -8.13
CA ASP B 568 -23.19 -13.03 -6.71
C ASP B 568 -22.60 -11.83 -5.98
N ILE B 569 -22.23 -12.01 -4.71
CA ILE B 569 -21.63 -10.92 -3.95
C ILE B 569 -20.30 -10.51 -4.57
N ALA B 570 -19.54 -11.47 -5.10
CA ALA B 570 -18.29 -11.16 -5.77
C ALA B 570 -18.49 -10.52 -7.14
N ASP B 571 -19.74 -10.26 -7.53
CA ASP B 571 -20.07 -9.61 -8.80
C ASP B 571 -19.62 -10.44 -10.01
N THR B 572 -19.52 -11.75 -9.84
CA THR B 572 -19.21 -12.64 -10.94
C THR B 572 -20.47 -13.39 -11.37
N THR B 573 -20.49 -13.82 -12.63
CA THR B 573 -21.68 -14.46 -13.20
C THR B 573 -21.73 -15.91 -12.73
N ASP B 574 -22.62 -16.18 -11.78
CA ASP B 574 -22.80 -17.55 -11.28
C ASP B 574 -23.95 -18.27 -11.95
N ALA B 575 -24.99 -17.54 -12.37
CA ALA B 575 -26.15 -18.13 -13.01
C ALA B 575 -26.41 -17.45 -14.35
N VAL B 576 -26.72 -18.25 -15.37
CA VAL B 576 -27.01 -17.76 -16.71
C VAL B 576 -28.25 -18.47 -17.22
N ARG B 577 -28.91 -17.84 -18.19
CA ARG B 577 -30.06 -18.43 -18.86
C ARG B 577 -29.67 -18.80 -20.29
N ASP B 578 -29.87 -20.07 -20.64
CA ASP B 578 -29.50 -20.55 -21.96
C ASP B 578 -30.33 -19.87 -23.03
N PRO B 579 -29.74 -19.48 -24.16
CA PRO B 579 -30.52 -18.78 -25.20
C PRO B 579 -31.37 -19.71 -26.04
N GLN B 580 -30.86 -20.91 -26.34
CA GLN B 580 -31.63 -21.84 -27.16
C GLN B 580 -32.82 -22.40 -26.40
N THR B 581 -32.61 -22.84 -25.16
CA THR B 581 -33.67 -23.35 -24.30
C THR B 581 -33.82 -22.41 -23.12
N LEU B 582 -35.05 -21.98 -22.86
CA LEU B 582 -35.31 -21.02 -21.80
C LEU B 582 -35.17 -21.73 -20.46
N GLU B 583 -33.91 -21.94 -20.06
CA GLU B 583 -33.56 -22.71 -18.89
C GLU B 583 -32.55 -21.93 -18.06
N ILE B 584 -32.47 -22.25 -16.77
CA ILE B 584 -31.56 -21.60 -15.84
C ILE B 584 -30.45 -22.58 -15.48
N LEU B 585 -29.21 -22.12 -15.59
CA LEU B 585 -28.05 -22.93 -15.29
C LEU B 585 -27.12 -22.16 -14.37
N ASP B 586 -26.40 -22.89 -13.52
CA ASP B 586 -25.49 -22.31 -12.54
C ASP B 586 -24.05 -22.68 -12.87
N ILE B 587 -23.15 -21.73 -12.69
CA ILE B 587 -21.73 -21.90 -12.98
C ILE B 587 -20.95 -21.87 -11.69
N THR B 588 -20.09 -22.87 -11.49
CA THR B 588 -19.23 -22.93 -10.31
C THR B 588 -17.79 -23.21 -10.75
N PRO B 589 -16.81 -22.68 -10.02
CA PRO B 589 -15.42 -22.93 -10.39
C PRO B 589 -15.04 -24.39 -10.24
N CYS B 590 -14.05 -24.81 -11.02
CA CYS B 590 -13.62 -26.20 -11.04
C CYS B 590 -12.60 -26.54 -9.98
N SER B 591 -12.01 -25.55 -9.31
CA SER B 591 -10.98 -25.78 -8.31
C SER B 591 -11.53 -25.43 -6.94
N PHE B 592 -11.43 -26.37 -6.00
CA PHE B 592 -11.95 -26.16 -4.65
C PHE B 592 -11.27 -27.14 -3.71
N GLY B 593 -10.43 -26.62 -2.82
CA GLY B 593 -9.76 -27.45 -1.82
C GLY B 593 -8.26 -27.24 -1.81
N GLY B 594 -7.69 -27.30 -0.61
CA GLY B 594 -6.27 -27.11 -0.42
C GLY B 594 -5.51 -28.42 -0.35
N VAL B 595 -4.25 -28.38 -0.78
CA VAL B 595 -3.37 -29.55 -0.77
C VAL B 595 -2.02 -29.14 -0.22
N SER B 596 -1.46 -29.96 0.67
CA SER B 596 -0.15 -29.71 1.26
C SER B 596 0.69 -30.97 1.15
N VAL B 597 1.99 -30.77 0.99
CA VAL B 597 2.93 -31.86 0.70
C VAL B 597 3.86 -32.01 1.89
N ILE B 598 3.74 -33.13 2.60
CA ILE B 598 4.62 -33.45 3.71
C ILE B 598 5.83 -34.20 3.17
N THR B 599 7.02 -33.81 3.61
CA THR B 599 8.24 -34.45 3.14
C THR B 599 9.32 -34.26 4.17
N PRO B 600 10.24 -35.22 4.32
CA PRO B 600 11.49 -34.98 5.04
C PRO B 600 12.43 -34.19 4.14
N GLY B 601 13.63 -33.93 4.65
CA GLY B 601 14.61 -33.20 3.86
C GLY B 601 14.92 -33.94 2.57
N THR B 602 14.99 -33.17 1.47
CA THR B 602 15.37 -33.77 0.20
C THR B 602 16.78 -34.33 0.23
N ASN B 603 17.59 -33.91 1.20
CA ASN B 603 18.87 -34.57 1.44
C ASN B 603 18.66 -36.02 1.86
N ALA B 604 17.64 -36.27 2.68
CA ALA B 604 17.40 -37.62 3.18
C ALA B 604 16.79 -38.51 2.11
N SER B 605 15.60 -38.18 1.62
CA SER B 605 14.90 -39.03 0.68
C SER B 605 13.95 -38.19 -0.18
N ASN B 606 13.49 -38.79 -1.27
CA ASN B 606 12.61 -38.12 -2.22
C ASN B 606 11.15 -38.49 -2.05
N GLN B 607 10.81 -39.34 -1.08
CA GLN B 607 9.42 -39.70 -0.87
C GLN B 607 8.65 -38.55 -0.23
N VAL B 608 7.37 -38.43 -0.59
CA VAL B 608 6.50 -37.40 -0.06
C VAL B 608 5.16 -38.02 0.30
N ALA B 609 4.42 -37.32 1.15
CA ALA B 609 3.05 -37.69 1.50
C ALA B 609 2.15 -36.48 1.29
N VAL B 610 0.94 -36.73 0.78
CA VAL B 610 0.05 -35.66 0.35
C VAL B 610 -1.16 -35.63 1.27
N LEU B 611 -1.50 -34.45 1.76
CA LEU B 611 -2.67 -34.25 2.61
C LEU B 611 -3.68 -33.39 1.87
N TYR B 612 -4.87 -33.94 1.67
CA TYR B 612 -5.96 -33.22 1.00
C TYR B 612 -6.90 -32.70 2.08
N GLN B 613 -6.94 -31.36 2.23
CA GLN B 613 -7.59 -30.77 3.39
C GLN B 613 -9.08 -31.04 3.41
N ASP B 614 -9.76 -30.83 2.28
CA ASP B 614 -11.21 -30.89 2.21
C ASP B 614 -11.68 -31.96 1.25
N VAL B 615 -11.07 -33.15 1.32
CA VAL B 615 -11.37 -34.22 0.38
C VAL B 615 -11.30 -35.55 1.11
N ASN B 616 -12.34 -36.36 0.99
CA ASN B 616 -12.30 -37.73 1.47
C ASN B 616 -11.54 -38.61 0.48
N CYS B 617 -10.90 -39.65 1.01
CA CYS B 617 -10.03 -40.47 0.16
C CYS B 617 -10.81 -41.27 -0.87
N THR B 618 -12.10 -41.50 -0.62
CA THR B 618 -12.92 -42.16 -1.63
C THR B 618 -13.13 -41.28 -2.86
N GLU B 619 -13.34 -39.99 -2.64
CA GLU B 619 -13.67 -39.06 -3.71
C GLU B 619 -12.47 -38.33 -4.29
N VAL B 620 -11.25 -38.79 -4.01
CA VAL B 620 -10.07 -38.18 -4.63
C VAL B 620 -10.14 -38.21 -6.15
N PRO B 621 -10.54 -39.31 -6.81
CA PRO B 621 -10.71 -39.25 -8.27
C PRO B 621 -11.68 -38.18 -8.71
N VAL B 622 -12.74 -37.93 -7.94
CA VAL B 622 -13.64 -36.82 -8.24
C VAL B 622 -12.91 -35.48 -8.06
N ALA B 623 -12.02 -35.41 -7.07
CA ALA B 623 -11.28 -34.17 -6.84
C ALA B 623 -10.23 -33.94 -7.92
N ILE B 624 -9.26 -34.84 -8.03
CA ILE B 624 -8.26 -34.73 -9.08
C ILE B 624 -8.59 -35.66 -10.24
N PRO B 631 0.74 -39.64 -13.87
CA PRO B 631 1.25 -40.95 -13.43
C PRO B 631 1.69 -40.94 -11.97
N THR B 632 2.68 -40.09 -11.66
CA THR B 632 3.11 -39.95 -10.27
C THR B 632 1.99 -39.40 -9.40
N TRP B 633 1.24 -38.42 -9.91
CA TRP B 633 0.12 -37.88 -9.16
C TRP B 633 -0.95 -38.94 -8.93
N ARG B 634 -1.22 -39.77 -9.94
CA ARG B 634 -2.16 -40.88 -9.75
C ARG B 634 -1.64 -41.86 -8.71
N VAL B 635 -0.34 -42.14 -8.73
CA VAL B 635 0.26 -43.02 -7.72
C VAL B 635 0.06 -42.45 -6.33
N TYR B 636 0.24 -41.13 -6.19
CA TYR B 636 -0.04 -40.46 -4.93
C TYR B 636 -1.52 -40.19 -4.72
N SER B 637 -2.37 -40.59 -5.67
CA SER B 637 -3.82 -40.56 -5.49
C SER B 637 -4.44 -41.93 -5.30
N THR B 638 -3.77 -42.99 -5.74
CA THR B 638 -4.29 -44.34 -5.59
C THR B 638 -4.29 -44.75 -4.12
N GLY B 639 -4.99 -45.84 -3.84
CA GLY B 639 -5.14 -46.30 -2.48
C GLY B 639 -3.94 -47.04 -1.92
N SER B 640 -4.20 -48.06 -1.10
CA SER B 640 -3.23 -48.93 -0.43
C SER B 640 -2.48 -48.22 0.69
N ASN B 641 -2.59 -46.89 0.79
CA ASN B 641 -2.00 -46.19 1.92
C ASN B 641 -2.88 -45.06 2.44
N VAL B 642 -4.17 -45.03 2.07
CA VAL B 642 -5.04 -43.95 2.50
C VAL B 642 -5.27 -44.04 4.00
N PHE B 643 -5.47 -42.88 4.63
CA PHE B 643 -5.67 -42.81 6.08
C PHE B 643 -6.46 -41.54 6.36
N GLN B 644 -7.76 -41.71 6.60
CA GLN B 644 -8.63 -40.56 6.89
C GLN B 644 -8.30 -39.98 8.25
N THR B 645 -8.22 -38.66 8.33
CA THR B 645 -7.96 -37.93 9.56
C THR B 645 -9.09 -36.94 9.82
N ARG B 646 -8.99 -36.21 10.93
CA ARG B 646 -9.96 -35.18 11.26
C ARG B 646 -9.78 -33.91 10.44
N ALA B 647 -8.71 -33.81 9.66
CA ALA B 647 -8.42 -32.64 8.84
C ALA B 647 -8.16 -33.04 7.39
N GLY B 648 -9.02 -33.88 6.85
CA GLY B 648 -8.86 -34.40 5.51
C GLY B 648 -8.05 -35.68 5.50
N CYS B 649 -8.20 -36.44 4.40
CA CYS B 649 -7.58 -37.74 4.31
C CYS B 649 -6.16 -37.62 3.78
N LEU B 650 -5.32 -38.58 4.18
CA LEU B 650 -3.89 -38.55 3.90
C LEU B 650 -3.51 -39.73 3.02
N ILE B 651 -2.77 -39.47 1.95
CA ILE B 651 -2.33 -40.50 1.02
C ILE B 651 -0.80 -40.46 0.95
N GLY B 652 -0.18 -41.63 1.11
CA GLY B 652 1.26 -41.76 1.01
C GLY B 652 1.96 -42.08 2.32
N ALA B 653 1.24 -42.19 3.42
CA ALA B 653 1.84 -42.48 4.72
C ALA B 653 1.14 -43.68 5.35
N GLU B 654 1.84 -44.36 6.23
CA GLU B 654 1.37 -45.57 6.87
C GLU B 654 0.99 -45.29 8.32
N HIS B 655 -0.21 -45.70 8.70
CA HIS B 655 -0.66 -45.53 10.08
C HIS B 655 0.13 -46.44 11.02
N VAL B 656 0.46 -45.92 12.20
CA VAL B 656 1.20 -46.65 13.22
C VAL B 656 0.45 -46.53 14.54
N ASN B 657 0.26 -47.66 15.21
CA ASN B 657 -0.48 -47.65 16.47
C ASN B 657 0.28 -46.92 17.58
N ASN B 658 1.60 -47.11 17.65
CA ASN B 658 2.37 -46.53 18.73
C ASN B 658 2.38 -45.01 18.65
N SER B 659 2.65 -44.37 19.79
CA SER B 659 2.62 -42.92 19.90
C SER B 659 3.94 -42.41 20.43
N TYR B 660 4.55 -41.48 19.70
CA TYR B 660 5.77 -40.81 20.11
C TYR B 660 5.55 -39.30 20.00
N GLU B 661 6.60 -38.55 20.34
CA GLU B 661 6.50 -37.09 20.27
C GLU B 661 6.41 -36.62 18.83
N CYS B 662 5.87 -35.42 18.65
CA CYS B 662 5.60 -34.90 17.32
C CYS B 662 6.89 -34.50 16.62
N ASP B 663 6.93 -34.73 15.30
CA ASP B 663 8.01 -34.27 14.45
C ASP B 663 7.55 -33.25 13.42
N ILE B 664 6.50 -33.56 12.69
CA ILE B 664 5.91 -32.62 11.72
C ILE B 664 4.41 -32.55 11.99
N PRO B 665 3.88 -31.41 12.41
CA PRO B 665 2.45 -31.33 12.74
C PRO B 665 1.55 -31.33 11.52
N ILE B 666 0.86 -32.45 11.28
CA ILE B 666 -0.11 -32.50 10.19
C ILE B 666 -1.33 -31.65 10.54
N GLY B 667 -1.81 -31.75 11.78
CA GLY B 667 -2.99 -31.03 12.20
C GLY B 667 -4.01 -31.97 12.84
N ALA B 668 -4.81 -31.41 13.74
CA ALA B 668 -5.85 -32.16 14.45
C ALA B 668 -5.27 -33.37 15.19
N GLY B 669 -4.08 -33.19 15.76
CA GLY B 669 -3.48 -34.24 16.56
C GLY B 669 -2.83 -35.37 15.79
N ILE B 670 -2.37 -35.12 14.56
CA ILE B 670 -1.68 -36.11 13.76
C ILE B 670 -0.30 -35.57 13.42
N CYS B 671 0.71 -36.41 13.58
CA CYS B 671 2.09 -36.03 13.30
C CYS B 671 2.71 -37.04 12.35
N ALA B 672 3.48 -36.54 11.39
CA ALA B 672 4.14 -37.36 10.38
C ALA B 672 5.65 -37.33 10.60
N SER B 673 6.29 -38.49 10.50
CA SER B 673 7.71 -38.59 10.79
C SER B 673 8.33 -39.70 9.96
N TYR B 674 9.66 -39.63 9.85
CA TYR B 674 10.44 -40.61 9.10
C TYR B 674 11.02 -41.62 10.08
N GLN B 675 10.69 -42.90 9.88
CA GLN B 675 11.15 -43.95 10.77
C GLN B 675 11.57 -45.16 9.95
N THR B 676 12.39 -46.00 10.57
CA THR B 676 12.87 -47.24 9.94
C THR B 676 11.90 -48.36 10.31
N GLN B 677 10.88 -48.54 9.47
CA GLN B 677 9.89 -49.60 9.68
C GLN B 677 10.39 -50.86 8.97
N THR B 678 11.23 -51.62 9.66
CA THR B 678 11.79 -52.83 9.09
C THR B 678 10.74 -53.93 8.96
N ALA B 684 16.62 -52.38 6.58
CA ALA B 684 16.61 -51.02 7.11
C ALA B 684 15.81 -50.09 6.20
N SER B 685 14.64 -50.54 5.79
CA SER B 685 13.79 -49.73 4.93
C SER B 685 13.24 -48.53 5.68
N GLN B 686 13.07 -47.42 4.95
CA GLN B 686 12.54 -46.19 5.50
C GLN B 686 11.18 -45.87 4.86
N SER B 687 10.26 -45.35 5.67
CA SER B 687 8.94 -44.99 5.18
C SER B 687 8.36 -43.91 6.08
N ILE B 688 7.49 -43.09 5.50
CA ILE B 688 6.81 -42.05 6.25
C ILE B 688 5.64 -42.66 7.01
N ILE B 689 5.59 -42.42 8.31
CA ILE B 689 4.51 -42.94 9.15
C ILE B 689 3.77 -41.78 9.78
N ALA B 690 2.49 -42.01 10.06
CA ALA B 690 1.64 -41.03 10.72
C ALA B 690 1.04 -41.67 11.97
N TYR B 691 1.02 -40.93 13.07
CA TYR B 691 0.58 -41.45 14.35
C TYR B 691 -0.07 -40.33 15.15
N THR B 692 -0.82 -40.73 16.17
CA THR B 692 -1.40 -39.76 17.08
C THR B 692 -0.33 -39.14 17.97
N MET B 693 -0.61 -37.95 18.49
CA MET B 693 0.35 -37.24 19.29
C MET B 693 0.50 -37.88 20.67
N SER B 694 1.67 -37.69 21.28
CA SER B 694 1.96 -38.20 22.60
C SER B 694 1.93 -37.04 23.58
N LEU B 695 0.92 -37.02 24.46
CA LEU B 695 0.79 -35.93 25.42
C LEU B 695 1.87 -36.00 26.48
N GLY B 696 2.18 -37.19 26.96
CA GLY B 696 3.19 -37.34 27.98
C GLY B 696 3.04 -38.67 28.69
N ALA B 697 3.96 -38.93 29.61
CA ALA B 697 3.95 -40.16 30.37
C ALA B 697 2.78 -40.16 31.36
N GLU B 698 2.00 -41.24 31.35
CA GLU B 698 0.92 -41.37 32.31
C GLU B 698 1.46 -41.63 33.70
N ASN B 699 0.77 -41.11 34.71
CA ASN B 699 1.20 -41.27 36.09
C ASN B 699 0.01 -41.14 37.02
N SER B 700 0.17 -41.67 38.22
CA SER B 700 -0.82 -41.53 39.28
C SER B 700 -0.08 -41.27 40.59
N VAL B 701 -0.78 -40.65 41.53
CA VAL B 701 -0.23 -40.29 42.83
C VAL B 701 -0.92 -41.10 43.90
N ALA B 702 -0.14 -41.80 44.72
CA ALA B 702 -0.71 -42.59 45.80
C ALA B 702 -1.22 -41.66 46.89
N TYR B 703 -2.50 -41.33 46.85
CA TYR B 703 -3.08 -40.32 47.73
C TYR B 703 -3.97 -40.99 48.76
N SER B 704 -3.69 -40.72 50.03
CA SER B 704 -4.53 -41.11 51.15
C SER B 704 -4.97 -39.83 51.87
N ASN B 705 -5.63 -39.99 53.01
CA ASN B 705 -6.08 -38.85 53.78
C ASN B 705 -5.29 -38.66 55.08
N ASN B 706 -4.28 -39.50 55.33
CA ASN B 706 -3.38 -39.32 56.45
C ASN B 706 -1.94 -39.67 56.08
N SER B 707 -1.56 -39.46 54.83
CA SER B 707 -0.23 -39.81 54.34
C SER B 707 0.43 -38.61 53.70
N ILE B 708 1.73 -38.44 53.98
CA ILE B 708 2.50 -37.33 53.43
C ILE B 708 3.86 -37.85 52.99
N ALA B 709 4.39 -37.25 51.93
CA ALA B 709 5.72 -37.55 51.42
C ALA B 709 6.66 -36.40 51.72
N ILE B 710 7.89 -36.72 52.10
CA ILE B 710 8.88 -35.70 52.46
C ILE B 710 10.21 -36.03 51.80
N PRO B 711 10.82 -35.08 51.10
CA PRO B 711 12.13 -35.35 50.47
C PRO B 711 13.22 -35.56 51.51
N THR B 712 14.24 -36.31 51.11
CA THR B 712 15.38 -36.59 51.98
C THR B 712 16.71 -36.15 51.40
N ASN B 713 16.73 -35.60 50.20
CA ASN B 713 17.96 -35.18 49.55
C ASN B 713 17.63 -34.07 48.56
N PHE B 714 18.66 -33.36 48.11
CA PHE B 714 18.51 -32.26 47.19
C PHE B 714 19.52 -32.37 46.06
N THR B 715 19.15 -31.84 44.90
CA THR B 715 20.01 -31.82 43.73
C THR B 715 20.06 -30.41 43.17
N ILE B 716 21.26 -29.91 42.94
CA ILE B 716 21.47 -28.57 42.40
C ILE B 716 21.43 -28.67 40.87
N SER B 717 20.60 -27.85 40.25
CA SER B 717 20.42 -27.86 38.81
C SER B 717 20.60 -26.45 38.27
N VAL B 718 21.08 -26.37 37.03
CA VAL B 718 21.27 -25.10 36.33
C VAL B 718 20.72 -25.24 34.91
N THR B 719 20.08 -24.17 34.43
CA THR B 719 19.47 -24.17 33.11
C THR B 719 19.90 -22.92 32.35
N THR B 720 19.52 -22.86 31.08
CA THR B 720 19.88 -21.75 30.19
C THR B 720 18.60 -21.16 29.60
N GLU B 721 18.52 -19.82 29.63
CA GLU B 721 17.42 -19.10 29.01
C GLU B 721 18.00 -18.07 28.06
N ILE B 722 17.56 -18.11 26.80
CA ILE B 722 18.09 -17.24 25.75
C ILE B 722 16.98 -16.31 25.28
N LEU B 723 17.25 -15.01 25.29
CA LEU B 723 16.28 -14.02 24.87
C LEU B 723 16.93 -13.04 23.90
N PRO B 724 16.27 -12.69 22.79
CA PRO B 724 16.79 -11.61 21.95
C PRO B 724 16.67 -10.27 22.66
N VAL B 725 17.59 -9.36 22.33
CA VAL B 725 17.64 -8.03 22.91
C VAL B 725 17.56 -6.95 21.85
N SER B 726 18.36 -7.07 20.79
CA SER B 726 18.41 -6.07 19.75
C SER B 726 18.44 -6.73 18.38
N MET B 727 18.01 -5.99 17.38
CA MET B 727 18.07 -6.43 15.99
C MET B 727 18.95 -5.45 15.19
N THR B 728 19.33 -5.89 14.00
CA THR B 728 20.21 -5.09 13.16
C THR B 728 19.54 -3.78 12.76
N LYS B 729 20.28 -2.68 12.90
CA LYS B 729 19.80 -1.37 12.48
C LYS B 729 20.09 -1.18 11.00
N THR B 730 19.10 -0.67 10.27
CA THR B 730 19.23 -0.45 8.83
C THR B 730 18.74 0.94 8.48
N SER B 731 19.32 1.50 7.43
CA SER B 731 18.87 2.76 6.86
C SER B 731 18.77 2.60 5.35
N VAL B 732 17.81 3.29 4.75
CA VAL B 732 17.49 3.14 3.33
C VAL B 732 17.58 4.50 2.66
N ASP B 733 18.33 4.58 1.56
CA ASP B 733 18.39 5.77 0.73
C ASP B 733 17.39 5.60 -0.40
N CYS B 734 16.23 6.24 -0.26
CA CYS B 734 15.12 5.99 -1.17
C CYS B 734 15.45 6.40 -2.60
N THR B 735 16.07 7.56 -2.78
CA THR B 735 16.35 8.04 -4.13
C THR B 735 17.32 7.14 -4.86
N MET B 736 18.35 6.66 -4.18
CA MET B 736 19.28 5.72 -4.81
C MET B 736 18.59 4.40 -5.15
N TYR B 737 17.74 3.92 -4.25
CA TYR B 737 17.06 2.65 -4.49
C TYR B 737 16.06 2.74 -5.63
N ILE B 738 15.46 3.91 -5.85
CA ILE B 738 14.44 4.04 -6.87
C ILE B 738 15.06 4.45 -8.21
N CYS B 739 15.67 5.63 -8.25
CA CYS B 739 16.16 6.16 -9.52
C CYS B 739 17.46 5.52 -9.97
N GLY B 740 18.34 5.17 -9.04
CA GLY B 740 19.60 4.55 -9.39
C GLY B 740 20.54 5.42 -10.19
N ASP B 741 20.72 6.68 -9.75
CA ASP B 741 21.67 7.62 -10.34
C ASP B 741 21.33 7.90 -11.81
N SER B 742 20.15 8.49 -12.01
CA SER B 742 19.72 8.96 -13.32
C SER B 742 19.10 10.33 -13.16
N THR B 743 19.66 11.33 -13.84
CA THR B 743 19.15 12.69 -13.73
C THR B 743 17.77 12.85 -14.36
N GLU B 744 17.41 11.99 -15.32
CA GLU B 744 16.05 11.99 -15.82
C GLU B 744 15.08 11.59 -14.73
N CYS B 745 15.43 10.60 -13.92
CA CYS B 745 14.73 10.31 -12.68
C CYS B 745 15.19 11.29 -11.62
N SER B 746 14.71 11.12 -10.39
CA SER B 746 15.03 12.00 -9.27
C SER B 746 14.56 13.42 -9.51
N ASN B 747 13.89 13.64 -10.64
CA ASN B 747 13.16 14.88 -10.89
C ASN B 747 11.66 14.71 -10.72
N LEU B 748 11.17 13.48 -10.84
CA LEU B 748 9.78 13.16 -10.56
C LEU B 748 9.58 12.63 -9.15
N LEU B 749 10.65 12.55 -8.35
CA LEU B 749 10.56 12.12 -6.96
C LEU B 749 10.35 13.29 -6.00
N LEU B 750 10.22 14.51 -6.51
CA LEU B 750 9.98 15.65 -5.65
C LEU B 750 8.61 15.56 -4.99
N GLN B 751 7.67 14.85 -5.62
CA GLN B 751 6.35 14.67 -5.02
C GLN B 751 6.36 13.64 -3.90
N TYR B 752 7.23 12.63 -3.99
CA TYR B 752 7.29 11.55 -3.02
C TYR B 752 8.43 11.71 -2.03
N GLY B 753 9.16 12.82 -2.09
CA GLY B 753 10.14 13.12 -1.05
C GLY B 753 9.55 13.11 0.34
N SER B 754 8.26 13.48 0.49
CA SER B 754 7.61 13.43 1.79
C SER B 754 7.51 11.98 2.29
N PHE B 755 7.14 11.06 1.42
CA PHE B 755 7.11 9.64 1.79
C PHE B 755 8.51 9.16 2.15
N CYS B 756 9.51 9.60 1.38
CA CYS B 756 10.89 9.21 1.69
C CYS B 756 11.30 9.68 3.08
N THR B 757 10.96 10.93 3.42
CA THR B 757 11.26 11.46 4.74
C THR B 757 10.54 10.68 5.82
N GLN B 758 9.29 10.28 5.56
CA GLN B 758 8.54 9.49 6.53
C GLN B 758 9.23 8.16 6.80
N LEU B 759 9.66 7.47 5.74
CA LEU B 759 10.35 6.19 5.91
C LEU B 759 11.65 6.38 6.70
N ASN B 760 12.42 7.41 6.36
CA ASN B 760 13.68 7.64 7.07
C ASN B 760 13.43 7.94 8.54
N ARG B 761 12.39 8.72 8.85
CA ARG B 761 12.06 9.00 10.25
C ARG B 761 11.71 7.72 11.00
N ALA B 762 10.89 6.85 10.38
CA ALA B 762 10.53 5.61 11.05
C ALA B 762 11.75 4.74 11.30
N LEU B 763 12.65 4.64 10.31
CA LEU B 763 13.83 3.79 10.49
C LEU B 763 14.76 4.34 11.56
N THR B 764 14.93 5.67 11.61
CA THR B 764 15.74 6.26 12.68
C THR B 764 15.12 6.01 14.04
N GLY B 765 13.80 6.10 14.15
CA GLY B 765 13.15 5.76 15.40
C GLY B 765 13.42 4.34 15.82
N ILE B 766 13.35 3.40 14.87
CA ILE B 766 13.62 2.00 15.18
C ILE B 766 15.06 1.85 15.68
N ALA B 767 16.01 2.52 15.02
CA ALA B 767 17.41 2.39 15.42
C ALA B 767 17.65 2.93 16.82
N VAL B 768 17.10 4.10 17.14
CA VAL B 768 17.30 4.65 18.48
C VAL B 768 16.60 3.79 19.53
N GLU B 769 15.46 3.18 19.17
CA GLU B 769 14.82 2.24 20.08
C GLU B 769 15.72 1.04 20.36
N GLN B 770 16.39 0.53 19.32
CA GLN B 770 17.31 -0.59 19.52
C GLN B 770 18.45 -0.21 20.45
N ASP B 771 19.01 0.98 20.27
CA ASP B 771 20.08 1.43 21.16
C ASP B 771 19.58 1.56 22.59
N LYS B 772 18.37 2.09 22.78
CA LYS B 772 17.80 2.19 24.11
C LYS B 772 17.61 0.82 24.75
N ASN B 773 17.16 -0.16 23.95
CA ASN B 773 16.97 -1.51 24.49
C ASN B 773 18.29 -2.11 24.96
N THR B 774 19.32 -2.03 24.11
CA THR B 774 20.58 -2.67 24.48
C THR B 774 21.26 -1.93 25.63
N GLN B 775 20.99 -0.63 25.78
CA GLN B 775 21.49 0.08 26.95
C GLN B 775 20.75 -0.35 28.22
N GLU B 776 19.42 -0.44 28.14
CA GLU B 776 18.63 -0.74 29.33
C GLU B 776 18.86 -2.15 29.83
N VAL B 777 19.09 -3.10 28.93
CA VAL B 777 19.18 -4.50 29.36
C VAL B 777 20.41 -4.72 30.25
N PHE B 778 21.57 -4.23 29.81
CA PHE B 778 22.83 -4.59 30.45
C PHE B 778 23.39 -3.54 31.39
N ALA B 779 22.98 -2.28 31.27
CA ALA B 779 23.54 -1.19 32.07
C ALA B 779 22.67 -0.86 33.28
N GLN B 780 22.08 -1.88 33.90
CA GLN B 780 21.23 -1.64 35.07
C GLN B 780 22.03 -1.01 36.22
N VAL B 781 23.20 -1.55 36.52
CA VAL B 781 24.05 -1.03 37.58
C VAL B 781 25.14 -0.16 36.97
N LYS B 782 25.53 0.88 37.70
CA LYS B 782 26.47 1.86 37.19
C LYS B 782 27.90 1.63 37.68
N GLN B 783 28.10 1.51 38.99
CA GLN B 783 29.43 1.25 39.52
C GLN B 783 29.96 -0.07 38.98
N ILE B 784 31.19 -0.03 38.48
CA ILE B 784 31.83 -1.20 37.90
C ILE B 784 32.76 -1.81 38.95
N TYR B 785 32.56 -3.08 39.24
CA TYR B 785 33.29 -3.78 40.30
C TYR B 785 34.33 -4.71 39.67
N LYS B 786 35.57 -4.60 40.12
CA LYS B 786 36.63 -5.47 39.63
C LYS B 786 36.55 -6.83 40.30
N THR B 787 36.83 -7.88 39.52
CA THR B 787 36.76 -9.23 40.05
C THR B 787 37.83 -9.42 41.12
N PRO B 788 37.54 -10.19 42.16
CA PRO B 788 38.53 -10.40 43.23
C PRO B 788 39.70 -11.25 42.75
N GLN B 789 40.84 -11.07 43.40
CA GLN B 789 42.03 -11.84 43.05
C GLN B 789 41.97 -13.23 43.69
N ILE B 790 41.91 -13.29 45.00
CA ILE B 790 41.80 -14.57 45.70
C ILE B 790 40.36 -15.04 45.65
N LYS B 791 40.17 -16.31 45.25
CA LYS B 791 38.81 -16.83 45.12
C LYS B 791 38.24 -17.26 46.47
N ASP B 792 38.85 -18.29 47.08
CA ASP B 792 38.52 -18.80 48.42
C ASP B 792 37.01 -18.75 48.69
N PHE B 793 36.23 -19.25 47.74
CA PHE B 793 34.77 -19.20 47.82
C PHE B 793 34.18 -20.42 48.52
N GLY B 794 34.98 -21.14 49.31
CA GLY B 794 34.49 -22.28 50.05
C GLY B 794 34.40 -23.56 49.26
N GLY B 795 34.77 -23.55 47.98
CA GLY B 795 34.69 -24.75 47.18
C GLY B 795 34.14 -24.51 45.79
N PHE B 796 33.24 -23.54 45.66
CA PHE B 796 32.68 -23.20 44.37
C PHE B 796 33.77 -22.67 43.45
N ASN B 797 33.81 -23.17 42.22
CA ASN B 797 34.82 -22.80 41.24
C ASN B 797 34.14 -22.05 40.10
N PHE B 798 34.26 -20.73 40.09
CA PHE B 798 33.64 -19.87 39.09
C PHE B 798 34.57 -19.56 37.92
N SER B 799 35.52 -20.45 37.64
CA SER B 799 36.53 -20.16 36.63
C SER B 799 35.92 -20.04 35.25
N GLN B 800 34.93 -20.89 34.93
CA GLN B 800 34.37 -20.90 33.58
C GLN B 800 33.69 -19.58 33.25
N ILE B 801 32.92 -19.03 34.19
CA ILE B 801 32.12 -17.84 33.89
C ILE B 801 32.89 -16.54 34.18
N LEU B 802 33.85 -16.57 35.08
CA LEU B 802 34.65 -15.38 35.33
C LEU B 802 35.55 -15.08 34.13
N PRO B 803 35.75 -13.82 33.78
CA PRO B 803 36.52 -13.50 32.57
C PRO B 803 37.98 -13.93 32.70
N ASP B 804 38.55 -14.32 31.57
CA ASP B 804 39.95 -14.74 31.50
C ASP B 804 40.77 -13.64 30.85
N PRO B 805 41.71 -13.01 31.56
CA PRO B 805 42.47 -11.90 30.99
C PRO B 805 43.56 -12.30 30.02
N SER B 806 43.62 -13.57 29.60
CA SER B 806 44.64 -14.06 28.68
C SER B 806 44.14 -14.15 27.25
N LYS B 807 43.25 -13.24 26.83
CA LYS B 807 42.66 -13.29 25.51
C LYS B 807 42.11 -11.91 25.18
N PRO B 808 41.92 -11.60 23.90
CA PRO B 808 41.32 -10.31 23.54
C PRO B 808 39.88 -10.21 24.03
N SER B 809 39.48 -8.98 24.35
CA SER B 809 38.15 -8.59 24.81
C SER B 809 37.83 -9.10 26.21
N LYS B 810 38.70 -9.91 26.82
CA LYS B 810 38.53 -10.39 28.19
C LYS B 810 37.16 -11.03 28.38
N ARG B 811 36.77 -11.88 27.45
CA ARG B 811 35.48 -12.55 27.50
C ARG B 811 35.65 -13.98 27.99
N SER B 812 34.61 -14.50 28.62
CA SER B 812 34.67 -15.77 29.31
C SER B 812 34.65 -16.94 28.33
N PHE B 813 34.93 -18.14 28.86
CA PHE B 813 34.90 -19.35 28.07
C PHE B 813 33.52 -19.58 27.47
N ILE B 814 32.48 -19.48 28.31
CA ILE B 814 31.11 -19.67 27.84
C ILE B 814 30.78 -18.63 26.80
N GLU B 815 31.23 -17.39 27.00
CA GLU B 815 30.98 -16.34 26.02
C GLU B 815 31.69 -16.63 24.70
N ASP B 816 32.92 -17.17 24.78
CA ASP B 816 33.61 -17.60 23.57
C ASP B 816 32.80 -18.64 22.80
N LEU B 817 32.32 -19.67 23.51
CA LEU B 817 31.56 -20.72 22.84
C LEU B 817 30.27 -20.17 22.25
N LEU B 818 29.58 -19.30 22.98
CA LEU B 818 28.33 -18.72 22.48
C LEU B 818 28.58 -17.88 21.23
N PHE B 819 29.65 -17.08 21.25
CA PHE B 819 29.99 -16.28 20.07
C PHE B 819 30.31 -17.18 18.88
N ASN B 820 31.04 -18.27 19.12
CA ASN B 820 31.38 -19.17 18.03
C ASN B 820 30.15 -19.91 17.50
N LYS B 821 29.13 -20.11 18.34
CA LYS B 821 27.95 -20.82 17.89
C LYS B 821 27.15 -20.04 16.86
N VAL B 822 26.97 -18.74 17.09
CA VAL B 822 26.16 -17.91 16.20
C VAL B 822 27.03 -17.39 15.07
N THR B 823 26.67 -17.72 13.84
CA THR B 823 27.41 -17.29 12.65
C THR B 823 26.81 -15.97 12.18
N LEU B 824 27.41 -14.86 12.60
CA LEU B 824 26.94 -13.53 12.21
C LEU B 824 27.21 -13.28 10.73
N ILE B 830 32.99 -4.86 7.89
CA ILE B 830 33.45 -3.65 7.22
C ILE B 830 33.73 -3.93 5.75
N LYS B 831 33.42 -2.97 4.89
CA LYS B 831 33.61 -3.09 3.45
C LYS B 831 34.30 -1.83 2.94
N GLN B 832 34.51 -1.79 1.62
CA GLN B 832 35.17 -0.66 0.98
C GLN B 832 34.79 -0.65 -0.49
N TYR B 833 35.00 0.52 -1.13
CA TYR B 833 34.69 0.63 -2.55
C TYR B 833 35.61 -0.25 -3.38
N GLY B 834 36.91 -0.28 -3.04
CA GLY B 834 37.82 -1.13 -3.79
C GLY B 834 37.49 -2.60 -3.67
N ASP B 835 37.07 -3.03 -2.48
CA ASP B 835 36.71 -4.44 -2.28
C ASP B 835 35.51 -4.82 -3.14
N CYS B 836 34.48 -3.96 -3.18
CA CYS B 836 33.30 -4.27 -3.97
C CYS B 836 33.58 -4.19 -5.46
N LEU B 837 34.46 -3.26 -5.87
CA LEU B 837 34.79 -3.13 -7.28
C LEU B 837 35.60 -4.33 -7.78
N GLY B 838 36.64 -4.70 -7.04
CA GLY B 838 37.49 -5.79 -7.48
C GLY B 838 36.81 -7.15 -7.44
N ASP B 839 36.05 -7.41 -6.38
CA ASP B 839 35.44 -8.72 -6.16
C ASP B 839 34.16 -8.83 -6.97
N ILE B 840 34.30 -9.23 -8.23
CA ILE B 840 33.17 -9.41 -9.12
C ILE B 840 32.80 -10.89 -9.28
N ALA B 841 33.79 -11.77 -9.25
CA ALA B 841 33.53 -13.19 -9.44
C ALA B 841 32.63 -13.75 -8.34
N ALA B 842 32.91 -13.38 -7.09
CA ALA B 842 32.08 -13.81 -5.95
C ALA B 842 30.96 -12.80 -5.79
N ARG B 843 29.75 -13.18 -6.24
CA ARG B 843 28.59 -12.29 -6.20
C ARG B 843 28.06 -12.22 -4.77
N ASP B 844 28.83 -11.54 -3.92
CA ASP B 844 28.41 -11.32 -2.54
C ASP B 844 27.20 -10.39 -2.50
N LEU B 845 26.26 -10.70 -1.61
CA LEU B 845 25.03 -9.91 -1.54
C LEU B 845 25.23 -8.57 -0.86
N ILE B 846 26.27 -8.44 -0.03
CA ILE B 846 26.46 -7.19 0.71
C ILE B 846 26.79 -6.04 -0.24
N CYS B 847 27.72 -6.27 -1.17
CA CYS B 847 28.05 -5.24 -2.14
C CYS B 847 26.86 -4.91 -3.02
N ALA B 848 26.11 -5.93 -3.45
CA ALA B 848 24.96 -5.70 -4.32
C ALA B 848 23.90 -4.87 -3.63
N GLN B 849 23.63 -5.15 -2.36
CA GLN B 849 22.63 -4.37 -1.64
C GLN B 849 23.15 -3.00 -1.24
N LYS B 850 24.46 -2.85 -1.07
CA LYS B 850 25.02 -1.54 -0.78
C LYS B 850 25.04 -0.64 -2.01
N PHE B 851 25.10 -1.24 -3.20
CA PHE B 851 25.01 -0.46 -4.44
C PHE B 851 23.61 0.09 -4.68
N ASN B 852 22.61 -0.36 -3.93
CA ASN B 852 21.24 0.11 -4.07
C ASN B 852 20.77 0.93 -2.87
N GLY B 853 21.70 1.56 -2.15
CA GLY B 853 21.31 2.44 -1.07
C GLY B 853 20.80 1.76 0.18
N LEU B 854 21.19 0.52 0.42
CA LEU B 854 20.80 -0.21 1.62
C LEU B 854 22.04 -0.39 2.49
N THR B 855 22.11 0.36 3.58
CA THR B 855 23.27 0.34 4.47
C THR B 855 22.86 -0.15 5.86
N VAL B 856 23.81 -0.76 6.56
CA VAL B 856 23.59 -1.30 7.89
C VAL B 856 24.45 -0.52 8.86
N LEU B 857 23.81 0.05 9.88
CA LEU B 857 24.54 0.86 10.86
C LEU B 857 25.03 0.00 12.01
N PRO B 858 26.21 0.29 12.54
CA PRO B 858 26.74 -0.50 13.67
C PRO B 858 26.09 -0.07 14.97
N PRO B 859 26.00 -0.97 15.95
CA PRO B 859 25.44 -0.60 17.25
C PRO B 859 26.36 0.36 17.99
N LEU B 860 25.75 1.18 18.85
CA LEU B 860 26.52 2.14 19.63
C LEU B 860 27.48 1.45 20.59
N LEU B 861 27.02 0.38 21.24
CA LEU B 861 27.81 -0.35 22.21
C LEU B 861 28.24 -1.68 21.60
N THR B 862 29.55 -1.88 21.51
CA THR B 862 30.07 -3.09 20.89
C THR B 862 30.21 -4.20 21.93
N ASP B 863 30.72 -5.36 21.50
CA ASP B 863 30.72 -6.54 22.35
C ASP B 863 31.67 -6.40 23.54
N GLU B 864 32.74 -5.61 23.40
CA GLU B 864 33.69 -5.47 24.49
C GLU B 864 33.06 -4.81 25.70
N MET B 865 32.30 -3.73 25.50
CA MET B 865 31.66 -3.08 26.64
C MET B 865 30.55 -3.93 27.23
N ILE B 866 29.85 -4.72 26.40
CA ILE B 866 28.86 -5.65 26.94
C ILE B 866 29.52 -6.67 27.83
N ALA B 867 30.66 -7.21 27.40
CA ALA B 867 31.40 -8.16 28.23
C ALA B 867 31.88 -7.50 29.51
N GLN B 868 32.31 -6.24 29.43
CA GLN B 868 32.73 -5.52 30.62
C GLN B 868 31.58 -5.39 31.62
N TYR B 869 30.40 -5.02 31.13
CA TYR B 869 29.23 -4.89 32.01
C TYR B 869 28.87 -6.24 32.63
N THR B 870 28.92 -7.30 31.84
CA THR B 870 28.62 -8.63 32.37
C THR B 870 29.60 -9.03 33.45
N SER B 871 30.89 -8.78 33.22
CA SER B 871 31.90 -9.10 34.22
C SER B 871 31.68 -8.31 35.50
N ALA B 872 31.34 -7.01 35.37
CA ALA B 872 31.08 -6.20 36.54
C ALA B 872 29.89 -6.73 37.33
N LEU B 873 28.81 -7.11 36.63
CA LEU B 873 27.63 -7.64 37.31
C LEU B 873 27.97 -8.95 38.03
N LEU B 874 28.72 -9.83 37.37
CA LEU B 874 29.09 -11.10 37.99
C LEU B 874 29.95 -10.89 39.22
N ALA B 875 30.95 -9.99 39.13
CA ALA B 875 31.80 -9.73 40.27
C ALA B 875 31.01 -9.14 41.43
N GLY B 876 30.09 -8.22 41.14
CA GLY B 876 29.27 -7.66 42.20
C GLY B 876 28.40 -8.71 42.87
N THR B 877 27.71 -9.53 42.07
CA THR B 877 26.81 -10.52 42.64
C THR B 877 27.55 -11.66 43.32
N ILE B 878 28.84 -11.83 43.04
CA ILE B 878 29.61 -12.86 43.73
C ILE B 878 30.21 -12.33 45.03
N THR B 879 30.81 -11.14 45.00
CA THR B 879 31.51 -10.63 46.17
C THR B 879 30.62 -9.81 47.11
N SER B 880 29.37 -9.54 46.74
CA SER B 880 28.53 -8.71 47.59
C SER B 880 27.09 -9.20 47.69
N GLY B 881 26.77 -10.37 47.15
CA GLY B 881 25.39 -10.82 47.19
C GLY B 881 24.47 -9.91 46.38
N TRP B 882 23.24 -9.75 46.88
CA TRP B 882 22.27 -8.87 46.25
C TRP B 882 22.22 -7.49 46.91
N THR B 883 23.08 -7.23 47.90
CA THR B 883 23.10 -5.93 48.56
C THR B 883 23.60 -4.83 47.62
N PHE B 884 24.41 -5.19 46.62
CA PHE B 884 24.91 -4.20 45.68
C PHE B 884 23.83 -3.72 44.72
N GLY B 885 22.68 -4.39 44.67
CA GLY B 885 21.58 -3.88 43.85
C GLY B 885 21.01 -2.59 44.38
N ALA B 886 20.94 -2.45 45.70
CA ALA B 886 20.39 -1.27 46.37
C ALA B 886 21.49 -0.64 47.21
N GLY B 887 21.95 0.54 46.82
CA GLY B 887 23.00 1.22 47.55
C GLY B 887 24.37 0.66 47.26
N ALA B 888 25.31 0.99 48.15
CA ALA B 888 26.68 0.55 47.99
C ALA B 888 26.81 -0.93 48.33
N ALA B 889 27.82 -1.56 47.72
CA ALA B 889 28.05 -2.99 47.92
C ALA B 889 28.65 -3.27 49.29
N LEU B 890 28.28 -4.42 49.86
CA LEU B 890 28.79 -4.86 51.15
C LEU B 890 29.35 -6.26 50.99
N GLN B 891 30.62 -6.43 51.35
CA GLN B 891 31.26 -7.73 51.21
C GLN B 891 30.65 -8.75 52.17
N ILE B 892 30.40 -9.96 51.68
CA ILE B 892 29.85 -11.05 52.47
C ILE B 892 30.54 -12.35 52.03
N PRO B 893 30.97 -13.20 52.97
CA PRO B 893 31.50 -14.51 52.58
C PRO B 893 30.44 -15.31 51.83
N PHE B 894 30.89 -16.09 50.85
CA PHE B 894 29.94 -16.78 49.97
C PHE B 894 29.12 -17.82 50.72
N ALA B 895 29.70 -18.45 51.74
CA ALA B 895 28.94 -19.41 52.53
C ALA B 895 27.76 -18.74 53.22
N MET B 896 27.98 -17.55 53.77
CA MET B 896 26.88 -16.82 54.42
C MET B 896 25.81 -16.44 53.40
N GLN B 897 26.21 -16.05 52.20
CA GLN B 897 25.23 -15.73 51.17
C GLN B 897 24.42 -16.95 50.77
N MET B 898 25.07 -18.11 50.63
CA MET B 898 24.33 -19.31 50.28
C MET B 898 23.39 -19.72 51.39
N ALA B 899 23.80 -19.52 52.65
CA ALA B 899 22.90 -19.76 53.77
C ALA B 899 21.71 -18.81 53.73
N TYR B 900 21.95 -17.56 53.34
CA TYR B 900 20.84 -16.61 53.20
C TYR B 900 19.86 -17.09 52.15
N ARG B 901 20.37 -17.56 51.01
CA ARG B 901 19.49 -18.07 49.96
C ARG B 901 18.69 -19.28 50.44
N PHE B 902 19.36 -20.20 51.14
CA PHE B 902 18.66 -21.38 51.66
C PHE B 902 17.58 -20.99 52.66
N ASN B 903 17.87 -20.04 53.54
CA ASN B 903 16.83 -19.52 54.43
C ASN B 903 15.71 -18.88 53.63
N GLY B 904 16.04 -18.26 52.49
CA GLY B 904 15.02 -17.67 51.65
C GLY B 904 14.07 -18.69 51.04
N ILE B 905 14.58 -19.86 50.67
CA ILE B 905 13.72 -20.86 50.04
C ILE B 905 13.11 -21.79 51.08
N GLY B 906 13.15 -21.38 52.35
CA GLY B 906 12.45 -22.11 53.38
C GLY B 906 13.15 -23.35 53.90
N VAL B 907 14.45 -23.48 53.69
CA VAL B 907 15.24 -24.59 54.19
C VAL B 907 16.21 -24.04 55.22
N THR B 908 16.26 -24.66 56.40
CA THR B 908 17.09 -24.15 57.48
C THR B 908 18.55 -24.09 57.07
N GLN B 909 19.23 -23.02 57.48
CA GLN B 909 20.57 -22.73 57.01
C GLN B 909 21.58 -23.79 57.42
N ASN B 910 21.33 -24.52 58.50
CA ASN B 910 22.33 -25.48 58.98
C ASN B 910 22.55 -26.61 58.00
N VAL B 911 21.54 -26.97 57.21
CA VAL B 911 21.70 -28.07 56.27
C VAL B 911 22.73 -27.74 55.19
N LEU B 912 22.89 -26.45 54.88
CA LEU B 912 23.94 -26.06 53.93
C LEU B 912 25.32 -26.27 54.53
N TYR B 913 25.51 -25.80 55.77
CA TYR B 913 26.82 -25.93 56.41
C TYR B 913 27.18 -27.39 56.67
N GLU B 914 26.17 -28.24 56.90
CA GLU B 914 26.46 -29.65 57.12
C GLU B 914 26.81 -30.39 55.83
N ASN B 915 26.48 -29.83 54.67
CA ASN B 915 26.66 -30.49 53.38
C ASN B 915 27.28 -29.54 52.36
N GLN B 916 28.34 -28.84 52.75
CA GLN B 916 28.93 -27.85 51.84
C GLN B 916 29.68 -28.51 50.69
N LYS B 917 30.48 -29.54 50.99
CA LYS B 917 31.30 -30.15 49.96
C LYS B 917 30.45 -30.77 48.86
N LEU B 918 29.37 -31.47 49.23
CA LEU B 918 28.51 -32.08 48.24
C LEU B 918 27.85 -31.02 47.35
N ILE B 919 27.43 -29.91 47.95
CA ILE B 919 26.80 -28.84 47.17
C ILE B 919 27.80 -28.24 46.20
N ALA B 920 29.03 -28.00 46.65
CA ALA B 920 30.05 -27.45 45.75
C ALA B 920 30.35 -28.42 44.61
N ASN B 921 30.46 -29.71 44.93
CA ASN B 921 30.72 -30.69 43.88
C ASN B 921 29.58 -30.75 42.86
N GLN B 922 28.33 -30.70 43.35
CA GLN B 922 27.19 -30.72 42.44
C GLN B 922 27.18 -29.48 41.55
N PHE B 923 27.49 -28.31 42.12
CA PHE B 923 27.52 -27.09 41.32
C PHE B 923 28.59 -27.16 40.24
N ASN B 924 29.79 -27.62 40.60
CA ASN B 924 30.85 -27.73 39.61
C ASN B 924 30.49 -28.73 38.51
N SER B 925 29.93 -29.87 38.90
CA SER B 925 29.54 -30.88 37.91
C SER B 925 28.47 -30.34 36.98
N ALA B 926 27.50 -29.60 37.52
CA ALA B 926 26.44 -29.04 36.68
C ALA B 926 27.00 -28.01 35.70
N ILE B 927 27.91 -27.15 36.17
CA ILE B 927 28.51 -26.16 35.27
C ILE B 927 29.24 -26.86 34.14
N GLY B 928 30.05 -27.87 34.48
CA GLY B 928 30.75 -28.62 33.45
C GLY B 928 29.81 -29.32 32.49
N LYS B 929 28.71 -29.86 33.01
CA LYS B 929 27.74 -30.56 32.16
C LYS B 929 27.11 -29.62 31.15
N ILE B 930 26.69 -28.43 31.59
CA ILE B 930 26.09 -27.50 30.64
C ILE B 930 27.13 -26.97 29.66
N GLN B 931 28.38 -26.80 30.11
CA GLN B 931 29.43 -26.39 29.19
C GLN B 931 29.62 -27.41 28.07
N ASP B 932 29.69 -28.70 28.45
CA ASP B 932 29.85 -29.75 27.45
C ASP B 932 28.64 -29.84 26.53
N SER B 933 27.43 -29.73 27.11
CA SER B 933 26.22 -29.81 26.29
C SER B 933 26.14 -28.67 25.29
N LEU B 934 26.50 -27.46 25.71
CA LEU B 934 26.48 -26.32 24.80
C LEU B 934 27.57 -26.46 23.74
N SER B 935 28.73 -27.02 24.12
CA SER B 935 29.79 -27.23 23.14
C SER B 935 29.41 -28.29 22.12
N SER B 936 28.60 -29.27 22.51
CA SER B 936 28.22 -30.37 21.61
C SER B 936 26.97 -30.03 20.80
N THR B 937 25.86 -29.75 21.49
CA THR B 937 24.58 -29.49 20.82
C THR B 937 24.62 -28.12 20.16
N ALA B 938 24.67 -28.11 18.82
CA ALA B 938 24.75 -26.85 18.09
C ALA B 938 23.41 -26.14 18.04
N SER B 939 22.31 -26.88 17.91
CA SER B 939 20.98 -26.29 17.75
C SER B 939 20.45 -25.87 19.12
N ALA B 940 21.10 -24.86 19.69
CA ALA B 940 20.71 -24.30 20.99
C ALA B 940 20.35 -22.83 20.91
N LEU B 941 21.11 -22.03 20.16
CA LEU B 941 20.83 -20.60 20.02
C LEU B 941 19.98 -20.34 18.79
N GLY B 942 18.79 -20.95 18.80
CA GLY B 942 17.90 -20.84 17.65
C GLY B 942 17.36 -19.43 17.44
N LYS B 943 17.07 -18.72 18.53
CA LYS B 943 16.37 -17.44 18.41
C LYS B 943 17.23 -16.37 17.76
N LEU B 944 18.49 -16.23 18.21
CA LEU B 944 19.35 -15.21 17.65
C LEU B 944 19.65 -15.47 16.17
N GLN B 945 19.92 -16.72 15.83
CA GLN B 945 20.12 -17.08 14.43
C GLN B 945 18.87 -16.82 13.61
N ASP B 946 17.70 -17.11 14.18
CA ASP B 946 16.45 -16.81 13.48
C ASP B 946 16.30 -15.32 13.23
N VAL B 947 16.67 -14.49 14.20
CA VAL B 947 16.56 -13.05 14.04
C VAL B 947 17.48 -12.56 12.92
N VAL B 948 18.74 -12.99 12.94
CA VAL B 948 19.67 -12.50 11.92
C VAL B 948 19.28 -13.03 10.54
N ASN B 949 18.80 -14.28 10.46
CA ASN B 949 18.35 -14.82 9.20
C ASN B 949 17.13 -14.08 8.68
N GLN B 950 16.21 -13.70 9.57
CA GLN B 950 15.05 -12.93 9.15
C GLN B 950 15.45 -11.59 8.57
N ASN B 951 16.37 -10.89 9.24
CA ASN B 951 16.80 -9.59 8.72
C ASN B 951 17.50 -9.75 7.37
N ALA B 952 18.38 -10.75 7.25
CA ALA B 952 19.06 -10.97 5.98
C ALA B 952 18.08 -11.31 4.87
N GLN B 953 17.09 -12.15 5.16
CA GLN B 953 16.08 -12.51 4.17
C GLN B 953 15.26 -11.30 3.75
N ALA B 954 14.91 -10.44 4.70
CA ALA B 954 14.16 -9.24 4.36
C ALA B 954 14.96 -8.35 3.42
N LEU B 955 16.24 -8.14 3.72
CA LEU B 955 17.07 -7.31 2.84
C LEU B 955 17.23 -7.97 1.46
N ASN B 956 17.42 -9.28 1.43
CA ASN B 956 17.60 -9.97 0.15
C ASN B 956 16.36 -9.88 -0.71
N THR B 957 15.18 -10.06 -0.12
CA THR B 957 13.96 -9.96 -0.92
C THR B 957 13.68 -8.52 -1.34
N LEU B 958 14.05 -7.54 -0.51
CA LEU B 958 13.92 -6.15 -0.93
C LEU B 958 14.80 -5.88 -2.14
N VAL B 959 16.01 -6.43 -2.16
CA VAL B 959 16.87 -6.29 -3.34
C VAL B 959 16.25 -7.00 -4.54
N LYS B 960 15.72 -8.21 -4.33
CA LYS B 960 15.16 -8.99 -5.42
C LYS B 960 13.93 -8.35 -6.04
N GLN B 961 13.20 -7.53 -5.29
CA GLN B 961 11.98 -6.92 -5.84
C GLN B 961 12.27 -6.00 -7.02
N LEU B 962 13.53 -5.59 -7.23
CA LEU B 962 13.85 -4.67 -8.31
C LEU B 962 13.75 -5.30 -9.70
N SER B 963 13.58 -6.62 -9.79
CA SER B 963 13.58 -7.29 -11.08
C SER B 963 12.19 -7.42 -11.70
N SER B 964 11.17 -6.84 -11.09
CA SER B 964 9.80 -6.94 -11.58
C SER B 964 9.36 -5.57 -12.09
N ASN B 965 8.76 -5.54 -13.27
CA ASN B 965 8.22 -4.31 -13.85
C ASN B 965 6.73 -4.25 -13.53
N PHE B 966 6.33 -3.19 -12.83
CA PHE B 966 4.94 -3.03 -12.39
C PHE B 966 4.09 -2.52 -13.56
N GLY B 967 3.96 -3.38 -14.56
CA GLY B 967 3.18 -3.06 -15.75
C GLY B 967 3.94 -2.29 -16.81
N ALA B 968 5.18 -1.91 -16.56
CA ALA B 968 5.96 -1.16 -17.54
C ALA B 968 6.47 -2.09 -18.64
N ILE B 969 7.01 -1.48 -19.69
CA ILE B 969 7.57 -2.26 -20.79
C ILE B 969 8.86 -2.95 -20.39
N SER B 970 9.53 -2.46 -19.34
CA SER B 970 10.79 -3.05 -18.91
C SER B 970 11.01 -2.71 -17.44
N SER B 971 11.96 -3.40 -16.83
CA SER B 971 12.25 -3.23 -15.40
C SER B 971 13.50 -2.40 -15.15
N VAL B 972 14.04 -1.73 -16.17
CA VAL B 972 15.22 -0.88 -16.03
C VAL B 972 14.92 0.48 -16.64
N LEU B 973 15.31 1.53 -15.92
CA LEU B 973 15.04 2.89 -16.38
C LEU B 973 15.85 3.24 -17.61
N ASN B 974 17.08 2.71 -17.73
CA ASN B 974 17.93 3.05 -18.86
C ASN B 974 17.31 2.60 -20.17
N ASP B 975 16.76 1.38 -20.21
CA ASP B 975 16.14 0.88 -21.43
C ASP B 975 14.94 1.72 -21.82
N ILE B 976 14.08 2.03 -20.86
CA ILE B 976 12.88 2.81 -21.15
C ILE B 976 13.25 4.20 -21.65
N LEU B 977 14.27 4.82 -21.04
CA LEU B 977 14.68 6.14 -21.45
C LEU B 977 15.36 6.13 -22.82
N SER B 978 16.08 5.05 -23.14
CA SER B 978 16.74 4.97 -24.44
C SER B 978 15.78 4.60 -25.55
N ARG B 979 14.63 4.01 -25.22
CA ARG B 979 13.69 3.57 -26.24
C ARG B 979 12.52 4.54 -26.47
N LEU B 980 12.28 5.48 -25.56
CA LEU B 980 11.09 6.30 -25.61
C LEU B 980 11.42 7.78 -25.41
N ASP B 981 10.57 8.63 -25.98
CA ASP B 981 10.65 10.06 -25.74
C ASP B 981 10.20 10.37 -24.31
N PRO B 982 10.65 11.48 -23.75
CA PRO B 982 10.28 11.82 -22.36
C PRO B 982 8.77 11.76 -22.12
N PRO B 983 7.94 12.47 -22.90
CA PRO B 983 6.52 12.59 -22.52
C PRO B 983 5.80 11.26 -22.40
N GLU B 984 6.13 10.28 -23.25
CA GLU B 984 5.52 8.96 -23.14
C GLU B 984 6.30 8.02 -22.22
N ALA B 985 7.54 8.35 -21.89
CA ALA B 985 8.30 7.57 -20.92
C ALA B 985 7.88 7.87 -19.48
N GLU B 986 7.39 9.07 -19.22
CA GLU B 986 7.02 9.45 -17.86
C GLU B 986 5.96 8.53 -17.27
N VAL B 987 5.10 7.95 -18.11
CA VAL B 987 4.08 7.04 -17.60
C VAL B 987 4.72 5.80 -16.98
N GLN B 988 5.62 5.16 -17.74
CA GLN B 988 6.30 3.98 -17.21
C GLN B 988 7.16 4.33 -16.01
N ILE B 989 7.80 5.50 -16.05
CA ILE B 989 8.61 5.92 -14.91
C ILE B 989 7.75 6.06 -13.66
N ASP B 990 6.56 6.66 -13.81
CA ASP B 990 5.67 6.82 -12.67
C ASP B 990 5.18 5.46 -12.15
N ARG B 991 4.87 4.53 -13.06
CA ARG B 991 4.46 3.20 -12.62
C ARG B 991 5.54 2.55 -11.79
N LEU B 992 6.78 2.57 -12.28
CA LEU B 992 7.88 1.96 -11.54
C LEU B 992 8.12 2.67 -10.21
N ILE B 993 8.00 3.99 -10.19
CA ILE B 993 8.20 4.74 -8.95
C ILE B 993 7.17 4.33 -7.92
N THR B 994 5.90 4.23 -8.33
CA THR B 994 4.85 3.83 -7.40
C THR B 994 5.09 2.42 -6.86
N GLY B 995 5.47 1.49 -7.75
CA GLY B 995 5.72 0.13 -7.30
C GLY B 995 6.86 0.06 -6.28
N ARG B 996 7.96 0.75 -6.57
CA ARG B 996 9.11 0.69 -5.67
C ARG B 996 8.81 1.37 -4.34
N LEU B 997 8.04 2.46 -4.36
CA LEU B 997 7.63 3.09 -3.11
C LEU B 997 6.77 2.16 -2.29
N GLN B 998 5.85 1.42 -2.94
CA GLN B 998 5.05 0.45 -2.22
C GLN B 998 5.93 -0.63 -1.58
N SER B 999 6.93 -1.11 -2.32
CA SER B 999 7.84 -2.11 -1.76
C SER B 999 8.56 -1.58 -0.53
N LEU B 1000 9.07 -0.35 -0.61
CA LEU B 1000 9.77 0.23 0.53
C LEU B 1000 8.85 0.38 1.73
N GLN B 1001 7.62 0.83 1.50
CA GLN B 1001 6.67 0.99 2.60
C GLN B 1001 6.36 -0.35 3.26
N THR B 1002 6.19 -1.40 2.46
CA THR B 1002 5.94 -2.72 3.03
C THR B 1002 7.12 -3.18 3.88
N TYR B 1003 8.34 -2.99 3.38
CA TYR B 1003 9.52 -3.37 4.16
C TYR B 1003 9.57 -2.62 5.49
N VAL B 1004 9.27 -1.32 5.46
CA VAL B 1004 9.29 -0.51 6.68
C VAL B 1004 8.26 -1.03 7.68
N THR B 1005 7.05 -1.35 7.21
CA THR B 1005 6.01 -1.83 8.12
C THR B 1005 6.41 -3.14 8.78
N GLN B 1006 6.95 -4.09 7.99
CA GLN B 1006 7.36 -5.36 8.57
C GLN B 1006 8.49 -5.15 9.58
N GLN B 1007 9.42 -4.26 9.27
CA GLN B 1007 10.48 -3.95 10.23
C GLN B 1007 9.91 -3.38 11.51
N LEU B 1008 8.89 -2.54 11.42
CA LEU B 1008 8.26 -1.99 12.62
C LEU B 1008 7.66 -3.10 13.47
N ILE B 1009 6.98 -4.06 12.84
CA ILE B 1009 6.38 -5.16 13.59
C ILE B 1009 7.46 -5.95 14.32
N ARG B 1010 8.54 -6.29 13.61
CA ARG B 1010 9.61 -7.06 14.22
C ARG B 1010 10.26 -6.28 15.36
N ALA B 1011 10.43 -4.98 15.20
CA ALA B 1011 11.01 -4.15 16.25
C ALA B 1011 10.13 -4.14 17.49
N ALA B 1012 8.81 -4.07 17.31
CA ALA B 1012 7.91 -4.11 18.45
C ALA B 1012 8.03 -5.43 19.21
N GLU B 1013 8.08 -6.54 18.48
CA GLU B 1013 8.25 -7.85 19.14
C GLU B 1013 9.57 -7.91 19.90
N ILE B 1014 10.65 -7.41 19.28
CA ILE B 1014 11.96 -7.44 19.93
C ILE B 1014 11.95 -6.56 21.18
N ARG B 1015 11.26 -5.42 21.12
CA ARG B 1015 11.16 -4.55 22.29
C ARG B 1015 10.45 -5.26 23.43
N ALA B 1016 9.37 -5.98 23.13
CA ALA B 1016 8.70 -6.74 24.19
C ALA B 1016 9.63 -7.77 24.81
N SER B 1017 10.35 -8.50 23.97
CA SER B 1017 11.29 -9.50 24.49
C SER B 1017 12.39 -8.86 25.33
N ALA B 1018 12.88 -7.70 24.90
CA ALA B 1018 13.95 -7.02 25.62
C ALA B 1018 13.47 -6.51 26.97
N ASN B 1019 12.22 -6.03 27.04
CA ASN B 1019 11.67 -5.64 28.33
C ASN B 1019 11.57 -6.84 29.27
N LEU B 1020 11.14 -7.98 28.74
CA LEU B 1020 11.11 -9.19 29.57
C LEU B 1020 12.51 -9.55 30.06
N ALA B 1021 13.51 -9.47 29.18
CA ALA B 1021 14.87 -9.78 29.58
C ALA B 1021 15.37 -8.80 30.64
N ALA B 1022 15.03 -7.52 30.50
CA ALA B 1022 15.49 -6.53 31.47
C ALA B 1022 14.88 -6.79 32.85
N THR B 1023 13.58 -7.07 32.91
CA THR B 1023 13.00 -7.34 34.23
C THR B 1023 13.50 -8.66 34.80
N LYS B 1024 13.77 -9.66 33.95
CA LYS B 1024 14.35 -10.90 34.44
C LYS B 1024 15.74 -10.66 35.03
N MET B 1025 16.55 -9.83 34.37
CA MET B 1025 17.86 -9.49 34.90
C MET B 1025 17.74 -8.75 36.22
N SER B 1026 16.77 -7.82 36.32
CA SER B 1026 16.59 -7.08 37.55
C SER B 1026 16.22 -8.00 38.70
N GLU B 1027 15.34 -8.96 38.46
CA GLU B 1027 14.81 -9.78 39.54
C GLU B 1027 15.69 -10.98 39.87
N CYS B 1028 15.92 -11.86 38.89
CA CYS B 1028 16.60 -13.12 39.18
C CYS B 1028 18.08 -12.92 39.48
N VAL B 1029 18.73 -11.93 38.87
CA VAL B 1029 20.17 -11.76 39.03
C VAL B 1029 20.51 -10.86 40.21
N LEU B 1030 19.90 -9.68 40.27
CA LEU B 1030 20.16 -8.74 41.36
C LEU B 1030 19.42 -9.10 42.64
N GLY B 1031 18.68 -10.20 42.65
CA GLY B 1031 17.98 -10.61 43.85
C GLY B 1031 17.49 -12.04 43.71
N GLN B 1032 16.72 -12.47 44.70
CA GLN B 1032 16.13 -13.80 44.71
C GLN B 1032 14.62 -13.66 44.57
N SER B 1033 14.05 -14.33 43.58
CA SER B 1033 12.63 -14.21 43.26
C SER B 1033 11.87 -15.41 43.80
N LYS B 1034 10.74 -15.14 44.45
CA LYS B 1034 9.88 -16.19 44.97
C LYS B 1034 8.79 -16.61 43.99
N ARG B 1035 8.70 -15.96 42.83
CA ARG B 1035 7.77 -16.39 41.81
C ARG B 1035 8.19 -17.73 41.24
N VAL B 1036 7.22 -18.61 41.02
CA VAL B 1036 7.50 -19.96 40.55
C VAL B 1036 7.76 -19.93 39.05
N ASP B 1037 8.83 -20.61 38.63
CA ASP B 1037 9.19 -20.87 37.23
C ASP B 1037 9.71 -19.62 36.52
N PHE B 1038 9.65 -18.45 37.16
CA PHE B 1038 10.13 -17.24 36.49
C PHE B 1038 11.63 -17.33 36.21
N CYS B 1039 12.41 -17.85 37.14
CA CYS B 1039 13.85 -18.00 36.97
C CYS B 1039 14.23 -19.48 36.94
N GLY B 1040 13.48 -20.27 36.20
CA GLY B 1040 13.80 -21.68 36.01
C GLY B 1040 12.99 -22.59 36.90
N LYS B 1041 12.87 -23.85 36.48
CA LYS B 1041 12.12 -24.84 37.24
C LYS B 1041 12.84 -25.14 38.56
N GLY B 1042 12.05 -25.29 39.62
CA GLY B 1042 12.59 -25.50 40.94
C GLY B 1042 12.52 -24.23 41.79
N TYR B 1043 13.25 -24.27 42.89
CA TYR B 1043 13.32 -23.14 43.81
C TYR B 1043 14.59 -22.34 43.51
N HIS B 1044 14.41 -21.08 43.13
CA HIS B 1044 15.52 -20.28 42.64
C HIS B 1044 16.51 -19.97 43.76
N LEU B 1045 17.81 -20.10 43.44
CA LEU B 1045 18.89 -19.78 44.37
C LEU B 1045 19.80 -18.67 43.88
N MET B 1046 20.32 -18.79 42.66
CA MET B 1046 21.27 -17.85 42.11
C MET B 1046 20.94 -17.59 40.65
N SER B 1047 21.74 -16.76 40.01
CA SER B 1047 21.60 -16.47 38.58
C SER B 1047 22.84 -15.75 38.06
N PHE B 1048 23.41 -16.24 36.97
CA PHE B 1048 24.62 -15.67 36.40
C PHE B 1048 24.40 -15.29 34.95
N PRO B 1049 24.40 -14.00 34.61
CA PRO B 1049 24.21 -13.60 33.21
C PRO B 1049 25.48 -13.75 32.39
N GLN B 1050 25.29 -14.08 31.12
CA GLN B 1050 26.37 -14.16 30.15
C GLN B 1050 25.93 -13.49 28.86
N SER B 1051 26.79 -12.65 28.31
CA SER B 1051 26.46 -11.90 27.10
C SER B 1051 26.49 -12.81 25.88
N ALA B 1052 25.56 -12.57 24.96
CA ALA B 1052 25.49 -13.27 23.70
C ALA B 1052 25.29 -12.27 22.57
N PRO B 1053 25.73 -12.60 21.35
CA PRO B 1053 25.54 -11.67 20.24
C PRO B 1053 24.08 -11.46 19.93
N HIS B 1054 23.62 -10.21 20.05
CA HIS B 1054 22.22 -9.85 19.86
C HIS B 1054 21.31 -10.64 20.79
N GLY B 1055 21.76 -10.85 22.03
CA GLY B 1055 20.97 -11.63 22.97
C GLY B 1055 21.64 -11.70 24.32
N VAL B 1056 21.15 -12.62 25.14
CA VAL B 1056 21.63 -12.82 26.49
C VAL B 1056 21.20 -14.19 26.95
N VAL B 1057 22.07 -14.87 27.70
CA VAL B 1057 21.80 -16.21 28.21
C VAL B 1057 21.93 -16.16 29.73
N PHE B 1058 20.94 -16.71 30.43
CA PHE B 1058 20.90 -16.72 31.89
C PHE B 1058 21.20 -18.12 32.40
N LEU B 1059 22.04 -18.20 33.43
CA LEU B 1059 22.34 -19.47 34.10
C LEU B 1059 21.56 -19.48 35.41
N HIS B 1060 20.44 -20.18 35.42
CA HIS B 1060 19.55 -20.20 36.58
C HIS B 1060 19.91 -21.37 37.47
N VAL B 1061 20.71 -21.11 38.51
CA VAL B 1061 20.97 -22.10 39.54
C VAL B 1061 19.70 -22.27 40.36
N THR B 1062 19.27 -23.51 40.56
CA THR B 1062 18.00 -23.80 41.18
C THR B 1062 18.12 -24.97 42.15
N TYR B 1063 17.13 -25.08 43.03
CA TYR B 1063 17.06 -26.13 44.04
C TYR B 1063 15.99 -27.13 43.63
N VAL B 1064 16.33 -28.42 43.65
CA VAL B 1064 15.42 -29.48 43.26
C VAL B 1064 15.45 -30.58 44.32
N PRO B 1065 14.33 -30.94 44.92
CA PRO B 1065 14.35 -32.00 45.94
C PRO B 1065 14.52 -33.38 45.30
N ALA B 1066 15.36 -34.18 45.91
CA ALA B 1066 15.69 -35.52 45.42
C ALA B 1066 14.74 -36.55 46.05
N GLN B 1067 15.11 -37.82 45.97
CA GLN B 1067 14.27 -38.94 46.42
C GLN B 1067 13.64 -38.68 47.79
N GLU B 1068 12.43 -39.17 47.97
CA GLU B 1068 11.61 -38.88 49.14
C GLU B 1068 11.24 -40.18 49.85
N LYS B 1069 10.39 -40.05 50.87
CA LYS B 1069 9.91 -41.19 51.65
C LYS B 1069 8.48 -40.94 52.07
N ASN B 1070 7.76 -42.03 52.33
CA ASN B 1070 6.37 -41.95 52.75
C ASN B 1070 6.30 -41.89 54.27
N PHE B 1071 5.29 -41.17 54.78
CA PHE B 1071 5.13 -41.01 56.21
C PHE B 1071 3.65 -40.86 56.55
N THR B 1072 3.31 -41.18 57.79
CA THR B 1072 1.97 -41.02 58.31
C THR B 1072 1.93 -39.79 59.20
N THR B 1073 0.90 -38.96 59.04
CA THR B 1073 0.88 -37.65 59.68
C THR B 1073 -0.49 -37.36 60.27
N ALA B 1074 -0.52 -36.35 61.13
CA ALA B 1074 -1.73 -35.84 61.74
C ALA B 1074 -1.66 -34.33 61.80
N PRO B 1075 -2.81 -33.64 61.77
CA PRO B 1075 -2.79 -32.17 61.85
C PRO B 1075 -2.31 -31.65 63.19
N ALA B 1076 -2.88 -32.15 64.28
CA ALA B 1076 -2.60 -31.63 65.61
C ALA B 1076 -2.34 -32.78 66.57
N ILE B 1077 -1.74 -32.43 67.71
CA ILE B 1077 -1.38 -33.40 68.75
C ILE B 1077 -2.09 -33.00 70.04
N CYS B 1078 -2.78 -33.96 70.65
CA CYS B 1078 -3.50 -33.73 71.90
C CYS B 1078 -2.70 -34.34 73.04
N HIS B 1079 -1.98 -33.49 73.79
CA HIS B 1079 -1.19 -33.99 74.91
C HIS B 1079 -2.06 -34.17 76.15
N ASP B 1080 -2.65 -33.08 76.65
CA ASP B 1080 -3.47 -33.12 77.86
C ASP B 1080 -4.63 -32.14 77.66
N GLY B 1081 -5.69 -32.61 77.01
CA GLY B 1081 -6.88 -31.81 76.79
C GLY B 1081 -6.65 -30.53 75.99
N LYS B 1082 -5.44 -30.37 75.44
CA LYS B 1082 -5.08 -29.18 74.69
C LYS B 1082 -4.51 -29.61 73.34
N ALA B 1083 -5.01 -29.00 72.27
CA ALA B 1083 -4.48 -29.25 70.93
C ALA B 1083 -3.16 -28.52 70.76
N HIS B 1084 -2.23 -29.14 70.03
CA HIS B 1084 -0.94 -28.55 69.72
C HIS B 1084 -0.75 -28.51 68.21
N PHE B 1085 -0.21 -27.40 67.72
CA PHE B 1085 0.03 -27.24 66.31
C PHE B 1085 1.49 -26.89 66.06
N PRO B 1086 2.09 -27.40 64.98
CA PRO B 1086 3.50 -27.09 64.71
C PRO B 1086 3.67 -25.63 64.34
N ARG B 1087 4.79 -25.06 64.77
CA ARG B 1087 5.05 -23.64 64.50
C ARG B 1087 5.34 -23.41 63.02
N GLU B 1088 6.21 -24.24 62.43
CA GLU B 1088 6.58 -24.08 61.03
C GLU B 1088 6.59 -25.38 60.24
N GLY B 1089 6.67 -26.53 60.88
CA GLY B 1089 6.85 -27.79 60.20
C GLY B 1089 5.58 -28.61 60.11
N VAL B 1090 5.75 -29.93 60.00
CA VAL B 1090 4.65 -30.87 59.87
C VAL B 1090 4.90 -32.06 60.78
N PHE B 1091 3.88 -32.50 61.49
CA PHE B 1091 3.98 -33.66 62.38
C PHE B 1091 4.01 -34.92 61.54
N VAL B 1092 5.20 -35.52 61.41
CA VAL B 1092 5.37 -36.76 60.66
C VAL B 1092 5.75 -37.86 61.63
N SER B 1093 5.17 -39.04 61.43
CA SER B 1093 5.38 -40.18 62.31
C SER B 1093 6.00 -41.33 61.54
N ASN B 1094 7.11 -41.85 62.04
CA ASN B 1094 7.65 -43.11 61.53
C ASN B 1094 6.88 -44.26 62.18
N GLY B 1095 7.43 -45.47 62.11
CA GLY B 1095 6.77 -46.66 62.63
C GLY B 1095 6.06 -46.52 63.96
N THR B 1096 6.77 -46.10 65.01
CA THR B 1096 6.20 -46.07 66.34
C THR B 1096 6.60 -44.81 67.12
N HIS B 1097 6.80 -43.69 66.45
CA HIS B 1097 7.22 -42.48 67.12
C HIS B 1097 6.68 -41.27 66.36
N TRP B 1098 6.66 -40.13 67.05
CA TRP B 1098 6.19 -38.87 66.48
C TRP B 1098 7.29 -37.83 66.53
N PHE B 1099 7.54 -37.18 65.40
CA PHE B 1099 8.53 -36.11 65.30
C PHE B 1099 7.90 -34.95 64.54
N VAL B 1100 8.66 -33.85 64.44
CA VAL B 1100 8.24 -32.68 63.67
C VAL B 1100 9.42 -32.27 62.78
N THR B 1101 9.14 -32.07 61.49
CA THR B 1101 10.18 -31.80 60.51
C THR B 1101 9.76 -30.62 59.64
N GLN B 1102 10.77 -29.97 59.05
CA GLN B 1102 10.52 -28.88 58.12
C GLN B 1102 9.92 -29.42 56.83
N ARG B 1103 9.27 -28.53 56.07
CA ARG B 1103 8.52 -28.94 54.90
C ARG B 1103 9.42 -29.54 53.82
N ASN B 1104 10.57 -28.92 53.57
CA ASN B 1104 11.37 -29.24 52.40
C ASN B 1104 12.60 -30.10 52.71
N PHE B 1105 12.65 -30.71 53.89
CA PHE B 1105 13.75 -31.60 54.22
C PHE B 1105 13.30 -32.52 55.34
N TYR B 1106 14.04 -33.61 55.51
CA TYR B 1106 13.76 -34.58 56.59
C TYR B 1106 14.75 -34.32 57.72
N GLU B 1107 14.31 -33.58 58.72
CA GLU B 1107 15.11 -33.26 59.90
C GLU B 1107 14.28 -33.59 61.13
N PRO B 1108 14.27 -34.85 61.55
CA PRO B 1108 13.43 -35.25 62.69
C PRO B 1108 13.83 -34.51 63.96
N GLN B 1109 12.82 -34.14 64.75
CA GLN B 1109 13.03 -33.44 66.01
C GLN B 1109 11.97 -33.91 66.99
N ILE B 1110 12.35 -33.97 68.27
CA ILE B 1110 11.40 -34.38 69.30
C ILE B 1110 10.41 -33.27 69.56
N ILE B 1111 9.22 -33.65 70.03
CA ILE B 1111 8.13 -32.69 70.22
C ILE B 1111 8.31 -32.02 71.57
N THR B 1112 8.58 -30.71 71.55
CA THR B 1112 8.73 -29.92 72.76
C THR B 1112 7.73 -28.77 72.74
N THR B 1113 7.60 -28.11 73.88
CA THR B 1113 6.75 -26.92 73.96
C THR B 1113 7.31 -25.74 73.19
N ASP B 1114 8.56 -25.81 72.74
CA ASP B 1114 9.16 -24.74 71.95
C ASP B 1114 8.97 -24.92 70.46
N ASN B 1115 8.40 -26.06 70.03
CA ASN B 1115 8.08 -26.28 68.63
C ASN B 1115 6.61 -26.12 68.32
N THR B 1116 5.75 -26.15 69.32
CA THR B 1116 4.30 -26.07 69.14
C THR B 1116 3.73 -24.99 70.04
N PHE B 1117 2.56 -24.48 69.65
CA PHE B 1117 1.81 -23.53 70.45
C PHE B 1117 0.41 -24.07 70.69
N VAL B 1118 -0.07 -23.91 71.92
CA VAL B 1118 -1.34 -24.50 72.35
C VAL B 1118 -2.48 -23.60 71.93
N SER B 1119 -3.57 -24.20 71.45
CA SER B 1119 -4.76 -23.46 71.07
C SER B 1119 -5.94 -24.41 71.02
N GLY B 1120 -7.06 -23.99 71.62
CA GLY B 1120 -8.30 -24.75 71.53
C GLY B 1120 -8.32 -25.98 72.43
N ASN B 1121 -9.18 -26.92 72.05
CA ASN B 1121 -9.38 -28.18 72.77
C ASN B 1121 -9.16 -29.35 71.83
N CYS B 1122 -9.48 -30.56 72.31
CA CYS B 1122 -9.18 -31.80 71.60
C CYS B 1122 -10.43 -32.43 70.97
N ASP B 1123 -11.34 -31.61 70.45
CA ASP B 1123 -12.52 -32.14 69.79
C ASP B 1123 -12.79 -31.46 68.45
N VAL B 1124 -12.34 -30.21 68.32
CA VAL B 1124 -12.67 -29.45 67.11
C VAL B 1124 -11.93 -29.99 65.90
N VAL B 1125 -10.64 -30.28 66.06
CA VAL B 1125 -9.84 -30.74 64.93
C VAL B 1125 -10.25 -32.15 64.54
N ILE B 1126 -10.28 -32.42 63.23
CA ILE B 1126 -10.81 -33.68 62.72
C ILE B 1126 -9.89 -34.84 63.07
N GLY B 1127 -8.59 -34.69 62.82
CA GLY B 1127 -7.70 -35.83 62.92
C GLY B 1127 -6.63 -35.72 63.99
N ILE B 1128 -6.99 -35.22 65.17
CA ILE B 1128 -6.03 -35.14 66.26
C ILE B 1128 -5.70 -36.54 66.77
N VAL B 1129 -4.47 -36.71 67.24
CA VAL B 1129 -4.00 -37.98 67.79
C VAL B 1129 -3.37 -37.71 69.15
N ASN B 1130 -3.37 -38.74 69.99
CA ASN B 1130 -2.82 -38.65 71.33
C ASN B 1130 -1.32 -38.92 71.31
N ASN B 1131 -0.58 -38.14 72.07
CA ASN B 1131 0.86 -38.33 72.22
C ASN B 1131 1.32 -37.59 73.47
N THR B 1132 2.63 -37.48 73.63
CA THR B 1132 3.24 -36.80 74.77
C THR B 1132 4.07 -35.63 74.29
N VAL B 1133 4.01 -34.52 75.02
CA VAL B 1133 4.75 -33.31 74.69
C VAL B 1133 5.82 -33.12 75.75
N TYR B 1134 7.09 -33.13 75.32
CA TYR B 1134 8.20 -32.99 76.24
C TYR B 1134 8.30 -31.54 76.72
N ASP B 1135 8.49 -31.36 78.03
CA ASP B 1135 8.67 -30.05 78.61
C ASP B 1135 10.13 -29.87 79.00
N PRO B 1136 10.87 -28.97 78.35
CA PRO B 1136 12.31 -28.83 78.63
C PRO B 1136 12.64 -27.96 79.83
N LEU B 1137 11.67 -27.64 80.69
CA LEU B 1137 11.91 -26.86 81.89
C LEU B 1137 11.52 -27.57 83.17
N GLN B 1138 10.49 -28.41 83.13
CA GLN B 1138 10.02 -29.09 84.34
C GLN B 1138 11.09 -29.95 84.99
N PRO B 1139 11.86 -30.78 84.27
CA PRO B 1139 12.87 -31.60 84.95
C PRO B 1139 13.89 -30.80 85.74
N GLU B 1140 14.21 -29.59 85.30
CA GLU B 1140 15.17 -28.75 86.00
C GLU B 1140 14.53 -28.12 87.25
N GLN C 14 -60.97 22.06 -33.59
CA GLN C 14 -62.26 21.42 -33.36
C GLN C 14 -62.53 21.39 -31.87
N CYS C 15 -61.45 21.25 -31.09
CA CYS C 15 -61.56 21.25 -29.65
C CYS C 15 -61.93 22.62 -29.14
N VAL C 16 -62.76 22.64 -28.08
CA VAL C 16 -63.30 23.86 -27.51
C VAL C 16 -63.04 23.85 -26.01
N ASN C 17 -62.60 25.00 -25.48
CA ASN C 17 -62.35 25.10 -24.05
C ASN C 17 -63.64 24.92 -23.26
N LEU C 18 -63.56 24.15 -22.19
CA LEU C 18 -64.72 23.88 -21.35
C LEU C 18 -64.87 24.97 -20.28
N THR C 19 -66.11 25.26 -19.93
CA THR C 19 -66.45 26.34 -19.01
C THR C 19 -67.04 25.77 -17.73
N THR C 20 -67.35 26.68 -16.79
CA THR C 20 -68.02 26.35 -15.53
C THR C 20 -67.21 25.34 -14.71
N ARG C 21 -66.03 25.76 -14.27
CA ARG C 21 -65.19 24.99 -13.37
C ARG C 21 -64.91 25.83 -12.13
N THR C 22 -65.05 25.19 -10.96
CA THR C 22 -64.80 25.89 -9.70
C THR C 22 -63.31 26.12 -9.50
N GLN C 23 -62.99 27.20 -8.78
CA GLN C 23 -61.61 27.63 -8.58
C GLN C 23 -61.23 27.49 -7.11
N LEU C 24 -60.11 26.78 -6.86
CA LEU C 24 -59.58 26.61 -5.52
C LEU C 24 -58.16 26.04 -5.61
N PRO C 25 -57.23 26.52 -4.78
CA PRO C 25 -55.88 25.98 -4.82
C PRO C 25 -55.87 24.53 -4.39
N PRO C 26 -54.95 23.74 -4.92
CA PRO C 26 -54.94 22.30 -4.64
C PRO C 26 -54.33 22.02 -3.26
N ALA C 27 -54.31 20.74 -2.90
CA ALA C 27 -53.78 20.26 -1.64
C ALA C 27 -52.42 19.61 -1.86
N TYR C 28 -51.82 19.15 -0.77
CA TYR C 28 -50.49 18.56 -0.80
C TYR C 28 -50.50 17.25 -0.01
N THR C 29 -49.66 16.32 -0.43
CA THR C 29 -49.61 14.99 0.18
C THR C 29 -48.16 14.53 0.15
N ASN C 30 -47.85 13.57 1.04
CA ASN C 30 -46.50 13.02 1.15
C ASN C 30 -46.53 11.56 0.74
N SER C 31 -45.70 11.21 -0.25
CA SER C 31 -45.54 9.83 -0.65
C SER C 31 -44.57 9.14 0.30
N SER C 32 -45.07 8.17 1.06
CA SER C 32 -44.30 7.57 2.14
C SER C 32 -43.05 6.86 1.64
N THR C 33 -43.23 5.76 0.90
CA THR C 33 -42.10 4.97 0.42
C THR C 33 -42.32 4.56 -1.03
N ARG C 34 -42.77 5.51 -1.84
CA ARG C 34 -43.04 5.27 -3.25
C ARG C 34 -41.84 5.70 -4.10
N GLY C 35 -41.86 5.26 -5.36
CA GLY C 35 -40.89 5.73 -6.33
C GLY C 35 -39.61 4.94 -6.44
N VAL C 36 -39.60 3.67 -6.05
CA VAL C 36 -38.41 2.83 -6.13
C VAL C 36 -38.54 1.92 -7.34
N TYR C 37 -37.49 1.87 -8.17
CA TYR C 37 -37.51 1.10 -9.41
C TYR C 37 -36.18 0.41 -9.60
N TYR C 38 -36.19 -0.65 -10.42
CA TYR C 38 -34.99 -1.41 -10.69
C TYR C 38 -33.97 -0.55 -11.43
N PRO C 39 -32.70 -0.61 -11.06
CA PRO C 39 -31.70 0.27 -11.69
C PRO C 39 -31.16 -0.28 -13.01
N ASP C 40 -31.20 -1.59 -13.20
CA ASP C 40 -30.67 -2.22 -14.41
C ASP C 40 -31.38 -3.54 -14.64
N LYS C 41 -30.81 -4.36 -15.52
CA LYS C 41 -31.42 -5.62 -15.94
C LYS C 41 -30.53 -6.81 -15.59
N VAL C 42 -29.98 -6.82 -14.38
CA VAL C 42 -29.13 -7.90 -13.90
C VAL C 42 -29.78 -8.53 -12.68
N PHE C 43 -29.93 -9.85 -12.71
CA PHE C 43 -30.55 -10.55 -11.59
C PHE C 43 -29.65 -10.53 -10.37
N ARG C 44 -30.25 -10.36 -9.19
CA ARG C 44 -29.53 -10.36 -7.92
C ARG C 44 -30.45 -10.97 -6.87
N SER C 45 -29.84 -11.46 -5.80
CA SER C 45 -30.61 -12.11 -4.74
C SER C 45 -29.84 -12.08 -3.43
N SER C 46 -30.57 -11.84 -2.34
CA SER C 46 -30.04 -11.93 -0.98
C SER C 46 -28.77 -11.08 -0.80
N VAL C 47 -28.80 -9.87 -1.36
CA VAL C 47 -27.66 -8.96 -1.30
C VAL C 47 -28.15 -7.57 -0.93
N LEU C 48 -27.23 -6.76 -0.44
CA LEU C 48 -27.49 -5.36 -0.08
C LEU C 48 -26.70 -4.49 -1.05
N HIS C 49 -27.34 -4.12 -2.16
CA HIS C 49 -26.68 -3.34 -3.19
C HIS C 49 -26.90 -1.86 -2.95
N LEU C 50 -25.82 -1.09 -2.97
CA LEU C 50 -25.87 0.36 -2.81
C LEU C 50 -25.61 1.01 -4.16
N THR C 51 -26.58 1.79 -4.63
CA THR C 51 -26.48 2.41 -5.95
C THR C 51 -26.98 3.85 -5.87
N GLN C 52 -26.53 4.66 -6.81
CA GLN C 52 -26.91 6.06 -6.91
C GLN C 52 -27.46 6.33 -8.31
N ASP C 53 -28.61 6.98 -8.37
CA ASP C 53 -29.28 7.31 -9.63
C ASP C 53 -30.36 8.33 -9.31
N LEU C 54 -31.18 8.63 -10.31
CA LEU C 54 -32.34 9.50 -10.09
C LEU C 54 -33.40 8.74 -9.32
N PHE C 55 -33.94 9.38 -8.29
CA PHE C 55 -34.91 8.73 -7.41
C PHE C 55 -35.86 9.78 -6.84
N LEU C 56 -36.98 9.30 -6.31
CA LEU C 56 -37.94 10.17 -5.64
C LEU C 56 -37.68 10.14 -4.15
N PRO C 57 -37.29 11.26 -3.54
CA PRO C 57 -36.98 11.25 -2.10
C PRO C 57 -38.19 10.86 -1.27
N PHE C 58 -37.94 10.15 -0.18
CA PHE C 58 -39.00 9.77 0.74
C PHE C 58 -39.59 11.02 1.40
N PHE C 59 -40.90 11.00 1.60
CA PHE C 59 -41.63 12.07 2.27
C PHE C 59 -41.43 13.42 1.57
N SER C 60 -41.46 13.40 0.25
CA SER C 60 -41.35 14.61 -0.55
C SER C 60 -42.74 15.19 -0.81
N ASN C 61 -42.77 16.51 -1.01
CA ASN C 61 -44.04 17.18 -1.33
C ASN C 61 -44.58 16.67 -2.65
N VAL C 62 -45.87 16.34 -2.67
CA VAL C 62 -46.54 15.84 -3.86
C VAL C 62 -47.86 16.57 -4.02
N THR C 63 -48.04 17.23 -5.15
CA THR C 63 -49.31 17.85 -5.45
C THR C 63 -50.38 16.80 -5.74
N TRP C 64 -51.61 17.11 -5.34
CA TRP C 64 -52.73 16.16 -5.45
C TRP C 64 -53.82 16.81 -6.29
N PHE C 65 -53.98 16.34 -7.52
CA PHE C 65 -55.06 16.76 -8.40
C PHE C 65 -56.19 15.74 -8.37
N HIS C 66 -57.36 16.15 -8.85
CA HIS C 66 -58.50 15.25 -8.86
C HIS C 66 -59.51 15.73 -9.90
N ALA C 67 -60.31 14.79 -10.38
CA ALA C 67 -61.43 15.06 -11.27
C ALA C 67 -62.68 14.44 -10.66
N ILE C 68 -63.68 15.27 -10.38
CA ILE C 68 -64.87 14.84 -9.65
C ILE C 68 -66.04 15.73 -10.03
N HIS C 69 -67.25 15.20 -9.86
CA HIS C 69 -68.48 15.92 -10.10
C HIS C 69 -69.01 16.50 -8.78
N VAL C 70 -69.96 17.42 -8.91
CA VAL C 70 -70.55 18.08 -7.75
C VAL C 70 -71.23 17.07 -6.83
N GLY C 75 -71.26 22.53 -6.24
CA GLY C 75 -70.31 23.37 -6.92
C GLY C 75 -68.86 23.01 -6.63
N ILE C 76 -68.50 21.75 -6.87
CA ILE C 76 -67.14 21.27 -6.64
C ILE C 76 -66.64 20.50 -7.85
N LYS C 77 -67.31 20.67 -8.99
CA LYS C 77 -66.92 19.99 -10.22
C LYS C 77 -65.65 20.64 -10.78
N ARG C 78 -64.65 19.82 -11.10
CA ARG C 78 -63.39 20.32 -11.61
C ARG C 78 -62.66 19.19 -12.33
N PHE C 79 -61.66 19.58 -13.12
CA PHE C 79 -60.84 18.63 -13.86
C PHE C 79 -59.37 18.68 -13.46
N ASP C 80 -58.76 19.86 -13.43
CA ASP C 80 -57.38 20.04 -12.98
C ASP C 80 -56.40 19.21 -13.82
N ASN C 81 -56.28 19.61 -15.09
CA ASN C 81 -55.29 19.04 -16.01
C ASN C 81 -54.41 20.17 -16.54
N PRO C 82 -53.54 20.73 -15.69
CA PRO C 82 -52.73 21.88 -16.11
C PRO C 82 -51.42 21.46 -16.75
N VAL C 83 -50.58 22.43 -17.11
CA VAL C 83 -49.27 22.17 -17.70
C VAL C 83 -48.25 22.17 -16.57
N LEU C 84 -48.06 21.00 -15.97
CA LEU C 84 -47.06 20.87 -14.91
C LEU C 84 -45.66 20.89 -15.51
N PRO C 85 -44.69 21.47 -14.81
CA PRO C 85 -43.31 21.42 -15.29
C PRO C 85 -42.73 20.02 -15.18
N PHE C 86 -41.75 19.75 -16.04
CA PHE C 86 -41.07 18.46 -16.10
C PHE C 86 -39.61 18.70 -15.79
N ASN C 87 -39.17 18.34 -14.58
CA ASN C 87 -37.81 18.60 -14.12
C ASN C 87 -37.06 17.27 -14.06
N ASP C 88 -36.26 17.02 -15.10
CA ASP C 88 -35.35 15.87 -15.19
C ASP C 88 -35.97 14.59 -14.62
N GLY C 89 -37.20 14.31 -15.05
CA GLY C 89 -37.88 13.10 -14.63
C GLY C 89 -38.90 13.34 -13.54
N VAL C 90 -40.11 12.79 -13.72
CA VAL C 90 -41.19 12.98 -12.77
C VAL C 90 -41.74 11.61 -12.38
N TYR C 91 -42.43 11.58 -11.24
CA TYR C 91 -43.10 10.39 -10.74
C TYR C 91 -44.60 10.61 -10.82
N PHE C 92 -45.29 9.67 -11.47
CA PHE C 92 -46.73 9.78 -11.69
C PHE C 92 -47.41 8.54 -11.15
N ALA C 93 -48.46 8.74 -10.36
CA ALA C 93 -49.23 7.64 -9.78
C ALA C 93 -50.70 8.01 -9.87
N SER C 94 -51.47 7.24 -10.64
CA SER C 94 -52.88 7.49 -10.85
C SER C 94 -53.70 6.36 -10.28
N THR C 95 -54.73 6.71 -9.50
CA THR C 95 -55.66 5.74 -8.93
C THR C 95 -57.07 6.12 -9.34
N GLU C 96 -57.83 5.13 -9.81
CA GLU C 96 -59.19 5.35 -10.28
C GLU C 96 -59.88 3.99 -10.41
N LYS C 97 -61.12 4.03 -10.87
CA LYS C 97 -61.88 2.80 -11.12
C LYS C 97 -62.64 2.80 -12.44
N SER C 98 -62.68 3.91 -13.18
CA SER C 98 -63.46 4.02 -14.40
C SER C 98 -62.60 4.29 -15.63
N ASN C 99 -61.28 4.07 -15.52
CA ASN C 99 -60.35 4.29 -16.62
C ASN C 99 -60.44 5.72 -17.15
N ILE C 100 -60.63 6.67 -16.24
CA ILE C 100 -60.69 8.08 -16.64
C ILE C 100 -59.35 8.54 -17.20
N ILE C 101 -58.26 8.15 -16.55
CA ILE C 101 -56.93 8.56 -17.01
C ILE C 101 -56.60 7.82 -18.30
N ARG C 102 -56.19 8.56 -19.32
CA ARG C 102 -55.86 7.99 -20.62
C ARG C 102 -54.37 8.08 -20.92
N GLY C 103 -53.79 9.27 -20.88
CA GLY C 103 -52.40 9.41 -21.23
C GLY C 103 -51.89 10.80 -20.97
N TRP C 104 -50.73 11.10 -21.57
CA TRP C 104 -50.05 12.36 -21.33
C TRP C 104 -49.50 12.88 -22.65
N ILE C 105 -49.09 14.15 -22.64
CA ILE C 105 -48.41 14.77 -23.76
C ILE C 105 -47.19 15.52 -23.22
N PHE C 106 -46.07 15.39 -23.90
CA PHE C 106 -44.81 15.95 -23.46
C PHE C 106 -44.23 16.84 -24.55
N GLY C 107 -43.61 17.94 -24.15
CA GLY C 107 -42.99 18.83 -25.11
C GLY C 107 -42.45 20.07 -24.44
N THR C 108 -42.02 21.01 -25.27
CA THR C 108 -41.49 22.28 -24.79
C THR C 108 -42.56 23.36 -24.74
N THR C 109 -43.14 23.69 -25.90
CA THR C 109 -44.14 24.74 -26.01
C THR C 109 -45.50 24.26 -26.47
N LEU C 110 -45.59 23.09 -27.10
CA LEU C 110 -46.87 22.51 -27.52
C LEU C 110 -47.65 23.45 -28.43
N ASP C 111 -46.95 24.12 -29.35
CA ASP C 111 -47.60 25.06 -30.25
C ASP C 111 -47.11 24.88 -31.68
N SER C 112 -46.85 23.64 -32.07
CA SER C 112 -46.50 23.23 -33.43
C SER C 112 -45.16 23.79 -33.91
N LYS C 113 -44.46 24.57 -33.09
CA LYS C 113 -43.14 25.06 -33.49
C LYS C 113 -42.08 23.98 -33.35
N THR C 114 -42.28 23.02 -32.44
CA THR C 114 -41.33 21.96 -32.19
C THR C 114 -42.06 20.62 -32.21
N GLN C 115 -41.36 19.57 -31.80
CA GLN C 115 -41.94 18.24 -31.72
C GLN C 115 -42.43 17.96 -30.31
N SER C 116 -43.43 17.08 -30.23
CA SER C 116 -44.03 16.72 -28.94
C SER C 116 -44.43 15.25 -28.99
N LEU C 117 -44.34 14.60 -27.83
CA LEU C 117 -44.66 13.19 -27.71
C LEU C 117 -46.06 13.01 -27.16
N LEU C 118 -46.84 12.14 -27.79
CA LEU C 118 -48.22 11.88 -27.40
C LEU C 118 -48.37 10.40 -27.09
N ILE C 119 -48.87 10.11 -25.89
CA ILE C 119 -49.16 8.74 -25.46
C ILE C 119 -50.62 8.69 -25.05
N VAL C 120 -51.40 7.85 -25.73
CA VAL C 120 -52.83 7.75 -25.44
C VAL C 120 -53.35 6.47 -26.05
N ASN C 121 -54.33 5.87 -25.38
CA ASN C 121 -55.12 4.77 -25.92
C ASN C 121 -56.52 5.30 -26.23
N ASN C 122 -56.95 5.17 -27.48
CA ASN C 122 -58.25 5.71 -27.85
C ASN C 122 -59.35 5.03 -27.05
N ALA C 123 -59.67 3.79 -27.42
CA ALA C 123 -60.33 2.83 -26.55
C ALA C 123 -59.84 1.42 -26.74
N THR C 124 -59.12 1.13 -27.83
CA THR C 124 -58.83 -0.22 -28.26
C THR C 124 -57.34 -0.47 -28.52
N ASN C 125 -56.51 0.56 -28.53
CA ASN C 125 -55.09 0.38 -28.83
C ASN C 125 -54.34 1.63 -28.40
N VAL C 126 -53.24 1.45 -27.67
CA VAL C 126 -52.43 2.58 -27.23
C VAL C 126 -51.63 3.10 -28.42
N VAL C 127 -51.61 4.43 -28.57
CA VAL C 127 -50.96 5.09 -29.70
C VAL C 127 -49.82 5.95 -29.16
N ILE C 128 -48.64 5.78 -29.74
CA ILE C 128 -47.47 6.59 -29.41
C ILE C 128 -47.00 7.27 -30.69
N LYS C 129 -46.91 8.60 -30.67
CA LYS C 129 -46.49 9.36 -31.83
C LYS C 129 -45.57 10.49 -31.40
N VAL C 130 -44.64 10.83 -32.28
CA VAL C 130 -43.80 12.02 -32.14
C VAL C 130 -43.99 12.86 -33.39
N CYS C 131 -44.40 14.11 -33.20
CA CYS C 131 -44.79 14.95 -34.32
C CYS C 131 -44.83 16.40 -33.87
N GLU C 132 -45.07 17.29 -34.82
CA GLU C 132 -45.22 18.71 -34.54
C GLU C 132 -46.70 19.05 -34.34
N PHE C 133 -47.27 18.43 -33.30
CA PHE C 133 -48.70 18.56 -33.03
C PHE C 133 -49.06 19.99 -32.65
N GLN C 134 -50.28 20.37 -33.01
CA GLN C 134 -50.86 21.66 -32.63
C GLN C 134 -51.97 21.37 -31.62
N PHE C 135 -51.60 21.38 -30.33
CA PHE C 135 -52.57 21.15 -29.28
C PHE C 135 -53.39 22.41 -29.03
N CYS C 136 -54.45 22.26 -28.25
CA CYS C 136 -55.25 23.38 -27.76
C CYS C 136 -55.14 23.46 -26.24
N ASN C 137 -55.90 24.40 -25.68
CA ASN C 137 -55.76 24.69 -24.24
C ASN C 137 -56.36 23.59 -23.38
N ASP C 138 -57.42 22.92 -23.85
CA ASP C 138 -58.14 21.92 -23.08
C ASP C 138 -58.27 20.64 -23.87
N PRO C 139 -57.26 19.77 -23.83
CA PRO C 139 -57.36 18.47 -24.52
C PRO C 139 -58.13 17.47 -23.66
N PHE C 140 -59.05 16.75 -24.28
CA PHE C 140 -59.83 15.74 -23.58
C PHE C 140 -60.41 14.77 -24.60
N LEU C 141 -60.92 13.65 -24.09
CA LEU C 141 -61.64 12.66 -24.88
C LEU C 141 -63.03 12.48 -24.31
N GLY C 142 -64.02 12.33 -25.18
CA GLY C 142 -65.40 12.21 -24.77
C GLY C 142 -65.85 10.77 -24.62
N VAL C 143 -66.87 10.57 -23.80
CA VAL C 143 -67.55 9.28 -23.66
C VAL C 143 -69.04 9.56 -23.66
N TYR C 144 -69.80 8.78 -24.44
CA TYR C 144 -71.23 8.98 -24.55
C TYR C 144 -71.97 7.78 -23.96
N TYR C 145 -72.86 8.05 -23.02
CA TYR C 145 -73.64 7.01 -22.35
C TYR C 145 -75.02 6.96 -22.98
N HIS C 146 -75.21 6.01 -23.89
CA HIS C 146 -76.52 5.80 -24.49
C HIS C 146 -77.41 5.06 -23.51
N ARG C 147 -78.61 5.59 -23.27
CA ARG C 147 -79.48 5.05 -22.25
C ARG C 147 -80.33 3.88 -22.73
N ASN C 148 -80.69 3.85 -24.01
CA ASN C 148 -81.56 2.78 -24.51
C ASN C 148 -80.88 1.42 -24.38
N ASN C 149 -79.59 1.34 -24.72
CA ASN C 149 -78.85 0.09 -24.60
C ASN C 149 -77.82 0.17 -23.49
N SER C 151 -73.77 0.76 -22.61
CA SER C 151 -73.02 0.92 -23.85
C SER C 151 -72.44 2.33 -23.96
N TRP C 152 -71.13 2.44 -23.79
CA TRP C 152 -70.43 3.72 -23.82
C TRP C 152 -69.55 3.76 -25.07
N MET C 153 -69.80 4.74 -25.94
CA MET C 153 -69.18 4.75 -27.27
C MET C 153 -67.80 5.40 -27.28
N GLU C 154 -67.55 6.36 -26.40
CA GLU C 154 -66.26 7.07 -26.33
C GLU C 154 -65.98 7.78 -27.66
N SER C 155 -66.77 8.81 -27.90
CA SER C 155 -66.60 9.66 -29.07
C SER C 155 -65.67 10.83 -28.75
N GLU C 156 -65.61 11.81 -29.65
CA GLU C 156 -64.97 13.11 -29.41
C GLU C 156 -63.49 12.96 -29.08
N PHE C 157 -62.74 12.52 -30.09
CA PHE C 157 -61.27 12.47 -30.02
C PHE C 157 -60.74 13.78 -30.59
N ARG C 158 -60.57 14.78 -29.73
CA ARG C 158 -60.18 16.13 -30.15
C ARG C 158 -59.04 16.66 -29.29
N VAL C 159 -57.99 15.85 -29.11
CA VAL C 159 -56.86 16.28 -28.30
C VAL C 159 -56.05 17.37 -29.02
N TYR C 160 -55.76 17.18 -30.30
CA TYR C 160 -54.93 18.11 -31.06
C TYR C 160 -55.72 18.66 -32.25
N SER C 161 -55.03 19.43 -33.09
CA SER C 161 -55.67 20.14 -34.19
C SER C 161 -55.03 19.95 -35.54
N SER C 162 -53.81 19.40 -35.63
CA SER C 162 -53.15 19.26 -36.92
C SER C 162 -52.11 18.15 -36.84
N ALA C 163 -51.71 17.67 -38.01
CA ALA C 163 -50.68 16.65 -38.14
C ALA C 163 -49.49 17.22 -38.91
N ASN C 164 -48.37 16.51 -38.82
CA ASN C 164 -47.12 17.00 -39.38
C ASN C 164 -46.27 15.79 -39.79
N ASN C 165 -44.95 16.02 -39.90
CA ASN C 165 -44.04 15.00 -40.44
C ASN C 165 -44.19 13.66 -39.74
N CYS C 166 -44.26 13.68 -38.40
CA CYS C 166 -44.54 12.47 -37.60
C CYS C 166 -43.48 11.39 -37.83
N THR C 167 -42.26 11.71 -37.39
CA THR C 167 -41.13 10.80 -37.59
C THR C 167 -41.36 9.45 -36.92
N PHE C 168 -41.72 9.46 -35.65
CA PHE C 168 -41.91 8.24 -34.87
C PHE C 168 -43.38 7.85 -34.87
N GLU C 169 -43.63 6.54 -34.79
CA GLU C 169 -45.00 6.03 -34.84
C GLU C 169 -45.03 4.61 -34.30
N TYR C 170 -46.04 4.31 -33.50
CA TYR C 170 -46.22 2.96 -32.95
C TYR C 170 -47.65 2.83 -32.45
N VAL C 171 -48.35 1.80 -32.91
CA VAL C 171 -49.71 1.50 -32.49
C VAL C 171 -49.78 0.03 -32.11
N SER C 172 -50.31 -0.26 -30.92
CA SER C 172 -50.39 -1.63 -30.46
C SER C 172 -51.57 -2.36 -31.11
N GLN C 173 -51.63 -3.66 -30.85
CA GLN C 173 -52.69 -4.49 -31.40
C GLN C 173 -54.04 -4.13 -30.76
N PRO C 174 -55.13 -4.22 -31.51
CA PRO C 174 -56.44 -3.84 -30.96
C PRO C 174 -56.85 -4.72 -29.79
N PHE C 175 -57.50 -4.11 -28.81
CA PHE C 175 -58.07 -4.82 -27.66
C PHE C 175 -59.38 -4.13 -27.29
N LEU C 176 -59.94 -4.50 -26.15
CA LEU C 176 -61.15 -3.86 -25.62
C LEU C 176 -61.04 -3.76 -24.11
N MET C 177 -61.81 -2.84 -23.54
CA MET C 177 -61.79 -2.62 -22.10
C MET C 177 -63.11 -2.02 -21.65
N ASP C 178 -63.42 -2.21 -20.37
CA ASP C 178 -64.64 -1.66 -19.79
C ASP C 178 -64.50 -0.14 -19.61
N LEU C 179 -65.65 0.54 -19.57
CA LEU C 179 -65.66 1.98 -19.51
C LEU C 179 -66.43 2.57 -18.35
N GLU C 180 -67.23 1.78 -17.62
CA GLU C 180 -68.03 2.30 -16.52
C GLU C 180 -67.36 2.06 -15.17
N GLY C 181 -67.16 0.79 -14.80
CA GLY C 181 -66.45 0.41 -13.58
C GLY C 181 -66.71 1.23 -12.34
N LYS C 182 -67.96 1.58 -12.09
CA LYS C 182 -68.29 2.41 -10.94
C LYS C 182 -69.01 1.61 -9.86
N GLY C 184 -67.29 1.24 -4.86
CA GLY C 184 -67.35 2.59 -4.33
C GLY C 184 -65.98 3.14 -3.98
N ASN C 185 -64.98 2.26 -3.92
CA ASN C 185 -63.61 2.64 -3.61
C ASN C 185 -62.71 2.32 -4.79
N PHE C 186 -61.57 3.03 -4.84
CA PHE C 186 -60.63 2.85 -5.93
C PHE C 186 -59.98 1.47 -5.88
N LYS C 187 -59.60 0.97 -7.05
CA LYS C 187 -59.16 -0.42 -7.16
C LYS C 187 -57.93 -0.64 -8.03
N ASN C 188 -57.29 0.41 -8.55
CA ASN C 188 -56.21 0.22 -9.52
C ASN C 188 -54.85 0.66 -9.02
N LEU C 189 -54.69 1.93 -8.64
CA LEU C 189 -53.41 2.48 -8.19
C LEU C 189 -52.30 2.16 -9.18
N ARG C 190 -52.41 2.77 -10.36
CA ARG C 190 -51.42 2.59 -11.41
C ARG C 190 -50.33 3.66 -11.28
N GLU C 191 -49.08 3.21 -11.16
CA GLU C 191 -47.94 4.11 -10.99
C GLU C 191 -47.05 4.08 -12.23
N PHE C 192 -46.43 5.22 -12.51
CA PHE C 192 -45.53 5.35 -13.65
C PHE C 192 -44.34 6.21 -13.26
N VAL C 193 -43.22 6.01 -13.95
CA VAL C 193 -42.02 6.82 -13.79
C VAL C 193 -41.47 7.14 -15.17
N PHE C 194 -41.23 8.41 -15.43
CA PHE C 194 -40.73 8.87 -16.71
C PHE C 194 -39.35 9.50 -16.53
N LYS C 195 -38.42 9.16 -17.42
CA LYS C 195 -37.09 9.74 -17.42
C LYS C 195 -36.66 9.98 -18.87
N ASN C 196 -36.04 11.12 -19.11
CA ASN C 196 -35.58 11.51 -20.45
C ASN C 196 -34.09 11.80 -20.36
N ILE C 197 -33.27 10.81 -20.68
CA ILE C 197 -31.82 10.92 -20.56
C ILE C 197 -31.18 10.42 -21.87
N ASP C 198 -30.14 11.14 -22.31
CA ASP C 198 -29.36 10.84 -23.51
C ASP C 198 -30.21 10.41 -24.70
N GLY C 199 -31.29 11.12 -24.96
CA GLY C 199 -32.12 10.86 -26.11
C GLY C 199 -33.07 9.69 -25.98
N TYR C 200 -33.14 9.06 -24.82
CA TYR C 200 -34.05 7.94 -24.58
C TYR C 200 -35.15 8.38 -23.65
N PHE C 201 -36.30 7.72 -23.74
CA PHE C 201 -37.46 8.00 -22.91
C PHE C 201 -37.82 6.71 -22.17
N LYS C 202 -37.20 6.50 -21.01
CA LYS C 202 -37.47 5.30 -20.22
C LYS C 202 -38.78 5.45 -19.46
N ILE C 203 -39.53 4.35 -19.41
CA ILE C 203 -40.81 4.32 -18.71
C ILE C 203 -40.84 3.10 -17.80
N TYR C 204 -41.21 3.30 -16.54
CA TYR C 204 -41.38 2.23 -15.56
C TYR C 204 -42.81 2.23 -15.07
N SER C 205 -43.40 1.04 -14.95
CA SER C 205 -44.80 0.92 -14.59
C SER C 205 -44.99 -0.19 -13.56
N LYS C 206 -46.08 -0.10 -12.82
CA LYS C 206 -46.46 -1.09 -11.82
C LYS C 206 -47.96 -1.01 -11.62
N HIS C 207 -48.57 -2.14 -11.25
CA HIS C 207 -50.02 -2.23 -11.10
C HIS C 207 -50.33 -3.02 -9.82
N THR C 208 -50.78 -2.32 -8.78
CA THR C 208 -51.08 -2.93 -7.49
C THR C 208 -52.52 -2.66 -7.10
N PRO C 209 -53.39 -3.67 -7.07
CA PRO C 209 -54.77 -3.43 -6.66
C PRO C 209 -54.88 -3.01 -5.21
N ILE C 210 -55.83 -2.13 -4.93
CA ILE C 210 -56.06 -1.57 -3.61
C ILE C 210 -57.55 -1.40 -3.38
N ASN C 211 -57.92 -0.92 -2.19
CA ASN C 211 -59.32 -0.66 -1.86
C ASN C 211 -59.52 0.59 -1.04
N LEU C 212 -58.52 1.48 -0.94
CA LEU C 212 -58.65 2.68 -0.14
C LEU C 212 -59.60 3.67 -0.80
N VAL C 213 -60.28 4.46 0.03
CA VAL C 213 -61.42 5.25 -0.41
C VAL C 213 -61.03 6.50 -1.20
N ARG C 214 -60.29 7.43 -0.57
CA ARG C 214 -60.04 8.72 -1.23
C ARG C 214 -58.67 9.30 -0.92
N ASP C 215 -57.66 8.48 -0.70
CA ASP C 215 -56.33 8.97 -0.34
C ASP C 215 -55.29 8.22 -1.15
N LEU C 216 -54.01 8.40 -0.77
CA LEU C 216 -52.91 7.65 -1.35
C LEU C 216 -52.47 6.57 -0.38
N PRO C 217 -52.51 5.30 -0.76
CA PRO C 217 -52.16 4.23 0.20
C PRO C 217 -50.67 4.17 0.42
N PRO C 218 -50.21 4.41 1.65
CA PRO C 218 -48.78 4.26 1.94
C PRO C 218 -48.34 2.81 1.83
N GLY C 219 -47.10 2.63 1.42
CA GLY C 219 -46.55 1.30 1.27
C GLY C 219 -45.27 1.35 0.45
N PHE C 220 -44.80 0.16 0.09
CA PHE C 220 -43.59 -0.01 -0.70
C PHE C 220 -43.92 -0.76 -1.97
N SER C 221 -43.49 -0.21 -3.11
CA SER C 221 -43.72 -0.83 -4.40
C SER C 221 -42.49 -0.65 -5.28
N ALA C 222 -42.07 -1.73 -5.93
CA ALA C 222 -40.91 -1.72 -6.82
C ALA C 222 -41.40 -1.74 -8.25
N LEU C 223 -40.90 -0.80 -9.06
CA LEU C 223 -41.34 -0.64 -10.44
C LEU C 223 -40.38 -1.32 -11.40
N GLU C 224 -40.92 -1.99 -12.40
CA GLU C 224 -40.15 -2.70 -13.41
C GLU C 224 -40.18 -1.94 -14.73
N PRO C 225 -39.10 -2.01 -15.52
CA PRO C 225 -39.08 -1.28 -16.79
C PRO C 225 -40.12 -1.82 -17.76
N LEU C 226 -40.65 -0.91 -18.58
CA LEU C 226 -41.68 -1.25 -19.56
C LEU C 226 -41.19 -1.06 -21.00
N VAL C 227 -40.74 0.14 -21.35
CA VAL C 227 -40.32 0.46 -22.71
C VAL C 227 -39.23 1.51 -22.66
N ASP C 228 -38.40 1.53 -23.71
CA ASP C 228 -37.33 2.51 -23.88
C ASP C 228 -37.39 3.03 -25.31
N LEU C 229 -38.06 4.15 -25.50
CA LEU C 229 -38.28 4.73 -26.82
C LEU C 229 -37.15 5.67 -27.19
N PRO C 230 -36.50 5.48 -28.34
CA PRO C 230 -35.49 6.44 -28.79
C PRO C 230 -36.13 7.67 -29.40
N ILE C 231 -36.83 8.46 -28.58
CA ILE C 231 -37.57 9.61 -29.09
C ILE C 231 -36.61 10.69 -29.58
N GLY C 232 -35.60 11.00 -28.79
CA GLY C 232 -34.60 11.99 -29.19
C GLY C 232 -35.13 13.40 -29.35
N ILE C 233 -35.91 13.88 -28.40
CA ILE C 233 -36.39 15.26 -28.39
C ILE C 233 -36.10 15.89 -27.03
N ASN C 234 -36.54 17.13 -26.87
CA ASN C 234 -36.29 17.93 -25.69
C ASN C 234 -37.61 18.19 -24.99
N ILE C 235 -37.67 17.87 -23.69
CA ILE C 235 -38.91 17.90 -22.92
C ILE C 235 -38.74 18.79 -21.71
N THR C 236 -39.68 19.71 -21.50
CA THR C 236 -39.63 20.59 -20.34
C THR C 236 -40.97 20.67 -19.62
N ARG C 237 -42.07 20.46 -20.34
CA ARG C 237 -43.41 20.56 -19.78
C ARG C 237 -44.24 19.36 -20.21
N PHE C 238 -45.30 19.08 -19.45
CA PHE C 238 -46.16 17.96 -19.77
C PHE C 238 -47.55 18.19 -19.20
N GLN C 239 -48.51 17.47 -19.76
CA GLN C 239 -49.92 17.54 -19.36
C GLN C 239 -50.46 16.16 -19.10
N THR C 240 -51.78 16.05 -18.91
CA THR C 240 -52.44 14.76 -18.78
C THR C 240 -53.80 14.82 -19.45
N LEU C 241 -54.16 13.75 -20.14
CA LEU C 241 -55.42 13.66 -20.86
C LEU C 241 -56.47 12.98 -19.98
N LEU C 242 -57.63 13.60 -19.86
CA LEU C 242 -58.73 13.07 -19.07
C LEU C 242 -59.91 12.76 -19.99
N ALA C 243 -60.66 11.73 -19.64
CA ALA C 243 -61.85 11.34 -20.39
C ALA C 243 -63.09 11.74 -19.62
N LEU C 244 -63.96 12.52 -20.27
CA LEU C 244 -65.21 12.98 -19.67
C LEU C 244 -66.38 12.32 -20.39
N HIS C 245 -67.41 11.97 -19.62
CA HIS C 245 -68.60 11.33 -20.15
C HIS C 245 -69.81 12.22 -19.95
N ARG C 246 -70.57 12.44 -21.02
CA ARG C 246 -71.82 13.17 -20.98
C ARG C 246 -72.89 12.36 -21.69
N SER C 247 -74.09 12.33 -21.12
CA SER C 247 -75.22 11.62 -21.73
C SER C 247 -76.37 12.56 -22.08
N TYR C 248 -76.96 13.23 -21.08
CA TYR C 248 -78.08 14.11 -21.36
C TYR C 248 -78.07 15.40 -20.55
N LEU C 249 -77.04 15.66 -19.75
CA LEU C 249 -77.04 16.84 -18.88
C LEU C 249 -76.79 18.08 -19.72
N THR C 250 -77.88 18.78 -20.06
CA THR C 250 -77.86 20.03 -20.83
C THR C 250 -76.86 20.03 -21.98
N SER C 254 -69.27 22.81 -24.84
CA SER C 254 -68.57 23.73 -23.94
C SER C 254 -69.03 23.53 -22.51
N SER C 255 -70.34 23.33 -22.32
CA SER C 255 -70.91 23.12 -20.99
C SER C 255 -71.97 22.03 -21.02
N SER C 256 -71.80 21.03 -21.88
CA SER C 256 -72.82 20.00 -22.07
C SER C 256 -72.68 18.86 -21.06
N GLY C 257 -72.64 19.20 -19.78
CA GLY C 257 -72.66 18.20 -18.73
C GLY C 257 -71.50 17.21 -18.78
N TRP C 258 -70.28 17.74 -18.88
CA TRP C 258 -69.10 16.88 -19.05
C TRP C 258 -68.70 16.25 -17.72
N THR C 259 -69.63 15.58 -17.06
CA THR C 259 -69.38 15.10 -15.71
C THR C 259 -68.27 14.05 -15.70
N ALA C 260 -67.50 14.05 -14.61
CA ALA C 260 -66.45 13.07 -14.38
C ALA C 260 -66.83 12.19 -13.20
N GLY C 261 -66.63 10.88 -13.37
CA GLY C 261 -67.02 9.94 -12.34
C GLY C 261 -66.18 10.01 -11.08
N ALA C 262 -64.92 9.56 -11.18
CA ALA C 262 -64.00 9.61 -10.06
C ALA C 262 -62.57 9.36 -10.53
N ALA C 263 -61.66 10.27 -10.21
CA ALA C 263 -60.27 10.11 -10.61
C ALA C 263 -59.40 11.03 -9.77
N ALA C 264 -58.16 10.61 -9.55
CA ALA C 264 -57.17 11.41 -8.86
C ALA C 264 -55.78 10.92 -9.25
N TYR C 265 -54.81 11.83 -9.22
CA TYR C 265 -53.44 11.46 -9.53
C TYR C 265 -52.49 12.37 -8.77
N TYR C 266 -51.27 11.87 -8.58
CA TYR C 266 -50.26 12.51 -7.75
C TYR C 266 -48.96 12.60 -8.50
N VAL C 267 -48.27 13.74 -8.37
CA VAL C 267 -47.08 14.04 -9.15
C VAL C 267 -45.93 14.35 -8.21
N GLY C 268 -44.79 13.69 -8.43
CA GLY C 268 -43.59 13.98 -7.68
C GLY C 268 -42.42 14.18 -8.63
N TYR C 269 -41.38 14.82 -8.11
CA TYR C 269 -40.22 15.21 -8.91
C TYR C 269 -38.98 14.47 -8.43
N LEU C 270 -38.29 13.83 -9.36
CA LEU C 270 -37.10 13.06 -9.03
C LEU C 270 -35.92 13.98 -8.72
N GLN C 271 -35.09 13.54 -7.78
CA GLN C 271 -33.86 14.23 -7.43
C GLN C 271 -32.72 13.22 -7.35
N PRO C 272 -31.48 13.65 -7.59
CA PRO C 272 -30.34 12.74 -7.48
C PRO C 272 -30.08 12.39 -6.02
N ARG C 273 -30.27 11.12 -5.67
CA ARG C 273 -30.12 10.66 -4.30
C ARG C 273 -29.39 9.33 -4.30
N THR C 274 -29.09 8.84 -3.09
CA THR C 274 -28.44 7.56 -2.89
C THR C 274 -29.34 6.67 -2.05
N PHE C 275 -29.56 5.43 -2.51
CA PHE C 275 -30.45 4.50 -1.84
C PHE C 275 -29.70 3.21 -1.54
N LEU C 276 -30.20 2.47 -0.55
CA LEU C 276 -29.66 1.17 -0.18
C LEU C 276 -30.73 0.12 -0.44
N LEU C 277 -30.79 -0.37 -1.67
CA LEU C 277 -31.80 -1.34 -2.05
C LEU C 277 -31.47 -2.71 -1.45
N LYS C 278 -32.51 -3.45 -1.09
CA LYS C 278 -32.38 -4.79 -0.55
C LYS C 278 -33.04 -5.78 -1.49
N TYR C 279 -32.33 -6.85 -1.82
CA TYR C 279 -32.81 -7.86 -2.75
C TYR C 279 -33.24 -9.11 -1.98
N ASN C 280 -34.42 -9.62 -2.28
CA ASN C 280 -34.96 -10.77 -1.58
C ASN C 280 -34.32 -12.06 -2.09
N GLU C 281 -34.70 -13.18 -1.46
CA GLU C 281 -34.19 -14.47 -1.90
C GLU C 281 -34.67 -14.79 -3.31
N ASN C 282 -35.93 -14.47 -3.62
CA ASN C 282 -36.46 -14.73 -4.95
C ASN C 282 -35.74 -13.90 -6.00
N GLY C 283 -35.33 -12.69 -5.64
CA GLY C 283 -34.71 -11.78 -6.58
C GLY C 283 -35.50 -10.51 -6.77
N THR C 284 -36.22 -10.10 -5.73
CA THR C 284 -37.10 -8.95 -5.78
C THR C 284 -36.69 -7.91 -4.74
N ILE C 285 -36.91 -6.64 -5.07
CA ILE C 285 -36.62 -5.54 -4.15
C ILE C 285 -37.80 -5.39 -3.21
N THR C 286 -37.53 -5.46 -1.90
CA THR C 286 -38.58 -5.36 -0.90
C THR C 286 -38.43 -4.19 0.06
N ASP C 287 -37.23 -3.63 0.22
CA ASP C 287 -37.03 -2.53 1.14
C ASP C 287 -35.96 -1.59 0.60
N ALA C 288 -36.08 -0.32 0.96
CA ALA C 288 -35.12 0.69 0.55
C ALA C 288 -34.84 1.63 1.73
N VAL C 289 -33.64 2.20 1.73
CA VAL C 289 -33.21 3.13 2.76
C VAL C 289 -32.59 4.34 2.09
N ASP C 290 -33.11 5.53 2.42
CA ASP C 290 -32.56 6.78 1.92
C ASP C 290 -31.33 7.15 2.73
N CYS C 291 -30.30 7.64 2.05
CA CYS C 291 -29.09 8.06 2.74
C CYS C 291 -29.09 9.52 3.14
N SER C 292 -30.18 10.26 2.86
CA SER C 292 -30.26 11.67 3.22
C SER C 292 -31.55 12.06 3.92
N LEU C 293 -32.41 11.09 4.27
CA LEU C 293 -33.68 11.40 4.92
C LEU C 293 -33.47 12.02 6.31
N ASP C 294 -32.68 11.36 7.14
CA ASP C 294 -32.47 11.79 8.52
C ASP C 294 -31.22 11.11 9.04
N PRO C 295 -30.67 11.58 10.18
CA PRO C 295 -29.41 11.00 10.69
C PRO C 295 -29.44 9.50 10.87
N LEU C 296 -30.57 8.96 11.35
CA LEU C 296 -30.68 7.52 11.56
C LEU C 296 -30.53 6.78 10.23
N SER C 297 -31.19 7.26 9.18
CA SER C 297 -31.03 6.65 7.87
C SER C 297 -29.62 6.85 7.33
N GLU C 298 -28.99 7.99 7.64
CA GLU C 298 -27.61 8.21 7.20
C GLU C 298 -26.66 7.19 7.82
N THR C 299 -26.81 6.92 9.13
CA THR C 299 -25.94 5.93 9.74
C THR C 299 -26.32 4.51 9.31
N LYS C 300 -27.59 4.29 8.95
CA LYS C 300 -27.97 3.03 8.35
C LYS C 300 -27.23 2.81 7.03
N CYS C 301 -27.18 3.86 6.19
CA CYS C 301 -26.44 3.76 4.94
C CYS C 301 -24.95 3.54 5.19
N THR C 302 -24.40 4.27 6.16
CA THR C 302 -22.97 4.13 6.46
C THR C 302 -22.62 2.72 6.93
N LEU C 303 -23.47 2.15 7.79
CA LEU C 303 -23.22 0.80 8.29
C LEU C 303 -23.53 -0.28 7.26
N LYS C 304 -24.29 0.06 6.21
CA LYS C 304 -24.70 -0.89 5.17
C LYS C 304 -25.46 -2.06 5.79
N SER C 305 -26.47 -1.72 6.60
CA SER C 305 -27.32 -2.71 7.23
C SER C 305 -28.62 -2.04 7.63
N PHE C 306 -29.63 -2.85 7.94
CA PHE C 306 -30.94 -2.35 8.32
C PHE C 306 -31.16 -2.32 9.83
N THR C 307 -30.24 -2.88 10.62
CA THR C 307 -30.37 -2.92 12.07
C THR C 307 -29.15 -2.29 12.71
N VAL C 308 -29.38 -1.37 13.64
CA VAL C 308 -28.32 -0.65 14.33
C VAL C 308 -28.47 -0.90 15.82
N GLU C 309 -27.38 -1.31 16.47
CA GLU C 309 -27.36 -1.50 17.91
C GLU C 309 -27.01 -0.17 18.59
N LYS C 310 -26.75 -0.22 19.90
CA LYS C 310 -26.35 0.98 20.61
C LYS C 310 -24.94 1.41 20.21
N GLY C 311 -24.66 2.69 20.38
CA GLY C 311 -23.33 3.20 20.13
C GLY C 311 -23.36 4.68 19.85
N ILE C 312 -22.16 5.22 19.60
CA ILE C 312 -22.01 6.63 19.29
C ILE C 312 -22.10 6.89 17.80
N TYR C 313 -21.51 6.02 16.98
CA TYR C 313 -21.74 5.98 15.53
C TYR C 313 -21.42 7.33 14.88
N GLN C 314 -20.13 7.66 14.90
CA GLN C 314 -19.67 8.89 14.26
C GLN C 314 -19.92 8.83 12.76
N THR C 315 -20.92 9.57 12.28
CA THR C 315 -21.30 9.54 10.88
C THR C 315 -20.52 10.59 10.10
N SER C 316 -20.82 10.68 8.81
CA SER C 316 -20.08 11.57 7.92
C SER C 316 -20.31 13.04 8.29
N ASN C 317 -19.33 13.87 7.96
CA ASN C 317 -19.42 15.29 8.24
C ASN C 317 -20.55 15.93 7.46
N PHE C 318 -21.17 16.94 8.08
CA PHE C 318 -22.25 17.67 7.45
C PHE C 318 -21.72 18.64 6.38
N ARG C 319 -22.61 18.99 5.44
CA ARG C 319 -22.27 19.84 4.32
C ARG C 319 -23.35 20.91 4.17
N VAL C 320 -23.03 21.94 3.38
CA VAL C 320 -23.96 23.01 3.06
C VAL C 320 -24.11 23.09 1.55
N GLN C 321 -25.35 23.15 1.08
CA GLN C 321 -25.62 23.15 -0.35
C GLN C 321 -25.37 24.53 -0.95
N PRO C 322 -24.54 24.64 -1.99
CA PRO C 322 -24.33 25.91 -2.70
C PRO C 322 -25.42 26.17 -3.74
N THR C 323 -26.53 26.75 -3.26
CA THR C 323 -27.72 26.92 -4.08
C THR C 323 -27.54 27.89 -5.25
N GLU C 324 -26.53 28.76 -5.22
CA GLU C 324 -26.35 29.78 -6.25
C GLU C 324 -25.03 29.58 -6.98
N SER C 325 -24.85 30.36 -8.03
CA SER C 325 -23.64 30.29 -8.85
C SER C 325 -23.41 31.63 -9.51
N ILE C 326 -22.13 31.99 -9.68
CA ILE C 326 -21.74 33.25 -10.29
C ILE C 326 -20.65 32.99 -11.32
N VAL C 327 -20.51 33.93 -12.24
CA VAL C 327 -19.47 33.92 -13.26
C VAL C 327 -18.84 35.30 -13.29
N ARG C 328 -17.50 35.36 -13.26
CA ARG C 328 -16.77 36.61 -13.22
C ARG C 328 -15.68 36.59 -14.27
N PHE C 329 -15.82 37.43 -15.30
CA PHE C 329 -14.86 37.56 -16.38
C PHE C 329 -14.46 39.02 -16.54
N PRO C 330 -13.26 39.27 -17.04
CA PRO C 330 -12.82 40.67 -17.21
C PRO C 330 -13.64 41.39 -18.26
N ASN C 331 -13.45 42.71 -18.30
CA ASN C 331 -14.21 43.59 -19.19
C ASN C 331 -13.58 43.58 -20.57
N ILE C 332 -13.98 42.60 -21.38
CA ILE C 332 -13.56 42.52 -22.78
C ILE C 332 -14.81 42.50 -23.65
N THR C 333 -14.84 43.39 -24.64
CA THR C 333 -16.01 43.54 -25.52
C THR C 333 -15.70 43.27 -26.98
N ASN C 334 -14.63 43.86 -27.51
CA ASN C 334 -14.33 43.71 -28.93
C ASN C 334 -13.91 42.28 -29.25
N LEU C 335 -14.39 41.77 -30.38
CA LEU C 335 -14.07 40.42 -30.80
C LEU C 335 -12.62 40.32 -31.26
N CYS C 336 -12.12 39.08 -31.31
CA CYS C 336 -10.74 38.85 -31.72
C CYS C 336 -10.61 39.02 -33.24
N PRO C 337 -9.46 39.51 -33.71
CA PRO C 337 -9.27 39.64 -35.16
C PRO C 337 -9.11 38.30 -35.86
N PHE C 338 -10.20 37.56 -35.98
CA PHE C 338 -10.15 36.27 -36.69
C PHE C 338 -9.85 36.48 -38.16
N GLY C 339 -10.44 37.49 -38.78
CA GLY C 339 -10.21 37.72 -40.19
C GLY C 339 -8.79 38.12 -40.52
N GLU C 340 -8.13 38.83 -39.61
CA GLU C 340 -6.78 39.31 -39.87
C GLU C 340 -5.80 38.14 -40.02
N VAL C 341 -5.92 37.12 -39.17
CA VAL C 341 -4.95 36.03 -39.17
C VAL C 341 -5.45 34.78 -39.88
N PHE C 342 -6.76 34.67 -40.14
CA PHE C 342 -7.28 33.55 -40.91
C PHE C 342 -7.48 33.90 -42.37
N ASN C 343 -7.98 35.10 -42.65
CA ASN C 343 -8.27 35.55 -44.01
C ASN C 343 -7.17 36.40 -44.61
N ALA C 344 -5.92 36.23 -44.14
CA ALA C 344 -4.82 36.99 -44.69
C ALA C 344 -4.56 36.59 -46.13
N THR C 345 -4.33 37.58 -46.99
CA THR C 345 -4.09 37.31 -48.40
C THR C 345 -2.78 36.56 -48.60
N THR C 346 -1.75 36.92 -47.85
CA THR C 346 -0.42 36.32 -47.98
C THR C 346 -0.05 35.58 -46.71
N PHE C 347 0.73 34.52 -46.87
CA PHE C 347 1.23 33.73 -45.75
C PHE C 347 2.73 33.57 -45.89
N ALA C 348 3.43 33.58 -44.76
CA ALA C 348 4.88 33.49 -44.78
C ALA C 348 5.33 32.07 -45.07
N SER C 349 6.56 31.94 -45.55
CA SER C 349 7.14 30.63 -45.82
C SER C 349 7.32 29.87 -44.51
N VAL C 350 7.45 28.54 -44.63
CA VAL C 350 7.47 27.69 -43.45
C VAL C 350 8.72 27.94 -42.61
N TYR C 351 9.88 28.09 -43.25
CA TYR C 351 11.12 28.22 -42.50
C TYR C 351 11.14 29.53 -41.70
N ALA C 352 10.66 30.62 -42.28
CA ALA C 352 10.56 31.90 -41.58
C ALA C 352 9.12 32.16 -41.12
N TRP C 353 8.65 31.31 -40.21
CA TRP C 353 7.27 31.42 -39.76
C TRP C 353 7.05 32.73 -39.01
N ASN C 354 5.85 33.27 -39.13
CA ASN C 354 5.50 34.58 -38.59
C ASN C 354 4.72 34.41 -37.29
N ARG C 355 5.21 35.03 -36.22
CA ARG C 355 4.59 34.95 -34.91
C ARG C 355 3.91 36.28 -34.59
N LYS C 356 2.66 36.21 -34.14
CA LYS C 356 1.85 37.38 -33.87
C LYS C 356 1.18 37.22 -32.51
N ARG C 357 1.26 38.28 -31.70
CA ARG C 357 0.69 38.26 -30.36
C ARG C 357 -0.79 38.63 -30.40
N ILE C 358 -1.58 37.92 -29.61
CA ILE C 358 -3.02 38.14 -29.51
C ILE C 358 -3.34 38.59 -28.09
N SER C 359 -4.07 39.69 -27.96
CA SER C 359 -4.45 40.20 -26.65
C SER C 359 -5.73 41.01 -26.78
N ASN C 360 -6.41 41.20 -25.65
CA ASN C 360 -7.65 41.96 -25.57
C ASN C 360 -8.68 41.44 -26.57
N CYS C 361 -9.07 40.19 -26.38
CA CYS C 361 -9.91 39.48 -27.33
C CYS C 361 -11.09 38.83 -26.63
N VAL C 362 -12.16 38.62 -27.39
CA VAL C 362 -13.25 37.74 -27.00
C VAL C 362 -13.17 36.56 -27.95
N ALA C 363 -12.55 35.46 -27.51
CA ALA C 363 -12.25 34.33 -28.37
C ALA C 363 -13.54 33.55 -28.64
N ASP C 364 -14.36 34.11 -29.52
CA ASP C 364 -15.60 33.48 -29.97
C ASP C 364 -15.39 33.03 -31.42
N TYR C 365 -15.18 31.73 -31.60
CA TYR C 365 -14.94 31.17 -32.92
C TYR C 365 -16.23 30.78 -33.64
N SER C 366 -17.39 31.03 -33.04
CA SER C 366 -18.66 30.69 -33.67
C SER C 366 -18.87 31.43 -34.98
N VAL C 367 -18.17 32.56 -35.20
CA VAL C 367 -18.27 33.29 -36.45
C VAL C 367 -17.47 32.64 -37.57
N LEU C 368 -16.73 31.57 -37.28
CA LEU C 368 -15.90 30.90 -38.26
C LEU C 368 -16.59 29.74 -38.95
N TYR C 369 -17.79 29.36 -38.51
CA TYR C 369 -18.42 28.16 -39.05
C TYR C 369 -18.81 28.33 -40.51
N ASN C 370 -19.23 29.52 -40.91
CA ASN C 370 -19.63 29.76 -42.29
C ASN C 370 -18.48 30.16 -43.20
N SER C 371 -17.31 30.46 -42.66
CA SER C 371 -16.23 31.00 -43.48
C SER C 371 -15.31 29.91 -44.01
N THR C 372 -14.69 29.14 -43.13
CA THR C 372 -13.65 28.19 -43.51
C THR C 372 -13.96 26.82 -42.92
N SER C 373 -13.50 25.79 -43.62
CA SER C 373 -13.59 24.41 -43.16
C SER C 373 -12.20 23.87 -42.88
N PHE C 374 -11.98 23.38 -41.68
CA PHE C 374 -10.67 22.91 -41.24
C PHE C 374 -10.54 21.41 -41.46
N SER C 375 -9.48 21.01 -42.15
CA SER C 375 -9.19 19.59 -42.36
C SER C 375 -8.49 18.95 -41.17
N THR C 376 -8.01 19.74 -40.22
CA THR C 376 -7.32 19.21 -39.05
C THR C 376 -7.51 20.19 -37.89
N PHE C 377 -7.87 19.64 -36.73
CA PHE C 377 -8.03 20.46 -35.52
C PHE C 377 -7.77 19.55 -34.32
N LYS C 378 -6.56 19.64 -33.78
CA LYS C 378 -6.14 18.81 -32.65
C LYS C 378 -5.67 19.71 -31.51
N CYS C 379 -6.26 19.53 -30.35
CA CYS C 379 -5.90 20.28 -29.15
C CYS C 379 -5.18 19.36 -28.17
N TYR C 380 -4.14 19.87 -27.52
CA TYR C 380 -3.26 19.04 -26.70
C TYR C 380 -3.42 19.30 -25.21
N GLY C 381 -3.43 20.55 -24.78
CA GLY C 381 -3.49 20.86 -23.37
C GLY C 381 -4.87 21.12 -22.80
N VAL C 382 -5.93 21.06 -23.61
CA VAL C 382 -7.26 21.43 -23.16
C VAL C 382 -8.28 20.69 -24.02
N SER C 383 -9.36 20.23 -23.38
CA SER C 383 -10.42 19.58 -24.11
C SER C 383 -11.15 20.59 -25.00
N PRO C 384 -11.39 20.25 -26.27
CA PRO C 384 -12.07 21.20 -27.17
C PRO C 384 -13.45 21.60 -26.70
N THR C 385 -14.15 20.74 -25.97
CA THR C 385 -15.48 21.10 -25.49
C THR C 385 -15.42 22.19 -24.43
N LYS C 386 -14.39 22.16 -23.58
CA LYS C 386 -14.22 23.15 -22.52
C LYS C 386 -13.48 24.39 -22.99
N LEU C 387 -13.46 24.66 -24.30
CA LEU C 387 -12.75 25.81 -24.83
C LEU C 387 -13.55 27.11 -24.70
N ASN C 388 -14.80 27.04 -24.26
CA ASN C 388 -15.63 28.23 -24.13
C ASN C 388 -15.75 28.73 -22.71
N ASP C 389 -15.30 27.96 -21.72
CA ASP C 389 -15.42 28.32 -20.32
C ASP C 389 -14.08 28.64 -19.67
N LEU C 390 -13.16 29.23 -20.44
CA LEU C 390 -11.82 29.47 -19.94
C LEU C 390 -11.37 30.87 -20.33
N CYS C 391 -10.35 31.36 -19.61
CA CYS C 391 -9.65 32.59 -19.94
C CYS C 391 -8.18 32.27 -20.16
N PHE C 392 -7.65 32.68 -21.31
CA PHE C 392 -6.29 32.35 -21.69
C PHE C 392 -5.35 33.51 -21.41
N THR C 393 -4.08 33.18 -21.15
CA THR C 393 -3.11 34.13 -20.64
C THR C 393 -2.28 34.79 -21.74
N ASN C 394 -1.55 33.99 -22.51
CA ASN C 394 -0.50 34.50 -23.39
C ASN C 394 -0.62 33.89 -24.79
N VAL C 395 -1.82 33.95 -25.37
CA VAL C 395 -2.06 33.36 -26.68
C VAL C 395 -1.11 33.96 -27.70
N TYR C 396 -0.50 33.08 -28.51
CA TYR C 396 0.34 33.47 -29.63
C TYR C 396 -0.15 32.73 -30.87
N ALA C 397 0.02 33.36 -32.03
CA ALA C 397 -0.43 32.80 -33.30
C ALA C 397 0.75 32.63 -34.24
N ASP C 398 0.90 31.42 -34.78
CA ASP C 398 1.91 31.11 -35.78
C ASP C 398 1.21 30.72 -37.08
N SER C 399 1.87 30.97 -38.20
CA SER C 399 1.24 30.72 -39.49
C SER C 399 2.30 30.48 -40.56
N PHE C 400 2.05 29.51 -41.43
CA PHE C 400 2.93 29.24 -42.56
C PHE C 400 2.19 28.36 -43.55
N VAL C 401 2.90 27.93 -44.59
CA VAL C 401 2.35 27.10 -45.66
C VAL C 401 3.27 25.90 -45.85
N VAL C 402 2.69 24.70 -45.82
CA VAL C 402 3.42 23.46 -46.00
C VAL C 402 2.74 22.62 -47.07
N ARG C 403 3.34 21.49 -47.39
CA ARG C 403 2.79 20.59 -48.38
C ARG C 403 1.56 19.87 -47.82
N GLY C 404 0.83 19.21 -48.71
CA GLY C 404 -0.43 18.59 -48.30
C GLY C 404 -0.27 17.48 -47.29
N ASP C 405 0.72 16.62 -47.49
CA ASP C 405 0.91 15.45 -46.63
C ASP C 405 1.87 15.71 -45.47
N GLU C 406 2.33 16.96 -45.31
CA GLU C 406 3.28 17.29 -44.26
C GLU C 406 2.61 17.85 -43.01
N VAL C 407 1.28 17.96 -43.00
CA VAL C 407 0.59 18.45 -41.82
C VAL C 407 0.78 17.51 -40.63
N ARG C 408 1.02 16.22 -40.90
CA ARG C 408 1.22 15.26 -39.83
C ARG C 408 2.47 15.54 -39.02
N GLN C 409 3.43 16.28 -39.59
CA GLN C 409 4.67 16.57 -38.88
C GLN C 409 4.55 17.74 -37.92
N ILE C 410 3.43 18.47 -37.96
CA ILE C 410 3.20 19.56 -36.99
C ILE C 410 2.51 18.92 -35.80
N ALA C 411 3.31 18.33 -34.93
CA ALA C 411 2.83 17.64 -33.74
C ALA C 411 4.01 17.33 -32.83
N PRO C 412 3.82 17.34 -31.51
CA PRO C 412 4.93 17.01 -30.61
C PRO C 412 5.42 15.59 -30.83
N GLY C 413 6.73 15.41 -30.68
CA GLY C 413 7.33 14.09 -30.80
C GLY C 413 7.20 13.47 -32.17
N GLN C 414 7.48 14.23 -33.22
CA GLN C 414 7.43 13.73 -34.59
C GLN C 414 8.71 14.13 -35.32
N THR C 415 9.08 13.31 -36.30
CA THR C 415 10.31 13.51 -37.04
C THR C 415 10.01 13.77 -38.52
N GLY C 416 11.02 14.23 -39.23
CA GLY C 416 10.90 14.62 -40.62
C GLY C 416 11.64 15.91 -40.88
N LYS C 417 11.65 16.38 -42.12
CA LYS C 417 12.39 17.61 -42.41
C LYS C 417 11.70 18.82 -41.80
N ILE C 418 10.36 18.84 -41.81
CA ILE C 418 9.63 19.97 -41.24
C ILE C 418 9.91 20.08 -39.75
N ALA C 419 9.89 18.95 -39.04
CA ALA C 419 10.10 18.96 -37.60
C ALA C 419 11.56 18.99 -37.21
N ASP C 420 12.48 18.99 -38.16
CA ASP C 420 13.91 19.02 -37.87
C ASP C 420 14.58 20.32 -38.26
N TYR C 421 14.30 20.85 -39.46
CA TYR C 421 15.02 22.00 -39.97
C TYR C 421 14.18 23.25 -40.14
N ASN C 422 12.86 23.16 -39.97
CA ASN C 422 11.98 24.29 -40.25
C ASN C 422 11.20 24.77 -39.04
N TYR C 423 10.53 23.87 -38.32
CA TYR C 423 9.65 24.28 -37.23
C TYR C 423 9.42 23.09 -36.32
N LYS C 424 9.76 23.23 -35.05
CA LYS C 424 9.66 22.15 -34.07
C LYS C 424 8.80 22.58 -32.90
N LEU C 425 7.92 21.69 -32.44
CA LEU C 425 7.07 21.98 -31.30
C LEU C 425 7.64 21.36 -30.03
N PRO C 426 7.48 22.03 -28.88
CA PRO C 426 8.00 21.46 -27.63
C PRO C 426 7.26 20.21 -27.22
N ASP C 427 7.95 19.37 -26.45
CA ASP C 427 7.33 18.13 -25.97
C ASP C 427 6.14 18.40 -25.08
N ASP C 428 6.27 19.38 -24.18
CA ASP C 428 5.17 19.79 -23.30
C ASP C 428 4.51 21.00 -23.95
N PHE C 429 3.49 20.73 -24.76
CA PHE C 429 2.82 21.76 -25.56
C PHE C 429 1.37 21.89 -25.13
N THR C 430 0.91 23.13 -24.98
CA THR C 430 -0.48 23.43 -24.66
C THR C 430 -1.02 24.36 -25.73
N GLY C 431 -2.12 23.97 -26.35
CA GLY C 431 -2.73 24.74 -27.40
C GLY C 431 -3.38 23.84 -28.43
N CYS C 432 -3.66 24.40 -29.60
CA CYS C 432 -4.29 23.66 -30.67
C CYS C 432 -3.60 23.97 -31.99
N VAL C 433 -3.66 23.01 -32.91
CA VAL C 433 -3.08 23.14 -34.24
C VAL C 433 -4.20 23.06 -35.27
N ILE C 434 -4.29 24.06 -36.14
CA ILE C 434 -5.37 24.16 -37.12
C ILE C 434 -4.74 24.23 -38.50
N ALA C 435 -5.24 23.41 -39.42
CA ALA C 435 -4.77 23.43 -40.81
C ALA C 435 -5.95 23.15 -41.74
N TRP C 436 -6.00 23.89 -42.84
CA TRP C 436 -7.07 23.72 -43.81
C TRP C 436 -6.51 23.90 -45.22
N ASN C 437 -7.14 23.23 -46.18
CA ASN C 437 -6.68 23.29 -47.55
C ASN C 437 -6.85 24.70 -48.11
N SER C 438 -5.87 25.13 -48.90
CA SER C 438 -5.88 26.45 -49.52
C SER C 438 -5.40 26.36 -50.95
N ASN C 439 -5.85 25.34 -51.68
CA ASN C 439 -5.40 25.15 -53.05
C ASN C 439 -5.90 26.27 -53.97
N ASN C 440 -7.03 26.89 -53.64
CA ASN C 440 -7.58 27.93 -54.51
C ASN C 440 -6.74 29.19 -54.48
N LEU C 441 -6.15 29.54 -53.34
CA LEU C 441 -5.49 30.82 -53.17
C LEU C 441 -3.98 30.77 -53.37
N ASP C 442 -3.33 29.66 -53.07
CA ASP C 442 -1.87 29.57 -53.08
C ASP C 442 -1.33 28.87 -54.33
N SER C 443 -2.16 28.65 -55.34
CA SER C 443 -1.74 27.94 -56.54
C SER C 443 -2.05 28.77 -57.78
N LYS C 444 -1.18 28.63 -58.78
CA LYS C 444 -1.34 29.32 -60.05
C LYS C 444 -1.04 28.35 -61.19
N VAL C 445 -1.59 28.67 -62.36
CA VAL C 445 -1.43 27.78 -63.52
C VAL C 445 0.04 27.66 -63.91
N GLY C 446 0.79 28.75 -63.80
CA GLY C 446 2.20 28.72 -64.12
C GLY C 446 3.09 28.18 -63.02
N GLY C 447 2.51 27.77 -61.89
CA GLY C 447 3.29 27.26 -60.79
C GLY C 447 3.68 28.33 -59.80
N ASN C 448 3.27 28.16 -58.54
CA ASN C 448 3.61 29.11 -57.49
C ASN C 448 4.90 28.69 -56.83
N TYR C 449 5.92 29.55 -56.89
CA TYR C 449 7.25 29.25 -56.37
C TYR C 449 7.67 30.24 -55.28
N ASN C 450 6.72 30.89 -54.63
CA ASN C 450 7.06 31.87 -53.60
C ASN C 450 7.51 31.23 -52.30
N TYR C 451 6.95 30.08 -51.95
CA TYR C 451 7.21 29.46 -50.65
C TYR C 451 8.44 28.57 -50.72
N LEU C 452 9.28 28.66 -49.69
CA LEU C 452 10.53 27.91 -49.62
C LEU C 452 10.62 27.18 -48.28
N TYR C 453 11.36 26.08 -48.29
CA TYR C 453 11.60 25.28 -47.10
C TYR C 453 13.06 24.86 -47.08
N ARG C 454 13.56 24.57 -45.88
CA ARG C 454 14.96 24.21 -45.70
C ARG C 454 15.15 22.71 -45.87
N LEU C 455 16.27 22.33 -46.48
CA LEU C 455 16.61 20.93 -46.73
C LEU C 455 17.80 20.42 -45.95
N PHE C 456 18.76 21.27 -45.61
CA PHE C 456 19.99 20.84 -44.99
C PHE C 456 20.30 21.69 -43.77
N ARG C 457 20.87 21.06 -42.75
CA ARG C 457 21.29 21.76 -41.54
C ARG C 457 22.33 20.90 -40.84
N LYS C 458 23.14 21.57 -40.00
CA LYS C 458 24.19 20.87 -39.28
C LYS C 458 23.68 20.16 -38.03
N SER C 459 22.47 20.48 -37.58
CA SER C 459 21.89 19.85 -36.40
C SER C 459 20.39 20.12 -36.39
N ASN C 460 19.70 19.46 -35.47
CA ASN C 460 18.26 19.64 -35.32
C ASN C 460 17.97 21.01 -34.73
N LEU C 461 16.68 21.33 -34.64
CA LEU C 461 16.20 22.61 -34.15
C LEU C 461 15.59 22.45 -32.77
N LYS C 462 15.98 23.33 -31.84
CA LYS C 462 15.35 23.37 -30.54
C LYS C 462 13.92 23.87 -30.67
N PRO C 463 13.04 23.54 -29.72
CA PRO C 463 11.64 23.94 -29.84
C PRO C 463 11.47 25.44 -29.96
N PHE C 464 10.56 25.84 -30.85
CA PHE C 464 10.23 27.25 -31.08
C PHE C 464 11.46 28.07 -31.41
N GLU C 465 12.11 27.72 -32.52
CA GLU C 465 13.32 28.39 -32.98
C GLU C 465 13.19 28.75 -34.45
N ARG C 466 13.94 29.76 -34.86
CA ARG C 466 13.92 30.26 -36.23
C ARG C 466 15.34 30.38 -36.74
N ASP C 467 15.53 30.14 -38.04
CA ASP C 467 16.85 30.19 -38.65
C ASP C 467 16.70 30.60 -40.11
N ILE C 468 17.08 31.84 -40.41
CA ILE C 468 16.95 32.39 -41.76
C ILE C 468 18.30 32.53 -42.44
N SER C 469 19.34 31.90 -41.92
CA SER C 469 20.64 31.94 -42.56
C SER C 469 20.60 31.20 -43.88
N THR C 470 21.27 31.76 -44.88
CA THR C 470 21.32 31.19 -46.23
C THR C 470 22.73 30.74 -46.62
N GLU C 471 23.56 30.42 -45.64
CA GLU C 471 24.93 30.03 -45.91
C GLU C 471 24.98 28.70 -46.64
N ILE C 472 25.99 28.55 -47.50
CA ILE C 472 26.11 27.35 -48.32
C ILE C 472 26.40 26.15 -47.44
N TYR C 473 25.69 25.06 -47.68
CA TYR C 473 25.83 23.84 -46.90
C TYR C 473 26.90 22.95 -47.51
N GLN C 474 27.78 22.42 -46.66
CA GLN C 474 28.86 21.55 -47.10
C GLN C 474 28.49 20.10 -46.77
N ALA C 475 28.45 19.27 -47.81
CA ALA C 475 28.04 17.87 -47.63
C ALA C 475 29.22 16.93 -47.41
N GLY C 476 30.39 17.25 -47.95
CA GLY C 476 31.57 16.45 -47.80
C GLY C 476 32.55 17.04 -46.80
N SER C 477 33.83 16.72 -46.99
CA SER C 477 34.90 17.26 -46.15
C SER C 477 35.67 18.38 -46.81
N THR C 478 35.57 18.53 -48.13
CA THR C 478 36.24 19.63 -48.82
C THR C 478 35.55 20.94 -48.48
N PRO C 479 36.29 21.98 -48.10
CA PRO C 479 35.65 23.27 -47.81
C PRO C 479 34.95 23.84 -49.03
N CYS C 480 33.80 24.47 -48.79
CA CYS C 480 33.01 25.00 -49.89
C CYS C 480 33.50 26.37 -50.34
N ASN C 481 33.88 27.22 -49.39
CA ASN C 481 34.39 28.56 -49.68
C ASN C 481 33.38 29.38 -50.49
N GLY C 482 32.11 29.23 -50.16
CA GLY C 482 31.04 30.02 -50.75
C GLY C 482 30.52 29.56 -52.10
N VAL C 483 31.40 29.00 -52.93
CA VAL C 483 30.98 28.57 -54.27
C VAL C 483 30.11 27.33 -54.16
N GLU C 484 29.20 27.18 -55.13
CA GLU C 484 28.31 26.03 -55.17
C GLU C 484 28.94 24.97 -56.07
N GLY C 485 29.73 24.10 -55.45
CA GLY C 485 30.44 23.04 -56.14
C GLY C 485 29.73 21.72 -56.11
N PHE C 486 30.51 20.65 -56.21
CA PHE C 486 29.95 19.31 -56.25
C PHE C 486 29.23 18.97 -54.95
N ASN C 487 29.91 19.16 -53.82
CA ASN C 487 29.34 18.84 -52.51
C ASN C 487 28.70 20.04 -51.84
N CYS C 488 28.65 21.19 -52.51
CA CYS C 488 28.03 22.39 -51.98
C CYS C 488 26.61 22.50 -52.49
N TYR C 489 25.66 22.75 -51.59
CA TYR C 489 24.25 22.81 -51.93
C TYR C 489 23.64 24.07 -51.34
N PHE C 490 22.61 24.57 -52.02
CA PHE C 490 21.84 25.68 -51.48
C PHE C 490 20.96 25.16 -50.35
N PRO C 491 21.04 25.74 -49.15
CA PRO C 491 20.36 25.13 -47.99
C PRO C 491 18.84 25.01 -48.14
N LEU C 492 18.18 25.97 -48.76
CA LEU C 492 16.72 25.98 -48.85
C LEU C 492 16.27 25.76 -50.29
N GLN C 493 15.24 24.94 -50.44
CA GLN C 493 14.68 24.59 -51.74
C GLN C 493 13.33 25.26 -51.92
N SER C 494 12.86 25.26 -53.17
CA SER C 494 11.61 25.91 -53.52
C SER C 494 10.47 24.89 -53.61
N TYR C 495 9.26 25.36 -53.31
CA TYR C 495 8.06 24.56 -53.44
C TYR C 495 7.44 24.78 -54.83
N GLY C 496 6.95 23.69 -55.40
CA GLY C 496 6.26 23.77 -56.67
C GLY C 496 4.79 23.39 -56.55
N PHE C 497 3.90 24.37 -56.66
CA PHE C 497 2.47 24.15 -56.51
C PHE C 497 1.76 24.39 -57.83
N HIS C 498 0.94 23.43 -58.23
CA HIS C 498 0.15 23.52 -59.45
C HIS C 498 -1.30 23.21 -59.11
N PRO C 499 -2.25 23.81 -59.85
CA PRO C 499 -3.66 23.51 -59.58
C PRO C 499 -4.05 22.07 -59.87
N THR C 500 -3.28 21.36 -60.69
CA THR C 500 -3.60 19.99 -61.07
C THR C 500 -2.79 18.96 -60.32
N ASN C 501 -2.07 19.37 -59.27
CA ASN C 501 -1.31 18.43 -58.47
C ASN C 501 -2.25 17.54 -57.65
N GLY C 502 -1.71 16.42 -57.18
CA GLY C 502 -2.47 15.54 -56.32
C GLY C 502 -2.74 16.18 -54.97
N VAL C 503 -3.63 15.54 -54.21
CA VAL C 503 -4.01 16.08 -52.91
C VAL C 503 -2.84 16.03 -51.94
N GLY C 504 -1.81 15.23 -52.22
CA GLY C 504 -0.62 15.22 -51.39
C GLY C 504 0.38 16.32 -51.68
N TYR C 505 0.08 17.20 -52.65
CA TYR C 505 0.95 18.30 -52.98
C TYR C 505 0.25 19.65 -53.05
N GLN C 506 -1.07 19.70 -52.87
CA GLN C 506 -1.74 20.97 -52.79
C GLN C 506 -1.32 21.70 -51.53
N PRO C 507 -1.11 23.02 -51.60
CA PRO C 507 -0.65 23.76 -50.42
C PRO C 507 -1.67 23.72 -49.30
N TYR C 508 -1.17 23.63 -48.07
CA TYR C 508 -1.99 23.61 -46.87
C TYR C 508 -1.56 24.74 -45.95
N ARG C 509 -2.53 25.55 -45.51
CA ARG C 509 -2.25 26.64 -44.57
C ARG C 509 -2.42 26.12 -43.16
N VAL C 510 -1.50 26.51 -42.27
CA VAL C 510 -1.47 26.02 -40.90
C VAL C 510 -1.44 27.20 -39.96
N VAL C 511 -2.20 27.12 -38.88
CA VAL C 511 -2.21 28.13 -37.82
C VAL C 511 -2.04 27.41 -36.48
N VAL C 512 -1.05 27.85 -35.69
CA VAL C 512 -0.74 27.23 -34.42
C VAL C 512 -0.99 28.23 -33.30
N LEU C 513 -1.79 27.83 -32.32
CA LEU C 513 -2.08 28.65 -31.15
C LEU C 513 -1.48 27.98 -29.92
N SER C 514 -0.73 28.75 -29.14
CA SER C 514 -0.13 28.28 -27.91
C SER C 514 -0.44 29.26 -26.79
N PHE C 515 -0.85 28.75 -25.64
CA PHE C 515 -1.24 29.62 -24.54
C PHE C 515 -1.06 28.90 -23.22
N GLU C 516 -1.06 29.69 -22.15
CA GLU C 516 -1.09 29.18 -20.78
C GLU C 516 -2.49 29.40 -20.22
N LEU C 517 -2.98 28.43 -19.46
CA LEU C 517 -4.40 28.39 -19.12
C LEU C 517 -4.71 29.15 -17.83
N LEU C 518 -4.09 28.75 -16.71
CA LEU C 518 -4.46 29.29 -15.40
C LEU C 518 -3.46 30.29 -14.83
N ASN C 519 -2.17 30.02 -14.94
CA ASN C 519 -1.18 30.90 -14.34
C ASN C 519 -1.21 32.27 -15.00
N ALA C 520 -0.91 33.30 -14.21
CA ALA C 520 -0.77 34.69 -14.64
C ALA C 520 -2.12 35.29 -15.03
N PRO C 521 -2.26 36.62 -14.99
CA PRO C 521 -3.52 37.23 -15.40
C PRO C 521 -3.84 36.95 -16.87
N ALA C 522 -5.13 36.88 -17.17
CA ALA C 522 -5.61 36.56 -18.51
C ALA C 522 -6.19 37.80 -19.17
N THR C 523 -6.17 37.80 -20.50
CA THR C 523 -6.69 38.94 -21.27
C THR C 523 -7.67 38.48 -22.34
N VAL C 524 -7.52 37.26 -22.82
CA VAL C 524 -8.40 36.69 -23.84
C VAL C 524 -9.34 35.71 -23.15
N CYS C 525 -10.64 35.94 -23.28
CA CYS C 525 -11.63 35.14 -22.59
C CYS C 525 -12.75 34.75 -23.55
N GLY C 526 -13.39 33.62 -23.23
CA GLY C 526 -14.45 33.11 -24.06
C GLY C 526 -15.77 33.81 -23.81
N PRO C 527 -16.78 33.43 -24.59
CA PRO C 527 -18.11 34.07 -24.50
C PRO C 527 -18.98 33.56 -23.37
N LYS C 528 -18.74 34.10 -22.18
CA LYS C 528 -19.57 33.82 -21.01
C LYS C 528 -19.94 35.14 -20.36
N LYS C 529 -21.22 35.30 -20.04
CA LYS C 529 -21.70 36.54 -19.44
C LYS C 529 -21.36 36.58 -17.95
N SER C 530 -20.93 37.75 -17.48
CA SER C 530 -20.55 37.93 -16.09
C SER C 530 -21.74 38.40 -15.27
N THR C 531 -21.86 37.86 -14.06
CA THR C 531 -22.91 38.23 -13.12
C THR C 531 -22.32 38.97 -11.93
N ASN C 532 -23.20 39.56 -11.13
CA ASN C 532 -22.77 40.31 -9.97
C ASN C 532 -22.13 39.41 -8.92
N LEU C 533 -21.14 39.95 -8.22
CA LEU C 533 -20.46 39.19 -7.18
C LEU C 533 -21.34 39.02 -5.96
N ILE C 534 -21.36 37.81 -5.41
CA ILE C 534 -22.10 37.48 -4.20
C ILE C 534 -21.11 37.05 -3.13
N LYS C 535 -21.23 37.62 -1.94
CA LYS C 535 -20.27 37.40 -0.87
C LYS C 535 -20.94 36.72 0.32
N ASN C 536 -20.13 35.98 1.08
CA ASN C 536 -20.54 35.39 2.35
C ASN C 536 -21.66 34.37 2.19
N LYS C 537 -21.59 33.57 1.14
CA LYS C 537 -22.47 32.41 1.01
C LYS C 537 -21.87 31.45 0.00
N CYS C 538 -22.36 30.22 0.03
CA CYS C 538 -21.84 29.17 -0.85
C CYS C 538 -22.35 29.38 -2.28
N VAL C 539 -21.43 29.39 -3.23
CA VAL C 539 -21.75 29.66 -4.63
C VAL C 539 -20.80 28.86 -5.51
N ASN C 540 -21.32 28.36 -6.63
CA ASN C 540 -20.50 27.69 -7.63
C ASN C 540 -19.83 28.77 -8.48
N PHE C 541 -18.74 29.31 -7.94
CA PHE C 541 -18.08 30.44 -8.57
C PHE C 541 -17.31 30.00 -9.81
N ASN C 542 -16.99 30.99 -10.66
CA ASN C 542 -16.21 30.76 -11.87
C ASN C 542 -15.41 32.03 -12.11
N PHE C 543 -14.16 32.04 -11.65
CA PHE C 543 -13.28 33.20 -11.78
C PHE C 543 -12.24 32.91 -12.86
N ASN C 544 -12.49 33.41 -14.07
CA ASN C 544 -11.59 33.24 -15.21
C ASN C 544 -11.33 31.76 -15.51
N GLY C 545 -12.36 30.94 -15.36
CA GLY C 545 -12.27 29.54 -15.68
C GLY C 545 -11.87 28.63 -14.53
N LEU C 546 -11.75 29.14 -13.31
CA LEU C 546 -11.43 28.32 -12.15
C LEU C 546 -12.72 28.08 -11.38
N THR C 547 -13.32 26.90 -11.58
CA THR C 547 -14.60 26.57 -10.99
C THR C 547 -14.41 25.74 -9.73
N GLY C 548 -15.16 26.07 -8.70
CA GLY C 548 -15.10 25.33 -7.45
C GLY C 548 -16.35 25.54 -6.64
N THR C 549 -16.19 25.55 -5.32
CA THR C 549 -17.31 25.77 -4.40
C THR C 549 -16.76 26.28 -3.09
N GLY C 550 -17.26 27.42 -2.63
CA GLY C 550 -16.77 28.00 -1.39
C GLY C 550 -17.51 29.28 -1.05
N VAL C 551 -17.04 29.91 0.00
CA VAL C 551 -17.63 31.15 0.52
C VAL C 551 -16.60 32.26 0.40
N LEU C 552 -16.96 33.35 -0.27
CA LEU C 552 -16.07 34.47 -0.47
C LEU C 552 -16.16 35.46 0.68
N THR C 553 -15.06 36.16 0.93
CA THR C 553 -14.99 37.14 2.01
C THR C 553 -13.85 38.10 1.71
N GLU C 554 -13.86 39.23 2.43
CA GLU C 554 -12.79 40.21 2.28
C GLU C 554 -11.47 39.64 2.77
N SER C 555 -10.39 40.04 2.11
CA SER C 555 -9.05 39.56 2.42
C SER C 555 -8.12 40.74 2.66
N ASN C 556 -7.36 40.67 3.75
CA ASN C 556 -6.40 41.73 4.07
C ASN C 556 -5.15 41.65 3.20
N LYS C 557 -4.80 40.46 2.71
CA LYS C 557 -3.60 40.30 1.92
C LYS C 557 -3.74 40.99 0.57
N LYS C 558 -2.60 41.43 0.04
CA LYS C 558 -2.55 42.14 -1.23
C LYS C 558 -1.54 41.46 -2.14
N PHE C 559 -1.96 41.18 -3.37
CA PHE C 559 -1.09 40.48 -4.31
C PHE C 559 -0.14 41.46 -5.00
N LEU C 560 0.94 40.90 -5.55
CA LEU C 560 1.84 41.66 -6.38
C LEU C 560 1.18 41.93 -7.74
N PRO C 561 1.66 42.93 -8.48
CA PRO C 561 1.00 43.27 -9.75
C PRO C 561 0.96 42.13 -10.75
N PHE C 562 1.94 41.23 -10.75
CA PHE C 562 1.99 40.15 -11.73
C PHE C 562 1.32 38.87 -11.23
N GLN C 563 0.78 38.86 -10.03
CA GLN C 563 0.13 37.68 -9.47
C GLN C 563 -1.38 37.80 -9.55
N GLN C 564 -2.05 36.66 -9.66
CA GLN C 564 -3.51 36.61 -9.78
C GLN C 564 -4.17 35.96 -8.58
N PHE C 565 -3.78 34.73 -8.23
CA PHE C 565 -4.35 34.04 -7.09
C PHE C 565 -3.25 33.28 -6.34
N GLY C 566 -3.53 32.99 -5.07
CA GLY C 566 -2.55 32.34 -4.22
C GLY C 566 -2.94 30.94 -3.80
N ARG C 567 -1.99 30.19 -3.26
CA ARG C 567 -2.19 28.81 -2.85
C ARG C 567 -1.72 28.62 -1.42
N ASP C 568 -2.42 27.75 -0.70
CA ASP C 568 -2.09 27.46 0.69
C ASP C 568 -1.16 26.24 0.76
N ILE C 569 -0.97 25.69 1.97
CA ILE C 569 -0.10 24.54 2.13
C ILE C 569 -0.66 23.33 1.39
N ALA C 570 -1.99 23.19 1.37
CA ALA C 570 -2.61 22.09 0.65
C ALA C 570 -2.62 22.30 -0.86
N ASP C 571 -1.95 23.34 -1.36
CA ASP C 571 -1.82 23.61 -2.79
C ASP C 571 -3.17 23.85 -3.45
N THR C 572 -4.16 24.28 -2.68
CA THR C 572 -5.46 24.64 -3.22
C THR C 572 -5.60 26.16 -3.24
N THR C 573 -6.51 26.65 -4.08
CA THR C 573 -6.70 28.09 -4.26
C THR C 573 -7.54 28.60 -3.10
N ASP C 574 -6.91 29.38 -2.21
CA ASP C 574 -7.60 29.97 -1.08
C ASP C 574 -7.93 31.44 -1.28
N ALA C 575 -7.15 32.15 -2.08
CA ALA C 575 -7.37 33.56 -2.34
C ALA C 575 -7.32 33.82 -3.84
N VAL C 576 -8.15 34.73 -4.31
CA VAL C 576 -8.20 35.11 -5.72
C VAL C 576 -8.37 36.62 -5.81
N ARG C 577 -8.02 37.17 -6.97
CA ARG C 577 -8.21 38.58 -7.27
C ARG C 577 -9.29 38.74 -8.33
N ASP C 578 -10.34 39.48 -8.00
CA ASP C 578 -11.45 39.65 -8.91
C ASP C 578 -11.00 40.40 -10.17
N PRO C 579 -11.39 39.96 -11.35
CA PRO C 579 -10.90 40.60 -12.58
C PRO C 579 -11.59 41.92 -12.87
N GLN C 580 -12.89 42.02 -12.61
CA GLN C 580 -13.61 43.25 -12.89
C GLN C 580 -13.19 44.37 -11.95
N THR C 581 -13.15 44.08 -10.66
CA THR C 581 -12.71 45.03 -9.65
C THR C 581 -11.44 44.49 -9.00
N LEU C 582 -10.38 45.30 -9.00
CA LEU C 582 -9.07 44.85 -8.53
C LEU C 582 -9.13 44.72 -7.01
N GLU C 583 -9.71 43.61 -6.56
CA GLU C 583 -9.95 43.34 -5.16
C GLU C 583 -9.46 41.94 -4.82
N ILE C 584 -9.12 41.73 -3.56
CA ILE C 584 -8.65 40.44 -3.08
C ILE C 584 -9.75 39.77 -2.28
N LEU C 585 -10.06 38.51 -2.61
CA LEU C 585 -11.09 37.75 -1.94
C LEU C 585 -10.52 36.43 -1.46
N ASP C 586 -11.11 35.89 -0.40
CA ASP C 586 -10.67 34.63 0.19
C ASP C 586 -11.75 33.57 0.05
N ILE C 587 -11.33 32.34 -0.23
CA ILE C 587 -12.24 31.23 -0.48
C ILE C 587 -12.04 30.20 0.62
N THR C 588 -13.13 29.77 1.23
CA THR C 588 -13.12 28.75 2.27
C THR C 588 -14.17 27.71 2.00
N PRO C 589 -13.92 26.45 2.36
CA PRO C 589 -14.92 25.40 2.15
C PRO C 589 -16.16 25.63 2.99
N CYS C 590 -17.29 25.12 2.48
CA CYS C 590 -18.57 25.33 3.14
C CYS C 590 -18.86 24.33 4.24
N SER C 591 -18.15 23.20 4.28
CA SER C 591 -18.38 22.14 5.25
C SER C 591 -17.28 22.15 6.29
N PHE C 592 -17.66 22.25 7.56
CA PHE C 592 -16.69 22.30 8.64
C PHE C 592 -17.38 21.88 9.93
N GLY C 593 -17.03 20.71 10.45
CA GLY C 593 -17.58 20.22 11.69
C GLY C 593 -18.07 18.79 11.58
N GLY C 594 -17.98 18.06 12.71
CA GLY C 594 -18.36 16.67 12.77
C GLY C 594 -19.68 16.50 13.48
N VAL C 595 -20.43 15.48 13.08
CA VAL C 595 -21.73 15.15 13.65
C VAL C 595 -21.78 13.66 13.93
N SER C 596 -22.24 13.30 15.13
CA SER C 596 -22.40 11.91 15.52
C SER C 596 -23.83 11.67 15.98
N VAL C 597 -24.34 10.47 15.68
CA VAL C 597 -25.74 10.13 15.93
C VAL C 597 -25.79 9.11 17.05
N ILE C 598 -26.38 9.49 18.17
CA ILE C 598 -26.53 8.62 19.33
C ILE C 598 -27.94 8.03 19.29
N THR C 599 -28.03 6.70 19.44
CA THR C 599 -29.31 6.03 19.41
C THR C 599 -29.21 4.71 20.15
N PRO C 600 -30.28 4.26 20.79
CA PRO C 600 -30.32 2.87 21.25
C PRO C 600 -30.57 1.94 20.07
N GLY C 601 -30.73 0.65 20.33
CA GLY C 601 -30.97 -0.28 19.25
C GLY C 601 -32.24 0.07 18.49
N THR C 602 -32.17 -0.04 17.16
CA THR C 602 -33.35 0.17 16.33
C THR C 602 -34.43 -0.85 16.62
N ASN C 603 -34.08 -1.96 17.26
CA ASN C 603 -35.09 -2.89 17.76
C ASN C 603 -35.95 -2.22 18.84
N ALA C 604 -35.32 -1.41 19.69
CA ALA C 604 -36.07 -0.78 20.78
C ALA C 604 -36.93 0.37 20.28
N SER C 605 -36.31 1.39 19.69
CA SER C 605 -37.06 2.58 19.29
C SER C 605 -36.33 3.27 18.15
N ASN C 606 -37.04 4.18 17.48
CA ASN C 606 -36.51 4.90 16.34
C ASN C 606 -36.03 6.31 16.68
N GLN C 607 -36.07 6.70 17.95
CA GLN C 607 -35.59 8.02 18.33
C GLN C 607 -34.07 8.06 18.34
N VAL C 608 -33.51 9.21 17.98
CA VAL C 608 -32.07 9.42 17.97
C VAL C 608 -31.76 10.77 18.61
N ALA C 609 -30.51 10.91 19.04
CA ALA C 609 -29.97 12.17 19.53
C ALA C 609 -28.72 12.51 18.73
N VAL C 610 -28.54 13.79 18.43
CA VAL C 610 -27.49 14.26 17.54
C VAL C 610 -26.53 15.14 18.33
N LEU C 611 -25.23 14.86 18.21
CA LEU C 611 -24.19 15.64 18.86
C LEU C 611 -23.33 16.32 17.80
N TYR C 612 -23.17 17.64 17.92
CA TYR C 612 -22.33 18.40 17.02
C TYR C 612 -21.02 18.73 17.73
N GLN C 613 -19.92 18.26 17.17
CA GLN C 613 -18.66 18.25 17.91
C GLN C 613 -18.15 19.66 18.20
N ASP C 614 -18.28 20.57 17.24
CA ASP C 614 -17.71 21.90 17.38
C ASP C 614 -18.69 22.98 16.94
N VAL C 615 -19.94 22.85 17.37
CA VAL C 615 -20.99 23.80 17.01
C VAL C 615 -21.81 24.12 18.24
N ASN C 616 -21.99 25.40 18.53
CA ASN C 616 -22.90 25.83 19.57
C ASN C 616 -24.34 25.77 19.08
N CYS C 617 -25.24 25.42 19.99
CA CYS C 617 -26.63 25.20 19.59
C CYS C 617 -27.31 26.48 19.12
N THR C 618 -26.82 27.64 19.56
CA THR C 618 -27.36 28.90 19.05
C THR C 618 -27.06 29.06 17.57
N GLU C 619 -25.85 28.69 17.15
CA GLU C 619 -25.41 28.83 15.77
C GLU C 619 -25.70 27.60 14.92
N VAL C 620 -26.51 26.66 15.44
CA VAL C 620 -26.88 25.49 14.64
C VAL C 620 -27.52 25.88 13.31
N PRO C 621 -28.47 26.83 13.26
CA PRO C 621 -28.97 27.25 11.94
C PRO C 621 -27.89 27.76 11.01
N VAL C 622 -26.87 28.43 11.56
CA VAL C 622 -25.74 28.86 10.73
C VAL C 622 -24.94 27.65 10.25
N ALA C 623 -24.79 26.65 11.10
CA ALA C 623 -24.05 25.44 10.72
C ALA C 623 -24.82 24.63 9.68
N ILE C 624 -26.00 24.14 10.04
CA ILE C 624 -26.84 23.42 9.10
C ILE C 624 -27.92 24.35 8.54
N PRO C 631 -36.99 18.70 7.03
CA PRO C 631 -38.05 18.65 8.05
C PRO C 631 -37.62 17.89 9.31
N THR C 632 -37.27 16.62 9.14
CA THR C 632 -36.76 15.84 10.27
C THR C 632 -35.44 16.40 10.78
N TRP C 633 -34.55 16.79 9.86
CA TRP C 633 -33.29 17.39 10.26
C TRP C 633 -33.51 18.72 10.99
N ARG C 634 -34.46 19.52 10.51
CA ARG C 634 -34.79 20.76 11.21
C ARG C 634 -35.35 20.48 12.60
N VAL C 635 -36.19 19.45 12.72
CA VAL C 635 -36.73 19.06 14.02
C VAL C 635 -35.59 18.67 14.96
N TYR C 636 -34.62 17.90 14.45
CA TYR C 636 -33.42 17.58 15.22
C TYR C 636 -32.43 18.73 15.26
N SER C 637 -32.76 19.88 14.68
CA SER C 637 -31.94 21.08 14.79
C SER C 637 -32.59 22.18 15.62
N THR C 638 -33.91 22.15 15.79
CA THR C 638 -34.60 23.17 16.55
C THR C 638 -34.26 23.03 18.05
N GLY C 639 -34.75 23.99 18.82
CA GLY C 639 -34.48 24.02 20.25
C GLY C 639 -35.39 23.13 21.07
N SER C 640 -35.71 23.58 22.28
CA SER C 640 -36.58 22.93 23.26
C SER C 640 -35.94 21.71 23.90
N ASN C 641 -34.83 21.21 23.37
CA ASN C 641 -34.11 20.12 24.03
C ASN C 641 -32.61 20.30 23.97
N VAL C 642 -32.10 21.48 23.58
CA VAL C 642 -30.67 21.67 23.46
C VAL C 642 -30.01 21.58 24.83
N PHE C 643 -28.75 21.14 24.83
CA PHE C 643 -28.01 20.98 26.08
C PHE C 643 -26.52 21.12 25.75
N GLN C 644 -25.97 22.29 26.06
CA GLN C 644 -24.56 22.54 25.79
C GLN C 644 -23.69 21.68 26.71
N THR C 645 -22.67 21.05 26.12
CA THR C 645 -21.73 20.22 26.85
C THR C 645 -20.31 20.77 26.65
N ARG C 646 -19.33 20.08 27.24
CA ARG C 646 -17.93 20.43 27.08
C ARG C 646 -17.36 19.96 25.74
N ALA C 647 -18.12 19.19 24.97
CA ALA C 647 -17.68 18.68 23.68
C ALA C 647 -18.70 18.97 22.59
N GLY C 648 -19.21 20.18 22.54
CA GLY C 648 -20.22 20.54 21.58
C GLY C 648 -21.62 20.33 22.12
N CYS C 649 -22.57 21.09 21.57
CA CYS C 649 -23.92 21.05 22.08
C CYS C 649 -24.66 19.81 21.57
N LEU C 650 -25.64 19.37 22.35
CA LEU C 650 -26.38 18.14 22.09
C LEU C 650 -27.85 18.47 21.87
N ILE C 651 -28.43 17.90 20.82
CA ILE C 651 -29.83 18.12 20.48
C ILE C 651 -30.54 16.77 20.43
N GLY C 652 -31.67 16.68 21.10
CA GLY C 652 -32.48 15.47 21.10
C GLY C 652 -32.51 14.69 22.39
N ALA C 653 -31.81 15.15 23.43
CA ALA C 653 -31.79 14.47 24.71
C ALA C 653 -32.15 15.46 25.82
N GLU C 654 -32.63 14.91 26.94
CA GLU C 654 -33.07 15.70 28.07
C GLU C 654 -32.07 15.57 29.21
N HIS C 655 -31.64 16.72 29.75
CA HIS C 655 -30.72 16.72 30.86
C HIS C 655 -31.39 16.19 32.12
N VAL C 656 -30.66 15.38 32.89
CA VAL C 656 -31.15 14.79 34.12
C VAL C 656 -30.15 15.07 35.23
N ASN C 657 -30.65 15.52 36.38
CA ASN C 657 -29.76 15.88 37.49
C ASN C 657 -29.07 14.66 38.08
N ASN C 658 -29.77 13.54 38.17
CA ASN C 658 -29.20 12.37 38.83
C ASN C 658 -28.03 11.81 38.03
N SER C 659 -27.28 10.93 38.67
CA SER C 659 -26.09 10.32 38.08
C SER C 659 -26.12 8.82 38.28
N TYR C 660 -25.95 8.07 37.21
CA TYR C 660 -25.84 6.61 37.25
C TYR C 660 -24.62 6.19 36.43
N GLU C 661 -24.41 4.88 36.36
CA GLU C 661 -23.28 4.36 35.59
C GLU C 661 -23.50 4.62 34.10
N CYS C 662 -22.39 4.77 33.39
CA CYS C 662 -22.45 5.14 31.98
C CYS C 662 -22.98 3.99 31.13
N ASP C 663 -23.77 4.34 30.11
CA ASP C 663 -24.25 3.38 29.12
C ASP C 663 -23.68 3.66 27.73
N ILE C 664 -23.85 4.87 27.22
CA ILE C 664 -23.27 5.27 25.94
C ILE C 664 -22.38 6.48 26.17
N PRO C 665 -21.07 6.35 26.00
CA PRO C 665 -20.17 7.48 26.29
C PRO C 665 -20.22 8.56 25.22
N ILE C 666 -20.84 9.69 25.55
CA ILE C 666 -20.85 10.82 24.62
C ILE C 666 -19.46 11.45 24.55
N GLY C 667 -18.83 11.65 25.70
CA GLY C 667 -17.52 12.28 25.75
C GLY C 667 -17.52 13.45 26.72
N ALA C 668 -16.34 13.77 27.25
CA ALA C 668 -16.16 14.88 28.18
C ALA C 668 -17.02 14.70 29.43
N GLY C 669 -17.23 13.46 29.83
CA GLY C 669 -17.96 13.18 31.05
C GLY C 669 -19.47 13.21 30.95
N ILE C 670 -20.02 13.04 29.75
CA ILE C 670 -21.46 13.02 29.54
C ILE C 670 -21.82 11.65 28.96
N CYS C 671 -22.90 11.07 29.48
CA CYS C 671 -23.36 9.76 29.05
C CYS C 671 -24.84 9.83 28.70
N ALA C 672 -25.22 9.16 27.62
CA ALA C 672 -26.59 9.14 27.14
C ALA C 672 -27.17 7.74 27.31
N SER C 673 -28.43 7.66 27.73
CA SER C 673 -29.05 6.38 28.03
C SER C 673 -30.55 6.47 27.82
N TYR C 674 -31.17 5.29 27.68
CA TYR C 674 -32.61 5.16 27.50
C TYR C 674 -33.25 4.83 28.83
N GLN C 675 -34.14 5.69 29.30
CA GLN C 675 -34.81 5.49 30.58
C GLN C 675 -36.29 5.83 30.45
N THR C 676 -37.07 5.30 31.38
CA THR C 676 -38.52 5.54 31.42
C THR C 676 -38.78 6.76 32.29
N GLN C 677 -38.79 7.93 31.66
CA GLN C 677 -39.07 9.19 32.36
C GLN C 677 -40.58 9.42 32.33
N THR C 678 -41.27 8.81 33.28
CA THR C 678 -42.73 8.91 33.37
C THR C 678 -43.16 10.31 33.80
N ALA C 684 -45.68 4.98 30.85
CA ALA C 684 -44.37 4.36 30.68
C ALA C 684 -43.66 4.93 29.45
N SER C 685 -43.68 6.25 29.32
CA SER C 685 -43.03 6.90 28.19
C SER C 685 -41.52 6.75 28.27
N GLN C 686 -40.89 6.64 27.10
CA GLN C 686 -39.45 6.47 26.99
C GLN C 686 -38.84 7.69 26.31
N SER C 687 -37.68 8.12 26.80
CA SER C 687 -36.98 9.26 26.23
C SER C 687 -35.49 9.12 26.51
N ILE C 688 -34.68 9.64 25.59
CA ILE C 688 -33.23 9.59 25.74
C ILE C 688 -32.80 10.69 26.70
N ILE C 689 -32.04 10.31 27.72
CA ILE C 689 -31.58 11.25 28.75
C ILE C 689 -30.06 11.31 28.71
N ALA C 690 -29.53 12.46 29.11
CA ALA C 690 -28.10 12.68 29.23
C ALA C 690 -27.78 13.19 30.62
N TYR C 691 -26.71 12.69 31.21
CA TYR C 691 -26.35 13.00 32.58
C TYR C 691 -24.85 12.96 32.75
N THR C 692 -24.38 13.49 33.87
CA THR C 692 -22.96 13.41 34.20
C THR C 692 -22.63 12.00 34.68
N MET C 693 -21.34 11.66 34.55
CA MET C 693 -20.90 10.32 34.91
C MET C 693 -20.88 10.13 36.42
N SER C 694 -21.20 8.92 36.87
CA SER C 694 -21.17 8.55 38.28
C SER C 694 -19.84 7.85 38.57
N LEU C 695 -18.97 8.52 39.32
CA LEU C 695 -17.66 7.96 39.62
C LEU C 695 -17.75 6.77 40.56
N GLY C 696 -18.57 6.88 41.59
CA GLY C 696 -18.70 5.80 42.56
C GLY C 696 -19.37 6.31 43.83
N ALA C 697 -19.54 5.38 44.77
CA ALA C 697 -20.17 5.72 46.03
C ALA C 697 -19.21 6.50 46.91
N GLU C 698 -19.67 7.63 47.41
CA GLU C 698 -18.86 8.43 48.33
C GLU C 698 -18.73 7.74 49.67
N ASN C 699 -17.58 7.93 50.31
CA ASN C 699 -17.32 7.28 51.58
C ASN C 699 -16.23 8.04 52.32
N SER C 700 -16.17 7.80 53.63
CA SER C 700 -15.11 8.34 54.48
C SER C 700 -14.72 7.28 55.49
N VAL C 701 -13.48 7.39 55.97
CA VAL C 701 -12.92 6.43 56.93
C VAL C 701 -12.83 7.13 58.28
N ALA C 702 -13.44 6.53 59.30
CA ALA C 702 -13.38 7.09 60.64
C ALA C 702 -11.97 6.89 61.19
N TYR C 703 -11.11 7.88 61.00
CA TYR C 703 -9.69 7.75 61.29
C TYR C 703 -9.34 8.55 62.53
N SER C 704 -8.70 7.89 63.49
CA SER C 704 -8.13 8.52 64.67
C SER C 704 -6.63 8.25 64.67
N ASN C 705 -5.96 8.62 65.76
CA ASN C 705 -4.53 8.38 65.87
C ASN C 705 -4.19 7.31 66.91
N ASN C 706 -5.20 6.70 67.54
CA ASN C 706 -4.98 5.55 68.42
C ASN C 706 -6.08 4.51 68.26
N SER C 707 -6.69 4.43 67.07
CA SER C 707 -7.81 3.53 66.82
C SER C 707 -7.48 2.61 65.66
N ILE C 708 -7.85 1.33 65.80
CA ILE C 708 -7.62 0.33 64.77
C ILE C 708 -8.88 -0.51 64.61
N ALA C 709 -9.04 -1.08 63.42
CA ALA C 709 -10.14 -1.99 63.12
C ALA C 709 -9.58 -3.36 62.77
N ILE C 710 -10.22 -4.41 63.26
CA ILE C 710 -9.74 -5.77 63.04
C ILE C 710 -10.90 -6.67 62.63
N PRO C 711 -10.78 -7.41 61.53
CA PRO C 711 -11.86 -8.32 61.13
C PRO C 711 -12.08 -9.42 62.13
N THR C 712 -13.32 -9.91 62.20
CA THR C 712 -13.67 -11.01 63.07
C THR C 712 -14.16 -12.24 62.32
N ASN C 713 -14.24 -12.18 61.00
CA ASN C 713 -14.78 -13.28 60.22
C ASN C 713 -14.19 -13.20 58.82
N PHE C 714 -14.33 -14.29 58.07
CA PHE C 714 -13.79 -14.39 56.72
C PHE C 714 -14.85 -14.89 55.77
N THR C 715 -14.71 -14.52 54.50
CA THR C 715 -15.59 -14.97 53.44
C THR C 715 -14.74 -15.45 52.27
N ILE C 716 -15.01 -16.66 51.80
CA ILE C 716 -14.29 -17.23 50.67
C ILE C 716 -15.03 -16.88 49.39
N SER C 717 -14.32 -16.29 48.43
CA SER C 717 -14.90 -15.87 47.17
C SER C 717 -14.09 -16.45 46.02
N VAL C 718 -14.77 -16.68 44.90
CA VAL C 718 -14.14 -17.20 43.69
C VAL C 718 -14.54 -16.31 42.52
N THR C 719 -13.59 -16.04 41.63
CA THR C 719 -13.80 -15.17 40.49
C THR C 719 -13.28 -15.84 39.22
N THR C 720 -13.79 -15.39 38.08
CA THR C 720 -13.45 -15.95 36.79
C THR C 720 -12.71 -14.93 35.95
N GLU C 721 -11.60 -15.35 35.34
CA GLU C 721 -10.83 -14.52 34.43
C GLU C 721 -10.70 -15.24 33.11
N ILE C 722 -11.02 -14.54 32.01
CA ILE C 722 -11.01 -15.12 30.68
C ILE C 722 -9.99 -14.38 29.83
N LEU C 723 -9.07 -15.12 29.22
CA LEU C 723 -8.04 -14.55 28.37
C LEU C 723 -7.96 -15.33 27.07
N PRO C 724 -7.92 -14.67 25.92
CA PRO C 724 -7.69 -15.40 24.67
C PRO C 724 -6.29 -15.97 24.61
N VAL C 725 -6.15 -17.08 23.90
CA VAL C 725 -4.87 -17.78 23.75
C VAL C 725 -4.41 -17.79 22.30
N SER C 726 -5.30 -18.14 21.38
CA SER C 726 -4.94 -18.28 19.98
C SER C 726 -6.04 -17.71 19.10
N MET C 727 -5.69 -17.45 17.84
CA MET C 727 -6.63 -17.04 16.81
C MET C 727 -6.57 -18.03 15.66
N THR C 728 -7.56 -17.95 14.77
CA THR C 728 -7.68 -18.89 13.67
C THR C 728 -6.52 -18.72 12.69
N LYS C 729 -5.94 -19.85 12.28
CA LYS C 729 -4.86 -19.85 11.30
C LYS C 729 -5.46 -19.90 9.91
N THR C 730 -4.94 -19.08 9.00
CA THR C 730 -5.47 -18.99 7.65
C THR C 730 -4.33 -19.01 6.64
N SER C 731 -4.64 -19.49 5.44
CA SER C 731 -3.73 -19.46 4.31
C SER C 731 -4.47 -18.90 3.11
N VAL C 732 -3.75 -18.13 2.28
CA VAL C 732 -4.34 -17.43 1.14
C VAL C 732 -3.61 -17.87 -0.13
N ASP C 733 -4.38 -18.27 -1.13
CA ASP C 733 -3.86 -18.63 -2.44
C ASP C 733 -3.96 -17.39 -3.32
N CYS C 734 -2.84 -16.68 -3.50
CA CYS C 734 -2.88 -15.40 -4.18
C CYS C 734 -3.33 -15.53 -5.63
N THR C 735 -2.80 -16.53 -6.35
CA THR C 735 -3.15 -16.68 -7.76
C THR C 735 -4.63 -16.98 -7.94
N MET C 736 -5.18 -17.86 -7.10
CA MET C 736 -6.61 -18.17 -7.18
C MET C 736 -7.45 -16.97 -6.80
N TYR C 737 -7.01 -16.18 -5.82
CA TYR C 737 -7.79 -15.03 -5.39
C TYR C 737 -7.77 -13.92 -6.43
N ILE C 738 -6.67 -13.76 -7.17
CA ILE C 738 -6.55 -12.67 -8.12
C ILE C 738 -7.08 -13.09 -9.49
N CYS C 739 -6.45 -14.09 -10.11
CA CYS C 739 -6.80 -14.44 -11.48
C CYS C 739 -8.09 -15.23 -11.55
N GLY C 740 -8.32 -16.14 -10.61
CA GLY C 740 -9.52 -16.95 -10.62
C GLY C 740 -9.61 -17.94 -11.75
N ASP C 741 -8.54 -18.72 -11.97
CA ASP C 741 -8.51 -19.80 -12.94
C ASP C 741 -8.75 -19.28 -14.37
N SER C 742 -7.81 -18.44 -14.82
CA SER C 742 -7.82 -17.92 -16.18
C SER C 742 -6.40 -17.92 -16.70
N THR C 743 -6.15 -18.66 -17.78
CA THR C 743 -4.81 -18.73 -18.35
C THR C 743 -4.38 -17.41 -18.98
N GLU C 744 -5.33 -16.56 -19.36
CA GLU C 744 -4.97 -15.21 -19.79
C GLU C 744 -4.33 -14.44 -18.65
N CYS C 745 -4.88 -14.58 -17.44
CA CYS C 745 -4.22 -14.11 -16.24
C CYS C 745 -3.21 -15.17 -15.81
N SER C 746 -2.61 -14.99 -14.63
CA SER C 746 -1.61 -15.91 -14.08
C SER C 746 -0.37 -16.00 -14.97
N ASN C 747 -0.35 -15.22 -16.05
CA ASN C 747 0.86 -15.01 -16.84
C ASN C 747 1.48 -13.65 -16.57
N LEU C 748 0.69 -12.69 -16.12
CA LEU C 748 1.18 -11.40 -15.67
C LEU C 748 1.45 -11.36 -14.18
N LEU C 749 1.22 -12.47 -13.47
CA LEU C 749 1.50 -12.57 -12.04
C LEU C 749 2.91 -13.09 -11.76
N LEU C 750 3.69 -13.35 -12.81
CA LEU C 750 5.07 -13.78 -12.59
C LEU C 750 5.92 -12.69 -11.95
N GLN C 751 5.55 -11.42 -12.17
CA GLN C 751 6.27 -10.32 -11.55
C GLN C 751 5.93 -10.17 -10.07
N TYR C 752 4.72 -10.56 -9.67
CA TYR C 752 4.27 -10.41 -8.30
C TYR C 752 4.28 -11.72 -7.52
N GLY C 753 4.79 -12.80 -8.13
CA GLY C 753 4.98 -14.03 -7.38
C GLY C 753 5.84 -13.86 -6.14
N SER C 754 6.80 -12.93 -6.18
CA SER C 754 7.60 -12.65 -4.99
C SER C 754 6.74 -12.09 -3.87
N PHE C 755 5.83 -11.16 -4.19
CA PHE C 755 4.90 -10.66 -3.19
C PHE C 755 4.02 -11.77 -2.66
N CYS C 756 3.57 -12.66 -3.54
CA CYS C 756 2.75 -13.78 -3.12
C CYS C 756 3.50 -14.67 -2.12
N THR C 757 4.77 -14.96 -2.41
CA THR C 757 5.58 -15.75 -1.51
C THR C 757 5.77 -15.05 -0.17
N GLN C 758 5.95 -13.73 -0.20
CA GLN C 758 6.09 -12.97 1.05
C GLN C 758 4.83 -13.08 1.90
N LEU C 759 3.66 -12.93 1.27
CA LEU C 759 2.40 -13.05 2.01
C LEU C 759 2.25 -14.45 2.61
N ASN C 760 2.56 -15.49 1.82
CA ASN C 760 2.44 -16.84 2.34
C ASN C 760 3.41 -17.08 3.50
N ARG C 761 4.62 -16.54 3.41
CA ARG C 761 5.58 -16.68 4.50
C ARG C 761 5.07 -16.03 5.78
N ALA C 762 4.52 -14.81 5.66
CA ALA C 762 3.98 -14.13 6.83
C ALA C 762 2.83 -14.91 7.46
N LEU C 763 1.92 -15.43 6.62
CA LEU C 763 0.79 -16.19 7.16
C LEU C 763 1.24 -17.48 7.84
N THR C 764 2.22 -18.18 7.26
CA THR C 764 2.73 -19.39 7.89
C THR C 764 3.42 -19.07 9.22
N GLY C 765 4.14 -17.95 9.27
CA GLY C 765 4.70 -17.52 10.54
C GLY C 765 3.64 -17.29 11.59
N ILE C 766 2.54 -16.64 11.20
CA ILE C 766 1.43 -16.44 12.14
C ILE C 766 0.88 -17.77 12.63
N ALA C 767 0.72 -18.73 11.71
CA ALA C 767 0.15 -20.03 12.09
C ALA C 767 1.05 -20.76 13.09
N VAL C 768 2.35 -20.80 12.81
CA VAL C 768 3.25 -21.50 13.72
C VAL C 768 3.33 -20.76 15.05
N GLU C 769 3.21 -19.42 15.04
CA GLU C 769 3.14 -18.67 16.28
C GLU C 769 1.93 -19.07 17.10
N GLN C 770 0.78 -19.23 16.45
CA GLN C 770 -0.43 -19.63 17.16
C GLN C 770 -0.27 -21.02 17.78
N ASP C 771 0.30 -21.94 17.01
CA ASP C 771 0.51 -23.29 17.55
C ASP C 771 1.47 -23.27 18.75
N LYS C 772 2.54 -22.47 18.66
CA LYS C 772 3.46 -22.35 19.78
C LYS C 772 2.77 -21.77 21.01
N ASN C 773 1.93 -20.76 20.82
CA ASN C 773 1.19 -20.17 21.94
C ASN C 773 0.31 -21.22 22.61
N THR C 774 -0.48 -21.94 21.82
CA THR C 774 -1.41 -22.90 22.41
C THR C 774 -0.67 -24.07 23.05
N GLN C 775 0.54 -24.37 22.58
CA GLN C 775 1.34 -25.39 23.25
C GLN C 775 1.92 -24.89 24.55
N GLU C 776 2.42 -23.66 24.57
CA GLU C 776 3.09 -23.14 25.77
C GLU C 776 2.09 -22.90 26.90
N VAL C 777 0.88 -22.44 26.59
CA VAL C 777 -0.05 -22.05 27.65
C VAL C 777 -0.42 -23.26 28.51
N PHE C 778 -0.75 -24.39 27.88
CA PHE C 778 -1.36 -25.51 28.59
C PHE C 778 -0.40 -26.66 28.90
N ALA C 779 0.74 -26.75 28.21
CA ALA C 779 1.66 -27.86 28.39
C ALA C 779 2.83 -27.49 29.30
N GLN C 780 2.57 -26.71 30.35
CA GLN C 780 3.62 -26.31 31.27
C GLN C 780 4.24 -27.53 31.94
N VAL C 781 3.42 -28.44 32.44
CA VAL C 781 3.89 -29.66 33.08
C VAL C 781 3.71 -30.82 32.10
N LYS C 782 4.65 -31.77 32.15
CA LYS C 782 4.67 -32.88 31.21
C LYS C 782 4.05 -34.15 31.78
N GLN C 783 4.44 -34.55 32.98
CA GLN C 783 3.87 -35.74 33.59
C GLN C 783 2.37 -35.56 33.78
N ILE C 784 1.60 -36.55 33.31
CA ILE C 784 0.15 -36.50 33.38
C ILE C 784 -0.30 -37.32 34.58
N TYR C 785 -1.07 -36.69 35.46
CA TYR C 785 -1.50 -37.32 36.71
C TYR C 785 -2.97 -37.69 36.60
N LYS C 786 -3.28 -38.94 36.93
CA LYS C 786 -4.65 -39.43 36.91
C LYS C 786 -5.40 -38.96 38.14
N THR C 787 -6.67 -38.62 37.96
CA THR C 787 -7.48 -38.18 39.09
C THR C 787 -7.67 -39.31 40.08
N PRO C 788 -7.67 -39.03 41.38
CA PRO C 788 -7.85 -40.09 42.37
C PRO C 788 -9.27 -40.62 42.37
N GLN C 789 -9.42 -41.85 42.85
CA GLN C 789 -10.74 -42.49 42.90
C GLN C 789 -11.52 -41.99 44.11
N ILE C 790 -11.00 -42.22 45.32
CA ILE C 790 -11.66 -41.77 46.54
C ILE C 790 -11.38 -40.29 46.74
N LYS C 791 -12.43 -39.52 47.00
CA LYS C 791 -12.26 -38.07 47.17
C LYS C 791 -11.75 -37.74 48.56
N ASP C 792 -12.56 -38.02 49.59
CA ASP C 792 -12.21 -37.85 51.01
C ASP C 792 -11.37 -36.60 51.25
N PHE C 793 -11.81 -35.49 50.68
CA PHE C 793 -11.07 -34.23 50.75
C PHE C 793 -11.44 -33.39 51.98
N GLY C 794 -12.07 -34.00 52.99
CA GLY C 794 -12.42 -33.29 54.19
C GLY C 794 -13.67 -32.44 54.10
N GLY C 795 -14.39 -32.49 52.99
CA GLY C 795 -15.60 -31.71 52.85
C GLY C 795 -15.72 -31.01 51.52
N PHE C 796 -14.59 -30.66 50.92
CA PHE C 796 -14.60 -29.98 49.62
C PHE C 796 -15.11 -30.93 48.54
N ASN C 797 -16.06 -30.45 47.75
CA ASN C 797 -16.69 -31.25 46.70
C ASN C 797 -16.24 -30.70 45.36
N PHE C 798 -15.31 -31.40 44.71
CA PHE C 798 -14.76 -31.00 43.42
C PHE C 798 -15.47 -31.65 42.25
N SER C 799 -16.75 -31.98 42.40
CA SER C 799 -17.46 -32.71 41.36
C SER C 799 -17.59 -31.89 40.09
N GLN C 800 -17.85 -30.58 40.23
CA GLN C 800 -18.12 -29.76 39.05
C GLN C 800 -16.91 -29.64 38.14
N ILE C 801 -15.72 -29.44 38.71
CA ILE C 801 -14.56 -29.15 37.89
C ILE C 801 -13.79 -30.40 37.50
N LEU C 802 -13.88 -31.47 38.28
CA LEU C 802 -13.21 -32.71 37.90
C LEU C 802 -13.92 -33.35 36.71
N PRO C 803 -13.17 -33.99 35.81
CA PRO C 803 -13.77 -34.54 34.59
C PRO C 803 -14.77 -35.64 34.91
N ASP C 804 -15.84 -35.69 34.10
CA ASP C 804 -16.87 -36.71 34.23
C ASP C 804 -16.72 -37.73 33.12
N PRO C 805 -16.38 -38.98 33.42
CA PRO C 805 -16.16 -39.97 32.36
C PRO C 805 -17.42 -40.53 31.73
N SER C 806 -18.59 -39.95 32.00
CA SER C 806 -19.85 -40.40 31.43
C SER C 806 -20.27 -39.58 30.23
N LYS C 807 -19.32 -39.05 29.46
CA LYS C 807 -19.62 -38.21 28.32
C LYS C 807 -18.43 -38.25 27.38
N PRO C 808 -18.63 -37.92 26.09
CA PRO C 808 -17.51 -37.85 25.17
C PRO C 808 -16.54 -36.75 25.54
N SER C 809 -15.26 -36.98 25.22
CA SER C 809 -14.14 -36.07 25.43
C SER C 809 -13.77 -35.88 26.89
N LYS C 810 -14.53 -36.46 27.81
CA LYS C 810 -14.21 -36.42 29.25
C LYS C 810 -14.00 -34.99 29.74
N ARG C 811 -14.89 -34.11 29.32
CA ARG C 811 -14.82 -32.71 29.71
C ARG C 811 -15.80 -32.42 30.83
N SER C 812 -15.46 -31.42 31.65
CA SER C 812 -16.19 -31.14 32.88
C SER C 812 -17.50 -30.42 32.59
N PHE C 813 -18.29 -30.25 33.65
CA PHE C 813 -19.56 -29.54 33.55
C PHE C 813 -19.34 -28.09 33.16
N ILE C 814 -18.43 -27.41 33.84
CA ILE C 814 -18.16 -26.00 33.54
C ILE C 814 -17.58 -25.87 32.15
N GLU C 815 -16.72 -26.81 31.75
CA GLU C 815 -16.19 -26.79 30.39
C GLU C 815 -17.30 -26.97 29.36
N ASP C 816 -18.27 -27.84 29.67
CA ASP C 816 -19.41 -28.02 28.78
C ASP C 816 -20.20 -26.71 28.63
N LEU C 817 -20.45 -26.03 29.75
CA LEU C 817 -21.18 -24.78 29.69
C LEU C 817 -20.41 -23.73 28.89
N LEU C 818 -19.10 -23.64 29.10
CA LEU C 818 -18.31 -22.67 28.36
C LEU C 818 -18.30 -22.98 26.87
N PHE C 819 -18.21 -24.26 26.51
CA PHE C 819 -18.28 -24.65 25.10
C PHE C 819 -19.63 -24.24 24.51
N ASN C 820 -20.71 -24.48 25.25
CA ASN C 820 -22.03 -24.14 24.72
C ASN C 820 -22.25 -22.64 24.63
N LYS C 821 -21.53 -21.85 25.44
CA LYS C 821 -21.72 -20.41 25.41
C LYS C 821 -21.15 -19.79 24.14
N VAL C 822 -19.96 -20.21 23.73
CA VAL C 822 -19.31 -19.63 22.56
C VAL C 822 -19.81 -20.34 21.31
N THR C 823 -20.41 -19.58 20.40
CA THR C 823 -20.95 -20.13 19.15
C THR C 823 -19.86 -20.05 18.09
N LEU C 824 -19.13 -21.14 17.92
CA LEU C 824 -18.06 -21.20 16.94
C LEU C 824 -18.61 -21.12 15.52
N ILE C 830 -15.96 -28.87 8.79
CA ILE C 830 -15.49 -29.63 7.64
C ILE C 830 -16.46 -29.45 6.47
N LYS C 831 -15.92 -29.38 5.26
CA LYS C 831 -16.71 -29.17 4.05
C LYS C 831 -16.23 -30.15 2.98
N GLN C 832 -16.92 -30.13 1.84
CA GLN C 832 -16.57 -30.99 0.72
C GLN C 832 -17.04 -30.35 -0.58
N TYR C 833 -16.50 -30.83 -1.70
CA TYR C 833 -16.88 -30.29 -2.99
C TYR C 833 -18.34 -30.54 -3.31
N GLY C 834 -18.83 -31.74 -3.01
CA GLY C 834 -20.24 -32.03 -3.23
C GLY C 834 -21.15 -31.17 -2.39
N ASP C 835 -20.75 -30.89 -1.14
CA ASP C 835 -21.55 -30.06 -0.26
C ASP C 835 -21.68 -28.64 -0.81
N CYS C 836 -20.57 -28.07 -1.30
CA CYS C 836 -20.62 -26.71 -1.82
C CYS C 836 -21.34 -26.66 -3.17
N LEU C 837 -21.19 -27.71 -3.98
CA LEU C 837 -21.85 -27.73 -5.29
C LEU C 837 -23.36 -27.86 -5.14
N GLY C 838 -23.82 -28.82 -4.32
CA GLY C 838 -25.24 -29.03 -4.17
C GLY C 838 -25.94 -27.89 -3.46
N ASP C 839 -25.31 -27.35 -2.42
CA ASP C 839 -25.93 -26.30 -1.61
C ASP C 839 -25.74 -24.98 -2.36
N ILE C 840 -26.80 -24.53 -3.04
CA ILE C 840 -26.79 -23.28 -3.77
C ILE C 840 -27.78 -22.27 -3.20
N ALA C 841 -28.95 -22.74 -2.77
CA ALA C 841 -29.99 -21.83 -2.29
C ALA C 841 -29.54 -21.05 -1.06
N ALA C 842 -28.91 -21.74 -0.11
CA ALA C 842 -28.40 -21.09 1.11
C ALA C 842 -27.01 -20.58 0.82
N ARG C 843 -26.88 -19.27 0.62
CA ARG C 843 -25.59 -18.70 0.23
C ARG C 843 -24.64 -18.67 1.42
N ASP C 844 -24.16 -19.84 1.84
CA ASP C 844 -23.21 -19.91 2.93
C ASP C 844 -21.90 -19.25 2.53
N LEU C 845 -21.31 -18.49 3.47
CA LEU C 845 -20.11 -17.74 3.17
C LEU C 845 -18.87 -18.61 3.10
N ILE C 846 -18.89 -19.78 3.75
CA ILE C 846 -17.71 -20.63 3.79
C ILE C 846 -17.36 -21.13 2.40
N CYS C 847 -18.36 -21.63 1.66
CA CYS C 847 -18.12 -22.11 0.31
C CYS C 847 -17.65 -20.97 -0.61
N ALA C 848 -18.29 -19.80 -0.48
CA ALA C 848 -17.95 -18.66 -1.34
C ALA C 848 -16.52 -18.21 -1.09
N GLN C 849 -16.09 -18.19 0.17
CA GLN C 849 -14.71 -17.79 0.46
C GLN C 849 -13.71 -18.89 0.13
N LYS C 850 -14.15 -20.16 0.16
CA LYS C 850 -13.25 -21.25 -0.20
C LYS C 850 -13.04 -21.33 -1.70
N PHE C 851 -14.03 -20.89 -2.48
CA PHE C 851 -13.88 -20.86 -3.94
C PHE C 851 -12.91 -19.79 -4.41
N ASN C 852 -12.50 -18.87 -3.53
CA ASN C 852 -11.57 -17.80 -3.89
C ASN C 852 -10.21 -17.98 -3.24
N GLY C 853 -9.83 -19.22 -2.95
CA GLY C 853 -8.50 -19.49 -2.44
C GLY C 853 -8.26 -19.08 -1.01
N LEU C 854 -9.31 -18.93 -0.20
CA LEU C 854 -9.18 -18.63 1.22
C LEU C 854 -9.54 -19.87 2.01
N THR C 855 -8.57 -20.43 2.73
CA THR C 855 -8.78 -21.63 3.53
C THR C 855 -8.37 -21.38 4.97
N VAL C 856 -9.02 -22.09 5.89
CA VAL C 856 -8.74 -21.99 7.31
C VAL C 856 -8.23 -23.34 7.79
N LEU C 857 -7.02 -23.35 8.32
CA LEU C 857 -6.35 -24.55 8.79
C LEU C 857 -6.82 -24.91 10.20
N PRO C 858 -6.78 -26.18 10.56
CA PRO C 858 -7.18 -26.58 11.91
C PRO C 858 -6.00 -26.49 12.87
N PRO C 859 -6.26 -26.25 14.15
CA PRO C 859 -5.17 -26.23 15.13
C PRO C 859 -4.56 -27.62 15.32
N LEU C 860 -3.27 -27.63 15.66
CA LEU C 860 -2.57 -28.89 15.85
C LEU C 860 -3.14 -29.66 17.04
N LEU C 861 -3.45 -28.97 18.13
CA LEU C 861 -3.97 -29.60 19.34
C LEU C 861 -5.49 -29.45 19.35
N THR C 862 -6.20 -30.56 19.38
CA THR C 862 -7.65 -30.54 19.44
C THR C 862 -8.11 -30.28 20.87
N ASP C 863 -9.44 -30.17 21.03
CA ASP C 863 -9.98 -29.82 22.35
C ASP C 863 -9.86 -30.95 23.35
N GLU C 864 -9.83 -32.20 22.87
CA GLU C 864 -9.73 -33.34 23.79
C GLU C 864 -8.42 -33.32 24.56
N MET C 865 -7.31 -33.04 23.88
CA MET C 865 -6.03 -32.98 24.58
C MET C 865 -5.92 -31.75 25.47
N ILE C 866 -6.55 -30.64 25.10
CA ILE C 866 -6.59 -29.49 26.00
C ILE C 866 -7.32 -29.86 27.28
N ALA C 867 -8.46 -30.55 27.15
CA ALA C 867 -9.19 -31.02 28.33
C ALA C 867 -8.34 -31.99 29.15
N GLN C 868 -7.60 -32.87 28.47
CA GLN C 868 -6.72 -33.80 29.18
C GLN C 868 -5.66 -33.05 29.99
N TYR C 869 -5.03 -32.05 29.38
CA TYR C 869 -4.01 -31.27 30.09
C TYR C 869 -4.61 -30.54 31.28
N THR C 870 -5.79 -29.95 31.10
CA THR C 870 -6.45 -29.25 32.19
C THR C 870 -6.79 -30.20 33.33
N SER C 871 -7.30 -31.39 33.00
CA SER C 871 -7.62 -32.38 34.03
C SER C 871 -6.37 -32.83 34.76
N ALA C 872 -5.26 -33.02 34.04
CA ALA C 872 -4.01 -33.41 34.69
C ALA C 872 -3.53 -32.32 35.64
N LEU C 873 -3.60 -31.06 35.22
CA LEU C 873 -3.19 -29.97 36.09
C LEU C 873 -4.06 -29.90 37.34
N LEU C 874 -5.37 -30.07 37.17
CA LEU C 874 -6.28 -30.06 38.32
C LEU C 874 -5.97 -31.20 39.29
N ALA C 875 -5.76 -32.40 38.76
CA ALA C 875 -5.46 -33.54 39.61
C ALA C 875 -4.16 -33.31 40.37
N GLY C 876 -3.14 -32.79 39.69
CA GLY C 876 -1.88 -32.53 40.38
C GLY C 876 -2.03 -31.49 41.47
N THR C 877 -2.69 -30.37 41.17
CA THR C 877 -2.83 -29.30 42.14
C THR C 877 -3.77 -29.67 43.29
N ILE C 878 -4.61 -30.68 43.11
CA ILE C 878 -5.51 -31.10 44.18
C ILE C 878 -4.86 -32.17 45.05
N THR C 879 -4.15 -33.12 44.45
CA THR C 879 -3.60 -34.25 45.19
C THR C 879 -2.17 -34.05 45.65
N SER C 880 -1.47 -33.00 45.19
CA SER C 880 -0.08 -32.85 45.55
C SER C 880 0.32 -31.42 45.88
N GLY C 881 -0.64 -30.51 46.04
CA GLY C 881 -0.29 -29.14 46.33
C GLY C 881 0.47 -28.50 45.18
N TRP C 882 1.40 -27.62 45.54
CA TRP C 882 2.27 -26.97 44.56
C TRP C 882 3.63 -27.64 44.44
N THR C 883 3.86 -28.74 45.15
CA THR C 883 5.15 -29.43 45.06
C THR C 883 5.34 -30.12 43.72
N PHE C 884 4.23 -30.47 43.04
CA PHE C 884 4.34 -31.10 41.73
C PHE C 884 4.87 -30.15 40.67
N GLY C 885 4.83 -28.84 40.92
CA GLY C 885 5.39 -27.90 39.97
C GLY C 885 6.90 -28.02 39.86
N ALA C 886 7.58 -28.27 40.98
CA ALA C 886 9.03 -28.39 41.03
C ALA C 886 9.38 -29.81 41.43
N GLY C 887 9.93 -30.58 40.49
CA GLY C 887 10.29 -31.95 40.78
C GLY C 887 9.09 -32.89 40.72
N ALA C 888 9.25 -34.02 41.38
CA ALA C 888 8.20 -35.03 41.42
C ALA C 888 7.12 -34.67 42.44
N ALA C 889 5.92 -35.15 42.19
CA ALA C 889 4.78 -34.83 43.05
C ALA C 889 4.88 -35.57 44.38
N LEU C 890 4.42 -34.91 45.44
CA LEU C 890 4.38 -35.48 46.78
C LEU C 890 2.97 -35.36 47.33
N GLN C 891 2.37 -36.48 47.69
CA GLN C 891 0.99 -36.47 48.16
C GLN C 891 0.89 -35.78 49.52
N ILE C 892 -0.15 -34.98 49.69
CA ILE C 892 -0.39 -34.23 50.93
C ILE C 892 -1.89 -34.23 51.20
N PRO C 893 -2.32 -34.43 52.45
CA PRO C 893 -3.74 -34.26 52.76
C PRO C 893 -4.21 -32.85 52.43
N PHE C 894 -5.44 -32.74 51.94
CA PHE C 894 -5.94 -31.46 51.45
C PHE C 894 -6.09 -30.45 52.59
N ALA C 895 -6.51 -30.91 53.77
CA ALA C 895 -6.64 -30.00 54.90
C ALA C 895 -5.31 -29.37 55.26
N MET C 896 -4.23 -30.16 55.23
CA MET C 896 -2.91 -29.61 55.48
C MET C 896 -2.50 -28.63 54.39
N GLN C 897 -2.89 -28.90 53.14
CA GLN C 897 -2.60 -27.95 52.07
C GLN C 897 -3.29 -26.61 52.32
N MET C 898 -4.56 -26.65 52.74
CA MET C 898 -5.27 -25.41 53.03
C MET C 898 -4.65 -24.71 54.24
N ALA C 899 -4.15 -25.48 55.20
CA ALA C 899 -3.42 -24.89 56.33
C ALA C 899 -2.16 -24.19 55.85
N TYR C 900 -1.45 -24.81 54.90
CA TYR C 900 -0.27 -24.18 54.33
C TYR C 900 -0.63 -22.86 53.65
N ARG C 901 -1.73 -22.85 52.89
CA ARG C 901 -2.15 -21.61 52.24
C ARG C 901 -2.51 -20.54 53.26
N PHE C 902 -3.24 -20.92 54.32
CA PHE C 902 -3.61 -19.96 55.35
C PHE C 902 -2.38 -19.40 56.04
N ASN C 903 -1.40 -20.25 56.34
CA ASN C 903 -0.15 -19.76 56.89
C ASN C 903 0.54 -18.82 55.90
N GLY C 904 0.39 -19.08 54.60
CA GLY C 904 0.96 -18.21 53.60
C GLY C 904 0.33 -16.82 53.56
N ILE C 905 -0.97 -16.74 53.82
CA ILE C 905 -1.64 -15.45 53.74
C ILE C 905 -1.67 -14.76 55.10
N GLY C 906 -0.81 -15.21 56.01
CA GLY C 906 -0.64 -14.51 57.27
C GLY C 906 -1.65 -14.80 58.35
N VAL C 907 -2.46 -15.84 58.18
CA VAL C 907 -3.43 -16.24 59.18
C VAL C 907 -2.99 -17.57 59.78
N THR C 908 -3.00 -17.64 61.11
CA THR C 908 -2.50 -18.84 61.79
C THR C 908 -3.30 -20.06 61.38
N GLN C 909 -2.61 -21.19 61.23
CA GLN C 909 -3.19 -22.39 60.65
C GLN C 909 -4.31 -22.98 61.49
N ASN C 910 -4.36 -22.68 62.79
CA ASN C 910 -5.38 -23.30 63.64
C ASN C 910 -6.78 -22.81 63.29
N VAL C 911 -6.90 -21.59 62.75
CA VAL C 911 -8.23 -21.06 62.45
C VAL C 911 -8.89 -21.87 61.34
N LEU C 912 -8.10 -22.48 60.45
CA LEU C 912 -8.68 -23.34 59.44
C LEU C 912 -9.29 -24.59 60.06
N TYR C 913 -8.55 -25.24 60.95
CA TYR C 913 -9.04 -26.47 61.57
C TYR C 913 -10.22 -26.19 62.49
N GLU C 914 -10.24 -25.02 63.14
CA GLU C 914 -11.35 -24.71 64.03
C GLU C 914 -12.63 -24.38 63.27
N ASN C 915 -12.54 -24.07 61.97
CA ASN C 915 -13.69 -23.66 61.17
C ASN C 915 -13.68 -24.35 59.81
N GLN C 916 -13.41 -25.65 59.80
CA GLN C 916 -13.29 -26.36 58.53
C GLN C 916 -14.63 -26.51 57.83
N LYS C 917 -15.68 -26.86 58.57
CA LYS C 917 -16.99 -27.10 57.95
C LYS C 917 -17.52 -25.84 57.28
N LEU C 918 -17.40 -24.70 57.95
CA LEU C 918 -17.87 -23.45 57.36
C LEU C 918 -17.11 -23.12 56.08
N ILE C 919 -15.79 -23.34 56.08
CA ILE C 919 -14.99 -23.06 54.90
C ILE C 919 -15.42 -23.96 53.74
N ALA C 920 -15.62 -25.24 54.01
CA ALA C 920 -16.04 -26.16 52.96
C ALA C 920 -17.42 -25.78 52.41
N ASN C 921 -18.35 -25.42 53.31
CA ASN C 921 -19.68 -25.02 52.86
C ASN C 921 -19.62 -23.75 52.01
N GLN C 922 -18.81 -22.78 52.43
CA GLN C 922 -18.69 -21.55 51.66
C GLN C 922 -18.09 -21.82 50.28
N PHE C 923 -17.07 -22.68 50.22
CA PHE C 923 -16.47 -22.99 48.93
C PHE C 923 -17.47 -23.67 48.00
N ASN C 924 -18.22 -24.64 48.52
CA ASN C 924 -19.23 -25.31 47.70
C ASN C 924 -20.29 -24.33 47.22
N SER C 925 -20.77 -23.46 48.11
CA SER C 925 -21.77 -22.49 47.72
C SER C 925 -21.25 -21.54 46.65
N ALA C 926 -20.01 -21.09 46.78
CA ALA C 926 -19.44 -20.20 45.78
C ALA C 926 -19.30 -20.88 44.44
N ILE C 927 -18.86 -22.14 44.42
CA ILE C 927 -18.73 -22.87 43.16
C ILE C 927 -20.09 -23.00 42.49
N GLY C 928 -21.11 -23.37 43.28
CA GLY C 928 -22.45 -23.47 42.72
C GLY C 928 -22.97 -22.14 42.20
N LYS C 929 -22.66 -21.06 42.91
CA LYS C 929 -23.12 -19.73 42.49
C LYS C 929 -22.50 -19.34 41.16
N ILE C 930 -21.20 -19.57 40.98
CA ILE C 930 -20.59 -19.21 39.71
C ILE C 930 -21.06 -20.15 38.59
N GLN C 931 -21.35 -21.42 38.91
CA GLN C 931 -21.93 -22.29 37.89
C GLN C 931 -23.28 -21.77 37.42
N ASP C 932 -24.13 -21.36 38.36
CA ASP C 932 -25.43 -20.81 38.00
C ASP C 932 -25.28 -19.51 37.23
N SER C 933 -24.33 -18.66 37.62
CA SER C 933 -24.11 -17.40 36.90
C SER C 933 -23.67 -17.66 35.46
N LEU C 934 -22.76 -18.62 35.26
CA LEU C 934 -22.36 -18.98 33.91
C LEU C 934 -23.53 -19.54 33.11
N SER C 935 -24.38 -20.36 33.76
CA SER C 935 -25.53 -20.91 33.06
C SER C 935 -26.51 -19.82 32.64
N SER C 936 -26.70 -18.81 33.48
CA SER C 936 -27.70 -17.78 33.21
C SER C 936 -27.13 -16.63 32.37
N THR C 937 -26.09 -15.97 32.85
CA THR C 937 -25.56 -14.79 32.18
C THR C 937 -24.81 -15.21 30.93
N ALA C 938 -25.38 -14.90 29.77
CA ALA C 938 -24.77 -15.27 28.49
C ALA C 938 -23.61 -14.36 28.13
N SER C 939 -23.73 -13.06 28.43
CA SER C 939 -22.73 -12.07 28.02
C SER C 939 -21.57 -12.07 29.02
N ALA C 940 -20.85 -13.17 29.03
CA ALA C 940 -19.68 -13.33 29.89
C ALA C 940 -18.40 -13.61 29.11
N LEU C 941 -18.46 -14.43 28.07
CA LEU C 941 -17.28 -14.75 27.27
C LEU C 941 -17.18 -13.81 26.07
N GLY C 942 -17.09 -12.52 26.39
CA GLY C 942 -17.08 -11.51 25.34
C GLY C 942 -15.83 -11.55 24.48
N LYS C 943 -14.67 -11.81 25.09
CA LYS C 943 -13.41 -11.67 24.38
C LYS C 943 -13.25 -12.73 23.29
N LEU C 944 -13.56 -13.99 23.62
CA LEU C 944 -13.40 -15.05 22.62
C LEU C 944 -14.36 -14.88 21.46
N GLN C 945 -15.61 -14.53 21.74
CA GLN C 945 -16.57 -14.26 20.68
C GLN C 945 -16.13 -13.06 19.84
N ASP C 946 -15.57 -12.04 20.50
CA ASP C 946 -15.08 -10.88 19.76
C ASP C 946 -13.95 -11.27 18.81
N VAL C 947 -13.03 -12.12 19.26
CA VAL C 947 -11.94 -12.57 18.41
C VAL C 947 -12.48 -13.34 17.20
N VAL C 948 -13.41 -14.26 17.45
CA VAL C 948 -13.97 -15.06 16.37
C VAL C 948 -14.69 -14.17 15.36
N ASN C 949 -15.49 -13.23 15.86
CA ASN C 949 -16.21 -12.31 14.98
C ASN C 949 -15.25 -11.44 14.20
N GLN C 950 -14.14 -11.02 14.81
CA GLN C 950 -13.16 -10.21 14.10
C GLN C 950 -12.56 -10.98 12.94
N ASN C 951 -12.17 -12.23 13.18
CA ASN C 951 -11.60 -13.03 12.10
C ASN C 951 -12.61 -13.26 10.99
N ALA C 952 -13.86 -13.58 11.35
CA ALA C 952 -14.88 -13.82 10.34
C ALA C 952 -15.16 -12.56 9.53
N GLN C 953 -15.22 -11.41 10.20
CA GLN C 953 -15.46 -10.15 9.50
C GLN C 953 -14.32 -9.81 8.56
N ALA C 954 -13.08 -10.05 8.99
CA ALA C 954 -11.94 -9.79 8.12
C ALA C 954 -12.01 -10.64 6.86
N LEU C 955 -12.30 -11.94 7.02
CA LEU C 955 -12.40 -12.80 5.84
C LEU C 955 -13.56 -12.38 4.95
N ASN C 956 -14.70 -12.02 5.54
CA ASN C 956 -15.86 -11.62 4.76
C ASN C 956 -15.57 -10.35 3.96
N THR C 957 -14.92 -9.36 4.57
CA THR C 957 -14.63 -8.13 3.84
C THR C 957 -13.57 -8.37 2.77
N LEU C 958 -12.60 -9.27 3.03
CA LEU C 958 -11.64 -9.60 1.98
C LEU C 958 -12.34 -10.23 0.78
N VAL C 959 -13.34 -11.09 1.04
CA VAL C 959 -14.12 -11.64 -0.06
C VAL C 959 -14.90 -10.55 -0.78
N LYS C 960 -15.52 -9.64 -0.01
CA LYS C 960 -16.34 -8.58 -0.58
C LYS C 960 -15.54 -7.61 -1.43
N GLN C 961 -14.24 -7.47 -1.18
CA GLN C 961 -13.44 -6.50 -1.93
C GLN C 961 -13.38 -6.83 -3.42
N LEU C 962 -13.72 -8.04 -3.83
CA LEU C 962 -13.62 -8.45 -5.22
C LEU C 962 -14.64 -7.78 -6.13
N SER C 963 -15.62 -7.06 -5.57
CA SER C 963 -16.70 -6.48 -6.36
C SER C 963 -16.41 -5.05 -6.81
N SER C 964 -15.22 -4.53 -6.55
CA SER C 964 -14.88 -3.15 -6.88
C SER C 964 -13.82 -3.13 -7.97
N ASN C 965 -14.07 -2.36 -9.02
CA ASN C 965 -13.13 -2.21 -10.12
C ASN C 965 -12.22 -1.02 -9.85
N PHE C 966 -10.91 -1.28 -9.79
CA PHE C 966 -9.94 -0.24 -9.45
C PHE C 966 -9.66 0.64 -10.67
N GLY C 967 -10.70 1.34 -11.12
CA GLY C 967 -10.59 2.21 -12.27
C GLY C 967 -10.72 1.52 -13.62
N ALA C 968 -10.94 0.21 -13.63
CA ALA C 968 -11.09 -0.51 -14.89
C ALA C 968 -12.50 -0.34 -15.44
N ILE C 969 -12.74 -0.92 -16.62
CA ILE C 969 -14.06 -0.85 -17.23
C ILE C 969 -15.04 -1.80 -16.56
N SER C 970 -14.54 -2.83 -15.88
CA SER C 970 -15.41 -3.79 -15.19
C SER C 970 -14.60 -4.48 -14.11
N SER C 971 -15.32 -5.14 -13.20
CA SER C 971 -14.70 -5.75 -12.03
C SER C 971 -14.43 -7.25 -12.21
N VAL C 972 -14.67 -7.79 -13.41
CA VAL C 972 -14.42 -9.21 -13.66
C VAL C 972 -13.50 -9.33 -14.86
N LEU C 973 -12.68 -10.40 -14.84
CA LEU C 973 -11.72 -10.62 -15.92
C LEU C 973 -12.37 -11.18 -17.17
N ASN C 974 -13.43 -12.00 -17.02
CA ASN C 974 -14.04 -12.64 -18.17
C ASN C 974 -14.63 -11.62 -19.13
N ASP C 975 -15.34 -10.62 -18.60
CA ASP C 975 -15.94 -9.60 -19.46
C ASP C 975 -14.88 -8.79 -20.17
N ILE C 976 -13.81 -8.41 -19.46
CA ILE C 976 -12.74 -7.64 -20.08
C ILE C 976 -12.08 -8.43 -21.20
N LEU C 977 -11.81 -9.72 -20.96
CA LEU C 977 -11.18 -10.54 -21.98
C LEU C 977 -12.10 -10.78 -23.16
N SER C 978 -13.41 -10.85 -22.92
CA SER C 978 -14.36 -11.07 -24.00
C SER C 978 -14.58 -9.81 -24.83
N ARG C 979 -14.42 -8.63 -24.24
CA ARG C 979 -14.73 -7.39 -24.94
C ARG C 979 -13.53 -6.74 -25.60
N LEU C 980 -12.31 -7.06 -25.18
CA LEU C 980 -11.13 -6.32 -25.60
C LEU C 980 -10.05 -7.26 -26.09
N ASP C 981 -9.22 -6.75 -27.01
CA ASP C 981 -8.06 -7.48 -27.49
C ASP C 981 -7.01 -7.57 -26.39
N PRO C 982 -6.13 -8.57 -26.46
CA PRO C 982 -5.12 -8.76 -25.40
C PRO C 982 -4.31 -7.51 -25.11
N PRO C 983 -3.66 -6.89 -26.11
CA PRO C 983 -2.75 -5.78 -25.78
C PRO C 983 -3.43 -4.62 -25.09
N GLU C 984 -4.70 -4.35 -25.40
CA GLU C 984 -5.42 -3.29 -24.72
C GLU C 984 -5.94 -3.76 -23.37
N ALA C 985 -6.43 -5.01 -23.29
CA ALA C 985 -6.98 -5.52 -22.04
C ALA C 985 -5.92 -5.68 -20.96
N GLU C 986 -4.64 -5.78 -21.34
CA GLU C 986 -3.59 -5.97 -20.35
C GLU C 986 -3.53 -4.82 -19.35
N VAL C 987 -3.88 -3.60 -19.77
CA VAL C 987 -3.86 -2.47 -18.87
C VAL C 987 -4.87 -2.65 -17.74
N GLN C 988 -6.11 -2.99 -18.10
CA GLN C 988 -7.15 -3.21 -17.09
C GLN C 988 -6.80 -4.41 -16.21
N ILE C 989 -6.23 -5.45 -16.81
CA ILE C 989 -5.82 -6.61 -16.02
C ILE C 989 -4.79 -6.19 -14.98
N ASP C 990 -3.82 -5.36 -15.39
CA ASP C 990 -2.79 -4.90 -14.46
C ASP C 990 -3.40 -4.04 -13.36
N ARG C 991 -4.36 -3.18 -13.70
CA ARG C 991 -5.00 -2.36 -12.69
C ARG C 991 -5.69 -3.23 -11.63
N LEU C 992 -6.47 -4.20 -12.08
CA LEU C 992 -7.17 -5.08 -11.14
C LEU C 992 -6.18 -5.89 -10.31
N ILE C 993 -5.10 -6.36 -10.93
CA ILE C 993 -4.09 -7.13 -10.20
C ILE C 993 -3.48 -6.29 -9.10
N THR C 994 -3.11 -5.05 -9.42
CA THR C 994 -2.50 -4.18 -8.42
C THR C 994 -3.47 -3.90 -7.27
N GLY C 995 -4.73 -3.63 -7.59
CA GLY C 995 -5.70 -3.38 -6.54
C GLY C 995 -5.87 -4.56 -5.60
N ARG C 996 -6.01 -5.76 -6.18
CA ARG C 996 -6.23 -6.95 -5.35
C ARG C 996 -4.99 -7.27 -4.52
N LEU C 997 -3.80 -7.03 -5.08
CA LEU C 997 -2.58 -7.23 -4.31
C LEU C 997 -2.51 -6.27 -3.12
N GLN C 998 -2.90 -5.01 -3.33
CA GLN C 998 -2.93 -4.07 -2.23
C GLN C 998 -3.91 -4.52 -1.14
N SER C 999 -5.08 -5.02 -1.56
CA SER C 999 -6.05 -5.51 -0.59
C SER C 999 -5.48 -6.66 0.23
N LEU C 1000 -4.81 -7.61 -0.44
CA LEU C 1000 -4.21 -8.73 0.28
C LEU C 1000 -3.16 -8.26 1.26
N GLN C 1001 -2.32 -7.31 0.84
CA GLN C 1001 -1.28 -6.81 1.74
C GLN C 1001 -1.88 -6.15 2.97
N THR C 1002 -2.94 -5.35 2.79
CA THR C 1002 -3.60 -4.73 3.93
C THR C 1002 -4.16 -5.77 4.88
N TYR C 1003 -4.82 -6.80 4.34
CA TYR C 1003 -5.37 -7.86 5.20
C TYR C 1003 -4.26 -8.54 5.99
N VAL C 1004 -3.14 -8.83 5.33
CA VAL C 1004 -2.04 -9.51 6.01
C VAL C 1004 -1.49 -8.65 7.14
N THR C 1005 -1.35 -7.34 6.90
CA THR C 1005 -0.82 -6.46 7.94
C THR C 1005 -1.75 -6.41 9.15
N GLN C 1006 -3.07 -6.30 8.92
CA GLN C 1006 -4.00 -6.30 10.04
C GLN C 1006 -3.94 -7.62 10.80
N GLN C 1007 -3.80 -8.74 10.08
CA GLN C 1007 -3.66 -10.03 10.75
C GLN C 1007 -2.41 -10.07 11.62
N LEU C 1008 -1.31 -9.48 11.14
CA LEU C 1008 -0.09 -9.44 11.93
C LEU C 1008 -0.28 -8.65 13.21
N ILE C 1009 -0.97 -7.50 13.12
CA ILE C 1009 -1.21 -6.70 14.33
C ILE C 1009 -2.04 -7.50 15.34
N ARG C 1010 -3.11 -8.14 14.88
CA ARG C 1010 -3.95 -8.90 15.78
C ARG C 1010 -3.19 -10.07 16.39
N ALA C 1011 -2.32 -10.71 15.60
CA ALA C 1011 -1.50 -11.80 16.12
C ALA C 1011 -0.57 -11.31 17.22
N ALA C 1012 0.01 -10.12 17.05
CA ALA C 1012 0.88 -9.59 18.09
C ALA C 1012 0.12 -9.35 19.38
N GLU C 1013 -1.07 -8.76 19.29
CA GLU C 1013 -1.87 -8.53 20.50
C GLU C 1013 -2.24 -9.86 21.17
N ILE C 1014 -2.63 -10.85 20.37
CA ILE C 1014 -3.00 -12.16 20.92
C ILE C 1014 -1.79 -12.81 21.58
N ARG C 1015 -0.60 -12.64 21.00
CA ARG C 1015 0.60 -13.19 21.62
C ARG C 1015 0.87 -12.56 22.97
N ALA C 1016 0.69 -11.24 23.09
CA ALA C 1016 0.86 -10.60 24.39
C ALA C 1016 -0.12 -11.16 25.41
N SER C 1017 -1.39 -11.31 25.00
CA SER C 1017 -2.38 -11.87 25.92
C SER C 1017 -2.03 -13.30 26.32
N ALA C 1018 -1.52 -14.09 25.36
CA ALA C 1018 -1.17 -15.47 25.65
C ALA C 1018 0.02 -15.56 26.61
N ASN C 1019 0.99 -14.66 26.46
CA ASN C 1019 2.11 -14.64 27.41
C ASN C 1019 1.62 -14.29 28.81
N LEU C 1020 0.70 -13.33 28.91
CA LEU C 1020 0.12 -13.02 30.21
C LEU C 1020 -0.60 -14.24 30.80
N ALA C 1021 -1.37 -14.95 29.96
CA ALA C 1021 -2.06 -16.13 30.45
C ALA C 1021 -1.08 -17.22 30.89
N ALA C 1022 0.01 -17.38 30.15
CA ALA C 1022 1.01 -18.39 30.53
C ALA C 1022 1.64 -18.09 31.87
N THR C 1023 2.02 -16.83 32.10
CA THR C 1023 2.63 -16.51 33.39
C THR C 1023 1.60 -16.58 34.51
N LYS C 1024 0.33 -16.24 34.23
CA LYS C 1024 -0.71 -16.38 35.23
C LYS C 1024 -0.91 -17.84 35.62
N MET C 1025 -0.91 -18.75 34.63
CA MET C 1025 -1.01 -20.17 34.92
C MET C 1025 0.19 -20.65 35.72
N SER C 1026 1.38 -20.17 35.36
CA SER C 1026 2.58 -20.59 36.08
C SER C 1026 2.54 -20.16 37.54
N GLU C 1027 2.06 -18.95 37.81
CA GLU C 1027 2.13 -18.42 39.18
C GLU C 1027 0.91 -18.82 40.01
N CYS C 1028 -0.28 -18.44 39.57
CA CYS C 1028 -1.46 -18.61 40.42
C CYS C 1028 -1.87 -20.08 40.57
N VAL C 1029 -1.61 -20.91 39.56
CA VAL C 1029 -2.07 -22.30 39.60
C VAL C 1029 -1.01 -23.22 40.19
N LEU C 1030 0.20 -23.19 39.66
CA LEU C 1030 1.28 -24.05 40.14
C LEU C 1030 1.85 -23.59 41.47
N GLY C 1031 1.39 -22.47 42.00
CA GLY C 1031 1.86 -21.99 43.28
C GLY C 1031 0.94 -20.94 43.83
N GLN C 1032 1.38 -20.30 44.91
CA GLN C 1032 0.64 -19.23 45.56
C GLN C 1032 1.39 -17.92 45.37
N SER C 1033 0.69 -16.88 44.93
CA SER C 1033 1.28 -15.61 44.58
C SER C 1033 0.97 -14.57 45.66
N LYS C 1034 2.00 -13.87 46.11
CA LYS C 1034 1.82 -12.79 47.08
C LYS C 1034 1.53 -11.45 46.43
N ARG C 1035 1.54 -11.38 45.10
CA ARG C 1035 1.22 -10.13 44.43
C ARG C 1035 -0.26 -9.80 44.62
N VAL C 1036 -0.54 -8.52 44.89
CA VAL C 1036 -1.90 -8.07 45.15
C VAL C 1036 -2.63 -7.92 43.82
N ASP C 1037 -3.87 -8.41 43.77
CA ASP C 1037 -4.79 -8.26 42.64
C ASP C 1037 -4.33 -8.97 41.39
N PHE C 1038 -3.24 -9.75 41.45
CA PHE C 1038 -2.77 -10.46 40.26
C PHE C 1038 -3.66 -11.65 39.96
N CYS C 1039 -4.06 -12.41 40.98
CA CYS C 1039 -4.88 -13.59 40.82
C CYS C 1039 -6.23 -13.40 41.52
N GLY C 1040 -6.85 -12.24 41.33
CA GLY C 1040 -8.16 -11.96 41.87
C GLY C 1040 -8.10 -11.07 43.09
N LYS C 1041 -9.21 -10.36 43.33
CA LYS C 1041 -9.30 -9.46 44.47
C LYS C 1041 -9.28 -10.24 45.77
N GLY C 1042 -8.57 -9.70 46.76
CA GLY C 1042 -8.42 -10.37 48.03
C GLY C 1042 -7.04 -10.97 48.20
N TYR C 1043 -6.98 -11.99 49.06
CA TYR C 1043 -5.75 -12.73 49.30
C TYR C 1043 -5.85 -14.09 48.62
N HIS C 1044 -4.88 -14.37 47.75
CA HIS C 1044 -4.94 -15.57 46.93
C HIS C 1044 -4.74 -16.83 47.75
N LEU C 1045 -5.57 -17.84 47.50
CA LEU C 1045 -5.47 -19.12 48.18
C LEU C 1045 -5.18 -20.26 47.21
N MET C 1046 -6.01 -20.43 46.17
CA MET C 1046 -5.83 -21.50 45.20
C MET C 1046 -6.11 -20.93 43.82
N SER C 1047 -6.22 -21.82 42.83
CA SER C 1047 -6.62 -21.46 41.48
C SER C 1047 -6.92 -22.72 40.68
N PHE C 1048 -8.03 -22.74 39.97
CA PHE C 1048 -8.41 -23.89 39.17
C PHE C 1048 -8.58 -23.47 37.72
N PRO C 1049 -7.75 -23.96 36.80
CA PRO C 1049 -7.91 -23.60 35.38
C PRO C 1049 -8.91 -24.49 34.67
N GLN C 1050 -9.71 -23.87 33.82
CA GLN C 1050 -10.66 -24.57 32.96
C GLN C 1050 -10.42 -24.15 31.52
N SER C 1051 -10.66 -25.07 30.59
CA SER C 1051 -10.38 -24.82 29.18
C SER C 1051 -11.62 -24.35 28.46
N ALA C 1052 -11.45 -23.36 27.60
CA ALA C 1052 -12.50 -22.79 26.77
C ALA C 1052 -11.99 -22.68 25.34
N PRO C 1053 -12.88 -22.69 24.35
CA PRO C 1053 -12.44 -22.62 22.96
C PRO C 1053 -11.69 -21.33 22.68
N HIS C 1054 -10.46 -21.47 22.17
CA HIS C 1054 -9.59 -20.35 21.83
C HIS C 1054 -9.35 -19.45 23.03
N GLY C 1055 -9.17 -20.05 24.20
CA GLY C 1055 -8.94 -19.26 25.40
C GLY C 1055 -8.79 -20.14 26.61
N VAL C 1056 -8.81 -19.50 27.77
CA VAL C 1056 -8.66 -20.18 29.05
C VAL C 1056 -9.34 -19.35 30.13
N VAL C 1057 -9.97 -20.02 31.08
CA VAL C 1057 -10.66 -19.38 32.19
C VAL C 1057 -10.11 -19.90 33.50
N PHE C 1058 -9.77 -18.99 34.40
CA PHE C 1058 -9.22 -19.33 35.71
C PHE C 1058 -10.28 -19.11 36.78
N LEU C 1059 -10.35 -20.03 37.73
CA LEU C 1059 -11.20 -19.87 38.92
C LEU C 1059 -10.27 -19.50 40.07
N HIS C 1060 -10.33 -18.24 40.50
CA HIS C 1060 -9.41 -17.71 41.51
C HIS C 1060 -10.10 -17.76 42.87
N VAL C 1061 -9.82 -18.82 43.63
CA VAL C 1061 -10.27 -18.88 45.02
C VAL C 1061 -9.50 -17.84 45.83
N THR C 1062 -10.22 -17.02 46.58
CA THR C 1062 -9.62 -15.91 47.30
C THR C 1062 -10.16 -15.84 48.72
N TYR C 1063 -9.38 -15.20 49.58
CA TYR C 1063 -9.74 -14.98 50.97
C TYR C 1063 -10.13 -13.52 51.16
N VAL C 1064 -11.34 -13.29 51.65
CA VAL C 1064 -11.87 -11.95 51.85
C VAL C 1064 -12.29 -11.81 53.31
N PRO C 1065 -11.73 -10.86 54.07
CA PRO C 1065 -12.15 -10.69 55.46
C PRO C 1065 -13.55 -10.12 55.56
N ALA C 1066 -14.32 -10.66 56.49
CA ALA C 1066 -15.70 -10.28 56.71
C ALA C 1066 -15.77 -9.16 57.75
N GLN C 1067 -16.96 -8.92 58.31
CA GLN C 1067 -17.24 -7.85 59.25
C GLN C 1067 -16.17 -7.67 60.32
N GLU C 1068 -15.93 -6.43 60.72
CA GLU C 1068 -14.84 -6.06 61.62
C GLU C 1068 -15.39 -5.39 62.88
N LYS C 1069 -14.47 -4.97 63.74
CA LYS C 1069 -14.81 -4.29 64.98
C LYS C 1069 -13.78 -3.20 65.25
N ASN C 1070 -14.18 -2.22 66.04
CA ASN C 1070 -13.31 -1.11 66.39
C ASN C 1070 -12.57 -1.40 67.70
N PHE C 1071 -11.31 -0.99 67.75
CA PHE C 1071 -10.49 -1.24 68.93
C PHE C 1071 -9.51 -0.10 69.13
N THR C 1072 -9.02 0.02 70.36
CA THR C 1072 -8.01 1.01 70.71
C THR C 1072 -6.65 0.33 70.82
N THR C 1073 -5.64 0.92 70.19
CA THR C 1073 -4.34 0.29 70.08
C THR C 1073 -3.25 1.24 70.59
N ALA C 1074 -2.08 0.65 70.84
CA ALA C 1074 -0.90 1.39 71.26
C ALA C 1074 0.32 0.80 70.57
N PRO C 1075 1.34 1.61 70.32
CA PRO C 1075 2.56 1.09 69.69
C PRO C 1075 3.34 0.14 70.60
N ALA C 1076 3.53 0.52 71.86
CA ALA C 1076 4.36 -0.25 72.77
C ALA C 1076 3.75 -0.21 74.17
N ILE C 1077 4.18 -1.17 74.99
CA ILE C 1077 3.69 -1.31 76.36
C ILE C 1077 4.89 -1.20 77.30
N CYS C 1078 4.75 -0.34 78.32
CA CYS C 1078 5.81 -0.12 79.32
C CYS C 1078 5.42 -0.86 80.59
N HIS C 1079 6.04 -2.03 80.81
CA HIS C 1079 5.75 -2.79 82.02
C HIS C 1079 6.56 -2.27 83.21
N ASP C 1080 7.88 -2.36 83.11
CA ASP C 1080 8.77 -1.93 84.21
C ASP C 1080 10.01 -1.28 83.58
N GLY C 1081 9.90 0.02 83.30
CA GLY C 1081 11.00 0.78 82.75
C GLY C 1081 11.51 0.30 81.39
N LYS C 1082 10.85 -0.71 80.82
CA LYS C 1082 11.27 -1.30 79.56
C LYS C 1082 10.09 -1.32 78.59
N ALA C 1083 10.34 -0.87 77.37
CA ALA C 1083 9.31 -0.91 76.33
C ALA C 1083 9.24 -2.30 75.72
N HIS C 1084 8.02 -2.78 75.50
CA HIS C 1084 7.78 -4.09 74.92
C HIS C 1084 7.05 -3.92 73.58
N PHE C 1085 7.49 -4.68 72.59
CA PHE C 1085 6.92 -4.59 71.26
C PHE C 1085 6.39 -5.96 70.82
N PRO C 1086 5.24 -6.01 70.15
CA PRO C 1086 4.69 -7.30 69.74
C PRO C 1086 5.57 -7.99 68.72
N ARG C 1087 5.66 -9.32 68.82
CA ARG C 1087 6.51 -10.07 67.91
C ARG C 1087 5.94 -10.06 66.49
N GLU C 1088 4.64 -10.33 66.36
CA GLU C 1088 4.01 -10.39 65.05
C GLU C 1088 2.70 -9.63 64.95
N GLY C 1089 2.01 -9.39 66.05
CA GLY C 1089 0.67 -8.83 66.04
C GLY C 1089 0.63 -7.36 66.39
N VAL C 1090 -0.50 -6.94 66.95
CA VAL C 1090 -0.74 -5.56 67.32
C VAL C 1090 -1.43 -5.53 68.68
N PHE C 1091 -1.00 -4.62 69.55
CA PHE C 1091 -1.59 -4.50 70.89
C PHE C 1091 -2.95 -3.85 70.76
N VAL C 1092 -4.01 -4.64 70.86
CA VAL C 1092 -5.38 -4.15 70.79
C VAL C 1092 -6.00 -4.26 72.17
N SER C 1093 -6.78 -3.25 72.54
CA SER C 1093 -7.39 -3.18 73.86
C SER C 1093 -8.89 -3.03 73.74
N ASN C 1094 -9.62 -3.90 74.43
CA ASN C 1094 -11.05 -3.70 74.64
C ASN C 1094 -11.21 -2.72 75.80
N GLY C 1095 -12.42 -2.63 76.35
CA GLY C 1095 -12.73 -1.68 77.39
C GLY C 1095 -11.69 -1.50 78.49
N THR C 1096 -11.41 -2.55 79.27
CA THR C 1096 -10.54 -2.42 80.42
C THR C 1096 -9.44 -3.49 80.43
N HIS C 1097 -8.99 -3.93 79.25
CA HIS C 1097 -7.97 -4.97 79.20
C HIS C 1097 -7.12 -4.78 77.96
N TRP C 1098 -5.92 -5.35 78.00
CA TRP C 1098 -4.97 -5.29 76.89
C TRP C 1098 -4.66 -6.71 76.41
N PHE C 1099 -4.69 -6.91 75.10
CA PHE C 1099 -4.39 -8.19 74.49
C PHE C 1099 -3.47 -7.97 73.29
N VAL C 1100 -3.05 -9.06 72.66
CA VAL C 1100 -2.30 -9.02 71.42
C VAL C 1100 -2.94 -10.01 70.44
N THR C 1101 -3.12 -9.58 69.20
CA THR C 1101 -3.84 -10.36 68.20
C THR C 1101 -3.11 -10.30 66.87
N GLN C 1102 -3.37 -11.29 66.03
CA GLN C 1102 -2.81 -11.31 64.69
C GLN C 1102 -3.40 -10.18 63.85
N ARG C 1103 -2.74 -9.88 62.73
CA ARG C 1103 -3.14 -8.73 61.93
C ARG C 1103 -4.51 -8.91 61.30
N ASN C 1104 -4.79 -10.09 60.75
CA ASN C 1104 -5.96 -10.29 59.91
C ASN C 1104 -7.08 -11.07 60.59
N PHE C 1105 -7.00 -11.28 61.90
CA PHE C 1105 -8.03 -12.03 62.61
C PHE C 1105 -8.07 -11.56 64.05
N TYR C 1106 -9.19 -11.82 64.71
CA TYR C 1106 -9.38 -11.47 66.11
C TYR C 1106 -9.16 -12.72 66.95
N GLU C 1107 -7.95 -12.86 67.48
CA GLU C 1107 -7.57 -13.98 68.34
C GLU C 1107 -6.93 -13.41 69.59
N PRO C 1108 -7.74 -12.96 70.54
CA PRO C 1108 -7.18 -12.32 71.75
C PRO C 1108 -6.29 -13.26 72.53
N GLN C 1109 -5.21 -12.70 73.08
CA GLN C 1109 -4.26 -13.45 73.87
C GLN C 1109 -3.77 -12.57 75.00
N ILE C 1110 -3.34 -13.21 76.09
CA ILE C 1110 -2.78 -12.47 77.21
C ILE C 1110 -1.33 -12.11 76.89
N ILE C 1111 -0.87 -11.00 77.46
CA ILE C 1111 0.46 -10.50 77.17
C ILE C 1111 1.47 -11.27 78.02
N THR C 1112 2.41 -11.94 77.36
CA THR C 1112 3.45 -12.70 78.04
C THR C 1112 4.81 -12.27 77.50
N THR C 1113 5.86 -12.72 78.17
CA THR C 1113 7.21 -12.46 77.70
C THR C 1113 7.51 -13.23 76.42
N ASP C 1114 6.69 -14.21 76.05
CA ASP C 1114 6.90 -14.98 74.83
C ASP C 1114 6.22 -14.35 73.62
N ASN C 1115 5.39 -13.32 73.81
CA ASN C 1115 4.77 -12.61 72.69
C ASN C 1115 5.46 -11.29 72.37
N THR C 1116 6.28 -10.77 73.29
CA THR C 1116 6.94 -9.49 73.09
C THR C 1116 8.44 -9.65 73.32
N PHE C 1117 9.20 -8.74 72.72
CA PHE C 1117 10.65 -8.67 72.91
C PHE C 1117 11.00 -7.28 73.44
N VAL C 1118 11.82 -7.25 74.48
CA VAL C 1118 12.16 -5.99 75.14
C VAL C 1118 13.22 -5.25 74.34
N SER C 1119 13.06 -3.93 74.24
CA SER C 1119 14.03 -3.09 73.54
C SER C 1119 13.81 -1.64 73.93
N GLY C 1120 14.88 -0.97 74.38
CA GLY C 1120 14.82 0.44 74.65
C GLY C 1120 14.30 0.77 76.04
N ASN C 1121 13.81 2.01 76.17
CA ASN C 1121 13.28 2.54 77.42
C ASN C 1121 11.85 3.04 77.19
N CYS C 1122 11.31 3.72 78.21
CA CYS C 1122 9.90 4.11 78.24
C CYS C 1122 9.68 5.60 78.04
N ASP C 1123 10.52 6.25 77.23
CA ASP C 1123 10.32 7.67 76.95
C ASP C 1123 10.36 7.96 75.47
N VAL C 1124 11.15 7.18 74.72
CA VAL C 1124 11.38 7.48 73.31
C VAL C 1124 10.13 7.25 72.46
N VAL C 1125 9.40 6.16 72.70
CA VAL C 1125 8.22 5.85 71.90
C VAL C 1125 7.12 6.86 72.22
N ILE C 1126 6.42 7.29 71.16
CA ILE C 1126 5.48 8.41 71.30
C ILE C 1126 4.28 8.01 72.15
N GLY C 1127 3.68 6.86 71.84
CA GLY C 1127 2.40 6.51 72.45
C GLY C 1127 2.41 5.29 73.33
N ILE C 1128 3.46 5.11 74.12
CA ILE C 1128 3.52 3.97 75.02
C ILE C 1128 2.52 4.16 76.15
N VAL C 1129 1.97 3.04 76.63
CA VAL C 1129 1.02 3.04 77.73
C VAL C 1129 1.48 2.02 78.78
N ASN C 1130 1.01 2.21 80.00
CA ASN C 1130 1.40 1.36 81.12
C ASN C 1130 0.49 0.16 81.23
N ASN C 1131 1.09 -1.00 81.47
CA ASN C 1131 0.34 -2.24 81.69
C ASN C 1131 1.25 -3.24 82.38
N THR C 1132 0.80 -4.48 82.46
CA THR C 1132 1.56 -5.55 83.10
C THR C 1132 1.86 -6.65 82.10
N VAL C 1133 3.02 -7.28 82.27
CA VAL C 1133 3.47 -8.37 81.40
C VAL C 1133 3.55 -9.63 82.24
N TYR C 1134 2.81 -10.65 81.83
CA TYR C 1134 2.76 -11.91 82.58
C TYR C 1134 4.01 -12.74 82.28
N ASP C 1135 4.60 -13.30 83.33
CA ASP C 1135 5.79 -14.13 83.21
C ASP C 1135 5.42 -15.59 83.41
N PRO C 1136 5.55 -16.46 82.40
CA PRO C 1136 5.11 -17.85 82.56
C PRO C 1136 6.14 -18.74 83.21
N LEU C 1137 7.16 -18.15 83.84
CA LEU C 1137 8.20 -18.92 84.52
C LEU C 1137 8.32 -18.59 85.99
N GLN C 1138 8.19 -17.33 86.39
CA GLN C 1138 8.39 -16.94 87.79
C GLN C 1138 7.46 -17.67 88.76
N PRO C 1139 6.15 -17.83 88.49
CA PRO C 1139 5.31 -18.54 89.47
C PRO C 1139 5.78 -19.95 89.78
N GLU C 1140 6.36 -20.65 88.82
CA GLU C 1140 6.85 -22.00 89.05
C GLU C 1140 8.13 -21.99 89.87
C1 NAG D . 17.77 56.45 -29.67
C2 NAG D . 17.94 57.85 -30.27
C3 NAG D . 16.60 58.52 -30.48
C4 NAG D . 15.68 57.64 -31.31
C5 NAG D . 15.55 56.27 -30.65
C6 NAG D . 14.74 55.30 -31.48
C7 NAG D . 19.42 59.77 -29.86
C8 NAG D . 20.25 60.50 -28.85
N2 NAG D . 18.80 58.67 -29.42
O3 NAG D . 16.76 59.77 -31.13
O4 NAG D . 14.40 58.23 -31.43
O5 NAG D . 16.85 55.68 -30.48
O6 NAG D . 13.62 54.79 -30.76
O7 NAG D . 19.33 60.16 -31.02
C1 NAG E . 5.50 43.02 5.68
C2 NAG E . 5.11 44.42 5.19
C3 NAG E . 5.22 45.43 6.33
C4 NAG E . 4.43 44.96 7.54
C5 NAG E . 4.85 43.54 7.93
C6 NAG E . 4.02 42.96 9.05
C7 NAG E . 5.55 45.75 3.18
C8 NAG E . 6.53 46.04 2.07
N2 NAG E . 5.94 44.83 4.06
O3 NAG E . 4.73 46.69 5.90
O4 NAG E . 4.67 45.82 8.64
O5 NAG E . 4.69 42.66 6.80
O6 NAG E . 3.24 43.96 9.68
O7 NAG E . 4.48 46.33 3.26
C1 NAG F . 37.07 -1.07 -35.96
C2 NAG F . 38.25 -2.03 -36.13
C3 NAG F . 39.37 -1.66 -35.15
C4 NAG F . 39.75 -0.19 -35.32
C5 NAG F . 38.52 0.69 -35.19
C6 NAG F . 38.81 2.15 -35.46
C7 NAG F . 38.13 -4.39 -36.78
C8 NAG F . 37.62 -5.76 -36.41
N2 NAG F . 37.83 -3.41 -35.92
O3 NAG F . 40.50 -2.49 -35.39
O4 NAG F . 40.71 0.17 -34.32
O5 NAG F . 37.52 0.28 -36.13
O6 NAG F . 38.83 2.42 -36.86
O7 NAG F . 38.77 -4.19 -37.80
C1 NAG G . 16.63 17.93 -54.66
C2 NAG G . 17.95 17.94 -55.43
C3 NAG G . 17.92 19.01 -56.51
C4 NAG G . 16.71 18.80 -57.42
C5 NAG G . 15.44 18.74 -56.58
C6 NAG G . 14.21 18.40 -57.40
C7 NAG G . 19.72 17.17 -53.91
C8 NAG G . 20.85 17.57 -53.01
N2 NAG G . 19.07 18.17 -54.52
O3 NAG G . 19.12 18.93 -57.28
O4 NAG G . 16.61 19.88 -58.34
O5 NAG G . 15.55 17.71 -55.58
O6 NAG G . 13.70 19.55 -58.06
O7 NAG G . 19.41 16.00 -54.07
C1 NAG H . 45.81 10.35 24.78
C2 NAG H . 46.97 11.16 25.37
C3 NAG H . 47.56 12.09 24.31
C4 NAG H . 47.94 11.30 23.06
C5 NAG H . 46.76 10.49 22.56
C6 NAG H . 47.10 9.58 21.41
C7 NAG H . 46.97 11.64 27.77
C8 NAG H . 46.42 12.52 28.86
N2 NAG H . 46.55 11.91 26.54
O3 NAG H . 48.69 12.75 24.84
O4 NAG H . 48.36 12.20 22.04
O5 NAG H . 46.27 9.64 23.62
O6 NAG H . 48.13 8.66 21.76
O7 NAG H . 47.76 10.73 28.01
C1 NAG I . 22.02 8.88 60.91
C2 NAG I . 22.86 9.33 62.11
C3 NAG I . 22.23 10.55 62.76
C4 NAG I . 22.01 11.65 61.73
C5 NAG I . 21.20 11.12 60.55
C6 NAG I . 21.05 12.12 59.44
C7 NAG I . 24.14 8.05 63.76
C8 NAG I . 24.13 6.89 64.71
N2 NAG I . 23.01 8.26 63.08
O3 NAG I . 23.08 11.02 63.80
O4 NAG I . 21.31 12.74 62.33
O5 NAG I . 21.86 9.97 60.00
O6 NAG I . 22.04 11.93 58.44
O7 NAG I . 25.12 8.76 63.63
C1 NAG J . 33.70 -4.43 71.72
C2 NAG J . 34.63 -3.29 72.15
C3 NAG J . 34.75 -3.25 73.67
C4 NAG J . 33.37 -3.18 74.31
C5 NAG J . 32.50 -4.32 73.81
C6 NAG J . 31.07 -4.24 74.31
C7 NAG J . 36.53 -2.43 70.86
C8 NAG J . 37.87 -2.73 70.29
N2 NAG J . 35.93 -3.43 71.54
O3 NAG J . 35.53 -2.13 74.05
O4 NAG J . 33.49 -3.26 75.72
O5 NAG J . 32.43 -4.29 72.38
O6 NAG J . 31.00 -3.51 75.54
O7 NAG J . 35.99 -1.33 70.72
C1 NAG K . 37.77 -24.72 70.39
C2 NAG K . 39.21 -24.76 69.88
C3 NAG K . 39.64 -26.20 69.60
C4 NAG K . 39.42 -27.06 70.84
C5 NAG K . 37.97 -26.94 71.31
C6 NAG K . 37.71 -27.68 72.60
C7 NAG K . 40.18 -22.91 68.58
C8 NAG K . 40.19 -22.19 67.27
N2 NAG K . 39.35 -23.95 68.68
O3 NAG K . 41.02 -26.21 69.25
O4 NAG K . 39.71 -28.42 70.55
O5 NAG K . 37.66 -25.56 71.55
O6 NAG K . 37.89 -26.84 73.73
O7 NAG K . 40.88 -22.56 69.52
C1 NAG L . 23.61 27.45 -31.78
C2 NAG L . 23.44 26.10 -32.50
C3 NAG L . 24.68 25.24 -32.33
C4 NAG L . 25.93 26.01 -32.76
C5 NAG L . 26.01 27.33 -32.01
C6 NAG L . 27.16 28.20 -32.47
C7 NAG L . 21.55 24.58 -32.80
C8 NAG L . 20.35 23.93 -32.14
N2 NAG L . 22.26 25.40 -32.03
O3 NAG L . 24.56 24.06 -33.10
O4 NAG L . 27.09 25.24 -32.50
O5 NAG L . 24.81 28.09 -32.23
O6 NAG L . 28.27 28.11 -31.58
O7 NAG L . 21.84 24.36 -33.96
C1 NAG M . 14.20 7.39 -57.72
C2 NAG M . 14.94 7.15 -59.04
C3 NAG M . 14.70 8.32 -60.00
C4 NAG M . 13.21 8.57 -60.18
C5 NAG M . 12.55 8.75 -58.81
C6 NAG M . 11.04 8.87 -58.91
C7 NAG M . 16.94 5.75 -58.79
C8 NAG M . 18.42 5.74 -58.54
N2 NAG M . 16.36 6.95 -58.81
O3 NAG M . 15.30 8.03 -61.26
O4 NAG M . 13.00 9.74 -60.96
O5 NAG M . 12.82 7.61 -57.98
O6 NAG M . 10.40 7.72 -58.36
O7 NAG M . 16.30 4.73 -58.96
C1 NAG N . 41.49 0.87 6.18
C2 NAG N . 42.98 0.59 6.32
C3 NAG N . 43.21 -0.70 7.10
C4 NAG N . 42.47 -0.66 8.43
C5 NAG N . 41.00 -0.34 8.21
C6 NAG N . 40.22 -0.18 9.49
C7 NAG N . 44.12 1.60 4.39
C8 NAG N . 44.74 1.34 3.05
N2 NAG N . 43.62 0.52 5.02
O3 NAG N . 44.60 -0.87 7.33
O4 NAG N . 42.58 -1.92 9.09
O5 NAG N . 40.87 0.89 7.48
O6 NAG N . 40.26 -1.37 10.27
O7 NAG N . 44.06 2.71 4.88
C1 NAG O . 19.22 29.54 21.44
C2 NAG O . 18.68 30.90 20.99
C3 NAG O . 18.29 31.75 22.20
C4 NAG O . 17.32 30.98 23.09
C5 NAG O . 17.91 29.64 23.48
C6 NAG O . 16.96 28.78 24.26
C7 NAG O . 19.32 32.49 19.22
C8 NAG O . 20.46 33.12 18.48
N2 NAG O . 19.66 31.61 20.17
O3 NAG O . 17.70 32.97 21.77
O4 NAG O . 17.05 31.73 24.27
O5 NAG O . 18.25 28.90 22.29
O6 NAG O . 15.95 28.22 23.43
O7 NAG O . 18.15 32.75 18.96
C1 NAG P . 39.26 -18.88 55.21
C2 NAG P . 40.64 -18.34 55.56
C3 NAG P . 41.42 -19.39 56.35
C4 NAG P . 40.61 -19.88 57.54
C5 NAG P . 39.22 -20.33 57.10
C6 NAG P . 38.32 -20.70 58.26
C7 NAG P . 42.45 -17.16 54.39
C8 NAG P . 43.08 -16.88 53.05
N2 NAG P . 41.38 -17.96 54.36
O3 NAG P . 42.66 -18.83 56.80
O4 NAG P . 41.27 -20.98 58.16
O5 NAG P . 38.57 -19.25 56.39
O6 NAG P . 36.96 -20.81 57.83
O7 NAG P . 42.90 -16.70 55.42
C1 NAG Q . 39.19 46.96 -35.65
C2 NAG Q . 39.24 47.60 -37.04
C3 NAG Q . 38.82 46.61 -38.11
C4 NAG Q . 39.63 45.32 -38.00
C5 NAG Q . 39.53 44.77 -36.57
C6 NAG Q . 40.40 43.55 -36.36
C7 NAG Q . 38.62 49.79 -37.97
C8 NAG Q . 37.67 50.94 -37.89
N2 NAG Q . 38.42 48.79 -37.10
O3 NAG Q . 39.01 47.18 -39.40
O4 NAG Q . 39.14 44.35 -38.91
O5 NAG Q . 39.97 45.76 -35.64
O6 NAG Q . 41.54 43.86 -35.56
O7 NAG Q . 39.53 49.75 -38.80
C1 NAG R . 38.09 30.52 -8.95
C2 NAG R . 39.22 30.40 -9.96
C3 NAG R . 40.52 30.03 -9.26
C4 NAG R . 40.82 31.01 -8.14
C5 NAG R . 39.62 31.12 -7.20
C6 NAG R . 39.80 32.19 -6.15
C7 NAG R . 38.48 29.77 -12.22
C8 NAG R . 38.18 28.64 -13.15
N2 NAG R . 38.89 29.43 -10.99
O3 NAG R . 41.58 30.03 -10.21
O4 NAG R . 41.95 30.58 -7.40
O5 NAG R . 38.45 31.48 -7.95
O6 NAG R . 39.64 33.49 -6.68
O7 NAG R . 38.34 30.94 -12.55
C1 NAG S . 16.02 38.96 -45.43
C2 NAG S . 15.12 37.94 -46.14
C3 NAG S . 15.85 37.32 -47.33
C4 NAG S . 16.38 38.41 -48.25
C5 NAG S . 17.25 39.38 -47.47
C6 NAG S . 17.72 40.55 -48.31
C7 NAG S . 13.64 37.07 -44.38
C8 NAG S . 13.33 35.90 -43.50
N2 NAG S . 14.68 36.91 -45.21
O3 NAG S . 14.95 36.48 -48.03
O4 NAG S . 17.15 37.82 -49.30
O5 NAG S . 16.48 39.93 -46.39
O6 NAG S . 18.54 41.43 -47.55
O7 NAG S . 12.98 38.09 -44.35
C1 NAG T . 34.35 34.32 -1.28
C2 NAG T . 35.03 33.44 -0.23
C3 NAG T . 34.36 33.65 1.13
C4 NAG T . 34.35 35.12 1.50
C5 NAG T . 33.71 35.94 0.38
C6 NAG T . 33.79 37.42 0.62
C7 NAG T . 36.07 31.36 -0.99
C8 NAG T . 35.85 29.93 -1.37
N2 NAG T . 34.98 32.04 -0.62
O3 NAG T . 35.07 32.90 2.12
O4 NAG T . 33.61 35.31 2.70
O5 NAG T . 34.40 35.69 -0.85
O6 NAG T . 35.08 37.93 0.35
O7 NAG T . 37.18 31.87 -1.04
C1 NAG U . 25.37 73.61 -25.05
C2 NAG U . 24.06 73.25 -25.77
C3 NAG U . 24.36 72.52 -27.08
C4 NAG U . 25.33 73.34 -27.93
C5 NAG U . 26.58 73.68 -27.13
C6 NAG U . 27.53 74.59 -27.87
C7 NAG U . 22.30 72.97 -24.10
C8 NAG U . 21.50 71.99 -23.29
N2 NAG U . 23.20 72.45 -24.92
O3 NAG U . 23.15 72.31 -27.79
O4 NAG U . 25.71 72.59 -29.09
O5 NAG U . 26.21 74.37 -25.92
O6 NAG U . 27.04 75.92 -27.92
O7 NAG U . 22.13 74.18 -23.99
C1 EIC V . 10.32 11.66 -43.79
C2 EIC V . 10.35 10.46 -42.86
C3 EIC V . 11.56 9.53 -42.98
C4 EIC V . 11.27 8.12 -42.47
C5 EIC V . 12.32 7.10 -42.91
C6 EIC V . 11.83 5.67 -42.83
C7 EIC V . 12.93 4.64 -43.09
C8 EIC V . 13.96 4.59 -41.97
C9 EIC V . 13.38 4.10 -40.68
C10 EIC V . 14.00 3.45 -39.70
C11 EIC V . 15.45 3.05 -39.66
C12 EIC V . 15.57 1.61 -39.25
C13 EIC V . 16.09 0.61 -39.94
C14 EIC V . 16.71 0.65 -41.31
C15 EIC V . 15.80 0.00 -42.35
C16 EIC V . 16.38 0.06 -43.75
C17 EIC V . 15.32 -0.08 -44.84
C18 EIC V . 15.87 0.23 -46.22
O1 EIC V . 11.28 11.81 -44.59
O2 EIC V . 9.33 12.42 -43.69
C1 NAG W . 23.10 -31.56 -53.36
C2 NAG W . 23.76 -32.20 -54.59
C3 NAG W . 24.86 -31.31 -55.13
C4 NAG W . 24.34 -29.90 -55.40
C5 NAG W . 23.74 -29.34 -54.12
C6 NAG W . 23.13 -27.98 -54.31
C7 NAG W . 24.63 -34.43 -55.19
C8 NAG W . 25.14 -35.73 -54.67
N2 NAG W . 24.28 -33.52 -54.27
O3 NAG W . 25.38 -31.85 -56.35
O4 NAG W . 25.41 -29.06 -55.83
O5 NAG W . 22.70 -30.21 -53.67
O6 NAG W . 23.77 -27.26 -55.36
O7 NAG W . 24.52 -34.21 -56.39
C1 NAG X . 33.21 -23.59 -15.85
C2 NAG X . 34.28 -23.68 -16.94
C3 NAG X . 35.52 -24.40 -16.41
C4 NAG X . 36.01 -23.75 -15.13
C5 NAG X . 34.88 -23.65 -14.12
C6 NAG X . 35.27 -22.91 -12.86
C7 NAG X . 34.23 -24.17 -19.34
C8 NAG X . 33.57 -24.94 -20.44
N2 NAG X . 33.75 -24.36 -18.11
O3 NAG X . 36.54 -24.36 -17.40
O4 NAG X . 37.07 -24.50 -14.58
O5 NAG X . 33.77 -22.95 -14.69
O6 NAG X . 36.68 -22.76 -12.76
O7 NAG X . 35.17 -23.40 -19.56
C1 NAG Y . -33.45 -23.74 -31.40
C2 NAG Y . -34.81 -24.34 -31.03
C3 NAG Y . -34.62 -25.69 -30.35
C4 NAG Y . -33.77 -26.61 -31.23
C5 NAG Y . -32.46 -25.93 -31.59
C6 NAG Y . -31.62 -26.74 -32.55
C7 NAG Y . -36.82 -23.06 -30.42
C8 NAG Y . -37.44 -22.13 -29.43
N2 NAG Y . -35.55 -23.44 -30.17
O3 NAG Y . -35.90 -26.28 -30.12
O4 NAG Y . -33.49 -27.82 -30.53
O5 NAG Y . -32.72 -24.67 -32.22
O6 NAG Y . -31.95 -26.43 -33.90
O7 NAG Y . -37.42 -23.47 -31.41
C1 NAG Z . -16.87 -9.05 -56.71
C2 NAG Z . -17.81 -10.04 -57.40
C3 NAG Z . -17.45 -10.15 -58.88
C4 NAG Z . -17.43 -8.77 -59.53
C5 NAG Z . -16.51 -7.84 -58.74
C6 NAG Z . -16.54 -6.42 -59.26
C7 NAG Z . -18.58 -11.69 -55.76
C8 NAG Z . -18.40 -13.07 -55.21
N2 NAG Z . -17.77 -11.34 -56.76
O3 NAG Z . -18.41 -10.98 -59.53
O4 NAG Z . -16.95 -8.88 -60.87
O5 NAG Z . -16.92 -7.79 -57.37
O6 NAG Z . -15.74 -6.28 -60.42
O7 NAG Z . -19.42 -10.91 -55.31
C1 NAG AA . -3.01 -50.54 16.12
C2 NAG AA . -2.69 -52.04 16.21
C3 NAG AA . -2.72 -52.67 14.83
C4 NAG AA . -4.04 -52.37 14.13
C5 NAG AA . -4.31 -50.87 14.13
C6 NAG AA . -5.67 -50.52 13.56
C7 NAG AA . -1.27 -52.74 18.09
C8 NAG AA . 0.13 -52.91 18.59
N2 NAG AA . -1.40 -52.26 16.85
O3 NAG AA . -2.52 -54.07 14.93
O4 NAG AA . -4.00 -52.85 12.79
O5 NAG AA . -4.28 -50.36 15.46
O6 NAG AA . -6.72 -51.10 14.34
O7 NAG AA . -2.25 -53.04 18.78
C1 NAG BA . 22.27 -37.44 48.78
C2 NAG BA . 22.75 -38.67 49.55
C3 NAG BA . 24.27 -38.73 49.54
C4 NAG BA . 24.80 -38.67 48.12
C5 NAG BA . 24.24 -37.44 47.40
C6 NAG BA . 24.62 -37.38 45.94
C7 NAG BA . 21.84 -39.77 51.55
C8 NAG BA . 21.34 -39.59 52.95
N2 NAG BA . 22.25 -38.67 50.91
O3 NAG BA . 24.70 -39.93 50.17
O4 NAG BA . 26.22 -38.60 48.12
O5 NAG BA . 22.80 -37.46 47.46
O6 NAG BA . 23.75 -38.19 45.15
O7 NAG BA . 21.87 -40.87 51.01
C1 NAG CA . 11.06 -44.89 64.55
C2 NAG CA . 11.70 -46.27 64.38
C3 NAG CA . 12.28 -46.74 65.72
C4 NAG CA . 13.22 -45.70 66.29
C5 NAG CA . 12.53 -44.35 66.38
C6 NAG CA . 13.45 -43.24 66.83
C7 NAG CA . 10.98 -47.97 62.78
C8 NAG CA . 9.89 -48.92 62.39
N2 NAG CA . 10.75 -47.22 63.87
O3 NAG CA . 12.96 -47.97 65.53
O4 NAG CA . 13.66 -46.10 67.58
O5 NAG CA . 12.02 -43.97 65.10
O6 NAG CA . 14.55 -43.75 67.56
O7 NAG CA . 12.03 -47.88 62.15
C1 NAG DA . -7.17 -39.98 73.11
C2 NAG DA . -8.04 -41.12 72.60
C3 NAG DA . -9.50 -40.90 73.00
C4 NAG DA . -9.61 -40.68 74.51
C5 NAG DA . -8.68 -39.55 74.95
C6 NAG DA . -8.64 -39.36 76.44
C7 NAG DA . -7.89 -42.44 70.54
C8 NAG DA . -7.76 -42.39 69.05
N2 NAG DA . -7.93 -41.25 71.16
O3 NAG DA . -10.27 -42.03 72.63
O4 NAG DA . -10.95 -40.34 74.86
O5 NAG DA . -7.33 -39.85 74.53
O6 NAG DA . -7.79 -40.31 77.07
O7 NAG DA . -7.93 -43.50 71.16
C1 NAG EA . -3.18 -24.60 -41.39
C2 NAG EA . -4.44 -23.73 -41.36
C3 NAG EA . -5.61 -24.52 -40.79
C4 NAG EA . -5.81 -25.81 -41.57
C5 NAG EA . -4.51 -26.61 -41.58
C6 NAG EA . -4.58 -27.86 -42.42
C7 NAG EA . -4.74 -21.34 -40.89
C8 NAG EA . -4.40 -20.21 -39.96
N2 NAG EA . -4.22 -22.52 -40.56
O3 NAG EA . -6.80 -23.73 -40.88
O4 NAG EA . -6.84 -26.59 -40.98
O5 NAG EA . -3.45 -25.81 -42.12
O6 NAG EA . -4.70 -29.02 -41.62
O7 NAG EA . -5.44 -21.19 -41.88
C1 NAG FA . -25.34 -1.92 -54.24
C2 NAG FA . -26.41 -2.20 -55.30
C3 NAG FA . -25.78 -2.25 -56.68
C4 NAG FA . -24.97 -0.97 -56.95
C5 NAG FA . -23.97 -0.74 -55.82
C6 NAG FA . -23.24 0.58 -55.95
C7 NAG FA . -28.29 -3.48 -54.38
C8 NAG FA . -28.87 -4.85 -54.17
N2 NAG FA . -27.11 -3.44 -55.01
O3 NAG FA . -26.79 -2.40 -57.66
O4 NAG FA . -24.28 -1.09 -58.18
O5 NAG FA . -24.65 -0.70 -54.56
O6 NAG FA . -23.63 1.49 -54.93
O7 NAG FA . -28.86 -2.47 -54.00
C1 NAG GA . -16.15 -38.44 4.55
C2 NAG GA . -17.05 -39.68 4.75
C3 NAG GA . -17.83 -39.57 6.05
C4 NAG GA . -16.88 -39.31 7.22
C5 NAG GA . -16.01 -38.10 6.93
C6 NAG GA . -14.97 -37.85 8.00
C7 NAG GA . -17.64 -40.54 2.52
C8 NAG GA . -18.69 -40.61 1.46
N2 NAG GA . -17.96 -39.84 3.62
O3 NAG GA . -18.55 -40.77 6.27
O4 NAG GA . -17.63 -39.08 8.41
O5 NAG GA . -15.29 -38.30 5.70
O6 NAG GA . -15.53 -37.20 9.13
O7 NAG GA . -16.55 -41.10 2.40
C1 NAG HA . 23.02 -34.09 4.23
C2 NAG HA . 24.13 -34.09 3.17
C3 NAG HA . 25.49 -34.37 3.80
C4 NAG HA . 25.75 -33.40 4.95
C5 NAG HA . 24.60 -33.45 5.95
C6 NAG HA . 24.74 -32.43 7.05
C7 NAG HA . 24.29 -34.94 0.87
C8 NAG HA . 23.90 -36.04 -0.07
N2 NAG HA . 23.84 -35.06 2.12
O3 NAG HA . 26.51 -34.26 2.82
O4 NAG HA . 26.96 -33.74 5.61
O5 NAG HA . 23.37 -33.16 5.28
O6 NAG HA . 24.34 -31.14 6.62
O7 NAG HA . 24.97 -33.99 0.50
C1 NAG IA . -9.81 -40.12 56.94
C2 NAG IA . -9.81 -41.65 57.02
C3 NAG IA . -10.65 -42.11 58.21
C4 NAG IA . -10.19 -41.42 59.49
C5 NAG IA . -10.15 -39.91 59.29
C6 NAG IA . -9.57 -39.17 60.49
C7 NAG IA . -10.09 -43.49 55.42
C8 NAG IA . -10.69 -43.93 54.11
N2 NAG IA . -10.32 -42.23 55.79
O3 NAG IA . -10.54 -43.53 58.36
O4 NAG IA . -11.09 -41.72 60.55
O5 NAG IA . -9.32 -39.58 58.17
O6 NAG IA . -8.90 -37.99 60.09
O7 NAG IA . -9.41 -44.25 56.10
C1 NAG JA . 2.98 -45.23 -54.42
C2 NAG JA . 2.87 -45.25 -55.95
C3 NAG JA . 1.86 -44.20 -56.42
C4 NAG JA . 0.53 -44.38 -55.70
C5 NAG JA . 0.74 -44.38 -54.19
C6 NAG JA . -0.52 -44.67 -53.41
C7 NAG JA . 4.45 -45.41 -57.81
C8 NAG JA . 5.84 -45.10 -58.30
N2 NAG JA . 4.16 -45.02 -56.57
O3 NAG JA . 1.67 -44.32 -57.82
O4 NAG JA . -0.36 -43.33 -56.05
O5 NAG JA . 1.69 -45.40 -53.84
O6 NAG JA . -0.53 -46.00 -52.91
O7 NAG JA . 3.64 -45.99 -58.52
C1 NAG KA . 2.04 -43.85 -23.03
C2 NAG KA . 0.97 -44.56 -23.85
C3 NAG KA . 0.38 -45.72 -23.06
C4 NAG KA . 1.48 -46.65 -22.56
C5 NAG KA . 2.54 -45.85 -21.80
C6 NAG KA . 3.73 -46.68 -21.40
C7 NAG KA . -0.13 -43.11 -25.50
C8 NAG KA . -1.27 -42.18 -25.76
N2 NAG KA . -0.07 -43.65 -24.27
O3 NAG KA . -0.53 -46.44 -23.88
O4 NAG KA . 0.94 -47.64 -21.70
O5 NAG KA . 3.05 -44.79 -22.63
O6 NAG KA . 4.39 -47.23 -22.53
O7 NAG KA . 0.71 -43.37 -26.35
C1 NAG LA . 3.42 -19.22 -58.81
C2 NAG LA . 2.81 -17.82 -58.92
C3 NAG LA . 1.50 -17.86 -59.69
C4 NAG LA . 1.69 -18.54 -61.04
C5 NAG LA . 2.32 -19.92 -60.83
C6 NAG LA . 2.63 -20.62 -62.14
C7 NAG LA . 3.59 -16.64 -56.91
C8 NAG LA . 3.21 -16.09 -55.57
N2 NAG LA . 2.61 -17.23 -57.61
O3 NAG LA . 1.03 -16.53 -59.88
O4 NAG LA . 0.44 -18.68 -61.70
O5 NAG LA . 3.55 -19.80 -60.12
O6 NAG LA . 2.69 -22.03 -61.97
O7 NAG LA . 4.73 -16.55 -57.35
C1 NAG MA . 9.95 -43.98 -18.13
C2 NAG MA . 9.41 -44.53 -16.82
C3 NAG MA . 10.43 -44.34 -15.71
C4 NAG MA . 11.78 -44.95 -16.11
C5 NAG MA . 12.21 -44.39 -17.46
C6 NAG MA . 13.47 -45.05 -17.99
C7 NAG MA . 6.99 -44.58 -16.41
C8 NAG MA . 5.79 -43.78 -16.03
N2 NAG MA . 8.15 -43.91 -16.47
O3 NAG MA . 9.96 -44.96 -14.52
O4 NAG MA . 12.76 -44.64 -15.14
O5 NAG MA . 11.19 -44.61 -18.44
O6 NAG MA . 13.18 -46.31 -18.56
O7 NAG MA . 6.93 -45.78 -16.65
C1 NAG NA . 34.79 -46.37 -58.03
C2 NAG NA . 34.79 -44.88 -58.31
C3 NAG NA . 33.54 -44.49 -59.10
C4 NAG NA . 33.43 -45.34 -60.36
C5 NAG NA . 33.49 -46.83 -60.00
C6 NAG NA . 33.52 -47.73 -61.21
C7 NAG NA . 36.02 -43.66 -56.57
C8 NAG NA . 35.91 -42.88 -55.30
N2 NAG NA . 34.86 -44.11 -57.08
O3 NAG NA . 33.61 -43.12 -59.46
O4 NAG NA . 32.20 -45.08 -61.03
O5 NAG NA . 34.69 -47.11 -59.26
O6 NAG NA . 34.84 -47.87 -61.73
O7 NAG NA . 37.09 -43.87 -57.12
C1 EIC OA . -14.12 -3.40 -44.33
C2 EIC OA . -14.63 -3.30 -42.87
C3 EIC OA . -15.96 -3.95 -42.57
C4 EIC OA . -16.65 -3.34 -41.36
C5 EIC OA . -18.11 -3.74 -41.22
C6 EIC OA . -18.91 -2.79 -40.32
C7 EIC OA . -20.35 -3.22 -40.11
C8 EIC OA . -20.48 -4.44 -39.21
C9 EIC OA . -20.12 -4.14 -37.79
C10 EIC OA . -20.61 -4.72 -36.70
C11 EIC OA . -21.63 -5.82 -36.64
C12 EIC OA . -22.60 -5.56 -35.51
C13 EIC OA . -23.90 -5.30 -35.62
C14 EIC OA . -24.73 -5.18 -36.86
C15 EIC OA . -25.53 -3.88 -36.87
C16 EIC OA . -26.36 -3.70 -38.13
C17 EIC OA . -25.52 -3.57 -39.39
C18 EIC OA . -26.34 -3.26 -40.63
O1 EIC OA . -14.81 -4.07 -45.13
O2 EIC OA . -13.06 -2.79 -44.59
C1 NAG PA . -57.86 5.03 -32.18
C2 NAG PA . -59.24 4.96 -32.84
C3 NAG PA . -59.37 3.73 -33.72
C4 NAG PA . -58.23 3.66 -34.73
C5 NAG PA . -56.89 3.73 -33.99
C6 NAG PA . -55.71 3.77 -34.94
C7 NAG PA . -61.57 5.28 -32.11
C8 NAG PA . -62.51 5.24 -30.94
N2 NAG PA . -60.30 4.98 -31.83
O3 NAG PA . -60.62 3.74 -34.42
O4 NAG PA . -58.30 2.46 -35.49
O5 NAG PA . -56.84 4.92 -33.20
O6 NAG PA . -54.53 4.21 -34.27
O7 NAG PA . -61.94 5.56 -33.24
C1 NAG QA . -40.66 -15.99 -2.82
C2 NAG QA . -41.67 -16.66 -3.75
C3 NAG QA . -42.61 -17.55 -2.96
C4 NAG QA . -41.82 -18.53 -2.11
C5 NAG QA . -40.81 -17.79 -1.24
C6 NAG QA . -39.91 -18.72 -0.46
C7 NAG QA . -42.98 -15.91 -5.69
C8 NAG QA . -43.71 -14.77 -6.33
N2 NAG QA . -42.42 -15.66 -4.50
O3 NAG QA . -43.46 -18.27 -3.85
O4 NAG QA . -42.71 -19.27 -1.26
O5 NAG QA . -39.96 -16.99 -2.08
O6 NAG QA . -40.33 -20.07 -0.56
O7 NAG QA . -42.90 -17.01 -6.23
C1 NAG RA . -15.97 46.56 -15.64
C2 NAG RA . -15.68 47.95 -15.05
C3 NAG RA . -16.55 48.18 -13.82
C4 NAG RA . -18.03 47.97 -14.17
C5 NAG RA . -18.22 46.59 -14.79
C6 NAG RA . -19.63 46.35 -15.27
C7 NAG RA . -13.54 49.14 -15.08
C8 NAG RA . -12.11 49.12 -14.64
N2 NAG RA . -14.28 48.08 -14.72
O3 NAG RA . -16.36 49.51 -13.35
O4 NAG RA . -18.82 48.06 -12.99
O5 NAG RA . -17.37 46.45 -15.95
O6 NAG RA . -19.90 47.06 -16.47
O7 NAG RA . -14.01 50.06 -15.74
C1 NAG SA . -22.98 32.03 -45.14
C2 NAG SA . -23.61 33.41 -45.25
C3 NAG SA . -24.47 33.48 -46.52
C4 NAG SA . -23.67 33.07 -47.74
C5 NAG SA . -23.03 31.70 -47.51
C6 NAG SA . -22.12 31.29 -48.63
C7 NAG SA . -23.85 34.31 -42.99
C8 NAG SA . -24.79 34.58 -41.86
N2 NAG SA . -24.38 33.74 -44.07
O3 NAG SA . -24.95 34.82 -46.67
O4 NAG SA . -24.53 33.00 -48.87
O5 NAG SA . -22.23 31.73 -46.32
O6 NAG SA . -22.84 30.62 -49.66
O7 NAG SA . -22.65 34.58 -42.91
C1 NAG TA . -30.98 19.36 38.59
C2 NAG TA . -32.24 19.70 39.40
C3 NAG TA . -33.30 20.30 38.49
C4 NAG TA . -32.74 21.49 37.73
C5 NAG TA . -31.46 21.10 37.00
C6 NAG TA . -30.77 22.27 36.32
C7 NAG TA . -32.72 18.37 41.41
C8 NAG TA . -33.30 17.09 41.93
N2 NAG TA . -32.75 18.52 40.08
O3 NAG TA . -34.42 20.70 39.27
O4 NAG TA . -33.69 21.97 36.79
O5 NAG TA . -30.51 20.54 37.92
O6 NAG TA . -30.52 23.32 37.25
O7 NAG TA . -32.24 19.22 42.14
C1 NAG UA . -18.88 -15.96 60.58
C2 NAG UA . -19.71 -16.08 61.85
C3 NAG UA . -20.49 -17.39 61.86
C4 NAG UA . -21.32 -17.52 60.58
C5 NAG UA . -20.43 -17.34 59.35
C6 NAG UA . -21.20 -17.34 58.06
C7 NAG UA . -19.24 -15.35 64.15
C8 NAG UA . -18.25 -15.35 65.27
N2 NAG UA . -18.87 -15.99 63.04
O3 NAG UA . -21.35 -17.43 62.99
O4 NAG UA . -21.96 -18.79 60.53
O5 NAG UA . -19.73 -16.09 59.43
O6 NAG UA . -21.26 -16.03 57.50
O7 NAG UA . -20.33 -14.81 64.25
C1 NAG VA . -12.78 -6.73 78.08
C2 NAG VA . -14.20 -6.69 78.62
C3 NAG VA . -14.27 -7.32 80.00
C4 NAG VA . -13.68 -8.73 79.96
C5 NAG VA . -12.28 -8.69 79.39
C6 NAG VA . -11.67 -10.07 79.21
C7 NAG VA . -15.81 -4.93 78.01
C8 NAG VA . -16.18 -3.49 78.18
N2 NAG VA . -14.70 -5.32 78.67
O3 NAG VA . -15.62 -7.38 80.44
O4 NAG VA . -13.63 -9.27 81.28
O5 NAG VA . -12.30 -8.08 78.09
O6 NAG VA . -12.46 -11.06 79.84
O7 NAG VA . -16.47 -5.70 77.34
C1 NAG WA . 3.22 5.29 83.38
C2 NAG WA . 2.56 6.67 83.53
C3 NAG WA . 3.61 7.73 83.79
C4 NAG WA . 4.47 7.35 84.98
C5 NAG WA . 5.06 5.96 84.78
C6 NAG WA . 5.83 5.46 85.97
C7 NAG WA . 0.57 7.56 82.40
C8 NAG WA . -0.09 7.82 81.08
N2 NAG WA . 1.78 6.99 82.34
O3 NAG WA . 2.96 8.98 84.05
O4 NAG WA . 5.54 8.29 85.14
O5 NAG WA . 4.00 5.01 84.54
O6 NAG WA . 5.00 4.73 86.87
O7 NAG WA . 0.02 7.83 83.46
C1 NAG XA . -35.05 22.56 -24.34
C2 NAG XA . -33.76 23.31 -24.70
C3 NAG XA . -33.58 24.52 -23.80
C4 NAG XA . -34.82 25.41 -23.85
C5 NAG XA . -36.06 24.57 -23.51
C6 NAG XA . -37.35 25.35 -23.63
C7 NAG XA . -31.48 22.61 -25.30
C8 NAG XA . -30.39 21.61 -25.07
N2 NAG XA . -32.60 22.43 -24.60
O3 NAG XA . -32.45 25.27 -24.23
O4 NAG XA . -34.70 26.47 -22.92
O5 NAG XA . -36.16 23.47 -24.40
O6 NAG XA . -38.03 25.45 -22.39
O7 NAG XA . -31.35 23.55 -26.08
C1 NAG YA . -12.54 35.99 -46.37
C2 NAG YA . -12.67 37.30 -47.17
C3 NAG YA . -13.57 37.10 -48.38
C4 NAG YA . -13.08 35.92 -49.22
C5 NAG YA . -12.94 34.68 -48.35
C6 NAG YA . -12.32 33.51 -49.09
C7 NAG YA . -12.39 39.28 -45.75
C8 NAG YA . -13.09 40.31 -44.90
N2 NAG YA . -13.18 38.37 -46.32
O3 NAG YA . -13.59 38.29 -49.16
O4 NAG YA . -14.01 35.66 -50.27
O5 NAG YA . -12.07 34.95 -47.24
O6 NAG YA . -11.02 33.22 -48.61
O7 NAG YA . -11.17 39.28 -45.90
C1 NAG ZA . -20.32 28.75 22.71
C2 NAG ZA . -20.78 29.98 23.48
C3 NAG ZA . -19.79 30.31 24.61
C4 NAG ZA . -19.57 29.07 25.48
C5 NAG ZA . -19.15 27.89 24.62
C6 NAG ZA . -19.02 26.60 25.41
C7 NAG ZA . -22.09 31.42 21.99
C8 NAG ZA . -22.06 32.64 21.11
N2 NAG ZA . -20.93 31.13 22.60
O3 NAG ZA . -20.30 31.37 25.39
O4 NAG ZA . -18.55 29.34 26.44
O5 NAG ZA . -20.14 27.65 23.61
O6 NAG ZA . -17.81 26.59 26.16
O7 NAG ZA . -23.09 30.74 22.12
C1 NAG AB . -35.50 -7.39 19.95
C2 NAG AB . -36.45 -8.13 18.99
C3 NAG AB . -37.05 -9.36 19.68
C4 NAG AB . -35.95 -10.24 20.25
C5 NAG AB . -35.04 -9.44 21.17
C6 NAG AB . -33.85 -10.23 21.67
C7 NAG AB . -38.11 -7.41 17.33
C8 NAG AB . -39.18 -6.40 17.01
N2 NAG AB . -37.50 -7.25 18.52
O3 NAG AB . -37.84 -10.09 18.76
O4 NAG AB . -36.52 -11.32 20.99
O5 NAG AB . -34.50 -8.31 20.44
O6 NAG AB . -32.86 -10.37 20.66
O7 NAG AB . -37.80 -8.31 16.57
C1 NAG BB . -2.43 11.43 69.30
C2 NAG BB . -3.58 12.05 70.09
C3 NAG BB . -3.05 12.70 71.37
C4 NAG BB . -2.19 11.70 72.16
C5 NAG BB . -1.13 11.08 71.26
C6 NAG BB . -0.33 10.00 71.94
C7 NAG BB . -5.54 13.44 69.59
C8 NAG BB . -6.14 14.44 68.66
N2 NAG BB . -4.30 13.03 69.30
O3 NAG BB . -4.13 13.15 72.18
O4 NAG BB . -1.56 12.38 73.24
O5 NAG BB . -1.74 10.48 70.11
O6 NAG BB . -0.02 8.94 71.06
O7 NAG BB . -6.16 13.01 70.56
C1 NAG CB . -59.40 28.60 -25.80
C2 NAG CB . -59.98 29.07 -27.14
C3 NAG CB . -58.88 29.65 -28.03
C4 NAG CB . -58.11 30.73 -27.29
C5 NAG CB . -57.59 30.19 -25.96
C6 NAG CB . -56.90 31.23 -25.11
C7 NAG CB . -61.61 28.17 -28.74
C8 NAG CB . -62.20 26.92 -29.33
N2 NAG CB . -60.66 27.97 -27.81
O3 NAG CB . -59.45 30.19 -29.21
O4 NAG CB . -57.00 31.17 -28.06
O5 NAG CB . -58.69 29.69 -25.18
O6 NAG CB . -57.76 31.71 -24.08
O7 NAG CB . -61.98 29.28 -29.07
C1 NAG DB . -44.69 21.46 1.04
C2 NAG DB . -45.12 22.87 0.66
C3 NAG DB . -45.42 23.69 1.90
C4 NAG DB . -46.43 22.98 2.78
C5 NAG DB . -45.97 21.55 3.07
C6 NAG DB . -47.00 20.74 3.83
C7 NAG DB . -44.21 23.71 -1.47
C8 NAG DB . -43.06 24.40 -2.14
N2 NAG DB . -44.09 23.52 -0.15
O3 NAG DB . -45.91 24.97 1.53
O4 NAG DB . -46.61 23.68 4.01
O5 NAG DB . -45.72 20.85 1.84
O6 NAG DB . -48.16 20.52 3.03
O7 NAG DB . -45.21 23.34 -2.09
C1 NAG EB . -41.45 18.57 -42.24
C2 NAG EB . -40.11 18.62 -42.99
C3 NAG EB . -39.87 19.99 -43.59
C4 NAG EB . -41.06 20.41 -44.45
C5 NAG EB . -42.35 20.31 -43.64
C6 NAG EB . -43.58 20.60 -44.47
C7 NAG EB . -38.65 16.98 -41.85
C8 NAG EB . -37.50 16.79 -40.93
N2 NAG EB . -39.01 18.25 -42.11
O3 NAG EB . -38.69 19.97 -44.38
O4 NAG EB . -40.89 21.74 -44.91
O5 NAG EB . -42.50 18.98 -43.13
O6 NAG EB . -44.74 20.76 -43.66
O7 NAG EB . -39.24 16.04 -42.36
C1 NAG FB . -46.53 13.29 5.32
C2 NAG FB . -46.13 13.63 6.75
C3 NAG FB . -46.03 12.36 7.59
C4 NAG FB . -47.33 11.57 7.51
C5 NAG FB . -47.70 11.31 6.04
C6 NAG FB . -49.05 10.65 5.88
C7 NAG FB . -44.79 15.67 7.04
C8 NAG FB . -43.42 16.26 7.02
N2 NAG FB . -44.87 14.36 6.77
O3 NAG FB . -45.78 12.72 8.94
O4 NAG FB . -47.19 10.33 8.17
O5 NAG FB . -47.76 12.56 5.32
O6 NAG FB . -50.10 11.57 6.12
O7 NAG FB . -45.78 16.35 7.28
C1 NAG GB . -76.65 1.86 -28.65
C2 NAG GB . -75.68 1.36 -29.72
C3 NAG GB . -75.16 2.52 -30.56
C4 NAG GB . -76.32 3.33 -31.13
C5 NAG GB . -77.26 3.76 -30.00
C6 NAG GB . -78.51 4.46 -30.51
C7 NAG GB . -74.60 -0.68 -28.89
C8 NAG GB . -73.37 -1.27 -28.27
N2 NAG GB . -74.57 0.63 -29.12
O3 NAG GB . -74.35 2.02 -31.62
O4 NAG GB . -75.83 4.49 -31.80
O5 NAG GB . -77.71 2.60 -29.27
O6 NAG GB . -79.37 3.55 -31.18
O7 NAG GB . -75.57 -1.37 -29.18
C1 EIC HB . -14.64 24.18 -36.97
C2 EIC HB . -13.72 24.23 -35.75
C3 EIC HB . -13.55 25.59 -35.09
C4 EIC HB . -12.18 25.75 -34.45
C5 EIC HB . -11.86 27.19 -34.05
C6 EIC HB . -10.38 27.42 -33.74
C7 EIC HB . -10.10 28.82 -33.23
C8 EIC HB . -10.59 29.04 -31.81
C9 EIC HB . -9.81 28.25 -30.80
C10 EIC HB . -9.42 28.63 -29.59
C11 EIC HB . -9.66 29.97 -28.95
C12 EIC HB . -8.45 30.41 -28.20
C13 EIC HB . -7.70 31.49 -28.43
C14 EIC HB . -7.87 32.52 -29.51
C15 EIC HB . -6.54 32.82 -30.20
C16 EIC HB . -6.67 33.83 -31.34
C17 EIC HB . -7.43 33.29 -32.54
C18 EIC HB . -7.38 34.23 -33.74
O1 EIC HB . -15.16 25.25 -37.36
O2 EIC HB . -14.81 23.06 -37.49
#